data_4H2H
#
_entry.id   4H2H
#
_cell.length_a   91.035
_cell.length_b   152.824
_cell.length_c   113.027
_cell.angle_alpha   90.00
_cell.angle_beta   105.20
_cell.angle_gamma   90.00
#
_symmetry.space_group_name_H-M   'P 1 21 1'
#
loop_
_entity.id
_entity.type
_entity.pdbx_description
1 polymer 'Mandelate racemase/muconate lactonizing enzyme'
2 non-polymer 'MAGNESIUM ION'
3 non-polymer 'NICKEL (II) ION'
4 non-polymer (2S,4R)-4-hydroxy-1,1-dimethylpyrrolidinium-2-carboxylate
5 non-polymer 'IODIDE ION'
6 non-polymer (4S)-2-METHYL-2,4-PENTANEDIOL
7 water water
#
_entity_poly.entity_id   1
_entity_poly.type   'polypeptide(L)'
_entity_poly.pdbx_seq_one_letter_code
;MAHHHHHHSLKIAEIQLFQHDLPVVNGPYRIASGDVWSLTTTIVKIIAEDGTIGWGETCPVGPTYAEAHAGGALAALEVL
ASGLAGAEALPLPLHTRMDSLLCGHNYAKSALDIAVHDLWGKRLGVPVHELLGGALTDSVSSYYSLGVMEPDEAARQALE
KQREGYSRLQVKLGARPIEIDIEAIRKVWEAVRGTGIALAADGNRGWTTRDALRFSRECPDIPFVMEQPCNSFEDLEAIR
PLCHHALYMDEDGTSLNTVITAAATSLVDGFGMKVSRIGGLQHMRAFRDFCAARNLPHTCDDAWGGDIVSAACTHIASTV
LPRLMEGAWLAQPYVAEHYDAENGVRIEGGRIRVPQGPGLGLTIDPERFGPPLFSA
;
_entity_poly.pdbx_strand_id   A,B,C,D,E,F,G,H
#
loop_
_chem_comp.id
_chem_comp.type
_chem_comp.name
_chem_comp.formula
0XW non-polymer (2S,4R)-4-hydroxy-1,1-dimethylpyrrolidinium-2-carboxylate 'C7 H13 N O3'
IOD non-polymer 'IODIDE ION' 'I -1'
MG non-polymer 'MAGNESIUM ION' 'Mg 2'
MPD non-polymer (4S)-2-METHYL-2,4-PENTANEDIOL 'C6 H14 O2'
NI non-polymer 'NICKEL (II) ION' 'Ni 2'
#
# COMPACT_ATOMS: atom_id res chain seq x y z
N SER A 9 -50.46 7.24 -9.69
CA SER A 9 -49.31 6.53 -10.27
C SER A 9 -49.45 6.39 -11.78
N LEU A 10 -48.99 7.40 -12.51
CA LEU A 10 -49.10 7.41 -13.97
C LEU A 10 -48.24 6.29 -14.56
N LYS A 11 -48.86 5.41 -15.34
CA LYS A 11 -48.14 4.28 -15.93
C LYS A 11 -47.80 4.52 -17.40
N ILE A 12 -46.71 3.90 -17.85
CA ILE A 12 -46.35 3.93 -19.25
C ILE A 12 -47.31 3.02 -20.01
N ALA A 13 -47.95 3.57 -21.05
CA ALA A 13 -48.92 2.80 -21.84
C ALA A 13 -48.32 2.25 -23.12
N GLU A 14 -47.42 3.01 -23.73
CA GLU A 14 -46.81 2.63 -25.01
C GLU A 14 -45.45 3.28 -25.16
N ILE A 15 -44.53 2.58 -25.81
CA ILE A 15 -43.23 3.17 -26.13
C ILE A 15 -42.97 3.04 -27.63
N GLN A 16 -42.53 4.11 -28.25
CA GLN A 16 -42.20 4.08 -29.68
C GLN A 16 -40.75 4.47 -29.89
N LEU A 17 -40.11 3.80 -30.85
CA LEU A 17 -38.70 4.05 -31.13
C LEU A 17 -38.53 4.58 -32.55
N PHE A 18 -37.59 5.49 -32.75
CA PHE A 18 -37.33 6.05 -34.09
C PHE A 18 -35.84 6.26 -34.25
N GLN A 19 -35.38 6.38 -35.48
CA GLN A 19 -34.02 6.83 -35.73
C GLN A 19 -34.02 7.95 -36.75
N HIS A 20 -33.00 8.79 -36.69
CA HIS A 20 -32.96 10.00 -37.50
C HIS A 20 -31.51 10.38 -37.72
N ASP A 21 -31.15 10.78 -38.95
CA ASP A 21 -29.76 11.15 -39.20
C ASP A 21 -29.43 12.62 -38.92
N LEU A 22 -28.28 12.86 -38.28
CA LEU A 22 -27.82 14.21 -37.95
C LEU A 22 -26.44 14.48 -38.57
N PRO A 23 -26.40 15.06 -39.78
CA PRO A 23 -25.09 15.28 -40.39
C PRO A 23 -24.32 16.40 -39.69
N VAL A 24 -23.00 16.23 -39.55
CA VAL A 24 -22.18 17.20 -38.85
C VAL A 24 -21.96 18.45 -39.69
N VAL A 25 -22.53 19.57 -39.26
CA VAL A 25 -22.29 20.86 -39.92
C VAL A 25 -20.80 21.20 -39.85
N ASN A 26 -20.20 21.49 -41.01
CA ASN A 26 -18.77 21.79 -41.10
C ASN A 26 -17.85 20.63 -40.68
N GLY A 27 -18.29 19.40 -40.96
CA GLY A 27 -17.56 18.21 -40.55
C GLY A 27 -16.35 17.87 -41.40
N PRO A 28 -15.59 16.84 -41.00
CA PRO A 28 -15.94 15.99 -39.86
C PRO A 28 -15.47 16.54 -38.53
N TYR A 29 -15.97 15.96 -37.44
CA TYR A 29 -15.49 16.23 -36.09
C TYR A 29 -14.44 15.17 -35.77
N ARG A 30 -13.20 15.60 -35.56
CA ARG A 30 -12.07 14.68 -35.46
C ARG A 30 -11.68 14.29 -34.02
N ILE A 31 -11.75 12.99 -33.73
CA ILE A 31 -11.39 12.43 -32.43
C ILE A 31 -10.28 11.40 -32.63
N ALA A 32 -9.44 11.21 -31.61
CA ALA A 32 -8.34 10.24 -31.71
C ALA A 32 -8.87 8.81 -31.88
N SER A 33 -9.98 8.50 -31.21
CA SER A 33 -10.56 7.15 -31.24
C SER A 33 -11.53 6.88 -32.39
N GLY A 34 -11.74 7.88 -33.26
CA GLY A 34 -12.63 7.72 -34.40
C GLY A 34 -13.30 9.01 -34.86
N ASP A 35 -13.08 9.38 -36.13
CA ASP A 35 -13.67 10.58 -36.73
C ASP A 35 -15.15 10.39 -37.08
N VAL A 36 -15.92 11.49 -37.07
CA VAL A 36 -17.35 11.43 -37.40
C VAL A 36 -17.83 12.47 -38.42
N TRP A 37 -18.58 12.01 -39.43
CA TRP A 37 -19.10 12.86 -40.49
C TRP A 37 -20.60 13.10 -40.34
N SER A 38 -21.32 12.10 -39.82
CA SER A 38 -22.76 12.17 -39.66
C SER A 38 -23.20 11.10 -38.67
N LEU A 39 -24.23 11.40 -37.89
CA LEU A 39 -24.59 10.51 -36.79
C LEU A 39 -26.07 10.12 -36.79
N THR A 40 -26.32 8.85 -36.43
CA THR A 40 -27.69 8.35 -36.35
C THR A 40 -28.15 8.40 -34.91
N THR A 41 -29.13 9.27 -34.64
CA THR A 41 -29.65 9.36 -33.29
C THR A 41 -30.84 8.41 -33.14
N THR A 42 -31.07 7.95 -31.91
CA THR A 42 -32.19 7.05 -31.62
C THR A 42 -33.13 7.76 -30.63
N ILE A 43 -34.39 7.86 -31.01
CA ILE A 43 -35.38 8.67 -30.28
C ILE A 43 -36.37 7.72 -29.62
N VAL A 44 -36.73 8.02 -28.38
CA VAL A 44 -37.76 7.27 -27.68
C VAL A 44 -38.91 8.20 -27.39
N LYS A 45 -40.15 7.76 -27.68
CA LYS A 45 -41.33 8.49 -27.22
C LYS A 45 -42.05 7.57 -26.24
N ILE A 46 -42.22 8.02 -25.00
CA ILE A 46 -43.01 7.26 -24.04
C ILE A 46 -44.38 7.91 -23.95
N ILE A 47 -45.43 7.12 -24.15
CA ILE A 47 -46.79 7.63 -24.04
C ILE A 47 -47.41 7.10 -22.77
N ALA A 48 -47.84 8.01 -21.90
CA ALA A 48 -48.48 7.61 -20.65
C ALA A 48 -49.94 7.24 -20.90
N GLU A 49 -50.56 6.60 -19.91
CA GLU A 49 -51.93 6.14 -20.05
C GLU A 49 -52.95 7.26 -20.23
N ASP A 50 -52.55 8.50 -19.98
CA ASP A 50 -53.44 9.64 -20.19
C ASP A 50 -53.11 10.35 -21.51
N GLY A 51 -52.14 9.82 -22.24
CA GLY A 51 -51.80 10.35 -23.55
C GLY A 51 -50.67 11.36 -23.51
N THR A 52 -50.21 11.71 -22.32
CA THR A 52 -49.08 12.63 -22.18
C THR A 52 -47.84 11.91 -22.63
N ILE A 53 -46.93 12.64 -23.28
CA ILE A 53 -45.74 11.99 -23.84
C ILE A 53 -44.45 12.54 -23.23
N GLY A 54 -43.42 11.70 -23.22
CA GLY A 54 -42.10 12.11 -22.79
C GLY A 54 -41.11 11.69 -23.87
N TRP A 55 -40.14 12.55 -24.17
CA TRP A 55 -39.15 12.23 -25.21
C TRP A 55 -37.77 11.95 -24.61
N GLY A 56 -37.07 11.01 -25.21
CA GLY A 56 -35.72 10.67 -24.82
C GLY A 56 -34.88 10.44 -26.07
N GLU A 57 -33.57 10.43 -25.90
CA GLU A 57 -32.68 10.36 -27.05
C GLU A 57 -31.31 9.81 -26.63
N THR A 58 -30.70 9.03 -27.51
CA THR A 58 -29.32 8.61 -27.30
C THR A 58 -28.61 8.52 -28.64
N CYS A 59 -27.40 9.04 -28.72
CA CYS A 59 -26.71 9.16 -30.01
C CYS A 59 -25.21 8.98 -29.81
N PRO A 60 -24.72 7.74 -29.94
CA PRO A 60 -23.29 7.53 -29.81
C PRO A 60 -22.52 8.33 -30.85
N VAL A 61 -21.27 8.66 -30.53
CA VAL A 61 -20.48 9.49 -31.44
C VAL A 61 -19.63 8.59 -32.33
N GLY A 62 -20.33 7.86 -33.20
CA GLY A 62 -19.70 6.85 -34.03
C GLY A 62 -19.56 5.57 -33.24
N PRO A 63 -19.24 4.47 -33.94
CA PRO A 63 -19.17 3.14 -33.31
C PRO A 63 -17.82 2.82 -32.68
N THR A 64 -16.80 3.66 -32.81
CA THR A 64 -15.49 3.34 -32.22
C THR A 64 -15.09 4.19 -31.01
N TYR A 65 -15.86 5.23 -30.67
CA TYR A 65 -15.51 6.10 -29.54
C TYR A 65 -15.64 5.37 -28.21
N ALA A 66 -16.74 4.63 -28.07
CA ALA A 66 -17.05 3.93 -26.83
C ALA A 66 -17.78 2.64 -27.18
N GLU A 67 -18.11 1.84 -26.18
CA GLU A 67 -18.79 0.56 -26.46
C GLU A 67 -20.27 0.82 -26.65
N ALA A 68 -20.60 1.41 -27.79
CA ALA A 68 -21.97 1.88 -28.07
C ALA A 68 -22.06 2.21 -29.53
N HIS A 69 -23.20 1.90 -30.15
CA HIS A 69 -23.42 2.33 -31.53
C HIS A 69 -24.92 2.45 -31.78
N ALA A 70 -25.29 3.14 -32.86
CA ALA A 70 -26.69 3.42 -33.15
C ALA A 70 -27.53 2.14 -33.24
N GLY A 71 -27.00 1.14 -33.95
CA GLY A 71 -27.71 -0.12 -34.09
C GLY A 71 -27.89 -0.80 -32.74
N GLY A 72 -26.89 -0.64 -31.87
CA GLY A 72 -26.94 -1.24 -30.55
C GLY A 72 -27.97 -0.54 -29.68
N ALA A 73 -28.04 0.78 -29.82
CA ALA A 73 -29.06 1.55 -29.09
C ALA A 73 -30.46 1.03 -29.43
N LEU A 74 -30.74 0.89 -30.72
CA LEU A 74 -32.05 0.44 -31.13
C LEU A 74 -32.34 -0.98 -30.62
N ALA A 75 -31.37 -1.88 -30.78
CA ALA A 75 -31.59 -3.26 -30.36
C ALA A 75 -31.84 -3.38 -28.86
N ALA A 76 -31.07 -2.66 -28.06
CA ALA A 76 -31.28 -2.65 -26.62
C ALA A 76 -32.62 -2.00 -26.25
N LEU A 77 -32.96 -0.89 -26.91
CA LEU A 77 -34.24 -0.23 -26.64
C LEU A 77 -35.44 -1.11 -27.01
N GLU A 78 -35.26 -1.97 -28.01
CA GLU A 78 -36.34 -2.91 -28.33
C GLU A 78 -36.59 -3.86 -27.16
N VAL A 79 -35.50 -4.37 -26.57
CA VAL A 79 -35.64 -5.30 -25.45
C VAL A 79 -36.24 -4.57 -24.25
N LEU A 80 -35.72 -3.39 -23.94
CA LEU A 80 -36.25 -2.62 -22.81
C LEU A 80 -37.73 -2.25 -23.03
N ALA A 81 -38.05 -1.72 -24.20
CA ALA A 81 -39.42 -1.30 -24.51
C ALA A 81 -40.41 -2.46 -24.38
N SER A 82 -39.98 -3.66 -24.77
CA SER A 82 -40.88 -4.80 -24.77
C SER A 82 -41.35 -5.21 -23.39
N GLY A 83 -40.62 -4.80 -22.36
CA GLY A 83 -41.00 -5.16 -21.00
C GLY A 83 -41.42 -3.99 -20.15
N LEU A 84 -41.64 -2.82 -20.77
CA LEU A 84 -41.86 -1.59 -20.00
C LEU A 84 -43.30 -1.10 -19.88
N ALA A 85 -44.19 -1.56 -20.75
CA ALA A 85 -45.60 -1.13 -20.67
C ALA A 85 -46.15 -1.52 -19.31
N GLY A 86 -46.83 -0.59 -18.65
CA GLY A 86 -47.38 -0.85 -17.33
C GLY A 86 -46.46 -0.45 -16.18
N ALA A 87 -45.21 -0.10 -16.50
CA ALA A 87 -44.30 0.37 -15.47
C ALA A 87 -44.65 1.78 -15.05
N GLU A 88 -44.39 2.10 -13.79
CA GLU A 88 -44.61 3.45 -13.27
C GLU A 88 -43.59 4.41 -13.88
N ALA A 89 -44.06 5.56 -14.33
CA ALA A 89 -43.17 6.55 -14.95
C ALA A 89 -42.44 7.41 -13.91
N LEU A 90 -41.62 6.74 -13.10
CA LEU A 90 -40.79 7.36 -12.07
C LEU A 90 -39.40 6.73 -12.20
N PRO A 91 -38.35 7.48 -11.89
CA PRO A 91 -36.97 7.04 -12.15
C PRO A 91 -36.55 5.74 -11.47
N LEU A 92 -36.87 5.57 -10.20
CA LEU A 92 -36.44 4.34 -9.51
C LEU A 92 -37.21 3.11 -9.97
N PRO A 93 -38.55 3.21 -10.06
CA PRO A 93 -39.27 2.08 -10.66
C PRO A 93 -38.82 1.76 -12.09
N LEU A 94 -38.55 2.80 -12.88
CA LEU A 94 -38.06 2.60 -14.24
C LEU A 94 -36.75 1.83 -14.27
N HIS A 95 -35.76 2.30 -13.50
CA HIS A 95 -34.45 1.65 -13.55
C HIS A 95 -34.47 0.24 -12.98
N THR A 96 -35.28 0.03 -11.95
CA THR A 96 -35.45 -1.31 -11.40
C THR A 96 -35.98 -2.27 -12.47
N ARG A 97 -37.02 -1.83 -13.19
CA ARG A 97 -37.58 -2.65 -14.26
C ARG A 97 -36.58 -2.85 -15.40
N MET A 98 -35.95 -1.76 -15.84
CA MET A 98 -34.96 -1.85 -16.92
C MET A 98 -33.83 -2.83 -16.56
N ASP A 99 -33.30 -2.74 -15.34
CA ASP A 99 -32.23 -3.65 -14.94
C ASP A 99 -32.68 -5.10 -14.90
N SER A 100 -33.98 -5.33 -14.77
CA SER A 100 -34.52 -6.68 -14.71
C SER A 100 -34.69 -7.26 -16.12
N LEU A 101 -34.57 -6.40 -17.14
CA LEU A 101 -34.81 -6.78 -18.53
C LEU A 101 -33.52 -6.93 -19.32
N LEU A 102 -32.48 -6.24 -18.89
CA LEU A 102 -31.24 -6.14 -19.68
C LEU A 102 -30.08 -5.64 -18.83
N CYS A 103 -28.98 -6.39 -18.83
CA CYS A 103 -27.78 -6.03 -18.09
C CYS A 103 -26.99 -4.97 -18.85
N GLY A 104 -26.60 -3.90 -18.17
CA GLY A 104 -25.76 -2.87 -18.77
C GLY A 104 -26.48 -2.06 -19.82
N HIS A 105 -25.79 -1.73 -20.90
CA HIS A 105 -26.34 -0.91 -22.00
C HIS A 105 -26.87 0.41 -21.44
N ASN A 106 -26.04 1.06 -20.63
CA ASN A 106 -26.39 2.36 -20.05
C ASN A 106 -26.84 3.36 -21.09
N TYR A 107 -26.16 3.40 -22.23
CA TYR A 107 -26.52 4.42 -23.22
C TYR A 107 -27.93 4.26 -23.76
N ALA A 108 -28.44 3.04 -23.78
CA ALA A 108 -29.82 2.79 -24.22
C ALA A 108 -30.78 3.13 -23.10
N LYS A 109 -30.48 2.65 -21.90
CA LYS A 109 -31.31 2.97 -20.73
C LYS A 109 -31.44 4.46 -20.49
N SER A 110 -30.39 5.21 -20.81
CA SER A 110 -30.41 6.67 -20.65
C SER A 110 -31.55 7.35 -21.43
N ALA A 111 -31.82 6.87 -22.64
CA ALA A 111 -32.90 7.46 -23.42
C ALA A 111 -34.25 7.31 -22.75
N LEU A 112 -34.53 6.13 -22.18
CA LEU A 112 -35.80 5.93 -21.48
C LEU A 112 -35.85 6.76 -20.20
N ASP A 113 -34.70 6.86 -19.54
CA ASP A 113 -34.62 7.66 -18.31
C ASP A 113 -34.97 9.11 -18.62
N ILE A 114 -34.39 9.66 -19.70
CA ILE A 114 -34.67 11.04 -20.05
C ILE A 114 -36.15 11.23 -20.36
N ALA A 115 -36.72 10.30 -21.11
CA ALA A 115 -38.14 10.40 -21.46
C ALA A 115 -39.03 10.34 -20.22
N VAL A 116 -38.66 9.49 -19.26
CA VAL A 116 -39.43 9.41 -18.01
C VAL A 116 -39.36 10.74 -17.22
N HIS A 117 -38.18 11.35 -17.16
CA HIS A 117 -38.08 12.65 -16.48
C HIS A 117 -38.91 13.73 -17.18
N ASP A 118 -38.96 13.68 -18.51
CA ASP A 118 -39.75 14.62 -19.30
C ASP A 118 -41.23 14.45 -18.97
N LEU A 119 -41.70 13.22 -19.03
CA LEU A 119 -43.10 12.90 -18.74
C LEU A 119 -43.45 13.29 -17.30
N TRP A 120 -42.55 12.96 -16.38
CA TRP A 120 -42.75 13.25 -14.97
C TRP A 120 -42.89 14.75 -14.71
N GLY A 121 -42.00 15.54 -15.30
CA GLY A 121 -42.10 16.99 -15.16
C GLY A 121 -43.37 17.55 -15.76
N LYS A 122 -43.80 17.00 -16.89
CA LYS A 122 -45.04 17.48 -17.51
C LYS A 122 -46.25 17.15 -16.65
N ARG A 123 -46.27 15.96 -16.07
CA ARG A 123 -47.37 15.57 -15.20
C ARG A 123 -47.47 16.49 -13.99
N LEU A 124 -46.33 16.88 -13.45
CA LEU A 124 -46.32 17.67 -12.22
C LEU A 124 -46.28 19.17 -12.48
N GLY A 125 -46.01 19.54 -13.73
CA GLY A 125 -46.01 20.95 -14.09
C GLY A 125 -44.74 21.67 -13.68
N VAL A 126 -43.62 20.93 -13.63
CA VAL A 126 -42.35 21.51 -13.21
C VAL A 126 -41.20 21.10 -14.14
N PRO A 127 -40.17 21.96 -14.24
CA PRO A 127 -39.05 21.61 -15.14
C PRO A 127 -38.24 20.45 -14.58
N VAL A 128 -37.55 19.75 -15.46
CA VAL A 128 -36.71 18.65 -15.03
C VAL A 128 -35.70 19.08 -13.97
N HIS A 129 -35.14 20.29 -14.08
CA HIS A 129 -34.19 20.73 -13.04
C HIS A 129 -34.79 20.78 -11.63
N GLU A 130 -36.10 21.05 -11.53
CA GLU A 130 -36.76 20.98 -10.25
C GLU A 130 -36.79 19.56 -9.73
N LEU A 131 -37.14 18.62 -10.59
CA LEU A 131 -37.16 17.20 -10.22
C LEU A 131 -35.78 16.69 -9.80
N LEU A 132 -34.72 17.32 -10.34
CA LEU A 132 -33.36 16.93 -10.00
C LEU A 132 -32.87 17.64 -8.73
N GLY A 133 -33.74 18.41 -8.08
CA GLY A 133 -33.40 18.98 -6.78
C GLY A 133 -33.45 20.49 -6.74
N GLY A 134 -33.56 21.11 -7.91
CA GLY A 134 -33.66 22.55 -8.00
C GLY A 134 -32.43 23.19 -8.64
N ALA A 135 -32.66 23.96 -9.69
CA ALA A 135 -31.60 24.74 -10.33
C ALA A 135 -30.98 25.77 -9.39
N LEU A 136 -29.66 25.92 -9.49
CA LEU A 136 -28.93 26.95 -8.75
C LEU A 136 -28.65 28.17 -9.62
N THR A 137 -28.98 28.06 -10.91
CA THR A 137 -28.66 29.13 -11.86
C THR A 137 -29.62 29.13 -13.03
N ASP A 138 -29.80 30.31 -13.64
CA ASP A 138 -30.68 30.46 -14.81
C ASP A 138 -29.92 30.28 -16.13
N SER A 139 -28.60 30.29 -16.07
CA SER A 139 -27.79 29.97 -17.25
C SER A 139 -26.55 29.24 -16.82
N VAL A 140 -26.07 28.34 -17.69
CA VAL A 140 -24.89 27.54 -17.36
C VAL A 140 -23.72 27.82 -18.31
N SER A 141 -22.50 27.57 -17.83
CA SER A 141 -21.34 27.76 -18.67
C SER A 141 -21.24 26.60 -19.66
N SER A 142 -20.46 26.76 -20.70
CA SER A 142 -20.21 25.67 -21.63
C SER A 142 -18.73 25.62 -21.94
N TYR A 143 -18.32 24.63 -22.74
CA TYR A 143 -16.96 24.65 -23.23
C TYR A 143 -16.92 24.28 -24.69
N TYR A 144 -15.94 24.81 -25.41
CA TYR A 144 -15.80 24.47 -26.82
C TYR A 144 -14.77 23.38 -27.02
N SER A 145 -15.08 22.44 -27.91
CA SER A 145 -14.16 21.33 -28.18
C SER A 145 -13.50 21.50 -29.55
N LEU A 146 -12.20 21.79 -29.55
CA LEU A 146 -11.46 21.94 -30.79
C LEU A 146 -11.03 20.56 -31.23
N GLY A 147 -11.46 20.13 -32.41
CA GLY A 147 -11.03 18.83 -32.92
C GLY A 147 -9.54 18.82 -33.21
N VAL A 148 -8.97 17.63 -33.40
CA VAL A 148 -7.55 17.51 -33.68
C VAL A 148 -7.24 18.25 -34.99
N MET A 149 -6.25 19.14 -34.96
N MET A 149 -6.30 19.20 -34.93
CA MET A 149 -5.92 19.93 -36.14
CA MET A 149 -5.98 20.02 -36.09
C MET A 149 -4.54 20.57 -36.04
C MET A 149 -4.56 20.60 -36.02
N GLU A 150 -4.18 21.31 -37.08
CA GLU A 150 -2.91 22.01 -37.15
C GLU A 150 -2.76 23.01 -36.01
N PRO A 151 -1.61 22.97 -35.30
CA PRO A 151 -1.32 23.83 -34.15
C PRO A 151 -1.63 25.33 -34.29
N ASP A 152 -1.10 26.03 -35.30
CA ASP A 152 -1.37 27.48 -35.41
C ASP A 152 -2.85 27.75 -35.59
N GLU A 153 -3.52 26.82 -36.26
CA GLU A 153 -4.95 26.93 -36.49
C GLU A 153 -5.76 26.64 -35.23
N ALA A 154 -5.26 25.71 -34.41
CA ALA A 154 -5.88 25.44 -33.12
C ALA A 154 -5.83 26.70 -32.28
N ALA A 155 -4.68 27.37 -32.30
CA ALA A 155 -4.48 28.59 -31.54
C ALA A 155 -5.39 29.71 -32.02
N ARG A 156 -5.58 29.80 -33.34
CA ARG A 156 -6.43 30.83 -33.90
C ARG A 156 -7.89 30.61 -33.52
N GLN A 157 -8.36 29.37 -33.62
CA GLN A 157 -9.72 29.03 -33.21
C GLN A 157 -9.91 29.20 -31.71
N ALA A 158 -8.91 28.81 -30.93
CA ALA A 158 -8.98 28.94 -29.48
C ALA A 158 -9.28 30.40 -29.08
N LEU A 159 -8.55 31.33 -29.69
CA LEU A 159 -8.77 32.75 -29.39
C LEU A 159 -10.15 33.22 -29.86
N GLU A 160 -10.60 32.75 -31.03
CA GLU A 160 -11.93 33.10 -31.53
C GLU A 160 -12.99 32.67 -30.53
N LYS A 161 -12.87 31.42 -30.08
CA LYS A 161 -13.87 30.87 -29.15
C LYS A 161 -13.84 31.56 -27.79
N GLN A 162 -12.64 31.92 -27.33
CA GLN A 162 -12.52 32.69 -26.10
C GLN A 162 -13.26 34.01 -26.25
N ARG A 163 -13.09 34.65 -27.39
CA ARG A 163 -13.74 35.93 -27.64
C ARG A 163 -15.26 35.83 -27.77
N GLU A 164 -15.75 34.67 -28.18
CA GLU A 164 -17.20 34.41 -28.20
C GLU A 164 -17.79 34.34 -26.80
N GLY A 165 -16.96 34.04 -25.81
CA GLY A 165 -17.41 33.99 -24.43
C GLY A 165 -17.32 32.65 -23.73
N TYR A 166 -16.72 31.66 -24.38
CA TYR A 166 -16.60 30.37 -23.74
C TYR A 166 -15.67 30.45 -22.53
N SER A 167 -16.04 29.80 -21.43
CA SER A 167 -15.26 29.92 -20.20
C SER A 167 -14.16 28.87 -20.19
N ARG A 168 -14.23 27.93 -21.12
CA ARG A 168 -13.33 26.78 -21.08
C ARG A 168 -13.15 26.23 -22.49
N LEU A 169 -11.95 25.73 -22.78
CA LEU A 169 -11.65 25.10 -24.06
C LEU A 169 -11.12 23.70 -23.86
N GLN A 170 -11.63 22.77 -24.66
CA GLN A 170 -11.08 21.44 -24.70
C GLN A 170 -10.32 21.24 -26.00
N VAL A 171 -9.05 20.88 -25.89
CA VAL A 171 -8.21 20.71 -27.07
C VAL A 171 -8.07 19.23 -27.33
N LYS A 172 -8.64 18.76 -28.43
CA LYS A 172 -8.55 17.34 -28.75
C LYS A 172 -7.20 17.03 -29.35
N LEU A 173 -6.60 15.93 -28.90
CA LEU A 173 -5.24 15.57 -29.29
C LEU A 173 -5.18 14.08 -29.62
N GLY A 174 -4.05 13.65 -30.18
CA GLY A 174 -3.80 12.23 -30.39
C GLY A 174 -3.86 11.74 -31.83
N ALA A 175 -3.63 10.44 -32.00
CA ALA A 175 -3.60 9.81 -33.32
C ALA A 175 -2.58 10.48 -34.24
N ARG A 176 -1.47 10.93 -33.64
CA ARG A 176 -0.36 11.57 -34.36
C ARG A 176 0.77 11.67 -33.33
N PRO A 177 2.00 12.01 -33.79
CA PRO A 177 3.11 12.02 -32.83
C PRO A 177 2.91 12.99 -31.66
N ILE A 178 3.38 12.62 -30.47
CA ILE A 178 3.13 13.42 -29.27
C ILE A 178 3.74 14.82 -29.42
N GLU A 179 4.84 14.90 -30.19
CA GLU A 179 5.48 16.16 -30.55
C GLU A 179 4.49 17.20 -31.04
N ILE A 180 3.56 16.74 -31.88
CA ILE A 180 2.60 17.64 -32.48
C ILE A 180 1.54 18.06 -31.47
N ASP A 181 1.12 17.12 -30.62
CA ASP A 181 0.16 17.42 -29.56
C ASP A 181 0.73 18.48 -28.61
N ILE A 182 2.02 18.34 -28.30
CA ILE A 182 2.69 19.29 -27.41
C ILE A 182 2.79 20.66 -28.08
N GLU A 183 3.12 20.66 -29.38
CA GLU A 183 3.15 21.90 -30.14
C GLU A 183 1.78 22.58 -30.11
N ALA A 184 0.72 21.80 -30.31
CA ALA A 184 -0.64 22.35 -30.31
C ALA A 184 -1.01 22.99 -28.98
N ILE A 185 -0.73 22.30 -27.88
CA ILE A 185 -1.17 22.80 -26.58
C ILE A 185 -0.40 24.08 -26.23
N ARG A 186 0.87 24.14 -26.64
CA ARG A 186 1.68 25.34 -26.42
C ARG A 186 1.21 26.51 -27.27
N LYS A 187 0.84 26.24 -28.53
CA LYS A 187 0.36 27.31 -29.41
C LYS A 187 -0.97 27.85 -28.91
N VAL A 188 -1.85 26.94 -28.49
CA VAL A 188 -3.14 27.34 -27.95
C VAL A 188 -2.96 28.20 -26.71
N TRP A 189 -2.08 27.75 -25.81
CA TRP A 189 -1.85 28.46 -24.55
C TRP A 189 -1.28 29.85 -24.79
N GLU A 190 -0.33 29.95 -25.69
CA GLU A 190 0.25 31.25 -26.05
C GLU A 190 -0.84 32.20 -26.57
N ALA A 191 -1.83 31.65 -27.25
CA ALA A 191 -2.90 32.48 -27.82
C ALA A 191 -3.87 33.01 -26.76
N VAL A 192 -4.13 32.22 -25.71
CA VAL A 192 -5.16 32.58 -24.75
C VAL A 192 -4.69 32.89 -23.32
N ARG A 193 -3.41 32.70 -23.04
CA ARG A 193 -2.91 32.98 -21.69
C ARG A 193 -3.23 34.43 -21.33
N GLY A 194 -3.69 34.65 -20.11
CA GLY A 194 -4.05 35.99 -19.68
C GLY A 194 -5.53 36.30 -19.81
N THR A 195 -6.29 35.43 -20.49
CA THR A 195 -7.73 35.62 -20.62
C THR A 195 -8.46 34.86 -19.51
N GLY A 196 -7.74 34.00 -18.82
CA GLY A 196 -8.30 33.23 -17.73
C GLY A 196 -9.17 32.06 -18.15
N ILE A 197 -9.24 31.81 -19.46
CA ILE A 197 -10.02 30.68 -19.95
C ILE A 197 -9.44 29.36 -19.46
N ALA A 198 -10.31 28.44 -19.06
CA ALA A 198 -9.87 27.13 -18.59
C ALA A 198 -9.45 26.25 -19.76
N LEU A 199 -8.49 25.36 -19.53
CA LEU A 199 -7.89 24.57 -20.60
C LEU A 199 -7.91 23.07 -20.26
N ALA A 200 -8.46 22.26 -21.16
CA ALA A 200 -8.40 20.81 -21.02
C ALA A 200 -7.68 20.21 -22.22
N ALA A 201 -6.74 19.31 -21.95
CA ALA A 201 -6.05 18.59 -23.02
C ALA A 201 -6.58 17.17 -23.05
N ASP A 202 -7.36 16.85 -24.09
CA ASP A 202 -8.07 15.56 -24.17
C ASP A 202 -7.33 14.60 -25.12
N GLY A 203 -6.68 13.60 -24.54
CA GLY A 203 -5.93 12.61 -25.31
C GLY A 203 -6.84 11.56 -25.91
N ASN A 204 -8.11 11.59 -25.50
CA ASN A 204 -9.13 10.64 -26.00
C ASN A 204 -8.65 9.19 -26.07
N ARG A 205 -8.06 8.71 -24.98
CA ARG A 205 -7.56 7.34 -24.85
C ARG A 205 -6.35 7.05 -25.76
N GLY A 206 -5.81 8.09 -26.38
CA GLY A 206 -4.86 7.89 -27.46
C GLY A 206 -3.37 7.83 -27.12
N TRP A 207 -3.01 8.08 -25.86
CA TRP A 207 -1.59 8.10 -25.51
C TRP A 207 -1.16 6.88 -24.71
N THR A 208 -0.01 6.32 -25.08
CA THR A 208 0.67 5.37 -24.21
C THR A 208 1.05 6.12 -22.93
N THR A 209 1.29 5.39 -21.84
CA THR A 209 1.81 6.04 -20.64
C THR A 209 3.12 6.78 -20.89
N ARG A 210 3.97 6.22 -21.75
CA ARG A 210 5.21 6.88 -22.19
C ARG A 210 4.95 8.31 -22.64
N ASP A 211 3.99 8.47 -23.54
CA ASP A 211 3.73 9.79 -24.10
C ASP A 211 2.96 10.72 -23.16
N ALA A 212 2.09 10.14 -22.33
CA ALA A 212 1.38 10.94 -21.33
C ALA A 212 2.37 11.56 -20.34
N LEU A 213 3.35 10.78 -19.89
CA LEU A 213 4.35 11.33 -18.97
C LEU A 213 5.09 12.49 -19.62
N ARG A 214 5.41 12.34 -20.89
CA ARG A 214 6.16 13.37 -21.60
C ARG A 214 5.35 14.66 -21.72
N PHE A 215 4.08 14.52 -22.00
CA PHE A 215 3.20 15.67 -22.22
C PHE A 215 3.15 16.54 -20.96
N SER A 216 2.98 15.92 -19.81
CA SER A 216 2.99 16.66 -18.54
C SER A 216 4.36 17.23 -18.19
N ARG A 217 5.39 16.40 -18.32
CA ARG A 217 6.76 16.78 -17.95
C ARG A 217 7.25 18.00 -18.71
N GLU A 218 6.85 18.12 -19.98
CA GLU A 218 7.39 19.18 -20.81
C GLU A 218 6.63 20.48 -20.64
N CYS A 219 5.47 20.42 -19.99
CA CYS A 219 4.58 21.60 -19.92
C CYS A 219 4.10 22.04 -18.53
N PRO A 220 5.01 22.15 -17.55
CA PRO A 220 4.50 22.48 -16.20
C PRO A 220 3.88 23.86 -16.17
N ASP A 221 4.33 24.72 -17.09
CA ASP A 221 3.91 26.10 -17.22
C ASP A 221 2.53 26.28 -17.89
N ILE A 222 1.99 25.20 -18.45
CA ILE A 222 0.69 25.26 -19.11
C ILE A 222 -0.39 24.62 -18.23
N PRO A 223 -1.39 25.40 -17.84
CA PRO A 223 -2.33 24.90 -16.84
C PRO A 223 -3.47 24.08 -17.43
N PHE A 224 -3.15 23.06 -18.24
CA PHE A 224 -4.20 22.16 -18.69
C PHE A 224 -4.55 21.15 -17.61
N VAL A 225 -5.74 20.59 -17.68
CA VAL A 225 -5.96 19.30 -17.05
C VAL A 225 -5.77 18.26 -18.14
N MET A 226 -5.26 17.10 -17.77
CA MET A 226 -5.11 16.01 -18.74
C MET A 226 -6.37 15.17 -18.70
N GLU A 227 -7.18 15.27 -19.74
CA GLU A 227 -8.43 14.53 -19.80
C GLU A 227 -8.24 13.21 -20.54
N GLN A 228 -8.59 12.12 -19.86
CA GLN A 228 -8.47 10.75 -20.36
C GLN A 228 -7.29 10.55 -21.33
N PRO A 229 -6.07 10.82 -20.84
CA PRO A 229 -4.92 10.73 -21.74
C PRO A 229 -4.70 9.33 -22.28
N CYS A 230 -4.99 8.32 -21.46
CA CYS A 230 -4.62 6.94 -21.77
C CYS A 230 -5.81 6.03 -21.90
N ASN A 231 -5.56 4.80 -22.35
CA ASN A 231 -6.60 3.91 -22.82
C ASN A 231 -7.37 3.13 -21.74
N SER A 232 -6.91 3.17 -20.50
CA SER A 232 -7.56 2.37 -19.46
C SER A 232 -7.44 2.98 -18.08
N PHE A 233 -8.29 2.52 -17.17
CA PHE A 233 -8.25 2.88 -15.76
C PHE A 233 -6.85 2.58 -15.21
N GLU A 234 -6.30 1.42 -15.54
CA GLU A 234 -4.97 1.04 -15.07
C GLU A 234 -3.87 1.99 -15.52
N ASP A 235 -3.96 2.48 -16.75
CA ASP A 235 -2.97 3.43 -17.24
C ASP A 235 -3.12 4.80 -16.57
N LEU A 236 -4.35 5.19 -16.22
CA LEU A 236 -4.51 6.40 -15.42
C LEU A 236 -3.84 6.21 -14.07
N GLU A 237 -4.03 5.05 -13.45
CA GLU A 237 -3.36 4.78 -12.16
C GLU A 237 -1.85 4.78 -12.31
N ALA A 238 -1.37 4.33 -13.46
CA ALA A 238 0.07 4.30 -13.74
C ALA A 238 0.68 5.69 -13.76
N ILE A 239 0.02 6.63 -14.41
CA ILE A 239 0.62 7.95 -14.59
C ILE A 239 0.30 8.91 -13.47
N ARG A 240 -0.74 8.61 -12.68
CA ARG A 240 -1.20 9.52 -11.63
C ARG A 240 -0.08 10.01 -10.68
N PRO A 241 0.72 9.08 -10.11
CA PRO A 241 1.75 9.59 -9.18
C PRO A 241 2.96 10.22 -9.87
N LEU A 242 2.94 10.28 -11.20
CA LEU A 242 4.09 10.77 -11.96
C LEU A 242 3.76 11.99 -12.81
N CYS A 243 2.54 12.51 -12.71
CA CYS A 243 2.19 13.71 -13.47
C CYS A 243 1.75 14.77 -12.49
N HIS A 244 2.38 15.94 -12.58
CA HIS A 244 2.03 17.05 -11.68
C HIS A 244 0.84 17.89 -12.18
N HIS A 245 0.32 17.56 -13.36
CA HIS A 245 -0.93 18.16 -13.85
C HIS A 245 -2.12 17.35 -13.36
N ALA A 246 -3.23 18.05 -13.10
CA ALA A 246 -4.48 17.40 -12.76
C ALA A 246 -4.91 16.42 -13.86
N LEU A 247 -5.58 15.35 -13.44
CA LEU A 247 -6.00 14.30 -14.34
C LEU A 247 -7.52 14.17 -14.27
N TYR A 248 -8.19 14.13 -15.43
CA TYR A 248 -9.64 13.92 -15.44
C TYR A 248 -9.95 12.60 -16.13
N MET A 249 -10.97 11.90 -15.63
CA MET A 249 -11.45 10.70 -16.29
C MET A 249 -12.62 11.08 -17.18
N ASP A 250 -12.72 10.47 -18.36
CA ASP A 250 -13.90 10.65 -19.24
C ASP A 250 -14.38 9.26 -19.65
N GLU A 251 -13.84 8.71 -20.76
CA GLU A 251 -14.29 7.41 -21.28
C GLU A 251 -14.36 6.28 -20.25
N ASP A 252 -13.43 6.25 -19.32
CA ASP A 252 -13.37 5.15 -18.37
C ASP A 252 -14.46 5.21 -17.30
N GLY A 253 -15.16 6.34 -17.21
CA GLY A 253 -16.20 6.51 -16.21
C GLY A 253 -17.52 5.87 -16.63
N THR A 254 -17.54 4.54 -16.66
CA THR A 254 -18.61 3.79 -17.32
C THR A 254 -19.79 3.39 -16.42
N SER A 255 -19.65 3.65 -15.12
CA SER A 255 -20.75 3.38 -14.18
C SER A 255 -20.52 4.17 -12.91
N LEU A 256 -21.57 4.30 -12.10
N LEU A 256 -21.55 4.31 -12.09
CA LEU A 256 -21.46 4.95 -10.81
CA LEU A 256 -21.40 5.01 -10.82
C LEU A 256 -20.42 4.24 -9.97
C LEU A 256 -20.43 4.24 -9.92
N ASN A 257 -20.43 2.91 -10.03
CA ASN A 257 -19.49 2.12 -9.25
C ASN A 257 -18.05 2.49 -9.58
N THR A 258 -17.76 2.59 -10.87
CA THR A 258 -16.41 2.90 -11.32
C THR A 258 -15.96 4.31 -10.94
N VAL A 259 -16.84 5.28 -11.07
CA VAL A 259 -16.46 6.64 -10.66
C VAL A 259 -16.25 6.72 -9.15
N ILE A 260 -17.04 6.00 -8.36
CA ILE A 260 -16.77 5.92 -6.91
C ILE A 260 -15.38 5.36 -6.60
N THR A 261 -14.96 4.35 -7.35
CA THR A 261 -13.63 3.79 -7.15
C THR A 261 -12.58 4.85 -7.47
N ALA A 262 -12.82 5.59 -8.53
CA ALA A 262 -11.87 6.57 -9.01
C ALA A 262 -11.74 7.74 -8.06
N ALA A 263 -12.88 8.25 -7.60
CA ALA A 263 -12.75 9.47 -6.85
C ALA A 263 -12.46 9.26 -5.36
N ALA A 264 -12.85 8.13 -4.80
CA ALA A 264 -12.48 7.93 -3.42
C ALA A 264 -11.05 7.47 -3.27
N THR A 265 -10.46 6.90 -4.32
CA THR A 265 -9.00 6.62 -4.28
C THR A 265 -8.19 7.85 -4.74
N SER A 266 -8.91 8.92 -5.05
CA SER A 266 -8.34 10.17 -5.56
C SER A 266 -7.47 9.97 -6.79
N LEU A 267 -7.91 9.09 -7.67
CA LEU A 267 -7.22 8.83 -8.92
C LEU A 267 -7.30 10.05 -9.81
N VAL A 268 -8.41 10.78 -9.72
CA VAL A 268 -8.61 11.90 -10.62
C VAL A 268 -9.02 13.13 -9.86
N ASP A 269 -8.91 14.27 -10.53
CA ASP A 269 -9.27 15.56 -9.94
C ASP A 269 -10.56 16.10 -10.52
N GLY A 270 -11.19 15.33 -11.39
CA GLY A 270 -12.37 15.81 -12.07
C GLY A 270 -12.82 14.81 -13.12
N PHE A 271 -13.96 15.07 -13.75
CA PHE A 271 -14.51 14.17 -14.75
C PHE A 271 -15.10 14.90 -15.93
N GLY A 272 -14.96 14.30 -17.12
CA GLY A 272 -15.88 14.63 -18.19
C GLY A 272 -16.96 13.59 -17.98
N MET A 273 -18.21 14.00 -17.85
CA MET A 273 -19.25 12.99 -17.64
C MET A 273 -20.34 13.12 -18.66
N LYS A 274 -20.75 11.99 -19.23
N LYS A 274 -20.76 11.98 -19.20
CA LYS A 274 -21.78 11.95 -20.26
CA LYS A 274 -21.78 11.95 -20.25
C LYS A 274 -23.01 11.24 -19.69
C LYS A 274 -23.00 11.24 -19.69
N VAL A 275 -24.18 11.84 -19.90
CA VAL A 275 -25.42 11.30 -19.37
C VAL A 275 -25.69 9.87 -19.86
N SER A 276 -25.47 9.61 -21.15
CA SER A 276 -25.76 8.28 -21.66
C SER A 276 -24.82 7.21 -21.08
N ARG A 277 -23.54 7.55 -20.93
CA ARG A 277 -22.58 6.56 -20.44
C ARG A 277 -22.91 6.11 -19.01
N ILE A 278 -23.42 7.06 -18.20
CA ILE A 278 -23.72 6.75 -16.81
C ILE A 278 -25.14 6.17 -16.64
N GLY A 279 -25.95 6.21 -17.70
CA GLY A 279 -27.22 5.51 -17.69
C GLY A 279 -28.44 6.40 -17.45
N GLY A 280 -28.27 7.70 -17.61
CA GLY A 280 -29.42 8.60 -17.51
C GLY A 280 -29.32 9.63 -16.42
N LEU A 281 -30.36 10.44 -16.28
CA LEU A 281 -30.34 11.54 -15.32
C LEU A 281 -30.39 11.07 -13.87
N GLN A 282 -31.06 9.95 -13.62
CA GLN A 282 -31.11 9.40 -12.27
C GLN A 282 -29.69 9.14 -11.76
N HIS A 283 -28.87 8.50 -12.60
CA HIS A 283 -27.48 8.23 -12.18
C HIS A 283 -26.59 9.46 -12.27
N MET A 284 -26.88 10.34 -13.23
CA MET A 284 -26.12 11.57 -13.36
C MET A 284 -26.33 12.45 -12.13
N ARG A 285 -27.53 12.45 -11.56
CA ARG A 285 -27.73 13.29 -10.38
C ARG A 285 -27.03 12.73 -9.15
N ALA A 286 -26.99 11.40 -9.03
CA ALA A 286 -26.19 10.78 -7.97
C ALA A 286 -24.70 11.14 -8.16
N PHE A 287 -24.22 11.05 -9.39
CA PHE A 287 -22.86 11.43 -9.72
C PHE A 287 -22.55 12.88 -9.33
N ARG A 288 -23.49 13.78 -9.65
CA ARG A 288 -23.38 15.18 -9.25
C ARG A 288 -23.20 15.32 -7.75
N ASP A 289 -24.02 14.61 -6.98
CA ASP A 289 -23.97 14.68 -5.52
C ASP A 289 -22.67 14.11 -4.99
N PHE A 290 -22.17 13.05 -5.63
N PHE A 290 -22.21 13.07 -5.65
CA PHE A 290 -20.87 12.49 -5.25
CA PHE A 290 -20.93 12.49 -5.32
C PHE A 290 -19.75 13.52 -5.48
C PHE A 290 -19.79 13.52 -5.49
N CYS A 291 -19.77 14.18 -6.64
CA CYS A 291 -18.73 15.18 -6.93
C CYS A 291 -18.83 16.38 -6.00
N ALA A 292 -20.05 16.74 -5.63
CA ALA A 292 -20.20 17.84 -4.69
C ALA A 292 -19.61 17.50 -3.33
N ALA A 293 -19.83 16.27 -2.88
CA ALA A 293 -19.31 15.86 -1.58
C ALA A 293 -17.79 15.82 -1.59
N ARG A 294 -17.22 15.52 -2.77
CA ARG A 294 -15.77 15.34 -2.90
C ARG A 294 -15.07 16.57 -3.43
N ASN A 295 -15.84 17.63 -3.72
CA ASN A 295 -15.29 18.86 -4.30
C ASN A 295 -14.54 18.58 -5.61
N LEU A 296 -15.13 17.75 -6.47
CA LEU A 296 -14.52 17.40 -7.75
C LEU A 296 -15.28 18.05 -8.88
N PRO A 297 -14.60 18.86 -9.70
CA PRO A 297 -15.30 19.48 -10.83
C PRO A 297 -15.66 18.47 -11.90
N HIS A 298 -16.72 18.75 -12.67
CA HIS A 298 -17.10 17.84 -13.76
C HIS A 298 -17.89 18.59 -14.82
N THR A 299 -17.88 18.05 -16.04
CA THR A 299 -18.74 18.56 -17.11
C THR A 299 -20.09 17.88 -17.02
N CYS A 300 -21.04 18.36 -17.82
CA CYS A 300 -22.38 17.79 -17.92
C CYS A 300 -22.68 17.66 -19.41
N ASP A 301 -22.19 16.57 -20.00
CA ASP A 301 -22.25 16.43 -21.44
C ASP A 301 -23.04 15.20 -21.84
N ASP A 302 -23.15 14.99 -23.15
CA ASP A 302 -23.44 13.66 -23.65
C ASP A 302 -22.58 13.46 -24.90
N ALA A 303 -22.67 12.28 -25.49
CA ALA A 303 -21.84 11.95 -26.65
C ALA A 303 -22.15 12.83 -27.87
N TRP A 304 -23.45 12.97 -28.15
CA TRP A 304 -23.94 13.74 -29.28
C TRP A 304 -25.45 13.76 -29.14
N GLY A 305 -26.12 14.51 -30.01
CA GLY A 305 -27.56 14.46 -30.05
C GLY A 305 -28.22 15.78 -30.38
N GLY A 306 -29.53 15.73 -30.52
CA GLY A 306 -30.32 16.92 -30.79
C GLY A 306 -30.87 17.59 -29.53
N ASP A 307 -32.02 18.24 -29.67
CA ASP A 307 -32.59 19.06 -28.59
C ASP A 307 -32.90 18.26 -27.33
N ILE A 308 -33.19 16.97 -27.48
CA ILE A 308 -33.63 16.18 -26.33
C ILE A 308 -32.45 15.91 -25.42
N VAL A 309 -31.38 15.37 -25.99
CA VAL A 309 -30.10 15.23 -25.27
C VAL A 309 -29.63 16.57 -24.70
N SER A 310 -29.70 17.63 -25.51
CA SER A 310 -29.14 18.89 -25.06
C SER A 310 -29.94 19.49 -23.90
N ALA A 311 -31.26 19.29 -23.92
CA ALA A 311 -32.10 19.75 -22.80
C ALA A 311 -31.73 19.00 -21.52
N ALA A 312 -31.60 17.67 -21.65
CA ALA A 312 -31.25 16.85 -20.49
C ALA A 312 -29.95 17.34 -19.85
N CYS A 313 -28.92 17.59 -20.67
CA CYS A 313 -27.64 18.04 -20.13
C CYS A 313 -27.77 19.40 -19.48
N THR A 314 -28.59 20.28 -20.06
CA THR A 314 -28.70 21.64 -19.54
C THR A 314 -29.44 21.63 -18.20
N HIS A 315 -30.48 20.81 -18.11
CA HIS A 315 -31.20 20.68 -16.84
C HIS A 315 -30.32 20.22 -15.69
N ILE A 316 -29.57 19.13 -15.88
CA ILE A 316 -28.69 18.68 -14.80
C ILE A 316 -27.58 19.71 -14.52
N ALA A 317 -27.02 20.30 -15.58
CA ALA A 317 -25.95 21.29 -15.38
C ALA A 317 -26.41 22.45 -14.51
N SER A 318 -27.68 22.81 -14.63
CA SER A 318 -28.20 23.96 -13.87
C SER A 318 -28.23 23.70 -12.36
N THR A 319 -28.12 22.44 -11.97
CA THR A 319 -28.22 22.08 -10.54
C THR A 319 -26.85 21.90 -9.90
N VAL A 320 -25.79 22.16 -10.66
CA VAL A 320 -24.43 21.99 -10.15
C VAL A 320 -23.89 23.34 -9.68
N LEU A 321 -23.18 23.36 -8.55
CA LEU A 321 -22.51 24.59 -8.11
C LEU A 321 -21.63 25.08 -9.25
N PRO A 322 -21.80 26.34 -9.67
CA PRO A 322 -21.06 26.82 -10.84
C PRO A 322 -19.54 26.64 -10.73
N ARG A 323 -18.98 26.75 -9.54
CA ARG A 323 -17.52 26.57 -9.39
C ARG A 323 -17.09 25.13 -9.68
N LEU A 324 -18.02 24.19 -9.62
CA LEU A 324 -17.67 22.79 -9.92
C LEU A 324 -18.09 22.39 -11.31
N MET A 325 -18.89 23.23 -11.97
CA MET A 325 -19.44 22.85 -13.26
C MET A 325 -18.52 23.33 -14.37
N GLU A 326 -17.80 22.38 -14.98
CA GLU A 326 -16.79 22.71 -15.98
C GLU A 326 -17.41 23.07 -17.33
N GLY A 327 -18.71 22.91 -17.44
CA GLY A 327 -19.40 23.32 -18.65
C GLY A 327 -20.26 22.21 -19.19
N ALA A 328 -21.39 22.57 -19.81
CA ALA A 328 -22.19 21.59 -20.53
C ALA A 328 -21.90 21.70 -22.02
N TRP A 329 -21.21 20.68 -22.55
CA TRP A 329 -20.92 20.66 -23.97
C TRP A 329 -22.18 20.20 -24.70
N LEU A 330 -22.55 20.90 -25.76
CA LEU A 330 -23.68 20.49 -26.59
C LEU A 330 -23.25 20.24 -28.02
N ALA A 331 -23.93 19.31 -28.67
CA ALA A 331 -23.70 19.07 -30.09
C ALA A 331 -24.41 20.12 -30.93
N GLN A 332 -25.23 20.95 -30.28
CA GLN A 332 -26.08 21.92 -30.97
C GLN A 332 -25.43 22.73 -32.11
N PRO A 333 -24.21 23.26 -31.91
CA PRO A 333 -23.62 24.05 -33.00
C PRO A 333 -23.30 23.19 -34.23
N TYR A 334 -23.22 21.87 -34.06
CA TYR A 334 -22.89 20.96 -35.15
C TYR A 334 -24.13 20.30 -35.75
N VAL A 335 -25.31 20.67 -35.25
CA VAL A 335 -26.55 20.03 -35.67
C VAL A 335 -27.40 21.03 -36.41
N ALA A 336 -27.71 20.75 -37.67
CA ALA A 336 -28.35 21.74 -38.53
C ALA A 336 -29.80 22.05 -38.15
N GLU A 337 -30.47 21.09 -37.52
CA GLU A 337 -31.90 21.25 -37.24
C GLU A 337 -32.23 21.22 -35.74
N HIS A 338 -33.31 21.89 -35.37
CA HIS A 338 -33.87 21.77 -34.03
C HIS A 338 -35.16 20.96 -34.14
N TYR A 339 -35.38 20.04 -33.21
CA TYR A 339 -36.64 19.32 -33.13
C TYR A 339 -37.73 20.30 -32.71
N ASP A 340 -37.38 21.19 -31.77
CA ASP A 340 -38.25 22.27 -31.32
C ASP A 340 -37.49 23.57 -31.63
N ALA A 341 -37.82 24.22 -32.73
CA ALA A 341 -37.07 25.39 -33.16
C ALA A 341 -37.18 26.56 -32.18
N GLU A 342 -38.25 26.60 -31.40
CA GLU A 342 -38.49 27.70 -30.47
C GLU A 342 -37.86 27.52 -29.10
N ASN A 343 -37.94 26.32 -28.55
CA ASN A 343 -37.49 26.10 -27.18
C ASN A 343 -36.18 25.29 -27.10
N GLY A 344 -35.71 24.78 -28.23
CA GLY A 344 -34.48 24.00 -28.24
C GLY A 344 -33.34 24.81 -27.65
N VAL A 345 -32.54 24.23 -26.75
CA VAL A 345 -31.47 25.00 -26.13
C VAL A 345 -30.40 25.29 -27.16
N ARG A 346 -29.68 26.38 -26.98
CA ARG A 346 -28.58 26.70 -27.87
C ARG A 346 -27.54 27.53 -27.17
N ILE A 347 -26.32 27.47 -27.69
CA ILE A 347 -25.22 28.20 -27.09
C ILE A 347 -25.18 29.63 -27.59
N GLU A 348 -25.20 30.57 -26.65
CA GLU A 348 -25.17 32.00 -26.97
C GLU A 348 -24.15 32.66 -26.04
N GLY A 349 -23.14 33.29 -26.63
CA GLY A 349 -22.10 33.93 -25.84
C GLY A 349 -21.31 32.95 -25.00
N GLY A 350 -21.20 31.72 -25.50
CA GLY A 350 -20.51 30.66 -24.78
C GLY A 350 -21.28 30.10 -23.61
N ARG A 351 -22.55 30.47 -23.47
CA ARG A 351 -23.36 30.00 -22.34
C ARG A 351 -24.70 29.47 -22.82
N ILE A 352 -25.46 28.86 -21.90
CA ILE A 352 -26.73 28.24 -22.25
C ILE A 352 -27.83 28.64 -21.28
N ARG A 353 -28.88 29.27 -21.79
CA ARG A 353 -30.03 29.64 -20.97
C ARG A 353 -30.77 28.37 -20.56
N VAL A 354 -31.13 28.25 -19.28
CA VAL A 354 -31.80 27.05 -18.76
C VAL A 354 -33.30 27.11 -19.06
N PRO A 355 -33.87 26.04 -19.62
CA PRO A 355 -35.32 26.01 -19.92
C PRO A 355 -36.17 26.08 -18.64
N GLN A 356 -37.34 26.70 -18.72
CA GLN A 356 -38.16 26.89 -17.53
C GLN A 356 -39.57 26.27 -17.62
N GLY A 357 -39.90 25.71 -18.78
CA GLY A 357 -41.19 25.05 -18.96
C GLY A 357 -41.27 23.71 -18.24
N PRO A 358 -42.45 23.07 -18.26
CA PRO A 358 -42.57 21.75 -17.64
C PRO A 358 -41.74 20.70 -18.36
N GLY A 359 -41.25 19.73 -17.61
CA GLY A 359 -40.42 18.68 -18.20
C GLY A 359 -39.13 19.20 -18.81
N LEU A 360 -38.73 18.65 -19.96
CA LEU A 360 -37.49 19.08 -20.61
C LEU A 360 -37.60 20.49 -21.16
N GLY A 361 -38.84 20.96 -21.32
CA GLY A 361 -39.11 22.28 -21.86
C GLY A 361 -39.25 22.30 -23.37
N LEU A 362 -39.52 21.13 -23.95
CA LEU A 362 -39.65 20.98 -25.40
C LEU A 362 -41.05 20.60 -25.81
N THR A 363 -41.48 21.13 -26.96
CA THR A 363 -42.69 20.63 -27.60
C THR A 363 -42.29 20.14 -28.98
N ILE A 364 -42.34 18.83 -29.18
CA ILE A 364 -41.96 18.22 -30.45
C ILE A 364 -43.17 17.52 -31.06
N ASP A 365 -43.41 17.76 -32.35
CA ASP A 365 -44.53 17.13 -33.03
C ASP A 365 -44.40 15.61 -32.94
N PRO A 366 -45.47 14.93 -32.50
CA PRO A 366 -45.46 13.48 -32.31
C PRO A 366 -45.03 12.70 -33.56
N GLU A 367 -45.18 13.31 -34.74
CA GLU A 367 -44.81 12.67 -36.00
C GLU A 367 -43.54 13.25 -36.60
N ARG A 368 -42.81 14.03 -35.81
CA ARG A 368 -41.56 14.66 -36.26
C ARG A 368 -40.58 13.67 -36.88
N PHE A 369 -40.56 12.45 -36.36
CA PHE A 369 -39.55 11.49 -36.76
C PHE A 369 -40.13 10.39 -37.65
N GLY A 370 -41.31 10.64 -38.19
CA GLY A 370 -41.98 9.67 -39.05
C GLY A 370 -42.61 8.56 -38.23
N PRO A 371 -43.04 7.48 -38.90
CA PRO A 371 -43.69 6.40 -38.15
C PRO A 371 -42.67 5.60 -37.32
N PRO A 372 -43.15 4.98 -36.23
CA PRO A 372 -42.23 4.27 -35.34
C PRO A 372 -41.53 3.12 -36.05
N LEU A 373 -40.25 2.90 -35.74
CA LEU A 373 -39.54 1.72 -36.22
C LEU A 373 -40.05 0.53 -35.42
N PHE A 374 -40.47 0.81 -34.20
CA PHE A 374 -40.84 -0.23 -33.27
C PHE A 374 -41.76 0.36 -32.23
N SER A 375 -42.77 -0.41 -31.84
N SER A 375 -42.77 -0.38 -31.82
CA SER A 375 -43.69 0.01 -30.77
CA SER A 375 -43.60 0.04 -30.71
C SER A 375 -43.90 -1.16 -29.82
C SER A 375 -43.94 -1.14 -29.82
N ALA A 376 -44.04 -0.87 -28.53
CA ALA A 376 -44.37 -1.91 -27.55
C ALA A 376 -45.22 -1.32 -26.43
N LEU B 10 -5.78 -15.68 -48.60
CA LEU B 10 -7.22 -15.89 -48.77
C LEU B 10 -8.01 -14.78 -48.06
N LYS B 11 -8.81 -14.06 -48.84
CA LYS B 11 -9.64 -12.98 -48.30
C LYS B 11 -11.10 -13.38 -48.09
N ILE B 12 -11.74 -12.71 -47.14
CA ILE B 12 -13.15 -12.86 -46.92
C ILE B 12 -13.89 -12.22 -48.09
N ALA B 13 -14.81 -12.97 -48.71
CA ALA B 13 -15.56 -12.43 -49.85
C ALA B 13 -16.97 -11.99 -49.45
N GLU B 14 -17.58 -12.73 -48.52
CA GLU B 14 -18.97 -12.46 -48.14
C GLU B 14 -19.21 -12.95 -46.72
N ILE B 15 -20.07 -12.25 -45.99
CA ILE B 15 -20.43 -12.66 -44.64
C ILE B 15 -21.95 -12.73 -44.56
N GLN B 16 -22.46 -13.82 -44.00
CA GLN B 16 -23.91 -14.00 -43.84
C GLN B 16 -24.23 -14.21 -42.37
N LEU B 17 -25.35 -13.65 -41.93
CA LEU B 17 -25.76 -13.75 -40.52
C LEU B 17 -27.11 -14.45 -40.42
N PHE B 18 -27.28 -15.24 -39.37
CA PHE B 18 -28.52 -15.98 -39.14
C PHE B 18 -28.84 -15.98 -37.65
N GLN B 19 -30.10 -16.21 -37.30
CA GLN B 19 -30.42 -16.51 -35.92
C GLN B 19 -31.23 -17.80 -35.82
N HIS B 20 -31.12 -18.47 -34.67
CA HIS B 20 -31.75 -19.77 -34.49
C HIS B 20 -32.13 -19.95 -33.02
N ASP B 21 -33.30 -20.53 -32.75
CA ASP B 21 -33.69 -20.73 -31.35
C ASP B 21 -33.27 -22.09 -30.78
N LEU B 22 -32.72 -22.05 -29.57
CA LEU B 22 -32.26 -23.25 -28.86
C LEU B 22 -33.02 -23.39 -27.55
N PRO B 23 -34.07 -24.23 -27.54
CA PRO B 23 -34.86 -24.36 -26.31
C PRO B 23 -34.10 -25.18 -25.27
N VAL B 24 -34.10 -24.74 -24.01
CA VAL B 24 -33.39 -25.46 -22.95
C VAL B 24 -34.08 -26.78 -22.62
N VAL B 25 -33.41 -27.90 -22.91
CA VAL B 25 -33.93 -29.23 -22.56
C VAL B 25 -34.01 -29.34 -21.04
N ASN B 26 -35.06 -30.00 -20.54
CA ASN B 26 -35.45 -29.99 -19.12
C ASN B 26 -35.17 -28.69 -18.35
N GLY B 27 -35.62 -27.57 -18.91
CA GLY B 27 -35.40 -26.26 -18.34
C GLY B 27 -36.36 -25.90 -17.23
N PRO B 28 -36.21 -24.71 -16.64
CA PRO B 28 -35.17 -23.74 -17.03
C PRO B 28 -33.85 -23.97 -16.29
N TYR B 29 -32.79 -23.33 -16.78
CA TYR B 29 -31.50 -23.31 -16.12
C TYR B 29 -31.49 -22.10 -15.19
N ARG B 30 -31.31 -22.33 -13.89
CA ARG B 30 -31.45 -21.28 -12.87
C ARG B 30 -30.15 -20.57 -12.49
N ILE B 31 -30.07 -19.27 -12.78
CA ILE B 31 -28.93 -18.44 -12.41
C ILE B 31 -29.38 -17.28 -11.52
N ALA B 32 -28.53 -16.87 -10.59
CA ALA B 32 -28.85 -15.75 -9.69
C ALA B 32 -29.06 -14.44 -10.45
N SER B 33 -28.31 -14.27 -11.54
CA SER B 33 -28.39 -13.04 -12.34
C SER B 33 -29.51 -13.08 -13.38
N GLY B 34 -30.31 -14.14 -13.39
CA GLY B 34 -31.40 -14.27 -14.34
C GLY B 34 -31.51 -15.66 -14.96
N ASP B 35 -32.69 -16.26 -14.85
CA ASP B 35 -32.93 -17.62 -15.31
C ASP B 35 -33.19 -17.70 -16.82
N VAL B 36 -33.04 -18.90 -17.38
CA VAL B 36 -33.18 -19.08 -18.82
C VAL B 36 -34.05 -20.28 -19.23
N TRP B 37 -35.06 -20.02 -20.07
CA TRP B 37 -35.96 -21.06 -20.58
C TRP B 37 -35.65 -21.46 -22.02
N SER B 38 -35.19 -20.50 -22.83
CA SER B 38 -34.83 -20.77 -24.23
C SER B 38 -33.92 -19.67 -24.76
N LEU B 39 -33.09 -20.01 -25.76
CA LEU B 39 -32.07 -19.06 -26.24
C LEU B 39 -31.99 -18.87 -27.75
N THR B 40 -31.84 -17.61 -28.16
CA THR B 40 -31.61 -17.27 -29.54
C THR B 40 -30.12 -17.18 -29.83
N THR B 41 -29.60 -18.11 -30.66
CA THR B 41 -28.21 -18.04 -31.04
C THR B 41 -28.01 -17.27 -32.33
N THR B 42 -26.85 -16.66 -32.49
CA THR B 42 -26.54 -15.90 -33.70
C THR B 42 -25.37 -16.58 -34.39
N ILE B 43 -25.59 -16.92 -35.66
CA ILE B 43 -24.65 -17.70 -36.44
C ILE B 43 -24.02 -16.82 -37.52
N VAL B 44 -22.71 -16.96 -37.70
CA VAL B 44 -21.99 -16.27 -38.77
C VAL B 44 -21.45 -17.30 -39.76
N LYS B 45 -21.69 -17.08 -41.06
CA LYS B 45 -20.99 -17.86 -42.08
C LYS B 45 -20.08 -16.88 -42.83
N ILE B 46 -18.78 -17.15 -42.84
CA ILE B 46 -17.85 -16.38 -43.67
C ILE B 46 -17.53 -17.17 -44.93
N ILE B 47 -17.68 -16.53 -46.08
CA ILE B 47 -17.34 -17.17 -47.34
C ILE B 47 -16.08 -16.54 -47.88
N ALA B 48 -15.04 -17.35 -48.08
CA ALA B 48 -13.79 -16.87 -48.63
C ALA B 48 -13.93 -16.72 -50.15
N GLU B 49 -12.94 -16.08 -50.77
CA GLU B 49 -13.00 -15.80 -52.21
C GLU B 49 -12.96 -17.08 -53.06
N ASP B 50 -12.54 -18.19 -52.48
CA ASP B 50 -12.51 -19.46 -53.21
C ASP B 50 -13.73 -20.33 -52.90
N GLY B 51 -14.64 -19.79 -52.09
CA GLY B 51 -15.89 -20.47 -51.80
C GLY B 51 -15.86 -21.30 -50.52
N THR B 52 -14.68 -21.43 -49.92
N THR B 52 -14.69 -21.46 -49.92
CA THR B 52 -14.53 -22.13 -48.65
CA THR B 52 -14.58 -22.17 -48.67
C THR B 52 -15.29 -21.35 -47.57
C THR B 52 -15.28 -21.37 -47.57
N ILE B 53 -15.94 -22.07 -46.65
CA ILE B 53 -16.70 -21.42 -45.61
C ILE B 53 -16.22 -21.73 -44.20
N GLY B 54 -16.45 -20.79 -43.29
CA GLY B 54 -16.16 -20.98 -41.88
C GLY B 54 -17.37 -20.57 -41.09
N TRP B 55 -17.69 -21.33 -40.05
CA TRP B 55 -18.85 -21.00 -39.22
C TRP B 55 -18.44 -20.45 -37.86
N GLY B 56 -19.22 -19.47 -37.37
CA GLY B 56 -19.01 -18.92 -36.04
C GLY B 56 -20.34 -18.78 -35.35
N GLU B 57 -20.31 -18.53 -34.04
CA GLU B 57 -21.55 -18.53 -33.26
C GLU B 57 -21.36 -17.76 -31.97
N THR B 58 -22.39 -17.03 -31.56
CA THR B 58 -22.42 -16.44 -30.24
C THR B 58 -23.85 -16.48 -29.70
N CYS B 59 -23.98 -16.89 -28.44
CA CYS B 59 -25.30 -17.06 -27.84
C CYS B 59 -25.30 -16.65 -26.37
N PRO B 60 -25.61 -15.38 -26.07
CA PRO B 60 -25.70 -14.98 -24.66
C PRO B 60 -26.71 -15.83 -23.89
N VAL B 61 -26.46 -16.01 -22.60
CA VAL B 61 -27.38 -16.79 -21.78
C VAL B 61 -28.43 -15.85 -21.20
N GLY B 62 -29.35 -15.45 -22.05
CA GLY B 62 -30.34 -14.45 -21.66
C GLY B 62 -29.75 -13.06 -21.66
N PRO B 63 -30.61 -12.05 -21.50
CA PRO B 63 -30.15 -10.67 -21.60
C PRO B 63 -29.69 -10.05 -20.28
N THR B 64 -29.78 -10.78 -19.16
CA THR B 64 -29.38 -10.20 -17.87
C THR B 64 -28.13 -10.82 -17.25
N TYR B 65 -27.58 -11.88 -17.85
CA TYR B 65 -26.41 -12.52 -17.26
C TYR B 65 -25.18 -11.62 -17.37
N ALA B 66 -25.01 -11.02 -18.55
CA ALA B 66 -23.85 -10.17 -18.84
C ALA B 66 -24.29 -9.06 -19.77
N GLU B 67 -23.37 -8.16 -20.11
CA GLU B 67 -23.71 -7.05 -20.99
C GLU B 67 -23.71 -7.53 -22.43
N ALA B 68 -24.77 -8.28 -22.76
CA ALA B 68 -24.85 -8.99 -24.04
C ALA B 68 -26.24 -9.54 -24.22
N HIS B 69 -26.76 -9.47 -25.44
CA HIS B 69 -28.04 -10.09 -25.74
C HIS B 69 -28.11 -10.43 -27.21
N ALA B 70 -29.04 -11.31 -27.57
CA ALA B 70 -29.13 -11.81 -28.93
C ALA B 70 -29.30 -10.68 -29.95
N GLY B 71 -30.16 -9.72 -29.63
CA GLY B 71 -30.37 -8.60 -30.53
C GLY B 71 -29.13 -7.75 -30.68
N GLY B 72 -28.35 -7.66 -29.61
CA GLY B 72 -27.10 -6.91 -29.62
C GLY B 72 -26.05 -7.63 -30.45
N ALA B 73 -26.05 -8.95 -30.36
CA ALA B 73 -25.12 -9.73 -31.17
C ALA B 73 -25.38 -9.47 -32.66
N LEU B 74 -26.64 -9.53 -33.06
CA LEU B 74 -26.98 -9.32 -34.46
C LEU B 74 -26.62 -7.89 -34.89
N ALA B 75 -26.97 -6.90 -34.06
CA ALA B 75 -26.71 -5.53 -34.41
C ALA B 75 -25.22 -5.25 -34.57
N ALA B 76 -24.42 -5.76 -33.64
CA ALA B 76 -22.96 -5.57 -33.71
C ALA B 76 -22.36 -6.33 -34.91
N LEU B 77 -22.84 -7.54 -35.16
CA LEU B 77 -22.34 -8.31 -36.29
C LEU B 77 -22.66 -7.64 -37.62
N GLU B 78 -23.78 -6.95 -37.69
CA GLU B 78 -24.12 -6.19 -38.90
C GLU B 78 -23.07 -5.12 -39.20
N VAL B 79 -22.69 -4.34 -38.18
CA VAL B 79 -21.65 -3.31 -38.34
C VAL B 79 -20.31 -3.94 -38.73
N LEU B 80 -19.92 -4.98 -38.01
CA LEU B 80 -18.67 -5.69 -38.31
C LEU B 80 -18.67 -6.30 -39.71
N ALA B 81 -19.73 -7.00 -40.07
CA ALA B 81 -19.78 -7.67 -41.38
C ALA B 81 -19.70 -6.66 -42.52
N SER B 82 -20.28 -5.48 -42.29
CA SER B 82 -20.38 -4.46 -43.34
C SER B 82 -19.04 -3.89 -43.77
N GLY B 83 -18.02 -4.03 -42.91
CA GLY B 83 -16.71 -3.48 -43.22
C GLY B 83 -15.65 -4.55 -43.37
N LEU B 84 -16.07 -5.82 -43.46
CA LEU B 84 -15.12 -6.94 -43.41
C LEU B 84 -14.78 -7.60 -44.73
N ALA B 85 -15.58 -7.40 -45.78
CA ALA B 85 -15.22 -8.01 -47.06
C ALA B 85 -13.85 -7.48 -47.49
N GLY B 86 -12.96 -8.37 -47.93
CA GLY B 86 -11.65 -7.94 -48.37
C GLY B 86 -10.56 -8.14 -47.34
N ALA B 87 -10.94 -8.33 -46.08
CA ALA B 87 -9.97 -8.58 -45.01
C ALA B 87 -9.39 -9.98 -45.19
N GLU B 88 -8.12 -10.16 -44.83
CA GLU B 88 -7.53 -11.49 -44.82
C GLU B 88 -8.19 -12.35 -43.74
N ALA B 89 -8.46 -13.61 -44.05
CA ALA B 89 -9.04 -14.54 -43.09
C ALA B 89 -7.96 -15.10 -42.16
N LEU B 90 -7.36 -14.21 -41.36
CA LEU B 90 -6.37 -14.60 -40.37
C LEU B 90 -6.70 -13.81 -39.11
N PRO B 91 -6.36 -14.37 -37.93
CA PRO B 91 -6.82 -13.77 -36.66
C PRO B 91 -6.38 -12.32 -36.41
N LEU B 92 -5.11 -12.01 -36.60
CA LEU B 92 -4.68 -10.64 -36.30
C LEU B 92 -5.23 -9.61 -37.31
N PRO B 93 -5.14 -9.90 -38.62
CA PRO B 93 -5.80 -8.96 -39.54
C PRO B 93 -7.30 -8.83 -39.27
N LEU B 94 -7.95 -9.92 -38.88
CA LEU B 94 -9.37 -9.86 -38.56
C LEU B 94 -9.62 -8.92 -37.38
N HIS B 95 -8.90 -9.14 -36.28
CA HIS B 95 -9.21 -8.36 -35.08
C HIS B 95 -8.84 -6.90 -35.28
N THR B 96 -7.77 -6.65 -36.04
CA THR B 96 -7.39 -5.27 -36.36
C THR B 96 -8.50 -4.56 -37.12
N ARG B 97 -9.05 -5.23 -38.13
CA ARG B 97 -10.14 -4.65 -38.90
C ARG B 97 -11.38 -4.46 -38.01
N MET B 98 -11.71 -5.50 -37.23
CA MET B 98 -12.90 -5.43 -36.37
C MET B 98 -12.81 -4.28 -35.38
N ASP B 99 -11.64 -4.10 -34.78
CA ASP B 99 -11.47 -3.01 -33.81
C ASP B 99 -11.53 -1.62 -34.48
N SER B 100 -11.28 -1.57 -35.79
CA SER B 100 -11.39 -0.29 -36.49
C SER B 100 -12.83 0.04 -36.85
N LEU B 101 -13.72 -0.94 -36.71
CA LEU B 101 -15.13 -0.81 -37.11
C LEU B 101 -16.06 -0.60 -35.91
N LEU B 102 -15.66 -1.12 -34.75
CA LEU B 102 -16.57 -1.15 -33.60
C LEU B 102 -15.78 -1.35 -32.32
N CYS B 103 -16.03 -0.49 -31.34
CA CYS B 103 -15.33 -0.58 -30.05
C CYS B 103 -16.04 -1.62 -29.20
N GLY B 104 -15.26 -2.50 -28.55
CA GLY B 104 -15.82 -3.47 -27.63
C GLY B 104 -16.68 -4.51 -28.32
N HIS B 105 -17.80 -4.87 -27.69
CA HIS B 105 -18.69 -5.92 -28.20
C HIS B 105 -17.96 -7.23 -28.45
N ASN B 106 -17.15 -7.63 -27.48
CA ASN B 106 -16.38 -8.87 -27.59
C ASN B 106 -17.22 -10.07 -28.00
N TYR B 107 -18.44 -10.17 -27.47
CA TYR B 107 -19.24 -11.37 -27.74
C TYR B 107 -19.64 -11.49 -29.20
N ALA B 108 -19.75 -10.36 -29.88
CA ALA B 108 -20.04 -10.37 -31.31
C ALA B 108 -18.78 -10.67 -32.09
N LYS B 109 -17.70 -9.98 -31.73
CA LYS B 109 -16.42 -10.21 -32.39
C LYS B 109 -15.99 -11.67 -32.30
N SER B 110 -16.32 -12.33 -31.20
CA SER B 110 -15.99 -13.76 -31.00
C SER B 110 -16.54 -14.66 -32.10
N ALA B 111 -17.77 -14.40 -32.54
CA ALA B 111 -18.39 -15.22 -33.58
C ALA B 111 -17.58 -15.15 -34.86
N LEU B 112 -17.13 -13.95 -35.24
CA LEU B 112 -16.32 -13.82 -36.45
C LEU B 112 -14.95 -14.46 -36.29
N ASP B 113 -14.36 -14.32 -35.10
CA ASP B 113 -13.08 -14.93 -34.80
C ASP B 113 -13.18 -16.45 -34.98
N ILE B 114 -14.23 -17.06 -34.41
CA ILE B 114 -14.37 -18.50 -34.50
C ILE B 114 -14.49 -18.95 -35.95
N ALA B 115 -15.27 -18.20 -36.74
CA ALA B 115 -15.45 -18.51 -38.15
C ALA B 115 -14.14 -18.40 -38.92
N VAL B 116 -13.31 -17.41 -38.56
CA VAL B 116 -12.01 -17.27 -39.23
C VAL B 116 -11.11 -18.45 -38.90
N HIS B 117 -11.11 -18.87 -37.64
CA HIS B 117 -10.30 -20.05 -37.29
C HIS B 117 -10.78 -21.31 -38.02
N ASP B 118 -12.10 -21.45 -38.18
CA ASP B 118 -12.66 -22.59 -38.90
C ASP B 118 -12.19 -22.59 -40.37
N LEU B 119 -12.35 -21.44 -41.00
CA LEU B 119 -11.94 -21.23 -42.39
C LEU B 119 -10.46 -21.49 -42.58
N TRP B 120 -9.66 -20.94 -41.67
CA TRP B 120 -8.21 -21.06 -41.71
C TRP B 120 -7.77 -22.51 -41.61
N GLY B 121 -8.34 -23.24 -40.65
CA GLY B 121 -8.03 -24.65 -40.48
C GLY B 121 -8.42 -25.48 -41.69
N LYS B 122 -9.53 -25.11 -42.31
CA LYS B 122 -9.97 -25.81 -43.51
C LYS B 122 -9.03 -25.56 -44.69
N ARG B 123 -8.57 -24.31 -44.83
CA ARG B 123 -7.62 -24.00 -45.90
C ARG B 123 -6.33 -24.78 -45.74
N LEU B 124 -5.83 -24.84 -44.51
CA LEU B 124 -4.53 -25.45 -44.28
C LEU B 124 -4.64 -26.97 -44.07
N GLY B 125 -5.87 -27.45 -43.92
CA GLY B 125 -6.12 -28.87 -43.69
C GLY B 125 -5.76 -29.37 -42.31
N VAL B 126 -5.88 -28.50 -41.29
CA VAL B 126 -5.54 -28.87 -39.91
C VAL B 126 -6.64 -28.48 -38.92
N PRO B 127 -6.73 -29.22 -37.79
CA PRO B 127 -7.74 -28.82 -36.80
C PRO B 127 -7.43 -27.47 -36.12
N VAL B 128 -8.46 -26.83 -35.63
CA VAL B 128 -8.25 -25.57 -34.93
C VAL B 128 -7.26 -25.71 -33.76
N HIS B 129 -7.29 -26.83 -33.03
CA HIS B 129 -6.33 -26.98 -31.94
C HIS B 129 -4.87 -26.90 -32.41
N GLU B 130 -4.59 -27.33 -33.63
CA GLU B 130 -3.23 -27.18 -34.17
C GLU B 130 -2.91 -25.70 -34.38
N LEU B 131 -3.86 -24.96 -34.93
CA LEU B 131 -3.64 -23.54 -35.18
C LEU B 131 -3.45 -22.78 -33.86
N LEU B 132 -4.00 -23.30 -32.77
CA LEU B 132 -3.86 -22.64 -31.47
C LEU B 132 -2.58 -23.10 -30.74
N GLY B 133 -1.73 -23.87 -31.41
CA GLY B 133 -0.44 -24.19 -30.83
C GLY B 133 -0.21 -25.68 -30.66
N GLY B 134 -1.29 -26.45 -30.79
CA GLY B 134 -1.20 -27.90 -30.74
C GLY B 134 -1.83 -28.47 -29.47
N ALA B 135 -2.74 -29.42 -29.66
CA ALA B 135 -3.40 -30.09 -28.54
C ALA B 135 -2.41 -30.89 -27.69
N LEU B 136 -2.63 -30.86 -26.39
CA LEU B 136 -1.84 -31.63 -25.44
C LEU B 136 -2.58 -32.90 -25.03
N THR B 137 -3.82 -33.04 -25.50
CA THR B 137 -4.63 -34.19 -25.10
C THR B 137 -5.67 -34.49 -26.16
N ASP B 138 -6.09 -35.75 -26.23
CA ASP B 138 -7.13 -36.19 -27.17
C ASP B 138 -8.54 -36.12 -26.58
N SER B 139 -8.63 -35.91 -25.28
CA SER B 139 -9.92 -35.74 -24.63
C SER B 139 -9.78 -34.78 -23.46
N VAL B 140 -10.78 -33.94 -23.25
CA VAL B 140 -10.66 -32.96 -22.18
C VAL B 140 -11.68 -33.19 -21.07
N SER B 141 -11.36 -32.71 -19.87
CA SER B 141 -12.30 -32.87 -18.76
C SER B 141 -13.41 -31.84 -18.92
N SER B 142 -14.51 -32.04 -18.19
CA SER B 142 -15.60 -31.08 -18.19
C SER B 142 -16.05 -30.88 -16.77
N TYR B 143 -17.01 -29.98 -16.57
CA TYR B 143 -17.63 -29.89 -15.26
C TYR B 143 -19.13 -29.72 -15.43
N TYR B 144 -19.89 -30.19 -14.45
CA TYR B 144 -21.33 -30.08 -14.47
C TYR B 144 -21.79 -28.89 -13.65
N SER B 145 -22.74 -28.13 -14.19
CA SER B 145 -23.25 -26.95 -13.50
C SER B 145 -24.62 -27.22 -12.90
N LEU B 146 -24.68 -27.26 -11.57
CA LEU B 146 -25.93 -27.49 -10.85
C LEU B 146 -26.67 -26.17 -10.70
N GLY B 147 -27.86 -26.07 -11.24
CA GLY B 147 -28.67 -24.88 -11.04
C GLY B 147 -29.05 -24.67 -9.59
N VAL B 148 -29.42 -23.45 -9.23
CA VAL B 148 -29.88 -23.18 -7.88
C VAL B 148 -31.12 -24.01 -7.62
N MET B 149 -31.09 -24.81 -6.55
CA MET B 149 -32.17 -25.72 -6.24
C MET B 149 -32.17 -26.07 -4.75
N GLU B 150 -33.16 -26.86 -4.35
N GLU B 150 -33.17 -26.84 -4.34
CA GLU B 150 -33.23 -27.38 -2.99
CA GLU B 150 -33.26 -27.33 -2.97
C GLU B 150 -31.93 -28.08 -2.65
C GLU B 150 -31.97 -28.09 -2.62
N PRO B 151 -31.39 -27.80 -1.45
CA PRO B 151 -30.14 -28.42 -0.98
C PRO B 151 -30.11 -29.94 -1.08
N ASP B 152 -31.15 -30.64 -0.62
CA ASP B 152 -31.20 -32.10 -0.70
C ASP B 152 -31.16 -32.61 -2.13
N GLU B 153 -31.79 -31.87 -3.04
CA GLU B 153 -31.80 -32.25 -4.44
C GLU B 153 -30.47 -31.95 -5.10
N ALA B 154 -29.85 -30.84 -4.67
CA ALA B 154 -28.50 -30.51 -5.13
C ALA B 154 -27.54 -31.63 -4.77
N ALA B 155 -27.62 -32.09 -3.51
CA ALA B 155 -26.80 -33.21 -3.06
C ALA B 155 -27.02 -34.49 -3.89
N ARG B 156 -28.29 -34.80 -4.17
CA ARG B 156 -28.60 -35.99 -4.96
C ARG B 156 -28.04 -35.88 -6.38
N GLN B 157 -28.28 -34.74 -7.02
CA GLN B 157 -27.78 -34.53 -8.38
C GLN B 157 -26.25 -34.53 -8.42
N ALA B 158 -25.63 -33.94 -7.41
CA ALA B 158 -24.17 -33.89 -7.34
C ALA B 158 -23.55 -35.28 -7.38
N LEU B 159 -24.07 -36.20 -6.57
CA LEU B 159 -23.53 -37.55 -6.50
C LEU B 159 -23.77 -38.28 -7.82
N GLU B 160 -24.94 -38.05 -8.40
CA GLU B 160 -25.30 -38.64 -9.68
C GLU B 160 -24.32 -38.21 -10.77
N LYS B 161 -23.99 -36.93 -10.80
CA LYS B 161 -23.06 -36.42 -11.81
C LYS B 161 -21.61 -36.86 -11.58
N GLN B 162 -21.22 -36.99 -10.31
CA GLN B 162 -19.90 -37.53 -10.00
C GLN B 162 -19.82 -38.97 -10.53
N ARG B 163 -20.90 -39.72 -10.32
CA ARG B 163 -20.94 -41.11 -10.80
C ARG B 163 -20.94 -41.23 -12.33
N GLU B 164 -21.39 -40.19 -13.02
CA GLU B 164 -21.30 -40.14 -14.48
C GLU B 164 -19.86 -39.96 -14.97
N GLY B 165 -19.01 -39.43 -14.11
CA GLY B 165 -17.59 -39.27 -14.44
C GLY B 165 -17.08 -37.84 -14.48
N TYR B 166 -17.92 -36.87 -14.13
CA TYR B 166 -17.46 -35.49 -14.12
C TYR B 166 -16.37 -35.32 -13.06
N SER B 167 -15.31 -34.60 -13.41
CA SER B 167 -14.19 -34.41 -12.51
C SER B 167 -14.39 -33.18 -11.63
N ARG B 168 -15.42 -32.39 -11.94
CA ARG B 168 -15.67 -31.14 -11.23
C ARG B 168 -17.14 -30.79 -11.24
N LEU B 169 -17.60 -30.14 -10.17
CA LEU B 169 -18.99 -29.74 -10.04
C LEU B 169 -19.01 -28.27 -9.71
N GLN B 170 -19.84 -27.52 -10.43
CA GLN B 170 -20.10 -26.13 -10.09
C GLN B 170 -21.48 -26.05 -9.47
N VAL B 171 -21.57 -25.51 -8.27
CA VAL B 171 -22.86 -25.40 -7.59
C VAL B 171 -23.30 -23.95 -7.69
N LYS B 172 -24.39 -23.69 -8.43
CA LYS B 172 -24.89 -22.31 -8.54
C LYS B 172 -25.67 -21.90 -7.30
N LEU B 173 -25.41 -20.69 -6.82
CA LEU B 173 -25.98 -20.22 -5.57
C LEU B 173 -26.52 -18.81 -5.75
N GLY B 174 -27.25 -18.30 -4.76
CA GLY B 174 -27.69 -16.91 -4.79
C GLY B 174 -29.17 -16.68 -5.03
N ALA B 175 -29.57 -15.41 -4.92
CA ALA B 175 -30.96 -14.99 -5.10
C ALA B 175 -31.87 -15.68 -4.09
N ARG B 176 -31.32 -15.88 -2.88
CA ARG B 176 -32.04 -16.45 -1.76
C ARG B 176 -31.14 -16.24 -0.54
N PRO B 177 -31.66 -16.43 0.68
CA PRO B 177 -30.81 -16.15 1.85
C PRO B 177 -29.54 -17.00 1.88
N ILE B 178 -28.45 -16.42 2.33
CA ILE B 178 -27.16 -17.08 2.34
C ILE B 178 -27.20 -18.39 3.16
N GLU B 179 -28.08 -18.43 4.16
CA GLU B 179 -28.26 -19.64 4.99
C GLU B 179 -28.54 -20.86 4.13
N ILE B 180 -29.37 -20.67 3.10
CA ILE B 180 -29.74 -21.77 2.22
C ILE B 180 -28.57 -22.15 1.33
N ASP B 181 -27.80 -21.15 0.88
CA ASP B 181 -26.64 -21.43 0.04
C ASP B 181 -25.63 -22.25 0.83
N ILE B 182 -25.47 -21.92 2.10
CA ILE B 182 -24.55 -22.66 2.96
C ILE B 182 -25.04 -24.07 3.22
N GLU B 183 -26.34 -24.21 3.47
CA GLU B 183 -26.93 -25.53 3.61
C GLU B 183 -26.66 -26.38 2.35
N ALA B 184 -26.81 -25.76 1.18
CA ALA B 184 -26.62 -26.47 -0.08
C ALA B 184 -25.18 -26.93 -0.29
N ILE B 185 -24.21 -26.03 -0.07
CA ILE B 185 -22.82 -26.43 -0.26
C ILE B 185 -22.41 -27.52 0.73
N ARG B 186 -22.94 -27.47 1.95
CA ARG B 186 -22.61 -28.48 2.96
C ARG B 186 -23.19 -29.84 2.62
N LYS B 187 -24.43 -29.85 2.15
CA LYS B 187 -25.07 -31.12 1.77
C LYS B 187 -24.46 -31.73 0.52
N VAL B 188 -24.14 -30.89 -0.46
CA VAL B 188 -23.43 -31.35 -1.65
C VAL B 188 -22.10 -31.98 -1.25
N TRP B 189 -21.35 -31.27 -0.39
CA TRP B 189 -20.07 -31.76 0.06
C TRP B 189 -20.19 -33.09 0.79
N GLU B 190 -21.20 -33.19 1.65
CA GLU B 190 -21.47 -34.46 2.36
C GLU B 190 -21.65 -35.62 1.38
N ALA B 191 -22.31 -35.34 0.26
CA ALA B 191 -22.59 -36.38 -0.72
C ALA B 191 -21.36 -36.83 -1.49
N VAL B 192 -20.47 -35.90 -1.83
CA VAL B 192 -19.37 -36.24 -2.74
C VAL B 192 -17.99 -36.31 -2.10
N ARG B 193 -17.88 -35.96 -0.83
CA ARG B 193 -16.57 -35.97 -0.17
C ARG B 193 -15.96 -37.36 -0.21
N GLY B 194 -14.66 -37.43 -0.48
CA GLY B 194 -13.98 -38.71 -0.58
C GLY B 194 -13.87 -39.23 -2.00
N THR B 195 -14.61 -38.62 -2.92
CA THR B 195 -14.55 -39.01 -4.33
C THR B 195 -13.51 -38.18 -5.07
N GLY B 196 -13.03 -37.13 -4.41
CA GLY B 196 -12.02 -36.26 -4.99
C GLY B 196 -12.52 -35.31 -6.07
N ILE B 197 -13.83 -35.28 -6.29
CA ILE B 197 -14.39 -34.38 -7.30
C ILE B 197 -14.13 -32.95 -6.86
N ALA B 198 -13.75 -32.09 -7.79
CA ALA B 198 -13.46 -30.71 -7.45
C ALA B 198 -14.77 -29.94 -7.30
N LEU B 199 -14.77 -28.93 -6.44
CA LEU B 199 -15.99 -28.21 -6.11
C LEU B 199 -15.84 -26.72 -6.32
N ALA B 200 -16.77 -26.14 -7.07
CA ALA B 200 -16.84 -24.68 -7.19
C ALA B 200 -18.19 -24.19 -6.66
N ALA B 201 -18.16 -23.11 -5.87
CA ALA B 201 -19.38 -22.48 -5.39
C ALA B 201 -19.55 -21.18 -6.14
N ASP B 202 -20.52 -21.13 -7.04
CA ASP B 202 -20.66 -19.97 -7.92
C ASP B 202 -21.78 -19.06 -7.44
N GLY B 203 -21.39 -17.91 -6.89
CA GLY B 203 -22.33 -16.94 -6.36
C GLY B 203 -22.99 -16.12 -7.47
N ASN B 204 -22.45 -16.24 -8.68
CA ASN B 204 -22.96 -15.52 -9.85
C ASN B 204 -23.29 -14.05 -9.60
N ARG B 205 -22.33 -13.35 -8.98
CA ARG B 205 -22.43 -11.93 -8.67
C ARG B 205 -23.51 -11.61 -7.64
N GLY B 206 -24.03 -12.63 -6.96
CA GLY B 206 -25.25 -12.48 -6.18
C GLY B 206 -25.10 -12.14 -4.71
N TRP B 207 -23.87 -12.22 -4.19
CA TRP B 207 -23.64 -11.99 -2.77
C TRP B 207 -23.05 -10.61 -2.47
N THR B 208 -23.59 -9.96 -1.44
CA THR B 208 -22.94 -8.81 -0.83
C THR B 208 -21.63 -9.28 -0.21
N THR B 209 -20.67 -8.39 0.00
CA THR B 209 -19.46 -8.78 0.70
C THR B 209 -19.76 -9.38 2.08
N ARG B 210 -20.76 -8.83 2.78
CA ARG B 210 -21.22 -9.40 4.05
C ARG B 210 -21.42 -10.91 3.97
N ASP B 211 -22.19 -11.33 2.98
CA ASP B 211 -22.54 -12.74 2.86
C ASP B 211 -21.39 -13.60 2.31
N ALA B 212 -20.55 -13.04 1.45
CA ALA B 212 -19.38 -13.80 0.96
C ALA B 212 -18.44 -14.14 2.10
N LEU B 213 -18.23 -13.19 3.01
CA LEU B 213 -17.35 -13.41 4.16
C LEU B 213 -17.90 -14.54 5.02
N ARG B 214 -19.21 -14.52 5.22
CA ARG B 214 -19.86 -15.54 6.03
C ARG B 214 -19.73 -16.93 5.40
N PHE B 215 -19.93 -16.98 4.08
CA PHE B 215 -19.91 -18.24 3.35
C PHE B 215 -18.56 -18.94 3.54
N SER B 216 -17.48 -18.18 3.41
CA SER B 216 -16.14 -18.75 3.58
C SER B 216 -15.87 -19.04 5.06
N ARG B 217 -16.24 -18.12 5.93
CA ARG B 217 -15.94 -18.23 7.36
C ARG B 217 -16.56 -19.47 7.97
N GLU B 218 -17.78 -19.81 7.55
CA GLU B 218 -18.48 -20.93 8.16
C GLU B 218 -18.05 -22.28 7.62
N CYS B 219 -17.29 -22.30 6.53
CA CYS B 219 -16.99 -23.55 5.84
C CYS B 219 -15.50 -23.84 5.53
N PRO B 220 -14.60 -23.68 6.52
CA PRO B 220 -13.18 -23.88 6.19
C PRO B 220 -12.90 -25.32 5.76
N ASP B 221 -13.73 -26.22 6.25
CA ASP B 221 -13.62 -27.66 6.04
C ASP B 221 -14.14 -28.14 4.68
N ILE B 222 -14.75 -27.23 3.92
CA ILE B 222 -15.26 -27.58 2.61
C ILE B 222 -14.40 -26.94 1.52
N PRO B 223 -13.78 -27.78 0.66
CA PRO B 223 -12.78 -27.28 -0.28
C PRO B 223 -13.35 -26.71 -1.57
N PHE B 224 -14.32 -25.80 -1.48
CA PHE B 224 -14.79 -25.11 -2.67
C PHE B 224 -13.81 -24.00 -3.05
N VAL B 225 -13.80 -23.65 -4.33
CA VAL B 225 -13.34 -22.31 -4.70
C VAL B 225 -14.57 -21.41 -4.76
N MET B 226 -14.43 -20.14 -4.40
CA MET B 226 -15.56 -19.22 -4.50
C MET B 226 -15.50 -18.55 -5.86
N GLU B 227 -16.42 -18.89 -6.75
CA GLU B 227 -16.41 -18.34 -8.09
C GLU B 227 -17.33 -17.12 -8.16
N GLN B 228 -16.78 -16.00 -8.60
CA GLN B 228 -17.49 -14.71 -8.70
C GLN B 228 -18.58 -14.51 -7.65
N PRO B 229 -18.18 -14.56 -6.36
CA PRO B 229 -19.20 -14.45 -5.33
C PRO B 229 -19.93 -13.11 -5.33
N CYS B 230 -19.25 -12.05 -5.73
CA CYS B 230 -19.78 -10.69 -5.57
C CYS B 230 -19.92 -9.98 -6.90
N ASN B 231 -20.53 -8.80 -6.87
CA ASN B 231 -21.00 -8.13 -8.08
C ASN B 231 -19.95 -7.31 -8.85
N SER B 232 -18.78 -7.09 -8.26
CA SER B 232 -17.80 -6.23 -8.93
C SER B 232 -16.37 -6.65 -8.62
N PHE B 233 -15.44 -6.18 -9.46
CA PHE B 233 -14.01 -6.35 -9.26
C PHE B 233 -13.62 -5.78 -7.87
N GLU B 234 -14.19 -4.62 -7.53
CA GLU B 234 -13.91 -3.97 -6.26
C GLU B 234 -14.34 -4.82 -5.07
N ASP B 235 -15.46 -5.54 -5.21
CA ASP B 235 -15.91 -6.39 -4.11
C ASP B 235 -15.05 -7.63 -4.00
N LEU B 236 -14.51 -8.11 -5.12
CA LEU B 236 -13.56 -9.21 -5.06
C LEU B 236 -12.32 -8.74 -4.31
N GLU B 237 -11.85 -7.53 -4.61
CA GLU B 237 -10.74 -6.95 -3.87
C GLU B 237 -11.03 -6.80 -2.38
N ALA B 238 -12.28 -6.46 -2.04
CA ALA B 238 -12.68 -6.30 -0.64
C ALA B 238 -12.59 -7.60 0.16
N ILE B 239 -13.05 -8.69 -0.43
CA ILE B 239 -13.11 -9.92 0.35
C ILE B 239 -11.82 -10.75 0.29
N ARG B 240 -10.99 -10.48 -0.71
CA ARG B 240 -9.77 -11.27 -0.93
C ARG B 240 -8.90 -11.46 0.33
N PRO B 241 -8.54 -10.36 1.02
CA PRO B 241 -7.70 -10.58 2.20
C PRO B 241 -8.45 -11.15 3.40
N LEU B 242 -9.76 -11.35 3.27
CA LEU B 242 -10.58 -11.80 4.41
C LEU B 242 -11.22 -13.17 4.21
N CYS B 243 -10.92 -13.82 3.08
CA CYS B 243 -11.42 -15.18 2.86
C CYS B 243 -10.26 -16.14 2.67
N HIS B 244 -10.24 -17.21 3.44
CA HIS B 244 -9.18 -18.21 3.31
C HIS B 244 -9.46 -19.26 2.22
N HIS B 245 -10.60 -19.15 1.55
CA HIS B 245 -10.88 -19.99 0.38
C HIS B 245 -10.40 -19.30 -0.88
N ALA B 246 -9.97 -20.11 -1.84
CA ALA B 246 -9.58 -19.59 -3.15
C ALA B 246 -10.73 -18.86 -3.81
N LEU B 247 -10.39 -17.84 -4.59
CA LEU B 247 -11.36 -16.98 -5.24
C LEU B 247 -11.13 -17.07 -6.75
N TYR B 248 -12.19 -17.29 -7.51
CA TYR B 248 -12.07 -17.28 -8.97
C TYR B 248 -12.88 -16.16 -9.56
N MET B 249 -12.36 -15.52 -10.60
CA MET B 249 -13.11 -14.51 -11.32
C MET B 249 -13.86 -15.18 -12.47
N ASP B 250 -15.09 -14.75 -12.75
CA ASP B 250 -15.81 -15.21 -13.94
C ASP B 250 -16.35 -13.97 -14.67
N GLU B 251 -17.56 -13.52 -14.33
CA GLU B 251 -18.20 -12.40 -15.03
C GLU B 251 -17.36 -11.11 -15.13
N ASP B 252 -16.53 -10.83 -14.14
CA ASP B 252 -15.73 -9.61 -14.19
C ASP B 252 -14.55 -9.65 -15.17
N GLY B 253 -14.27 -10.82 -15.74
CA GLY B 253 -13.13 -10.97 -16.63
C GLY B 253 -13.50 -10.59 -18.05
N THR B 254 -13.67 -9.30 -18.29
CA THR B 254 -14.33 -8.85 -19.52
C THR B 254 -13.35 -8.50 -20.64
N SER B 255 -12.05 -8.52 -20.34
CA SER B 255 -11.03 -8.29 -21.36
C SER B 255 -9.69 -8.86 -20.92
N LEU B 256 -8.78 -9.07 -21.87
CA LEU B 256 -7.44 -9.50 -21.52
C LEU B 256 -6.81 -8.49 -20.57
N ASN B 257 -7.05 -7.21 -20.81
CA ASN B 257 -6.53 -6.18 -19.92
C ASN B 257 -6.95 -6.39 -18.46
N THR B 258 -8.23 -6.62 -18.24
CA THR B 258 -8.77 -6.83 -16.90
C THR B 258 -8.25 -8.09 -16.22
N VAL B 259 -8.12 -9.16 -17.01
CA VAL B 259 -7.52 -10.39 -16.51
C VAL B 259 -6.09 -10.19 -16.05
N ILE B 260 -5.30 -9.47 -16.84
CA ILE B 260 -3.94 -9.14 -16.47
C ILE B 260 -3.89 -8.35 -15.17
N THR B 261 -4.79 -7.38 -15.00
CA THR B 261 -4.84 -6.67 -13.74
C THR B 261 -5.11 -7.63 -12.58
N ALA B 262 -6.08 -8.53 -12.76
CA ALA B 262 -6.52 -9.43 -11.71
C ALA B 262 -5.43 -10.42 -11.32
N ALA B 263 -4.80 -11.01 -12.30
CA ALA B 263 -3.90 -12.08 -11.93
C ALA B 263 -2.49 -11.63 -11.58
N ALA B 264 -2.06 -10.49 -12.09
CA ALA B 264 -0.76 -10.01 -11.62
C ALA B 264 -0.83 -9.32 -10.27
N THR B 265 -2.01 -8.86 -9.85
CA THR B 265 -2.16 -8.36 -8.46
C THR B 265 -2.50 -9.53 -7.50
N SER B 266 -2.54 -10.72 -8.07
CA SER B 266 -2.92 -11.95 -7.37
C SER B 266 -4.28 -11.85 -6.65
N LEU B 267 -5.22 -11.19 -7.32
CA LEU B 267 -6.56 -11.03 -6.77
C LEU B 267 -7.29 -12.36 -6.74
N VAL B 268 -7.01 -13.21 -7.71
CA VAL B 268 -7.73 -14.47 -7.85
C VAL B 268 -6.78 -15.64 -8.00
N ASP B 269 -7.32 -16.81 -7.75
CA ASP B 269 -6.55 -18.04 -7.87
C ASP B 269 -6.90 -18.80 -9.12
N GLY B 270 -7.79 -18.25 -9.94
CA GLY B 270 -8.20 -18.96 -11.14
C GLY B 270 -9.37 -18.24 -11.78
N PHE B 271 -9.83 -18.76 -12.93
CA PHE B 271 -10.86 -18.07 -13.70
C PHE B 271 -11.90 -19.04 -14.27
N GLY B 272 -13.15 -18.59 -14.31
CA GLY B 272 -14.08 -19.16 -15.27
C GLY B 272 -13.87 -18.27 -16.48
N MET B 273 -13.61 -18.84 -17.64
CA MET B 273 -13.43 -17.97 -18.80
C MET B 273 -14.32 -18.41 -19.95
N LYS B 274 -14.96 -17.43 -20.57
N LYS B 274 -15.00 -17.45 -20.55
CA LYS B 274 -15.87 -17.69 -21.68
CA LYS B 274 -15.87 -17.70 -21.69
C LYS B 274 -15.26 -17.09 -22.95
C LYS B 274 -15.26 -17.09 -22.96
N VAL B 275 -15.23 -17.88 -24.03
CA VAL B 275 -14.66 -17.43 -25.29
C VAL B 275 -15.31 -16.14 -25.80
N SER B 276 -16.63 -16.05 -25.71
CA SER B 276 -17.30 -14.86 -26.24
C SER B 276 -16.96 -13.62 -25.39
N ARG B 277 -16.90 -13.77 -24.07
CA ARG B 277 -16.62 -12.61 -23.24
C ARG B 277 -15.25 -11.99 -23.52
N ILE B 278 -14.26 -12.84 -23.80
CA ILE B 278 -12.89 -12.35 -24.01
C ILE B 278 -12.67 -11.95 -25.47
N GLY B 279 -13.61 -12.29 -26.34
CA GLY B 279 -13.58 -11.79 -27.72
C GLY B 279 -13.10 -12.77 -28.77
N GLY B 280 -13.08 -14.05 -28.44
CA GLY B 280 -12.76 -15.06 -29.46
C GLY B 280 -11.54 -15.89 -29.11
N LEU B 281 -11.21 -16.81 -30.00
CA LEU B 281 -10.10 -17.75 -29.76
C LEU B 281 -8.74 -17.07 -29.75
N GLN B 282 -8.59 -16.01 -30.53
CA GLN B 282 -7.31 -15.28 -30.54
C GLN B 282 -6.99 -14.75 -29.13
N HIS B 283 -7.97 -14.16 -28.47
CA HIS B 283 -7.78 -13.65 -27.12
C HIS B 283 -7.80 -14.76 -26.08
N MET B 284 -8.59 -15.79 -26.33
CA MET B 284 -8.64 -16.93 -25.40
C MET B 284 -7.29 -17.65 -25.35
N ARG B 285 -6.60 -17.76 -26.49
CA ARG B 285 -5.29 -18.42 -26.45
C ARG B 285 -4.24 -17.55 -25.76
N ALA B 286 -4.34 -16.23 -25.90
CA ALA B 286 -3.46 -15.33 -25.13
C ALA B 286 -3.72 -15.50 -23.63
N PHE B 287 -5.00 -15.59 -23.28
CA PHE B 287 -5.41 -15.80 -21.90
C PHE B 287 -4.85 -17.11 -21.36
N ARG B 288 -4.94 -18.16 -22.15
CA ARG B 288 -4.40 -19.47 -21.77
C ARG B 288 -2.91 -19.39 -21.47
N ASP B 289 -2.16 -18.70 -22.34
CA ASP B 289 -0.72 -18.54 -22.15
C ASP B 289 -0.40 -17.74 -20.90
N PHE B 290 -1.24 -16.75 -20.63
N PHE B 290 -1.23 -16.73 -20.60
CA PHE B 290 -1.10 -15.95 -19.45
CA PHE B 290 -1.05 -15.94 -19.39
C PHE B 290 -1.24 -16.82 -18.20
C PHE B 290 -1.25 -16.82 -18.15
N CYS B 291 -2.28 -17.64 -18.17
CA CYS B 291 -2.57 -18.49 -17.02
C CYS B 291 -1.49 -19.54 -16.84
N ALA B 292 -0.95 -20.03 -17.96
CA ALA B 292 0.11 -21.02 -17.84
C ALA B 292 1.36 -20.40 -17.23
N ALA B 293 1.68 -19.18 -17.63
CA ALA B 293 2.84 -18.49 -17.07
C ALA B 293 2.65 -18.24 -15.58
N ARG B 294 1.42 -18.03 -15.17
CA ARG B 294 1.11 -17.68 -13.77
C ARG B 294 0.68 -18.88 -12.94
N ASN B 295 0.61 -20.07 -13.54
CA ASN B 295 0.11 -21.26 -12.84
C ASN B 295 -1.30 -21.09 -12.27
N LEU B 296 -2.19 -20.45 -13.04
CA LEU B 296 -3.56 -20.26 -12.61
C LEU B 296 -4.53 -21.15 -13.39
N PRO B 297 -5.29 -22.00 -12.68
CA PRO B 297 -6.25 -22.86 -13.36
C PRO B 297 -7.42 -22.07 -13.93
N HIS B 298 -8.02 -22.58 -15.01
CA HIS B 298 -9.16 -21.90 -15.59
C HIS B 298 -10.04 -22.88 -16.34
N THR B 299 -11.31 -22.53 -16.46
CA THR B 299 -12.20 -23.29 -17.35
C THR B 299 -12.06 -22.81 -18.78
N CYS B 300 -12.70 -23.52 -19.70
CA CYS B 300 -12.73 -23.16 -21.12
C CYS B 300 -14.16 -23.27 -21.57
N ASP B 301 -14.92 -22.20 -21.34
CA ASP B 301 -16.36 -22.24 -21.52
C ASP B 301 -16.83 -21.22 -22.54
N ASP B 302 -18.13 -21.22 -22.78
CA ASP B 302 -18.79 -20.05 -23.34
C ASP B 302 -20.14 -19.94 -22.66
N ALA B 303 -20.90 -18.92 -23.02
CA ALA B 303 -22.17 -18.64 -22.37
C ALA B 303 -23.19 -19.75 -22.64
N TRP B 304 -23.34 -20.07 -23.93
CA TRP B 304 -24.30 -21.05 -24.39
C TRP B 304 -24.01 -21.24 -25.87
N GLY B 305 -24.69 -22.18 -26.51
CA GLY B 305 -24.57 -22.30 -27.94
C GLY B 305 -24.65 -23.74 -28.40
N GLY B 306 -24.66 -23.93 -29.72
CA GLY B 306 -24.66 -25.25 -30.29
C GLY B 306 -23.28 -25.76 -30.66
N ASP B 307 -23.23 -26.57 -31.71
CA ASP B 307 -22.03 -27.31 -32.09
C ASP B 307 -20.84 -26.41 -32.38
N ILE B 308 -21.11 -25.23 -32.90
CA ILE B 308 -20.03 -24.33 -33.31
C ILE B 308 -19.30 -23.78 -32.08
N VAL B 309 -20.05 -23.19 -31.16
CA VAL B 309 -19.46 -22.74 -29.90
C VAL B 309 -18.77 -23.88 -29.16
N SER B 310 -19.45 -25.02 -29.07
CA SER B 310 -18.92 -26.15 -28.33
C SER B 310 -17.63 -26.68 -28.95
N ALA B 311 -17.55 -26.69 -30.27
CA ALA B 311 -16.30 -27.09 -30.95
C ALA B 311 -15.19 -26.11 -30.59
N ALA B 312 -15.48 -24.81 -30.65
CA ALA B 312 -14.47 -23.82 -30.32
C ALA B 312 -13.91 -24.03 -28.90
N CYS B 313 -14.81 -24.27 -27.94
CA CYS B 313 -14.36 -24.44 -26.55
C CYS B 313 -13.53 -25.69 -26.41
N THR B 314 -13.91 -26.74 -27.13
CA THR B 314 -13.21 -28.01 -27.01
C THR B 314 -11.80 -27.88 -27.59
N HIS B 315 -11.68 -27.19 -28.72
CA HIS B 315 -10.38 -27.00 -29.36
C HIS B 315 -9.41 -26.25 -28.48
N ILE B 316 -9.82 -25.12 -27.91
CA ILE B 316 -8.91 -24.40 -27.02
C ILE B 316 -8.61 -25.24 -25.78
N ALA B 317 -9.63 -25.89 -25.21
CA ALA B 317 -9.43 -26.67 -23.99
C ALA B 317 -8.36 -27.74 -24.17
N SER B 318 -8.26 -28.27 -25.39
CA SER B 318 -7.34 -29.37 -25.64
C SER B 318 -5.88 -28.93 -25.58
N THR B 319 -5.65 -27.61 -25.61
CA THR B 319 -4.30 -27.07 -25.66
C THR B 319 -3.80 -26.62 -24.29
N VAL B 320 -4.64 -26.82 -23.27
CA VAL B 320 -4.32 -26.38 -21.90
C VAL B 320 -3.72 -27.55 -21.16
N LEU B 321 -2.69 -27.31 -20.36
CA LEU B 321 -2.15 -28.37 -19.51
C LEU B 321 -3.29 -28.93 -18.66
N PRO B 322 -3.48 -30.25 -18.68
CA PRO B 322 -4.65 -30.79 -17.96
C PRO B 322 -4.76 -30.40 -16.49
N ARG B 323 -3.64 -30.29 -15.78
N ARG B 323 -3.63 -30.27 -15.79
CA ARG B 323 -3.71 -29.92 -14.36
CA ARG B 323 -3.65 -29.89 -14.37
C ARG B 323 -4.23 -28.49 -14.15
C ARG B 323 -4.22 -28.49 -14.16
N LEU B 324 -4.15 -27.66 -15.19
CA LEU B 324 -4.68 -26.29 -15.10
C LEU B 324 -6.04 -26.14 -15.74
N MET B 325 -6.49 -27.16 -16.46
CA MET B 325 -7.77 -27.04 -17.15
C MET B 325 -8.91 -27.54 -16.27
N GLU B 326 -9.69 -26.61 -15.74
CA GLU B 326 -10.74 -26.94 -14.77
C GLU B 326 -11.95 -27.60 -15.42
N GLY B 327 -11.97 -27.58 -16.74
CA GLY B 327 -13.02 -28.26 -17.47
C GLY B 327 -13.62 -27.36 -18.55
N ALA B 328 -14.07 -27.97 -19.64
CA ALA B 328 -14.83 -27.23 -20.66
C ALA B 328 -16.32 -27.51 -20.46
N TRP B 329 -17.05 -26.49 -20.02
CA TRP B 329 -18.48 -26.63 -19.89
C TRP B 329 -19.12 -26.43 -21.25
N LEU B 330 -20.04 -27.33 -21.62
CA LEU B 330 -20.74 -27.20 -22.88
C LEU B 330 -22.22 -27.10 -22.63
N ALA B 331 -22.91 -26.34 -23.48
CA ALA B 331 -24.38 -26.31 -23.45
C ALA B 331 -24.99 -27.56 -24.06
N GLN B 332 -24.16 -28.37 -24.72
CA GLN B 332 -24.62 -29.54 -25.48
C GLN B 332 -25.72 -30.39 -24.82
N PRO B 333 -25.56 -30.74 -23.52
CA PRO B 333 -26.61 -31.58 -22.92
C PRO B 333 -27.96 -30.89 -22.84
N TYR B 334 -27.98 -29.56 -22.89
CA TYR B 334 -29.22 -28.79 -22.79
C TYR B 334 -29.78 -28.40 -24.15
N VAL B 335 -29.09 -28.82 -25.22
CA VAL B 335 -29.48 -28.45 -26.57
C VAL B 335 -30.02 -29.67 -27.32
N ALA B 336 -31.28 -29.57 -27.74
CA ALA B 336 -31.97 -30.70 -28.35
C ALA B 336 -31.31 -31.17 -29.66
N GLU B 337 -30.87 -30.21 -30.47
CA GLU B 337 -30.48 -30.50 -31.85
C GLU B 337 -29.00 -30.23 -32.12
N HIS B 338 -28.36 -31.10 -32.90
CA HIS B 338 -27.01 -30.84 -33.37
C HIS B 338 -27.10 -30.20 -34.76
N TYR B 339 -26.18 -29.27 -35.06
CA TYR B 339 -26.07 -28.72 -36.41
C TYR B 339 -25.44 -29.78 -37.32
N ASP B 340 -24.49 -30.51 -36.76
CA ASP B 340 -23.84 -31.62 -37.43
C ASP B 340 -23.93 -32.79 -36.46
N ALA B 341 -24.92 -33.66 -36.66
CA ALA B 341 -25.15 -34.77 -35.73
C ALA B 341 -24.00 -35.78 -35.69
N GLU B 342 -23.29 -35.94 -36.81
CA GLU B 342 -22.17 -36.88 -36.88
C GLU B 342 -20.95 -36.40 -36.11
N ASN B 343 -20.56 -35.15 -36.32
CA ASN B 343 -19.29 -34.64 -35.81
C ASN B 343 -19.39 -33.68 -34.62
N GLY B 344 -20.61 -33.28 -34.25
CA GLY B 344 -20.78 -32.33 -33.16
C GLY B 344 -20.25 -32.89 -31.84
N VAL B 345 -19.49 -32.10 -31.09
CA VAL B 345 -18.92 -32.64 -29.85
C VAL B 345 -20.02 -32.94 -28.84
N ARG B 346 -19.77 -33.88 -27.95
CA ARG B 346 -20.69 -34.17 -26.86
C ARG B 346 -19.98 -34.69 -25.63
N ILE B 347 -20.61 -34.52 -24.48
CA ILE B 347 -20.03 -34.99 -23.23
C ILE B 347 -20.38 -36.46 -23.03
N GLU B 348 -19.33 -37.28 -22.85
CA GLU B 348 -19.50 -38.72 -22.65
C GLU B 348 -18.67 -39.13 -21.44
N GLY B 349 -19.32 -39.73 -20.45
CA GLY B 349 -18.63 -40.06 -19.22
C GLY B 349 -17.94 -38.86 -18.58
N GLY B 350 -18.57 -37.69 -18.69
CA GLY B 350 -18.05 -36.48 -18.06
C GLY B 350 -16.85 -35.85 -18.78
N ARG B 351 -16.55 -36.36 -19.97
CA ARG B 351 -15.41 -35.87 -20.73
C ARG B 351 -15.79 -35.61 -22.19
N ILE B 352 -14.89 -34.96 -22.94
CA ILE B 352 -15.19 -34.60 -24.32
C ILE B 352 -14.05 -35.02 -25.24
N ARG B 353 -14.38 -35.83 -26.25
CA ARG B 353 -13.38 -36.20 -27.25
C ARG B 353 -13.09 -35.01 -28.17
N VAL B 354 -11.80 -34.75 -28.40
CA VAL B 354 -11.36 -33.62 -29.21
C VAL B 354 -11.46 -33.95 -30.71
N PRO B 355 -12.10 -33.06 -31.50
CA PRO B 355 -12.22 -33.28 -32.95
C PRO B 355 -10.87 -33.25 -33.66
N GLN B 356 -10.73 -34.04 -34.71
CA GLN B 356 -9.43 -34.17 -35.36
C GLN B 356 -9.45 -33.76 -36.84
N GLY B 357 -10.63 -33.48 -37.38
CA GLY B 357 -10.74 -33.04 -38.76
C GLY B 357 -10.28 -31.60 -38.94
N PRO B 358 -10.25 -31.12 -40.19
CA PRO B 358 -9.84 -29.74 -40.48
C PRO B 358 -10.78 -28.72 -39.86
N GLY B 359 -10.24 -27.57 -39.47
CA GLY B 359 -11.05 -26.53 -38.85
C GLY B 359 -11.68 -26.97 -37.54
N LEU B 360 -12.90 -26.51 -37.29
CA LEU B 360 -13.62 -26.91 -36.07
C LEU B 360 -14.00 -28.38 -36.07
N GLY B 361 -13.97 -29.02 -37.23
CA GLY B 361 -14.31 -30.43 -37.35
C GLY B 361 -15.79 -30.65 -37.64
N LEU B 362 -16.46 -29.62 -38.15
CA LEU B 362 -17.90 -29.69 -38.46
C LEU B 362 -18.19 -29.53 -39.92
N THR B 363 -19.24 -30.19 -40.40
CA THR B 363 -19.75 -29.97 -41.75
C THR B 363 -21.23 -29.69 -41.60
N ILE B 364 -21.59 -28.43 -41.84
CA ILE B 364 -22.95 -27.95 -41.71
C ILE B 364 -23.44 -27.51 -43.08
N ASP B 365 -24.65 -27.91 -43.43
CA ASP B 365 -25.23 -27.55 -44.71
C ASP B 365 -25.32 -26.02 -44.78
N PRO B 366 -24.92 -25.43 -45.92
CA PRO B 366 -24.91 -23.97 -46.04
C PRO B 366 -26.30 -23.35 -45.87
N GLU B 367 -27.36 -24.13 -46.10
CA GLU B 367 -28.73 -23.63 -45.93
C GLU B 367 -29.37 -24.10 -44.64
N ARG B 368 -28.56 -24.66 -43.75
CA ARG B 368 -29.04 -25.19 -42.47
C ARG B 368 -29.88 -24.22 -41.65
N PHE B 369 -29.55 -22.93 -41.71
CA PHE B 369 -30.22 -21.95 -40.87
C PHE B 369 -31.20 -21.08 -41.65
N GLY B 370 -31.52 -21.53 -42.86
CA GLY B 370 -32.42 -20.79 -43.72
C GLY B 370 -31.69 -19.67 -44.44
N PRO B 371 -32.45 -18.74 -45.05
CA PRO B 371 -31.80 -17.65 -45.77
C PRO B 371 -31.17 -16.65 -44.81
N PRO B 372 -30.15 -15.91 -45.26
CA PRO B 372 -29.46 -14.96 -44.39
C PRO B 372 -30.37 -13.83 -43.93
N LEU B 373 -30.23 -13.41 -42.68
CA LEU B 373 -30.92 -12.21 -42.19
C LEU B 373 -30.24 -10.97 -42.74
N PHE B 374 -28.96 -11.13 -43.05
CA PHE B 374 -28.13 -10.02 -43.47
C PHE B 374 -26.93 -10.60 -44.21
N SER B 375 -26.51 -9.94 -45.29
CA SER B 375 -25.32 -10.34 -46.04
C SER B 375 -24.52 -9.08 -46.34
N ALA B 376 -23.19 -9.17 -46.26
CA ALA B 376 -22.34 -8.08 -46.74
C ALA B 376 -21.05 -8.63 -47.32
N LEU C 10 -9.43 21.41 45.20
CA LEU C 10 -10.24 22.63 45.07
C LEU C 10 -11.37 22.41 44.07
N LYS C 11 -12.60 22.53 44.54
CA LYS C 11 -13.76 22.19 43.73
C LYS C 11 -14.43 23.40 43.12
N ILE C 12 -15.13 23.18 42.01
CA ILE C 12 -15.88 24.21 41.35
C ILE C 12 -17.20 24.41 42.10
N ALA C 13 -17.48 25.64 42.50
CA ALA C 13 -18.72 25.95 43.22
C ALA C 13 -19.80 26.48 42.29
N GLU C 14 -19.38 27.28 41.30
CA GLU C 14 -20.32 27.98 40.42
C GLU C 14 -19.69 28.29 39.06
N ILE C 15 -20.50 28.27 37.99
CA ILE C 15 -20.04 28.64 36.66
C ILE C 15 -20.97 29.70 36.10
N GLN C 16 -20.41 30.77 35.57
CA GLN C 16 -21.21 31.81 34.94
C GLN C 16 -20.83 31.96 33.48
N LEU C 17 -21.84 32.17 32.63
CA LEU C 17 -21.59 32.33 31.20
C LEU C 17 -21.98 33.73 30.74
N PHE C 18 -21.18 34.32 29.86
CA PHE C 18 -21.47 35.64 29.31
C PHE C 18 -21.20 35.67 27.81
N GLN C 19 -21.77 36.66 27.12
CA GLN C 19 -21.34 36.95 25.76
C GLN C 19 -20.98 38.42 25.57
N HIS C 20 -20.18 38.70 24.55
CA HIS C 20 -19.66 40.05 24.33
C HIS C 20 -19.28 40.28 22.87
N ASP C 21 -19.55 41.48 22.36
CA ASP C 21 -19.28 41.83 20.97
C ASP C 21 -17.85 42.35 20.71
N LEU C 22 -17.24 41.89 19.61
CA LEU C 22 -15.89 42.31 19.22
C LEU C 22 -15.83 42.67 17.73
N PRO C 23 -16.08 43.94 17.39
CA PRO C 23 -16.00 44.33 15.98
C PRO C 23 -14.58 44.40 15.41
N VAL C 24 -14.40 43.88 14.21
CA VAL C 24 -13.08 43.85 13.55
C VAL C 24 -12.60 45.25 13.19
N VAL C 25 -11.59 45.73 13.93
CA VAL C 25 -10.99 47.04 13.64
C VAL C 25 -10.43 47.02 12.23
N ASN C 26 -10.95 47.91 11.39
CA ASN C 26 -10.49 48.08 10.01
C ASN C 26 -10.68 46.83 9.15
N GLY C 27 -11.80 46.15 9.39
CA GLY C 27 -12.17 44.98 8.62
C GLY C 27 -12.91 45.31 7.34
N PRO C 28 -13.48 44.28 6.67
CA PRO C 28 -13.54 42.92 7.19
C PRO C 28 -12.21 42.18 7.08
N TYR C 29 -12.14 41.03 7.74
CA TYR C 29 -11.02 40.10 7.63
C TYR C 29 -11.49 39.00 6.70
N ARG C 30 -10.95 38.98 5.48
CA ARG C 30 -11.45 38.09 4.43
C ARG C 30 -10.81 36.71 4.40
N ILE C 31 -11.66 35.68 4.47
CA ILE C 31 -11.25 34.28 4.45
C ILE C 31 -12.04 33.58 3.35
N ALA C 32 -11.43 32.63 2.66
CA ALA C 32 -12.11 31.90 1.59
C ALA C 32 -13.41 31.26 2.08
N SER C 33 -13.38 30.74 3.30
CA SER C 33 -14.55 30.09 3.90
C SER C 33 -15.63 31.07 4.36
N GLY C 34 -15.34 32.37 4.29
CA GLY C 34 -16.30 33.40 4.68
C GLY C 34 -15.66 34.53 5.47
N ASP C 35 -15.98 35.77 5.10
CA ASP C 35 -15.40 36.95 5.75
C ASP C 35 -16.01 37.24 7.13
N VAL C 36 -15.35 38.10 7.90
CA VAL C 36 -15.87 38.51 9.21
C VAL C 36 -15.80 40.03 9.42
N TRP C 37 -16.86 40.59 9.97
CA TRP C 37 -16.93 42.03 10.23
C TRP C 37 -17.00 42.31 11.72
N SER C 38 -17.65 41.42 12.46
CA SER C 38 -17.70 41.51 13.93
C SER C 38 -17.95 40.12 14.51
N LEU C 39 -17.42 39.87 15.70
CA LEU C 39 -17.50 38.56 16.32
C LEU C 39 -18.13 38.61 17.71
N THR C 40 -18.96 37.62 18.04
CA THR C 40 -19.53 37.50 19.37
C THR C 40 -18.70 36.50 20.17
N THR C 41 -18.03 36.96 21.21
CA THR C 41 -17.23 36.05 22.02
C THR C 41 -18.07 35.48 23.17
N THR C 42 -17.68 34.31 23.67
CA THR C 42 -18.39 33.67 24.78
C THR C 42 -17.41 33.47 25.93
N ILE C 43 -17.76 34.04 27.08
CA ILE C 43 -16.91 34.08 28.26
C ILE C 43 -17.41 33.15 29.36
N VAL C 44 -16.47 32.42 29.95
CA VAL C 44 -16.76 31.57 31.09
C VAL C 44 -16.05 32.08 32.34
N LYS C 45 -16.76 32.16 33.46
CA LYS C 45 -16.14 32.44 34.75
C LYS C 45 -16.39 31.27 35.67
N ILE C 46 -15.32 30.59 36.08
CA ILE C 46 -15.45 29.52 37.06
C ILE C 46 -15.13 30.06 38.44
N ILE C 47 -15.99 29.78 39.41
CA ILE C 47 -15.79 30.23 40.78
C ILE C 47 -15.60 29.00 41.67
N ALA C 48 -14.46 28.96 42.35
CA ALA C 48 -14.15 27.85 43.24
C ALA C 48 -14.82 28.05 44.60
N GLU C 49 -14.80 27.01 45.42
CA GLU C 49 -15.45 27.08 46.73
C GLU C 49 -14.87 28.16 47.63
N ASP C 50 -13.63 28.58 47.36
CA ASP C 50 -13.00 29.59 48.20
C ASP C 50 -13.12 30.99 47.60
N GLY C 51 -13.88 31.09 46.52
CA GLY C 51 -14.18 32.38 45.90
C GLY C 51 -13.21 32.81 44.82
N THR C 52 -12.12 32.07 44.65
CA THR C 52 -11.16 32.40 43.59
C THR C 52 -11.82 32.14 42.24
N ILE C 53 -11.48 32.93 41.24
CA ILE C 53 -12.11 32.78 39.93
C ILE C 53 -11.09 32.47 38.84
N GLY C 54 -11.58 31.83 37.78
CA GLY C 54 -10.77 31.60 36.60
C GLY C 54 -11.60 31.98 35.40
N TRP C 55 -10.97 32.61 34.41
CA TRP C 55 -11.67 33.05 33.19
C TRP C 55 -11.32 32.18 31.98
N GLY C 56 -12.31 31.93 31.14
CA GLY C 56 -12.11 31.21 29.89
C GLY C 56 -12.88 31.90 28.78
N GLU C 57 -12.55 31.59 27.53
CA GLU C 57 -13.17 32.28 26.41
C GLU C 57 -13.10 31.42 25.16
N THR C 58 -14.13 31.51 24.32
CA THR C 58 -14.11 30.89 23.00
C THR C 58 -14.88 31.76 22.02
N CYS C 59 -14.30 32.00 20.85
CA CYS C 59 -14.89 32.92 19.90
C CYS C 59 -14.65 32.44 18.49
N PRO C 60 -15.61 31.66 17.94
CA PRO C 60 -15.47 31.20 16.55
C PRO C 60 -15.34 32.39 15.61
N VAL C 61 -14.63 32.19 14.50
CA VAL C 61 -14.40 33.27 13.55
C VAL C 61 -15.49 33.24 12.49
N GLY C 62 -16.68 33.64 12.90
CA GLY C 62 -17.85 33.52 12.04
C GLY C 62 -18.37 32.10 12.05
N PRO C 63 -19.60 31.90 11.56
CA PRO C 63 -20.26 30.59 11.60
C PRO C 63 -19.88 29.66 10.46
N THR C 64 -19.13 30.12 9.46
CA THR C 64 -18.82 29.25 8.32
C THR C 64 -17.37 28.78 8.22
N TYR C 65 -16.51 29.25 9.11
CA TYR C 65 -15.09 28.86 9.05
C TYR C 65 -14.90 27.42 9.47
N ALA C 66 -15.56 27.04 10.56
CA ALA C 66 -15.46 25.67 11.07
C ALA C 66 -16.81 25.27 11.64
N GLU C 67 -16.90 24.04 12.15
CA GLU C 67 -18.17 23.59 12.74
C GLU C 67 -18.31 24.15 14.14
N ALA C 68 -18.60 25.44 14.21
CA ALA C 68 -18.61 26.16 15.47
C ALA C 68 -19.24 27.52 15.24
N HIS C 69 -20.05 27.99 16.20
CA HIS C 69 -20.61 29.34 16.13
C HIS C 69 -20.92 29.85 17.53
N ALA C 70 -21.08 31.17 17.68
CA ALA C 70 -21.24 31.75 19.02
C ALA C 70 -22.45 31.15 19.75
N GLY C 71 -23.56 30.97 19.04
CA GLY C 71 -24.75 30.42 19.67
C GLY C 71 -24.54 29.00 20.12
N GLY C 72 -23.71 28.28 19.36
CA GLY C 72 -23.38 26.91 19.68
C GLY C 72 -22.48 26.82 20.90
N ALA C 73 -21.55 27.76 21.01
CA ALA C 73 -20.67 27.81 22.17
C ALA C 73 -21.51 27.96 23.44
N LEU C 74 -22.43 28.91 23.41
CA LEU C 74 -23.25 29.16 24.58
C LEU C 74 -24.12 27.95 24.92
N ALA C 75 -24.76 27.37 23.91
CA ALA C 75 -25.63 26.22 24.15
C ALA C 75 -24.84 25.05 24.74
N ALA C 76 -23.66 24.80 24.21
CA ALA C 76 -22.85 23.70 24.70
C ALA C 76 -22.35 23.97 26.12
N LEU C 77 -21.94 25.20 26.38
CA LEU C 77 -21.45 25.57 27.70
C LEU C 77 -22.56 25.48 28.76
N GLU C 78 -23.81 25.70 28.36
CA GLU C 78 -24.93 25.54 29.29
C GLU C 78 -25.03 24.10 29.75
N VAL C 79 -24.90 23.16 28.81
CA VAL C 79 -24.92 21.74 29.12
C VAL C 79 -23.74 21.38 30.02
N LEU C 80 -22.54 21.80 29.62
CA LEU C 80 -21.34 21.52 30.40
C LEU C 80 -21.40 22.13 31.80
N ALA C 81 -21.77 23.41 31.90
CA ALA C 81 -21.81 24.05 33.22
C ALA C 81 -22.79 23.34 34.14
N SER C 82 -23.90 22.86 33.59
CA SER C 82 -24.98 22.31 34.42
C SER C 82 -24.58 21.04 35.17
N GLY C 83 -23.49 20.43 34.75
CA GLY C 83 -23.02 19.21 35.40
C GLY C 83 -21.66 19.33 36.07
N LEU C 84 -21.13 20.55 36.17
CA LEU C 84 -19.75 20.70 36.64
C LEU C 84 -19.57 21.09 38.10
N ALA C 85 -20.64 21.56 38.75
CA ALA C 85 -20.55 21.88 40.18
C ALA C 85 -20.06 20.68 40.97
N GLY C 86 -19.10 20.91 41.85
CA GLY C 86 -18.53 19.82 42.64
C GLY C 86 -17.36 19.13 41.97
N ALA C 87 -17.14 19.39 40.69
CA ALA C 87 -15.99 18.82 39.99
C ALA C 87 -14.70 19.46 40.47
N GLU C 88 -13.61 18.70 40.44
CA GLU C 88 -12.31 19.22 40.83
C GLU C 88 -11.76 20.14 39.74
N ALA C 89 -11.19 21.27 40.13
CA ALA C 89 -10.65 22.24 39.17
C ALA C 89 -9.25 21.85 38.69
N LEU C 90 -9.14 20.66 38.11
CA LEU C 90 -7.90 20.19 37.51
C LEU C 90 -8.25 19.69 36.11
N PRO C 91 -7.29 19.79 35.17
CA PRO C 91 -7.54 19.50 33.75
C PRO C 91 -8.08 18.10 33.47
N LEU C 92 -7.49 17.05 34.04
CA LEU C 92 -7.98 15.70 33.74
C LEU C 92 -9.35 15.41 34.36
N PRO C 93 -9.54 15.72 35.66
CA PRO C 93 -10.90 15.58 36.19
C PRO C 93 -11.93 16.41 35.40
N LEU C 94 -11.55 17.62 34.99
CA LEU C 94 -12.48 18.45 34.23
C LEU C 94 -12.86 17.81 32.90
N HIS C 95 -11.87 17.37 32.14
CA HIS C 95 -12.17 16.80 30.82
C HIS C 95 -12.95 15.50 30.91
N THR C 96 -12.63 14.68 31.91
CA THR C 96 -13.36 13.44 32.12
C THR C 96 -14.83 13.74 32.38
N ARG C 97 -15.10 14.72 33.23
CA ARG C 97 -16.48 15.09 33.53
C ARG C 97 -17.17 15.70 32.31
N MET C 98 -16.48 16.62 31.63
CA MET C 98 -17.03 17.25 30.43
C MET C 98 -17.42 16.23 29.37
N ASP C 99 -16.55 15.24 29.13
CA ASP C 99 -16.81 14.20 28.15
C ASP C 99 -17.99 13.32 28.55
N SER C 100 -18.29 13.24 29.84
CA SER C 100 -19.42 12.43 30.29
C SER C 100 -20.73 13.22 30.16
N LEU C 101 -20.64 14.52 29.88
CA LEU C 101 -21.80 15.40 29.77
C LEU C 101 -22.18 15.73 28.33
N LEU C 102 -21.18 15.75 27.45
CA LEU C 102 -21.38 16.21 26.08
C LEU C 102 -20.31 15.63 25.17
N CYS C 103 -20.74 15.00 24.07
CA CYS C 103 -19.83 14.47 23.06
C CYS C 103 -19.32 15.60 22.17
N GLY C 104 -18.01 15.63 21.94
CA GLY C 104 -17.42 16.62 21.04
C GLY C 104 -17.56 18.04 21.54
N HIS C 105 -17.85 18.97 20.63
CA HIS C 105 -17.92 20.39 20.95
C HIS C 105 -16.64 20.89 21.60
N ASN C 106 -15.49 20.56 21.02
CA ASN C 106 -14.20 20.95 21.59
C ASN C 106 -14.11 22.46 21.83
N TYR C 107 -14.67 23.25 20.93
CA TYR C 107 -14.51 24.70 21.07
C TYR C 107 -15.20 25.24 22.31
N ALA C 108 -16.26 24.58 22.75
CA ALA C 108 -16.92 24.97 23.99
C ALA C 108 -16.12 24.47 25.18
N LYS C 109 -15.71 23.21 25.12
CA LYS C 109 -14.92 22.64 26.21
C LYS C 109 -13.64 23.41 26.45
N SER C 110 -13.06 23.97 25.39
CA SER C 110 -11.81 24.74 25.50
C SER C 110 -11.95 25.90 26.47
N ALA C 111 -13.10 26.56 26.44
CA ALA C 111 -13.29 27.73 27.29
C ALA C 111 -13.25 27.35 28.76
N LEU C 112 -13.84 26.22 29.11
CA LEU C 112 -13.81 25.76 30.49
C LEU C 112 -12.41 25.29 30.86
N ASP C 113 -11.73 24.65 29.90
CA ASP C 113 -10.35 24.22 30.12
C ASP C 113 -9.46 25.41 30.43
N ILE C 114 -9.61 26.49 29.67
CA ILE C 114 -8.78 27.66 29.91
C ILE C 114 -9.07 28.25 31.28
N ALA C 115 -10.34 28.32 31.64
CA ALA C 115 -10.73 28.84 32.95
C ALA C 115 -10.17 27.99 34.09
N VAL C 116 -10.12 26.68 33.88
CA VAL C 116 -9.53 25.79 34.88
C VAL C 116 -8.04 26.03 35.03
N HIS C 117 -7.32 26.25 33.93
CA HIS C 117 -5.89 26.50 34.04
C HIS C 117 -5.60 27.83 34.72
N ASP C 118 -6.43 28.84 34.45
CA ASP C 118 -6.32 30.15 35.10
C ASP C 118 -6.48 29.99 36.61
N LEU C 119 -7.53 29.30 37.00
CA LEU C 119 -7.85 29.10 38.41
C LEU C 119 -6.76 28.32 39.13
N TRP C 120 -6.28 27.27 38.46
CA TRP C 120 -5.26 26.38 39.01
C TRP C 120 -3.98 27.15 39.26
N GLY C 121 -3.57 27.94 38.27
CA GLY C 121 -2.37 28.75 38.41
C GLY C 121 -2.48 29.79 39.50
N LYS C 122 -3.67 30.35 39.67
CA LYS C 122 -3.88 31.33 40.74
C LYS C 122 -3.81 30.66 42.11
N ARG C 123 -4.37 29.46 42.21
CA ARG C 123 -4.32 28.72 43.48
C ARG C 123 -2.90 28.38 43.89
N LEU C 124 -2.09 27.98 42.91
CA LEU C 124 -0.72 27.57 43.20
C LEU C 124 0.27 28.74 43.17
N GLY C 125 -0.17 29.88 42.63
CA GLY C 125 0.68 31.06 42.57
C GLY C 125 1.73 31.02 41.46
N VAL C 126 1.40 30.32 40.37
CA VAL C 126 2.30 30.18 39.23
C VAL C 126 1.60 30.46 37.89
N PRO C 127 2.37 30.93 36.89
CA PRO C 127 1.80 31.17 35.56
C PRO C 127 1.30 29.90 34.89
N VAL C 128 0.34 30.02 33.98
CA VAL C 128 -0.11 28.85 33.24
C VAL C 128 1.04 28.16 32.53
N HIS C 129 2.01 28.92 32.01
CA HIS C 129 3.11 28.24 31.30
C HIS C 129 3.92 27.29 32.18
N GLU C 130 3.98 27.57 33.48
CA GLU C 130 4.63 26.64 34.40
C GLU C 130 3.81 25.35 34.52
N LEU C 131 2.50 25.50 34.64
CA LEU C 131 1.59 24.36 34.72
C LEU C 131 1.66 23.51 33.46
N LEU C 132 2.01 24.13 32.34
CA LEU C 132 2.13 23.42 31.09
C LEU C 132 3.51 22.81 30.89
N GLY C 133 4.37 22.91 31.90
CA GLY C 133 5.67 22.24 31.85
C GLY C 133 6.85 23.17 31.94
N GLY C 134 6.60 24.47 31.79
CA GLY C 134 7.66 25.47 31.94
C GLY C 134 7.99 26.20 30.65
N ALA C 135 7.93 27.52 30.67
CA ALA C 135 8.28 28.31 29.49
C ALA C 135 9.75 28.12 29.12
N LEU C 136 10.03 28.08 27.83
CA LEU C 136 11.39 28.00 27.31
C LEU C 136 11.88 29.38 26.86
N THR C 137 10.98 30.36 26.88
CA THR C 137 11.31 31.70 26.40
C THR C 137 10.44 32.75 27.09
N ASP C 138 10.94 33.99 27.12
CA ASP C 138 10.23 35.12 27.72
C ASP C 138 9.43 35.92 26.69
N SER C 139 9.66 35.63 25.42
CA SER C 139 8.90 36.27 24.36
C SER C 139 8.76 35.28 23.22
N VAL C 140 7.61 35.30 22.55
CA VAL C 140 7.41 34.36 21.44
C VAL C 140 7.22 35.08 20.12
N SER C 141 7.53 34.39 19.03
CA SER C 141 7.34 34.97 17.71
C SER C 141 5.86 34.95 17.37
N SER C 142 5.46 35.77 16.40
CA SER C 142 4.09 35.75 15.89
C SER C 142 4.15 35.72 14.38
N TYR C 143 2.99 35.63 13.74
CA TYR C 143 2.95 35.76 12.29
C TYR C 143 1.77 36.61 11.93
N TYR C 144 1.88 37.34 10.81
CA TYR C 144 0.78 38.19 10.37
C TYR C 144 0.01 37.49 9.28
N SER C 145 -1.31 37.54 9.40
CA SER C 145 -2.21 36.95 8.42
C SER C 145 -2.80 38.03 7.53
N LEU C 146 -2.48 37.97 6.24
CA LEU C 146 -3.05 38.90 5.27
C LEU C 146 -4.35 38.35 4.74
N GLY C 147 -5.45 39.07 4.91
CA GLY C 147 -6.71 38.61 4.39
C GLY C 147 -6.70 38.57 2.87
N VAL C 148 -7.67 37.88 2.28
CA VAL C 148 -7.76 37.85 0.81
C VAL C 148 -7.95 39.27 0.30
N MET C 149 -7.05 39.71 -0.58
CA MET C 149 -7.07 41.08 -1.11
C MET C 149 -6.40 41.12 -2.48
N GLU C 150 -6.48 42.27 -3.16
CA GLU C 150 -5.81 42.43 -4.45
C GLU C 150 -4.34 42.08 -4.31
N PRO C 151 -3.78 41.34 -5.30
CA PRO C 151 -2.37 40.93 -5.27
C PRO C 151 -1.39 42.08 -4.99
N ASP C 152 -1.58 43.23 -5.63
CA ASP C 152 -0.73 44.39 -5.39
C ASP C 152 -0.80 44.87 -3.92
N GLU C 153 -1.98 44.82 -3.33
CA GLU C 153 -2.16 45.27 -1.95
C GLU C 153 -1.53 44.27 -0.99
N ALA C 154 -1.65 42.99 -1.31
CA ALA C 154 -1.05 41.93 -0.48
C ALA C 154 0.47 42.08 -0.45
N ALA C 155 1.07 42.38 -1.59
CA ALA C 155 2.52 42.54 -1.65
C ALA C 155 2.98 43.75 -0.82
N ARG C 156 2.27 44.87 -0.90
CA ARG C 156 2.67 46.04 -0.11
C ARG C 156 2.51 45.76 1.39
N GLN C 157 1.40 45.11 1.76
CA GLN C 157 1.17 44.81 3.17
C GLN C 157 2.22 43.82 3.68
N ALA C 158 2.56 42.87 2.83
CA ALA C 158 3.61 41.91 3.16
C ALA C 158 4.90 42.65 3.50
N LEU C 159 5.26 43.61 2.65
CA LEU C 159 6.46 44.40 2.85
C LEU C 159 6.42 45.17 4.17
N GLU C 160 5.27 45.78 4.47
CA GLU C 160 5.16 46.57 5.68
C GLU C 160 5.29 45.71 6.93
N LYS C 161 4.68 44.53 6.90
CA LYS C 161 4.70 43.64 8.07
C LYS C 161 6.07 43.01 8.26
N GLN C 162 6.73 42.64 7.16
CA GLN C 162 8.11 42.20 7.24
C GLN C 162 9.00 43.27 7.88
N ARG C 163 8.85 44.51 7.41
CA ARG C 163 9.70 45.59 7.94
C ARG C 163 9.35 45.90 9.40
N GLU C 164 8.13 45.57 9.79
CA GLU C 164 7.67 45.79 11.16
C GLU C 164 8.29 44.78 12.15
N GLY C 165 8.74 43.64 11.61
CA GLY C 165 9.48 42.69 12.42
C GLY C 165 8.90 41.28 12.52
N TYR C 166 7.79 41.04 11.83
CA TYR C 166 7.22 39.69 11.83
C TYR C 166 8.19 38.69 11.21
N SER C 167 8.29 37.53 11.82
CA SER C 167 9.20 36.49 11.33
C SER C 167 8.53 35.62 10.27
N ARG C 168 7.22 35.78 10.11
CA ARG C 168 6.45 34.90 9.24
C ARG C 168 5.16 35.60 8.78
N LEU C 169 4.74 35.29 7.55
CA LEU C 169 3.54 35.87 6.95
C LEU C 169 2.69 34.76 6.43
N GLN C 170 1.40 34.82 6.70
CA GLN C 170 0.43 33.93 6.11
C GLN C 170 -0.38 34.73 5.08
N VAL C 171 -0.43 34.24 3.86
CA VAL C 171 -1.22 34.92 2.84
C VAL C 171 -2.52 34.13 2.63
N LYS C 172 -3.66 34.73 2.98
CA LYS C 172 -4.93 34.04 2.76
C LYS C 172 -5.32 34.13 1.29
N LEU C 173 -5.80 33.00 0.75
CA LEU C 173 -6.08 32.88 -0.68
C LEU C 173 -7.44 32.20 -0.88
N GLY C 174 -7.91 32.17 -2.13
CA GLY C 174 -9.13 31.45 -2.45
C GLY C 174 -10.39 32.27 -2.67
N ALA C 175 -11.50 31.58 -2.97
CA ALA C 175 -12.79 32.21 -3.26
C ALA C 175 -12.72 33.13 -4.47
N ARG C 176 -11.82 32.81 -5.40
CA ARG C 176 -11.62 33.56 -6.64
C ARG C 176 -10.77 32.67 -7.53
N PRO C 177 -10.63 33.01 -8.83
CA PRO C 177 -9.83 32.16 -9.71
C PRO C 177 -8.41 31.89 -9.19
N ILE C 178 -7.92 30.68 -9.39
CA ILE C 178 -6.60 30.32 -8.87
C ILE C 178 -5.51 31.22 -9.50
N GLU C 179 -5.77 31.73 -10.71
CA GLU C 179 -4.84 32.63 -11.38
C GLU C 179 -4.52 33.83 -10.50
N ILE C 180 -5.52 34.35 -9.82
CA ILE C 180 -5.32 35.51 -8.95
C ILE C 180 -4.55 35.14 -7.68
N ASP C 181 -4.80 33.95 -7.14
CA ASP C 181 -4.05 33.49 -5.97
C ASP C 181 -2.57 33.34 -6.32
N ILE C 182 -2.30 32.83 -7.51
CA ILE C 182 -0.93 32.64 -7.96
C ILE C 182 -0.27 33.99 -8.19
N GLU C 183 -1.00 34.95 -8.77
CA GLU C 183 -0.50 36.30 -8.92
C GLU C 183 -0.16 36.91 -7.55
N ALA C 184 -1.04 36.67 -6.58
CA ALA C 184 -0.84 37.20 -5.24
C ALA C 184 0.40 36.62 -4.55
N ILE C 185 0.55 35.30 -4.57
CA ILE C 185 1.71 34.72 -3.91
C ILE C 185 3.00 35.13 -4.62
N ARG C 186 2.93 35.30 -5.95
CA ARG C 186 4.11 35.71 -6.72
C ARG C 186 4.57 37.11 -6.39
N LYS C 187 3.60 38.03 -6.28
CA LYS C 187 3.94 39.40 -5.93
C LYS C 187 4.41 39.51 -4.48
N VAL C 188 3.78 38.77 -3.58
CA VAL C 188 4.23 38.77 -2.20
C VAL C 188 5.68 38.30 -2.15
N TRP C 189 5.99 37.26 -2.92
CA TRP C 189 7.34 36.75 -2.98
C TRP C 189 8.33 37.77 -3.57
N GLU C 190 7.92 38.47 -4.63
CA GLU C 190 8.81 39.48 -5.23
C GLU C 190 9.11 40.58 -4.22
N ALA C 191 8.18 40.81 -3.29
CA ALA C 191 8.38 41.83 -2.27
C ALA C 191 9.28 41.38 -1.14
N VAL C 192 9.14 40.12 -0.70
CA VAL C 192 9.83 39.71 0.53
C VAL C 192 11.04 38.79 0.31
N ARG C 193 11.23 38.31 -0.91
CA ARG C 193 12.44 37.54 -1.22
C ARG C 193 13.67 38.38 -0.92
N GLY C 194 14.56 37.82 -0.09
CA GLY C 194 15.76 38.51 0.31
C GLY C 194 15.76 38.94 1.76
N THR C 195 14.61 38.78 2.43
CA THR C 195 14.44 39.22 3.80
C THR C 195 14.43 38.06 4.80
N GLY C 196 14.28 36.84 4.29
CA GLY C 196 14.29 35.65 5.14
C GLY C 196 13.02 35.36 5.91
N ILE C 197 11.98 36.16 5.69
CA ILE C 197 10.71 35.95 6.37
C ILE C 197 10.07 34.64 5.89
N ALA C 198 9.45 33.90 6.80
CA ALA C 198 8.79 32.65 6.45
C ALA C 198 7.46 32.92 5.79
N LEU C 199 7.05 32.04 4.87
CA LEU C 199 5.84 32.27 4.07
C LEU C 199 4.88 31.07 4.10
N ALA C 200 3.61 31.34 4.40
CA ALA C 200 2.58 30.31 4.31
C ALA C 200 1.50 30.76 3.35
N ALA C 201 1.07 29.86 2.46
CA ALA C 201 -0.02 30.16 1.54
C ALA C 201 -1.24 29.39 2.03
N ASP C 202 -2.25 30.09 2.53
CA ASP C 202 -3.40 29.45 3.18
C ASP C 202 -4.62 29.46 2.26
N GLY C 203 -4.95 28.28 1.70
CA GLY C 203 -6.08 28.15 0.81
C GLY C 203 -7.40 28.12 1.54
N ASN C 204 -7.35 28.02 2.86
CA ASN C 204 -8.54 27.91 3.71
C ASN C 204 -9.64 26.99 3.19
N ARG C 205 -9.24 25.76 2.82
CA ARG C 205 -10.15 24.73 2.30
C ARG C 205 -10.71 25.10 0.94
N GLY C 206 -10.17 26.13 0.31
CA GLY C 206 -10.80 26.72 -0.85
C GLY C 206 -10.44 26.18 -2.23
N TRP C 207 -9.43 25.31 -2.30
CA TRP C 207 -8.98 24.84 -3.61
C TRP C 207 -9.40 23.41 -3.89
N THR C 208 -9.87 23.19 -5.11
CA THR C 208 -9.99 21.81 -5.61
C THR C 208 -8.59 21.21 -5.69
N THR C 209 -8.49 19.90 -5.71
CA THR C 209 -7.17 19.29 -5.91
C THR C 209 -6.54 19.75 -7.24
N ARG C 210 -7.37 19.96 -8.25
CA ARG C 210 -6.89 20.48 -9.53
C ARG C 210 -6.04 21.74 -9.36
N ASP C 211 -6.58 22.70 -8.61
CA ASP C 211 -5.92 23.99 -8.46
C ASP C 211 -4.76 23.94 -7.45
N ALA C 212 -4.87 23.09 -6.44
CA ALA C 212 -3.76 22.94 -5.51
C ALA C 212 -2.54 22.38 -6.24
N LEU C 213 -2.75 21.43 -7.14
CA LEU C 213 -1.64 20.87 -7.92
C LEU C 213 -0.98 21.98 -8.75
N ARG C 214 -1.79 22.82 -9.36
CA ARG C 214 -1.31 23.91 -10.21
C ARG C 214 -0.51 24.93 -9.40
N PHE C 215 -1.04 25.28 -8.24
CA PHE C 215 -0.41 26.29 -7.38
C PHE C 215 1.02 25.88 -7.03
N SER C 216 1.22 24.61 -6.68
CA SER C 216 2.54 24.11 -6.33
C SER C 216 3.43 23.98 -7.57
N ARG C 217 2.85 23.43 -8.64
CA ARG C 217 3.60 23.14 -9.87
C ARG C 217 4.20 24.39 -10.46
N GLU C 218 3.45 25.48 -10.41
CA GLU C 218 3.86 26.71 -11.06
C GLU C 218 4.90 27.48 -10.26
N CYS C 219 5.04 27.14 -8.98
CA CYS C 219 5.83 27.96 -8.06
C CYS C 219 6.94 27.24 -7.28
N PRO C 220 7.74 26.40 -7.94
CA PRO C 220 8.73 25.66 -7.14
C PRO C 220 9.77 26.58 -6.51
N ASP C 221 9.96 27.76 -7.10
CA ASP C 221 10.93 28.75 -6.66
C ASP C 221 10.44 29.58 -5.47
N ILE C 222 9.18 29.41 -5.09
CA ILE C 222 8.62 30.16 -3.97
C ILE C 222 8.46 29.24 -2.76
N PRO C 223 9.15 29.58 -1.66
CA PRO C 223 9.22 28.67 -0.51
C PRO C 223 8.04 28.79 0.46
N PHE C 224 6.82 28.76 -0.05
CA PHE C 224 5.67 28.72 0.84
C PHE C 224 5.45 27.32 1.36
N VAL C 225 4.77 27.23 2.51
CA VAL C 225 4.11 25.96 2.84
C VAL C 225 2.66 26.12 2.39
N MET C 226 2.06 25.04 1.93
CA MET C 226 0.67 25.08 1.53
C MET C 226 -0.16 24.73 2.75
N GLU C 227 -0.84 25.72 3.32
CA GLU C 227 -1.62 25.46 4.52
C GLU C 227 -3.05 25.18 4.11
N GLN C 228 -3.54 24.02 4.54
CA GLN C 228 -4.93 23.57 4.27
C GLN C 228 -5.49 24.02 2.91
N PRO C 229 -4.81 23.61 1.84
CA PRO C 229 -5.22 24.07 0.51
C PRO C 229 -6.62 23.59 0.13
N CYS C 230 -6.97 22.39 0.60
CA CYS C 230 -8.16 21.71 0.09
C CYS C 230 -9.14 21.43 1.20
N ASN C 231 -10.31 20.93 0.82
CA ASN C 231 -11.47 20.91 1.71
C ASN C 231 -11.54 19.73 2.68
N SER C 232 -10.73 18.69 2.48
CA SER C 232 -10.82 17.51 3.33
C SER C 232 -9.47 16.83 3.53
N PHE C 233 -9.43 15.96 4.56
CA PHE C 233 -8.26 15.14 4.87
C PHE C 233 -7.95 14.32 3.61
N GLU C 234 -8.99 13.77 2.98
CA GLU C 234 -8.80 12.96 1.79
C GLU C 234 -8.13 13.74 0.65
N ASP C 235 -8.47 15.02 0.51
CA ASP C 235 -7.89 15.81 -0.55
C ASP C 235 -6.44 16.15 -0.26
N LEU C 236 -6.10 16.29 1.03
CA LEU C 236 -4.69 16.47 1.39
C LEU C 236 -3.93 15.20 1.02
N GLU C 237 -4.52 14.06 1.31
CA GLU C 237 -3.89 12.79 0.95
C GLU C 237 -3.70 12.65 -0.55
N ALA C 238 -4.66 13.17 -1.32
CA ALA C 238 -4.61 13.11 -2.77
C ALA C 238 -3.44 13.91 -3.36
N ILE C 239 -3.22 15.11 -2.83
CA ILE C 239 -2.20 15.98 -3.44
C ILE C 239 -0.81 15.77 -2.84
N ARG C 240 -0.74 15.14 -1.67
CA ARG C 240 0.53 15.00 -0.96
C ARG C 240 1.64 14.37 -1.82
N PRO C 241 1.35 13.25 -2.52
CA PRO C 241 2.48 12.71 -3.30
C PRO C 241 2.75 13.44 -4.60
N LEU C 242 1.98 14.48 -4.89
CA LEU C 242 2.10 15.19 -6.17
C LEU C 242 2.51 16.64 -6.00
N CYS C 243 2.76 17.07 -4.77
CA CYS C 243 3.20 18.45 -4.53
C CYS C 243 4.56 18.44 -3.87
N HIS C 244 5.53 19.11 -4.49
CA HIS C 244 6.88 19.19 -3.95
C HIS C 244 7.04 20.31 -2.87
N HIS C 245 5.95 21.03 -2.58
CA HIS C 245 5.93 21.96 -1.44
C HIS C 245 5.39 21.29 -0.18
N ALA C 246 5.94 21.71 0.97
CA ALA C 246 5.46 21.26 2.27
C ALA C 246 3.96 21.54 2.40
N LEU C 247 3.25 20.63 3.09
CA LEU C 247 1.81 20.77 3.33
C LEU C 247 1.57 20.92 4.83
N TYR C 248 0.76 21.91 5.22
CA TYR C 248 0.33 22.02 6.62
C TYR C 248 -1.17 21.76 6.76
N MET C 249 -1.57 21.10 7.84
CA MET C 249 -2.99 20.92 8.12
C MET C 249 -3.43 22.04 9.07
N ASP C 250 -4.63 22.56 8.87
CA ASP C 250 -5.18 23.53 9.82
C ASP C 250 -6.60 23.06 10.15
N GLU C 251 -7.60 23.46 9.37
CA GLU C 251 -9.00 23.13 9.66
C GLU C 251 -9.30 21.64 9.90
N ASP C 252 -8.56 20.77 9.22
CA ASP C 252 -8.86 19.35 9.35
C ASP C 252 -8.37 18.76 10.67
N GLY C 253 -7.62 19.54 11.44
CA GLY C 253 -6.99 19.05 12.66
C GLY C 253 -7.96 19.16 13.83
N THR C 254 -9.03 18.35 13.77
CA THR C 254 -10.18 18.55 14.65
C THR C 254 -10.11 17.81 16.00
N SER C 255 -9.09 16.97 16.19
CA SER C 255 -8.93 16.24 17.45
C SER C 255 -7.52 15.69 17.52
N LEU C 256 -7.08 15.30 18.71
CA LEU C 256 -5.75 14.74 18.86
C LEU C 256 -5.67 13.47 18.05
N ASN C 257 -6.76 12.71 18.03
CA ASN C 257 -6.79 11.48 17.25
C ASN C 257 -6.47 11.72 15.77
N THR C 258 -7.12 12.74 15.19
CA THR C 258 -6.92 13.04 13.77
C THR C 258 -5.51 13.56 13.48
N VAL C 259 -4.98 14.38 14.38
CA VAL C 259 -3.59 14.83 14.26
C VAL C 259 -2.61 13.66 14.26
N ILE C 260 -2.82 12.70 15.15
CA ILE C 260 -1.97 11.50 15.20
C ILE C 260 -2.06 10.73 13.89
N THR C 261 -3.26 10.64 13.32
CA THR C 261 -3.37 9.97 12.01
C THR C 261 -2.55 10.71 10.95
N ALA C 262 -2.59 12.03 10.99
CA ALA C 262 -1.96 12.86 9.97
C ALA C 262 -0.46 12.83 10.09
N ALA C 263 0.04 12.98 11.29
CA ALA C 263 1.46 13.17 11.35
C ALA C 263 2.24 11.87 11.38
N ALA C 264 1.61 10.80 11.81
CA ALA C 264 2.35 9.53 11.75
C ALA C 264 2.33 8.90 10.36
N THR C 265 1.36 9.25 9.53
CA THR C 265 1.39 8.80 8.12
C THR C 265 2.23 9.80 7.29
N SER C 266 2.77 10.78 7.99
CA SER C 266 3.55 11.86 7.38
C SER C 266 2.78 12.57 6.25
N LEU C 267 1.48 12.71 6.44
CA LEU C 267 0.64 13.44 5.51
C LEU C 267 1.06 14.90 5.43
N VAL C 268 1.46 15.47 6.56
CA VAL C 268 1.80 16.89 6.62
C VAL C 268 3.16 17.13 7.21
N ASP C 269 3.68 18.32 6.95
CA ASP C 269 4.97 18.74 7.47
C ASP C 269 4.83 19.70 8.63
N GLY C 270 3.60 20.02 9.01
CA GLY C 270 3.38 20.97 10.09
C GLY C 270 1.91 21.27 10.25
N PHE C 271 1.58 22.13 11.21
CA PHE C 271 0.19 22.40 11.52
C PHE C 271 -0.05 23.87 11.84
N GLY C 272 -1.20 24.36 11.42
CA GLY C 272 -1.79 25.53 12.05
C GLY C 272 -2.69 24.92 13.12
N MET C 273 -2.49 25.27 14.38
CA MET C 273 -3.33 24.66 15.41
C MET C 273 -4.01 25.70 16.28
N LYS C 274 -5.31 25.51 16.49
CA LYS C 274 -6.10 26.39 17.33
C LYS C 274 -6.53 25.70 18.62
N VAL C 275 -6.38 26.40 19.74
CA VAL C 275 -6.64 25.85 21.06
C VAL C 275 -8.08 25.38 21.19
N SER C 276 -9.00 26.17 20.67
CA SER C 276 -10.42 25.81 20.77
C SER C 276 -10.76 24.56 19.94
N ARG C 277 -10.22 24.47 18.74
CA ARG C 277 -10.47 23.30 17.90
C ARG C 277 -10.03 21.98 18.54
N ILE C 278 -8.89 21.99 19.23
CA ILE C 278 -8.35 20.76 19.80
C ILE C 278 -8.94 20.50 21.19
N GLY C 279 -9.62 21.49 21.76
CA GLY C 279 -10.39 21.27 22.97
C GLY C 279 -9.80 21.83 24.26
N GLY C 280 -8.78 22.69 24.13
CA GLY C 280 -8.28 23.40 25.29
C GLY C 280 -6.79 23.17 25.48
N LEU C 281 -6.23 23.76 26.54
CA LEU C 281 -4.79 23.71 26.78
C LEU C 281 -4.29 22.30 27.13
N GLN C 282 -5.13 21.51 27.79
CA GLN C 282 -4.76 20.11 28.10
C GLN C 282 -4.43 19.36 26.82
N HIS C 283 -5.28 19.47 25.81
CA HIS C 283 -5.04 18.80 24.54
C HIS C 283 -3.97 19.50 23.69
N MET C 284 -3.92 20.81 23.77
CA MET C 284 -2.88 21.56 23.06
C MET C 284 -1.48 21.17 23.55
N ARG C 285 -1.36 20.92 24.85
CA ARG C 285 -0.06 20.53 25.41
C ARG C 285 0.35 19.16 24.88
N ALA C 286 -0.60 18.24 24.81
CA ALA C 286 -0.32 16.92 24.25
C ALA C 286 0.07 17.04 22.78
N PHE C 287 -0.67 17.87 22.04
CA PHE C 287 -0.34 18.16 20.65
C PHE C 287 1.07 18.73 20.50
N ARG C 288 1.42 19.67 21.38
CA ARG C 288 2.78 20.21 21.40
C ARG C 288 3.82 19.11 21.55
N ASP C 289 3.58 18.20 22.50
CA ASP C 289 4.54 17.13 22.78
C ASP C 289 4.63 16.17 21.60
N PHE C 290 3.51 15.96 20.89
N PHE C 290 3.52 15.98 20.93
CA PHE C 290 3.52 15.09 19.70
CA PHE C 290 3.46 15.15 19.75
C PHE C 290 4.35 15.73 18.59
C PHE C 290 4.35 15.74 18.66
N CYS C 291 4.16 17.03 18.39
CA CYS C 291 4.96 17.73 17.38
C CYS C 291 6.45 17.76 17.72
N ALA C 292 6.79 17.91 18.99
CA ALA C 292 8.20 17.90 19.37
C ALA C 292 8.81 16.54 19.07
N ALA C 293 8.06 15.47 19.35
CA ALA C 293 8.57 14.13 19.12
C ALA C 293 8.78 13.86 17.64
N ARG C 294 7.94 14.48 16.81
CA ARG C 294 7.95 14.23 15.37
C ARG C 294 8.74 15.28 14.58
N ASN C 295 9.27 16.28 15.29
CA ASN C 295 9.97 17.41 14.65
C ASN C 295 9.10 18.15 13.61
N LEU C 296 7.83 18.39 13.98
CA LEU C 296 6.88 19.06 13.10
C LEU C 296 6.56 20.46 13.61
N PRO C 297 6.91 21.49 12.82
CA PRO C 297 6.59 22.86 13.26
C PRO C 297 5.08 23.11 13.36
N HIS C 298 4.68 24.01 14.23
CA HIS C 298 3.26 24.32 14.36
C HIS C 298 3.08 25.71 14.92
N THR C 299 1.93 26.32 14.63
CA THR C 299 1.56 27.57 15.26
C THR C 299 0.82 27.33 16.57
N CYS C 300 0.59 28.40 17.34
CA CYS C 300 -0.19 28.33 18.57
C CYS C 300 -1.22 29.44 18.52
N ASP C 301 -2.34 29.15 17.86
CA ASP C 301 -3.35 30.15 17.57
C ASP C 301 -4.68 29.81 18.23
N ASP C 302 -5.64 30.68 18.01
CA ASP C 302 -7.03 30.30 18.19
C ASP C 302 -7.79 31.00 17.08
N ALA C 303 -9.10 30.79 17.03
CA ALA C 303 -9.87 31.30 15.92
C ALA C 303 -9.98 32.82 16.01
N TRP C 304 -10.26 33.32 17.21
CA TRP C 304 -10.45 34.74 17.47
C TRP C 304 -10.60 34.91 18.98
N GLY C 305 -10.66 36.14 19.46
CA GLY C 305 -10.97 36.37 20.86
C GLY C 305 -10.22 37.53 21.45
N GLY C 306 -10.51 37.85 22.71
CA GLY C 306 -9.84 38.92 23.42
C GLY C 306 -8.68 38.43 24.29
N ASP C 307 -8.44 39.14 25.39
CA ASP C 307 -7.29 38.90 26.26
C ASP C 307 -7.20 37.47 26.80
N ILE C 308 -8.35 36.84 27.05
CA ILE C 308 -8.35 35.51 27.67
C ILE C 308 -7.81 34.45 26.71
N VAL C 309 -8.40 34.38 25.52
CA VAL C 309 -7.89 33.53 24.45
C VAL C 309 -6.43 33.84 24.16
N SER C 310 -6.10 35.14 24.08
CA SER C 310 -4.76 35.50 23.66
C SER C 310 -3.73 35.10 24.70
N ALA C 311 -4.10 35.21 25.97
CA ALA C 311 -3.20 34.80 27.05
C ALA C 311 -2.94 33.30 26.96
N ALA C 312 -4.01 32.52 26.78
CA ALA C 312 -3.87 31.06 26.68
C ALA C 312 -2.92 30.68 25.56
N CYS C 313 -3.09 31.31 24.40
CA CYS C 313 -2.20 31.00 23.27
C CYS C 313 -0.75 31.36 23.55
N THR C 314 -0.54 32.49 24.22
CA THR C 314 0.83 32.95 24.50
C THR C 314 1.49 32.01 25.49
N HIS C 315 0.73 31.57 26.50
CA HIS C 315 1.28 30.66 27.50
C HIS C 315 1.74 29.34 26.89
N ILE C 316 0.89 28.73 26.06
CA ILE C 316 1.32 27.48 25.46
C ILE C 316 2.49 27.73 24.50
N ALA C 317 2.42 28.83 23.75
CA ALA C 317 3.47 29.13 22.77
C ALA C 317 4.85 29.25 23.41
N SER C 318 4.90 29.78 24.64
CA SER C 318 6.17 29.97 25.35
C SER C 318 6.85 28.65 25.71
N THR C 319 6.11 27.54 25.67
CA THR C 319 6.66 26.25 26.08
C THR C 319 7.14 25.45 24.87
N VAL C 320 7.02 26.01 23.68
CA VAL C 320 7.44 25.30 22.46
C VAL C 320 8.87 25.69 22.09
N LEU C 321 9.67 24.71 21.67
CA LEU C 321 11.01 25.03 21.13
C LEU C 321 10.85 26.07 20.04
N PRO C 322 11.59 27.19 20.13
CA PRO C 322 11.36 28.27 19.17
C PRO C 322 11.51 27.82 17.72
N ARG C 323 12.43 26.91 17.41
CA ARG C 323 12.59 26.48 16.03
C ARG C 323 11.37 25.72 15.49
N LEU C 324 10.54 25.18 16.37
CA LEU C 324 9.31 24.49 15.95
C LEU C 324 8.09 25.41 16.05
N MET C 325 8.25 26.55 16.72
CA MET C 325 7.09 27.45 16.92
C MET C 325 6.95 28.46 15.79
N GLU C 326 5.99 28.21 14.90
CA GLU C 326 5.80 29.03 13.70
C GLU C 326 5.15 30.36 14.01
N GLY C 327 4.75 30.54 15.27
CA GLY C 327 4.22 31.83 15.70
C GLY C 327 2.86 31.67 16.36
N ALA C 328 2.59 32.53 17.34
CA ALA C 328 1.27 32.63 17.96
C ALA C 328 0.50 33.76 17.28
N TRP C 329 -0.49 33.43 16.47
CA TRP C 329 -1.36 34.46 15.88
C TRP C 329 -2.36 34.93 16.91
N LEU C 330 -2.48 36.24 17.10
CA LEU C 330 -3.50 36.79 17.99
C LEU C 330 -4.48 37.67 17.24
N ALA C 331 -5.72 37.68 17.71
CA ALA C 331 -6.73 38.58 17.15
C ALA C 331 -6.54 40.02 17.66
N GLN C 332 -5.69 40.17 18.69
CA GLN C 332 -5.47 41.44 19.38
C GLN C 332 -5.41 42.71 18.53
N PRO C 333 -4.65 42.68 17.42
CA PRO C 333 -4.58 43.91 16.63
C PRO C 333 -5.93 44.28 16.01
N TYR C 334 -6.86 43.32 15.94
CA TYR C 334 -8.15 43.55 15.31
C TYR C 334 -9.23 43.81 16.36
N VAL C 335 -8.83 43.83 17.63
CA VAL C 335 -9.78 43.94 18.72
C VAL C 335 -9.61 45.28 19.43
N ALA C 336 -10.66 46.09 19.42
CA ALA C 336 -10.56 47.46 19.90
C ALA C 336 -10.25 47.58 21.40
N GLU C 337 -10.78 46.66 22.19
CA GLU C 337 -10.72 46.77 23.65
C GLU C 337 -9.87 45.67 24.28
N HIS C 338 -9.32 45.96 25.45
CA HIS C 338 -8.69 44.94 26.29
C HIS C 338 -9.56 44.71 27.51
N TYR C 339 -9.73 43.46 27.93
CA TYR C 339 -10.46 43.16 29.16
C TYR C 339 -9.61 43.62 30.34
N ASP C 340 -8.29 43.51 30.18
CA ASP C 340 -7.33 43.97 31.17
C ASP C 340 -6.31 44.82 30.40
N ALA C 341 -6.44 46.14 30.49
CA ALA C 341 -5.62 47.03 29.67
C ALA C 341 -4.14 47.01 30.07
N GLU C 342 -3.87 46.71 31.33
CA GLU C 342 -2.49 46.69 31.83
C GLU C 342 -1.75 45.42 31.42
N ASN C 343 -2.39 44.27 31.60
N ASN C 343 -2.42 44.28 31.60
CA ASN C 343 -1.67 43.02 31.41
CA ASN C 343 -1.76 42.98 31.48
C ASN C 343 -2.12 42.17 30.21
C ASN C 343 -2.12 42.19 30.22
N GLY C 344 -3.10 42.67 29.46
CA GLY C 344 -3.52 41.98 28.24
C GLY C 344 -2.35 41.88 27.26
N VAL C 345 -2.12 40.70 26.66
CA VAL C 345 -0.98 40.57 25.77
C VAL C 345 -1.21 41.39 24.50
N ARG C 346 -0.12 41.84 23.89
CA ARG C 346 -0.21 42.55 22.62
C ARG C 346 1.03 42.29 21.79
N ILE C 347 0.89 42.44 20.48
CA ILE C 347 2.01 42.21 19.59
C ILE C 347 2.81 43.49 19.41
N GLU C 348 4.11 43.42 19.65
CA GLU C 348 4.99 44.58 19.47
C GLU C 348 6.22 44.10 18.73
N GLY C 349 6.58 44.77 17.64
CA GLY C 349 7.72 44.37 16.85
C GLY C 349 7.57 42.96 16.27
N GLY C 350 6.33 42.54 16.04
CA GLY C 350 6.08 41.20 15.52
C GLY C 350 6.25 40.09 16.55
N ARG C 351 6.44 40.45 17.81
CA ARG C 351 6.60 39.46 18.88
C ARG C 351 5.66 39.74 20.06
N ILE C 352 5.57 38.78 20.98
CA ILE C 352 4.67 38.87 22.14
C ILE C 352 5.40 38.55 23.45
N ARG C 353 5.40 39.49 24.39
CA ARG C 353 6.01 39.21 25.69
C ARG C 353 5.13 38.26 26.51
N VAL C 354 5.74 37.24 27.11
CA VAL C 354 5.00 36.22 27.84
C VAL C 354 4.64 36.71 29.24
N PRO C 355 3.36 36.57 29.64
CA PRO C 355 2.96 37.04 30.98
C PRO C 355 3.64 36.23 32.08
N GLN C 356 3.85 36.83 33.25
CA GLN C 356 4.58 36.15 34.32
C GLN C 356 3.80 36.07 35.63
N GLY C 357 2.58 36.60 35.65
CA GLY C 357 1.75 36.55 36.84
C GLY C 357 1.18 35.17 37.08
N PRO C 358 0.49 34.97 38.22
CA PRO C 358 -0.22 33.71 38.48
C PRO C 358 -1.34 33.49 37.45
N GLY C 359 -1.60 32.23 37.11
CA GLY C 359 -2.65 31.94 36.15
C GLY C 359 -2.36 32.49 34.76
N LEU C 360 -3.40 32.98 34.09
CA LEU C 360 -3.24 33.56 32.76
C LEU C 360 -2.50 34.89 32.83
N GLY C 361 -2.49 35.52 34.00
CA GLY C 361 -1.81 36.79 34.16
C GLY C 361 -2.75 37.95 33.91
N LEU C 362 -4.05 37.72 34.10
CA LEU C 362 -5.09 38.74 33.87
C LEU C 362 -5.86 39.05 35.13
N THR C 363 -6.23 40.32 35.29
CA THR C 363 -7.21 40.67 36.31
C THR C 363 -8.38 41.35 35.61
N ILE C 364 -9.53 40.69 35.61
CA ILE C 364 -10.72 41.22 34.93
C ILE C 364 -11.81 41.41 35.96
N ASP C 365 -12.47 42.56 35.95
CA ASP C 365 -13.58 42.82 36.84
C ASP C 365 -14.66 41.78 36.68
N PRO C 366 -15.13 41.21 37.81
CA PRO C 366 -16.12 40.13 37.78
C PRO C 366 -17.40 40.55 37.06
N GLU C 367 -17.66 41.85 37.00
CA GLU C 367 -18.85 42.36 36.31
C GLU C 367 -18.56 42.97 34.93
N ARG C 368 -17.36 42.75 34.40
CA ARG C 368 -16.93 43.36 33.13
C ARG C 368 -17.88 43.06 31.96
N PHE C 369 -18.50 41.90 32.01
CA PHE C 369 -19.32 41.44 30.88
C PHE C 369 -20.81 41.52 31.18
N GLY C 370 -21.13 42.22 32.26
CA GLY C 370 -22.51 42.38 32.67
C GLY C 370 -23.00 41.19 33.45
N PRO C 371 -24.33 41.08 33.61
CA PRO C 371 -24.92 40.01 34.41
C PRO C 371 -24.79 38.70 33.64
N PRO C 372 -24.74 37.57 34.36
CA PRO C 372 -24.55 36.29 33.64
C PRO C 372 -25.76 35.96 32.77
N LEU C 373 -25.52 35.35 31.60
CA LEU C 373 -26.61 34.85 30.77
C LEU C 373 -27.11 33.55 31.36
N PHE C 374 -26.24 32.86 32.08
CA PHE C 374 -26.54 31.56 32.65
C PHE C 374 -25.61 31.27 33.83
N SER C 375 -26.17 30.64 34.87
CA SER C 375 -25.41 30.23 36.03
C SER C 375 -25.78 28.81 36.42
N ALA C 376 -24.79 28.02 36.83
CA ALA C 376 -25.03 26.68 37.35
C ALA C 376 -24.03 26.35 38.46
N LEU D 10 -41.60 28.58 -5.51
CA LEU D 10 -42.27 28.85 -4.25
C LEU D 10 -41.25 29.21 -3.16
N LYS D 11 -41.48 30.31 -2.47
CA LYS D 11 -40.48 30.84 -1.54
C LYS D 11 -40.86 30.71 -0.07
N ILE D 12 -39.84 30.54 0.77
CA ILE D 12 -40.02 30.49 2.21
C ILE D 12 -40.35 31.88 2.72
N ALA D 13 -41.49 32.01 3.39
CA ALA D 13 -41.91 33.30 3.91
C ALA D 13 -41.47 33.48 5.36
N GLU D 14 -41.59 32.41 6.13
CA GLU D 14 -41.30 32.47 7.57
C GLU D 14 -40.89 31.10 8.08
N ILE D 15 -40.07 31.07 9.12
CA ILE D 15 -39.66 29.82 9.75
C ILE D 15 -39.86 29.92 11.26
N GLN D 16 -40.51 28.92 11.84
CA GLN D 16 -40.78 28.90 13.27
C GLN D 16 -40.13 27.67 13.91
N LEU D 17 -39.60 27.83 15.12
CA LEU D 17 -38.88 26.76 15.80
C LEU D 17 -39.57 26.44 17.13
N PHE D 18 -39.63 25.16 17.48
CA PHE D 18 -40.27 24.71 18.72
C PHE D 18 -39.45 23.60 19.34
N GLN D 19 -39.61 23.41 20.65
CA GLN D 19 -39.10 22.18 21.28
C GLN D 19 -40.19 21.49 22.09
N HIS D 20 -40.02 20.20 22.33
CA HIS D 20 -41.06 19.40 22.98
C HIS D 20 -40.39 18.18 23.63
N ASP D 21 -40.86 17.76 24.80
CA ASP D 21 -40.25 16.59 25.46
C ASP D 21 -40.91 15.25 25.09
N LEU D 22 -40.08 14.23 24.94
CA LEU D 22 -40.55 12.87 24.67
C LEU D 22 -39.92 11.91 25.67
N PRO D 23 -40.67 11.48 26.68
CA PRO D 23 -40.06 10.55 27.65
C PRO D 23 -40.07 9.11 27.15
N VAL D 24 -38.99 8.38 27.40
CA VAL D 24 -38.84 7.01 26.91
C VAL D 24 -39.80 6.06 27.61
N VAL D 25 -40.82 5.59 26.87
CA VAL D 25 -41.71 4.55 27.36
C VAL D 25 -40.88 3.31 27.68
N ASN D 26 -41.12 2.72 28.86
CA ASN D 26 -40.36 1.57 29.34
C ASN D 26 -38.85 1.82 29.45
N GLY D 27 -38.47 3.08 29.68
CA GLY D 27 -37.08 3.47 29.77
C GLY D 27 -36.33 2.91 30.96
N PRO D 28 -34.99 3.04 30.95
CA PRO D 28 -34.26 3.75 29.90
C PRO D 28 -33.91 2.86 28.71
N TYR D 29 -33.43 3.50 27.65
CA TYR D 29 -32.89 2.81 26.49
C TYR D 29 -31.37 2.88 26.62
N ARG D 30 -30.75 1.73 26.90
CA ARG D 30 -29.33 1.70 27.24
C ARG D 30 -28.37 1.49 26.06
N ILE D 31 -27.46 2.46 25.91
CA ILE D 31 -26.46 2.49 24.84
C ILE D 31 -25.09 2.66 25.50
N ALA D 32 -24.05 2.04 24.95
CA ALA D 32 -22.73 2.10 25.57
C ALA D 32 -22.17 3.52 25.66
N SER D 33 -22.57 4.37 24.72
CA SER D 33 -22.12 5.76 24.70
C SER D 33 -22.93 6.63 25.65
N GLY D 34 -23.98 6.07 26.25
CA GLY D 34 -24.81 6.80 27.19
C GLY D 34 -26.30 6.53 27.07
N ASP D 35 -26.95 6.25 28.20
CA ASP D 35 -28.37 5.92 28.23
C ASP D 35 -29.30 7.14 28.08
N VAL D 36 -30.53 6.90 27.64
CA VAL D 36 -31.54 7.95 27.55
C VAL D 36 -32.84 7.58 28.30
N TRP D 37 -33.35 8.53 29.07
CA TRP D 37 -34.62 8.36 29.78
C TRP D 37 -35.70 9.26 29.21
N SER D 38 -35.30 10.41 28.69
CA SER D 38 -36.21 11.33 28.01
C SER D 38 -35.46 12.15 26.97
N LEU D 39 -36.19 12.67 25.98
CA LEU D 39 -35.56 13.38 24.88
C LEU D 39 -36.30 14.68 24.56
N THR D 40 -35.55 15.75 24.32
CA THR D 40 -36.13 17.01 23.87
C THR D 40 -36.01 17.10 22.36
N THR D 41 -37.13 17.05 21.65
CA THR D 41 -37.09 17.15 20.19
C THR D 41 -37.20 18.60 19.77
N THR D 42 -36.67 18.91 18.59
CA THR D 42 -36.72 20.27 18.05
C THR D 42 -37.49 20.21 16.74
N ILE D 43 -38.57 21.00 16.67
CA ILE D 43 -39.48 21.01 15.53
C ILE D 43 -39.29 22.27 14.71
N VAL D 44 -39.29 22.12 13.39
CA VAL D 44 -39.24 23.23 12.46
C VAL D 44 -40.53 23.31 11.67
N LYS D 45 -41.11 24.49 11.57
CA LYS D 45 -42.22 24.70 10.63
C LYS D 45 -41.76 25.76 9.63
N ILE D 46 -41.76 25.39 8.35
CA ILE D 46 -41.52 26.37 7.29
C ILE D 46 -42.85 26.78 6.71
N ILE D 47 -43.07 28.09 6.59
CA ILE D 47 -44.27 28.62 5.97
C ILE D 47 -43.93 29.26 4.63
N ALA D 48 -44.57 28.78 3.57
CA ALA D 48 -44.33 29.30 2.23
C ALA D 48 -45.12 30.58 2.03
N GLU D 49 -44.78 31.32 0.98
CA GLU D 49 -45.45 32.61 0.72
C GLU D 49 -46.95 32.46 0.49
N ASP D 50 -47.39 31.24 0.15
CA ASP D 50 -48.81 30.99 -0.08
C ASP D 50 -49.54 30.41 1.13
N GLY D 51 -48.85 30.31 2.26
CA GLY D 51 -49.47 29.84 3.48
C GLY D 51 -49.32 28.35 3.75
N THR D 52 -48.88 27.61 2.75
N THR D 52 -48.85 27.62 2.75
CA THR D 52 -48.65 26.17 2.93
CA THR D 52 -48.61 26.18 2.89
C THR D 52 -47.48 25.96 3.89
C THR D 52 -47.47 25.96 3.89
N ILE D 53 -47.56 24.90 4.68
CA ILE D 53 -46.51 24.62 5.66
C ILE D 53 -45.82 23.27 5.47
N GLY D 54 -44.58 23.21 5.92
CA GLY D 54 -43.83 21.96 5.96
C GLY D 54 -43.22 21.75 7.33
N TRP D 55 -43.23 20.51 7.79
CA TRP D 55 -42.70 20.19 9.11
C TRP D 55 -41.39 19.46 9.02
N GLY D 56 -40.50 19.76 9.96
CA GLY D 56 -39.22 19.07 10.07
C GLY D 56 -38.93 18.82 11.54
N GLU D 57 -37.97 17.96 11.82
CA GLU D 57 -37.70 17.55 13.20
C GLU D 57 -36.29 16.99 13.32
N THR D 58 -35.66 17.24 14.46
CA THR D 58 -34.40 16.60 14.78
C THR D 58 -34.33 16.39 16.29
N CYS D 59 -33.90 15.21 16.70
CA CYS D 59 -33.93 14.85 18.11
C CYS D 59 -32.75 13.96 18.47
N PRO D 60 -31.64 14.57 18.87
CA PRO D 60 -30.45 13.78 19.27
C PRO D 60 -30.81 12.81 20.38
N VAL D 61 -30.18 11.64 20.39
CA VAL D 61 -30.47 10.64 21.41
C VAL D 61 -29.57 10.89 22.61
N GLY D 62 -29.89 11.94 23.37
CA GLY D 62 -29.03 12.37 24.45
C GLY D 62 -27.82 13.11 23.89
N PRO D 63 -27.07 13.77 24.78
CA PRO D 63 -25.98 14.65 24.35
C PRO D 63 -24.63 13.94 24.21
N THR D 64 -24.55 12.65 24.49
CA THR D 64 -23.25 11.95 24.42
C THR D 64 -23.17 10.89 23.32
N TYR D 65 -24.26 10.66 22.60
CA TYR D 65 -24.25 9.61 21.58
C TYR D 65 -23.43 10.07 20.36
N ALA D 66 -23.61 11.34 19.99
CA ALA D 66 -22.91 11.91 18.86
C ALA D 66 -22.63 13.38 19.14
N GLU D 67 -21.96 14.06 18.20
CA GLU D 67 -21.68 15.48 18.40
C GLU D 67 -22.93 16.29 18.07
N ALA D 68 -23.91 16.23 18.98
CA ALA D 68 -25.22 16.82 18.74
C ALA D 68 -25.96 16.83 20.06
N HIS D 69 -26.76 17.87 20.29
CA HIS D 69 -27.66 17.92 21.45
C HIS D 69 -28.81 18.86 21.16
N ALA D 70 -29.88 18.74 21.96
CA ALA D 70 -31.10 19.52 21.73
C ALA D 70 -30.84 21.02 21.73
N GLY D 71 -30.09 21.52 22.72
CA GLY D 71 -29.77 22.92 22.76
C GLY D 71 -28.96 23.35 21.55
N GLY D 72 -28.12 22.44 21.06
CA GLY D 72 -27.34 22.72 19.87
C GLY D 72 -28.19 22.77 18.61
N ALA D 73 -29.21 21.92 18.56
CA ALA D 73 -30.09 21.92 17.39
C ALA D 73 -30.81 23.25 17.32
N LEU D 74 -31.29 23.72 18.47
CA LEU D 74 -32.03 24.98 18.49
C LEU D 74 -31.12 26.14 18.11
N ALA D 75 -29.92 26.20 18.67
CA ALA D 75 -28.99 27.29 18.36
C ALA D 75 -28.61 27.34 16.88
N ALA D 76 -28.34 26.17 16.29
CA ALA D 76 -27.99 26.11 14.88
C ALA D 76 -29.17 26.49 14.01
N LEU D 77 -30.36 26.01 14.37
CA LEU D 77 -31.55 26.34 13.60
C LEU D 77 -31.90 27.83 13.68
N GLU D 78 -31.58 28.49 14.79
CA GLU D 78 -31.78 29.94 14.83
C GLU D 78 -30.91 30.63 13.78
N VAL D 79 -29.65 30.21 13.68
CA VAL D 79 -28.75 30.78 12.68
C VAL D 79 -29.26 30.51 11.25
N LEU D 80 -29.63 29.28 10.98
CA LEU D 80 -30.13 28.90 9.66
C LEU D 80 -31.44 29.64 9.32
N ALA D 81 -32.40 29.59 10.24
CA ALA D 81 -33.68 30.28 10.03
C ALA D 81 -33.49 31.77 9.72
N SER D 82 -32.53 32.40 10.40
CA SER D 82 -32.33 33.85 10.27
C SER D 82 -31.91 34.27 8.87
N GLY D 83 -31.40 33.33 8.08
CA GLY D 83 -30.95 33.67 6.74
C GLY D 83 -31.76 33.04 5.63
N LEU D 84 -32.89 32.42 5.96
CA LEU D 84 -33.60 31.61 4.97
C LEU D 84 -34.86 32.23 4.34
N ALA D 85 -35.40 33.29 4.92
CA ALA D 85 -36.57 33.91 4.29
C ALA D 85 -36.22 34.38 2.88
N GLY D 86 -37.08 34.06 1.91
CA GLY D 86 -36.82 34.44 0.53
C GLY D 86 -36.13 33.36 -0.27
N ALA D 87 -35.64 32.34 0.41
CA ALA D 87 -35.02 31.21 -0.27
C ALA D 87 -36.08 30.35 -0.94
N GLU D 88 -35.72 29.67 -2.03
CA GLU D 88 -36.65 28.78 -2.70
C GLU D 88 -36.78 27.49 -1.89
N ALA D 89 -38.00 26.98 -1.78
CA ALA D 89 -38.25 25.75 -1.02
C ALA D 89 -37.99 24.50 -1.85
N LEU D 90 -36.75 24.35 -2.28
CA LEU D 90 -36.31 23.17 -3.01
C LEU D 90 -35.01 22.70 -2.37
N PRO D 91 -34.70 21.40 -2.47
CA PRO D 91 -33.57 20.88 -1.69
C PRO D 91 -32.20 21.48 -2.02
N LEU D 92 -31.84 21.60 -3.29
CA LEU D 92 -30.51 22.13 -3.61
C LEU D 92 -30.36 23.62 -3.28
N PRO D 93 -31.33 24.46 -3.67
CA PRO D 93 -31.27 25.87 -3.20
C PRO D 93 -31.23 25.97 -1.69
N LEU D 94 -31.99 25.15 -0.99
CA LEU D 94 -31.97 25.17 0.47
C LEU D 94 -30.58 24.83 1.01
N HIS D 95 -30.01 23.72 0.57
CA HIS D 95 -28.71 23.32 1.13
C HIS D 95 -27.60 24.32 0.80
N THR D 96 -27.63 24.85 -0.42
CA THR D 96 -26.64 25.85 -0.82
C THR D 96 -26.74 27.08 0.09
N ARG D 97 -27.96 27.53 0.36
CA ARG D 97 -28.13 28.67 1.25
C ARG D 97 -27.70 28.30 2.68
N MET D 98 -28.13 27.12 3.16
CA MET D 98 -27.76 26.72 4.53
C MET D 98 -26.25 26.63 4.73
N ASP D 99 -25.56 26.03 3.77
CA ASP D 99 -24.11 25.93 3.85
C ASP D 99 -23.42 27.28 3.83
N SER D 100 -24.09 28.30 3.28
CA SER D 100 -23.53 29.63 3.24
C SER D 100 -23.74 30.37 4.56
N LEU D 101 -24.60 29.83 5.42
CA LEU D 101 -24.94 30.45 6.70
C LEU D 101 -24.23 29.79 7.88
N LEU D 102 -23.89 28.52 7.76
CA LEU D 102 -23.36 27.77 8.89
C LEU D 102 -22.64 26.53 8.38
N CYS D 103 -21.43 26.32 8.88
CA CYS D 103 -20.64 25.17 8.52
C CYS D 103 -21.04 23.98 9.38
N GLY D 104 -21.19 22.81 8.76
CA GLY D 104 -21.51 21.60 9.51
C GLY D 104 -22.90 21.62 10.11
N HIS D 105 -23.03 21.05 11.30
CA HIS D 105 -24.30 20.94 12.00
C HIS D 105 -25.35 20.22 11.14
N ASN D 106 -24.95 19.08 10.57
CA ASN D 106 -25.88 18.32 9.73
C ASN D 106 -27.21 18.03 10.42
N TYR D 107 -27.17 17.71 11.72
CA TYR D 107 -28.41 17.33 12.39
C TYR D 107 -29.43 18.46 12.46
N ALA D 108 -28.97 19.71 12.47
CA ALA D 108 -29.88 20.84 12.47
C ALA D 108 -30.39 21.09 11.06
N LYS D 109 -29.46 21.08 10.10
CA LYS D 109 -29.80 21.20 8.68
C LYS D 109 -30.83 20.17 8.25
N SER D 110 -30.73 18.95 8.77
CA SER D 110 -31.67 17.86 8.46
C SER D 110 -33.12 18.27 8.69
N ALA D 111 -33.36 19.01 9.78
CA ALA D 111 -34.74 19.35 10.11
C ALA D 111 -35.36 20.29 9.06
N LEU D 112 -34.57 21.26 8.60
CA LEU D 112 -35.02 22.13 7.53
C LEU D 112 -35.18 21.39 6.20
N ASP D 113 -34.30 20.43 5.95
CA ASP D 113 -34.38 19.64 4.73
C ASP D 113 -35.68 18.83 4.72
N ILE D 114 -36.01 18.21 5.86
CA ILE D 114 -37.23 17.42 5.93
C ILE D 114 -38.45 18.31 5.70
N ALA D 115 -38.45 19.48 6.30
CA ALA D 115 -39.55 20.43 6.14
C ALA D 115 -39.73 20.88 4.70
N VAL D 116 -38.61 21.12 4.01
CA VAL D 116 -38.68 21.51 2.60
C VAL D 116 -39.28 20.38 1.76
N HIS D 117 -38.88 19.14 2.05
CA HIS D 117 -39.47 18.01 1.33
C HIS D 117 -40.96 17.86 1.59
N ASP D 118 -41.38 18.13 2.82
CA ASP D 118 -42.81 18.10 3.15
C ASP D 118 -43.57 19.17 2.34
N LEU D 119 -43.08 20.40 2.41
CA LEU D 119 -43.67 21.53 1.68
C LEU D 119 -43.71 21.27 0.17
N TRP D 120 -42.62 20.78 -0.37
CA TRP D 120 -42.49 20.49 -1.79
C TRP D 120 -43.52 19.47 -2.25
N GLY D 121 -43.64 18.36 -1.50
CA GLY D 121 -44.61 17.33 -1.85
C GLY D 121 -46.05 17.81 -1.71
N LYS D 122 -46.32 18.63 -0.71
CA LYS D 122 -47.66 19.17 -0.56
C LYS D 122 -48.01 20.10 -1.73
N ARG D 123 -47.04 20.91 -2.14
CA ARG D 123 -47.24 21.80 -3.30
C ARG D 123 -47.58 21.03 -4.58
N LEU D 124 -46.83 19.96 -4.84
CA LEU D 124 -47.01 19.22 -6.08
C LEU D 124 -48.06 18.14 -5.96
N GLY D 125 -48.55 17.92 -4.74
CA GLY D 125 -49.55 16.90 -4.47
C GLY D 125 -49.06 15.47 -4.55
N VAL D 126 -47.81 15.22 -4.18
CA VAL D 126 -47.26 13.86 -4.22
C VAL D 126 -46.52 13.53 -2.93
N PRO D 127 -46.40 12.23 -2.61
CA PRO D 127 -45.65 11.87 -1.40
C PRO D 127 -44.15 12.12 -1.53
N VAL D 128 -43.50 12.33 -0.39
CA VAL D 128 -42.06 12.52 -0.40
C VAL D 128 -41.33 11.39 -1.10
N HIS D 129 -41.81 10.15 -0.94
CA HIS D 129 -41.10 9.05 -1.62
C HIS D 129 -41.10 9.21 -3.15
N GLU D 130 -42.12 9.85 -3.71
CA GLU D 130 -42.07 10.14 -5.15
C GLU D 130 -40.96 11.15 -5.45
N LEU D 131 -40.89 12.21 -4.65
CA LEU D 131 -39.86 13.22 -4.85
C LEU D 131 -38.44 12.65 -4.70
N LEU D 132 -38.32 11.55 -3.97
CA LEU D 132 -37.03 10.89 -3.78
C LEU D 132 -36.73 9.88 -4.88
N GLY D 133 -37.59 9.83 -5.89
CA GLY D 133 -37.32 8.97 -7.03
C GLY D 133 -38.37 7.89 -7.26
N GLY D 134 -39.23 7.67 -6.27
CA GLY D 134 -40.30 6.70 -6.43
C GLY D 134 -40.12 5.49 -5.54
N ALA D 135 -41.15 5.19 -4.74
CA ALA D 135 -41.12 4.03 -3.85
C ALA D 135 -41.06 2.73 -4.65
N LEU D 136 -40.29 1.78 -4.16
CA LEU D 136 -40.22 0.46 -4.74
C LEU D 136 -41.12 -0.49 -3.96
N THR D 137 -41.65 -0.02 -2.83
CA THR D 137 -42.44 -0.92 -1.99
C THR D 137 -43.49 -0.13 -1.20
N ASP D 138 -44.57 -0.80 -0.82
CA ASP D 138 -45.65 -0.17 -0.04
C ASP D 138 -45.48 -0.37 1.46
N SER D 139 -44.53 -1.23 1.85
CA SER D 139 -44.24 -1.40 3.26
C SER D 139 -42.76 -1.77 3.39
N VAL D 140 -42.13 -1.32 4.47
CA VAL D 140 -40.70 -1.57 4.64
C VAL D 140 -40.41 -2.40 5.88
N SER D 141 -39.28 -3.12 5.86
CA SER D 141 -38.91 -3.91 7.00
C SER D 141 -38.37 -2.97 8.07
N SER D 142 -38.38 -3.42 9.32
CA SER D 142 -37.77 -2.67 10.40
C SER D 142 -36.84 -3.60 11.16
N TYR D 143 -36.12 -3.06 12.12
CA TYR D 143 -35.37 -3.92 13.03
C TYR D 143 -35.54 -3.45 14.46
N TYR D 144 -35.38 -4.36 15.40
CA TYR D 144 -35.55 -4.02 16.79
C TYR D 144 -34.19 -3.90 17.46
N SER D 145 -34.04 -2.89 18.30
CA SER D 145 -32.78 -2.66 18.99
C SER D 145 -32.89 -3.04 20.46
N LEU D 146 -32.13 -4.04 20.89
CA LEU D 146 -32.11 -4.44 22.29
C LEU D 146 -31.05 -3.64 23.01
N GLY D 147 -31.45 -2.84 24.00
CA GLY D 147 -30.48 -2.09 24.78
C GLY D 147 -29.57 -3.04 25.55
N VAL D 148 -28.44 -2.51 26.02
CA VAL D 148 -27.53 -3.29 26.84
C VAL D 148 -28.29 -3.80 28.08
N MET D 149 -28.27 -5.12 28.27
CA MET D 149 -28.98 -5.76 29.39
C MET D 149 -28.34 -7.10 29.72
N GLU D 150 -28.74 -7.73 30.82
CA GLU D 150 -28.24 -9.07 31.16
C GLU D 150 -28.51 -10.02 29.99
N PRO D 151 -27.53 -10.90 29.68
CA PRO D 151 -27.62 -11.87 28.58
C PRO D 151 -28.92 -12.68 28.50
N ASP D 152 -29.34 -13.30 29.60
CA ASP D 152 -30.57 -14.11 29.60
C ASP D 152 -31.79 -13.30 29.22
N GLU D 153 -31.85 -12.04 29.66
CA GLU D 153 -32.97 -11.19 29.31
C GLU D 153 -32.89 -10.77 27.84
N ALA D 154 -31.68 -10.52 27.36
CA ALA D 154 -31.52 -10.20 25.94
C ALA D 154 -31.99 -11.37 25.09
N ALA D 155 -31.67 -12.59 25.53
CA ALA D 155 -32.07 -13.78 24.80
C ALA D 155 -33.59 -13.90 24.78
N ARG D 156 -34.20 -13.61 25.93
CA ARG D 156 -35.64 -13.70 26.08
C ARG D 156 -36.36 -12.71 25.16
N GLN D 157 -35.90 -11.47 25.16
CA GLN D 157 -36.51 -10.43 24.33
C GLN D 157 -36.27 -10.67 22.84
N ALA D 158 -35.09 -11.19 22.52
CA ALA D 158 -34.72 -11.52 21.14
C ALA D 158 -35.78 -12.41 20.51
N LEU D 159 -36.09 -13.51 21.19
CA LEU D 159 -37.07 -14.47 20.72
C LEU D 159 -38.45 -13.80 20.64
N GLU D 160 -38.73 -12.97 21.63
CA GLU D 160 -40.02 -12.28 21.68
C GLU D 160 -40.20 -11.35 20.47
N LYS D 161 -39.15 -10.60 20.16
CA LYS D 161 -39.23 -9.68 19.04
C LYS D 161 -39.21 -10.40 17.69
N GLN D 162 -38.52 -11.53 17.63
CA GLN D 162 -38.53 -12.34 16.41
C GLN D 162 -39.95 -12.84 16.14
N ARG D 163 -40.64 -13.29 17.19
CA ARG D 163 -41.99 -13.82 17.06
C ARG D 163 -43.00 -12.72 16.71
N GLU D 164 -42.63 -11.48 17.01
CA GLU D 164 -43.47 -10.33 16.72
C GLU D 164 -43.36 -9.94 15.23
N GLY D 165 -42.33 -10.47 14.57
CA GLY D 165 -42.19 -10.27 13.13
C GLY D 165 -40.98 -9.50 12.61
N TYR D 166 -40.13 -9.04 13.51
CA TYR D 166 -38.93 -8.31 13.08
C TYR D 166 -38.00 -9.17 12.23
N SER D 167 -37.49 -8.62 11.14
N SER D 167 -37.51 -8.59 11.14
CA SER D 167 -36.64 -9.38 10.22
CA SER D 167 -36.65 -9.27 10.18
C SER D 167 -35.18 -9.32 10.65
C SER D 167 -35.21 -9.33 10.66
N ARG D 168 -34.88 -8.43 11.58
CA ARG D 168 -33.51 -8.21 11.98
C ARG D 168 -33.49 -7.74 13.42
N LEU D 169 -32.39 -8.06 14.11
CA LEU D 169 -32.28 -7.73 15.51
C LEU D 169 -30.92 -7.10 15.73
N GLN D 170 -30.92 -5.92 16.34
CA GLN D 170 -29.66 -5.29 16.74
C GLN D 170 -29.47 -5.49 18.24
N VAL D 171 -28.36 -6.11 18.61
CA VAL D 171 -28.03 -6.32 20.02
C VAL D 171 -27.01 -5.26 20.46
N LYS D 172 -27.42 -4.34 21.33
CA LYS D 172 -26.50 -3.33 21.83
C LYS D 172 -25.58 -3.91 22.90
N LEU D 173 -24.29 -3.57 22.80
CA LEU D 173 -23.27 -4.15 23.65
C LEU D 173 -22.36 -3.05 24.18
N GLY D 174 -21.44 -3.41 25.09
CA GLY D 174 -20.42 -2.48 25.53
C GLY D 174 -20.64 -1.91 26.93
N ALA D 175 -19.71 -1.07 27.37
CA ALA D 175 -19.79 -0.45 28.70
C ALA D 175 -19.78 -1.48 29.84
N ARG D 176 -19.13 -2.61 29.59
CA ARG D 176 -19.01 -3.69 30.58
C ARG D 176 -17.95 -4.64 29.99
N PRO D 177 -17.45 -5.61 30.79
CA PRO D 177 -16.41 -6.50 30.26
C PRO D 177 -16.86 -7.23 28.97
N ILE D 178 -15.95 -7.39 28.02
CA ILE D 178 -16.27 -8.03 26.75
C ILE D 178 -16.77 -9.47 26.94
N GLU D 179 -16.34 -10.11 28.03
CA GLU D 179 -16.81 -11.44 28.41
C GLU D 179 -18.34 -11.51 28.42
N ILE D 180 -18.96 -10.47 28.98
CA ILE D 180 -20.41 -10.40 29.08
C ILE D 180 -21.08 -10.14 27.72
N ASP D 181 -20.44 -9.32 26.90
CA ASP D 181 -20.93 -9.06 25.54
C ASP D 181 -20.93 -10.34 24.71
N ILE D 182 -19.87 -11.13 24.85
CA ILE D 182 -19.78 -12.41 24.14
C ILE D 182 -20.83 -13.37 24.68
N GLU D 183 -21.00 -13.41 26.00
CA GLU D 183 -22.04 -14.24 26.61
C GLU D 183 -23.42 -13.87 26.06
N ALA D 184 -23.67 -12.57 25.95
CA ALA D 184 -24.94 -12.09 25.44
C ALA D 184 -25.20 -12.47 23.98
N ILE D 185 -24.21 -12.27 23.10
CA ILE D 185 -24.44 -12.53 21.69
C ILE D 185 -24.67 -14.04 21.46
N ARG D 186 -23.98 -14.88 22.22
CA ARG D 186 -24.14 -16.33 22.12
C ARG D 186 -25.53 -16.79 22.56
N LYS D 187 -26.02 -16.20 23.64
CA LYS D 187 -27.32 -16.60 24.18
C LYS D 187 -28.44 -16.12 23.27
N VAL D 188 -28.27 -14.94 22.69
CA VAL D 188 -29.24 -14.42 21.74
C VAL D 188 -29.26 -15.32 20.52
N TRP D 189 -28.07 -15.66 20.03
CA TRP D 189 -27.96 -16.56 18.89
C TRP D 189 -28.61 -17.93 19.16
N GLU D 190 -28.38 -18.51 20.34
CA GLU D 190 -28.96 -19.82 20.62
C GLU D 190 -30.47 -19.73 20.68
N ALA D 191 -30.97 -18.57 21.09
CA ALA D 191 -32.41 -18.35 21.20
C ALA D 191 -33.09 -18.16 19.84
N VAL D 192 -32.39 -17.56 18.88
CA VAL D 192 -33.02 -17.24 17.58
C VAL D 192 -32.43 -17.96 16.37
N ARG D 193 -31.44 -18.81 16.56
CA ARG D 193 -30.87 -19.56 15.44
C ARG D 193 -31.93 -20.48 14.81
N GLY D 194 -31.99 -20.48 13.49
CA GLY D 194 -32.96 -21.28 12.78
C GLY D 194 -34.13 -20.46 12.25
N THR D 195 -34.32 -19.26 12.79
CA THR D 195 -35.45 -18.42 12.40
C THR D 195 -35.09 -17.54 11.20
N GLY D 196 -33.81 -17.49 10.86
CA GLY D 196 -33.34 -16.71 9.72
C GLY D 196 -33.28 -15.22 9.98
N ILE D 197 -33.60 -14.81 11.20
CA ILE D 197 -33.54 -13.39 11.56
C ILE D 197 -32.11 -12.87 11.46
N ALA D 198 -31.95 -11.68 10.90
CA ALA D 198 -30.62 -11.10 10.72
C ALA D 198 -30.11 -10.52 12.05
N LEU D 199 -28.80 -10.58 12.24
CA LEU D 199 -28.22 -10.23 13.54
C LEU D 199 -27.13 -9.17 13.43
N ALA D 200 -27.27 -8.10 14.20
CA ALA D 200 -26.22 -7.08 14.29
C ALA D 200 -25.76 -6.94 15.73
N ALA D 201 -24.45 -6.99 15.93
CA ALA D 201 -23.84 -6.76 17.23
C ALA D 201 -23.31 -5.33 17.26
N ASP D 202 -23.98 -4.44 17.99
CA ASP D 202 -23.61 -3.01 17.97
C ASP D 202 -22.80 -2.62 19.21
N GLY D 203 -21.51 -2.36 19.00
CA GLY D 203 -20.62 -2.02 20.10
C GLY D 203 -20.71 -0.56 20.50
N ASN D 204 -21.42 0.22 19.70
CA ASN D 204 -21.61 1.65 19.92
C ASN D 204 -20.33 2.40 20.32
N ARG D 205 -19.25 2.18 19.57
CA ARG D 205 -17.95 2.84 19.80
C ARG D 205 -17.29 2.42 21.10
N GLY D 206 -17.84 1.37 21.73
CA GLY D 206 -17.44 1.03 23.09
C GLY D 206 -16.27 0.07 23.25
N TRP D 207 -15.80 -0.51 22.15
CA TRP D 207 -14.73 -1.50 22.25
C TRP D 207 -13.35 -1.01 21.79
N THR D 208 -12.33 -1.35 22.55
CA THR D 208 -10.96 -1.18 22.08
C THR D 208 -10.77 -2.16 20.93
N THR D 209 -9.80 -1.90 20.06
CA THR D 209 -9.47 -2.89 19.03
C THR D 209 -9.12 -4.26 19.63
N ARG D 210 -8.50 -4.26 20.81
CA ARG D 210 -8.21 -5.51 21.51
C ARG D 210 -9.47 -6.37 21.65
N ASP D 211 -10.56 -5.76 22.12
CA ASP D 211 -11.77 -6.53 22.43
C ASP D 211 -12.60 -6.82 21.18
N ALA D 212 -12.47 -5.99 20.16
CA ALA D 212 -13.18 -6.22 18.92
C ALA D 212 -12.59 -7.45 18.22
N LEU D 213 -11.27 -7.54 18.21
CA LEU D 213 -10.61 -8.71 17.64
C LEU D 213 -11.08 -9.98 18.32
N ARG D 214 -11.20 -9.91 19.65
CA ARG D 214 -11.63 -11.07 20.43
C ARG D 214 -13.06 -11.48 20.13
N PHE D 215 -13.96 -10.49 20.06
CA PHE D 215 -15.37 -10.74 19.81
C PHE D 215 -15.56 -11.54 18.53
N SER D 216 -14.91 -11.11 17.45
CA SER D 216 -14.98 -11.81 16.19
C SER D 216 -14.28 -13.18 16.25
N ARG D 217 -13.08 -13.20 16.81
CA ARG D 217 -12.27 -14.43 16.85
C ARG D 217 -12.97 -15.58 17.57
N GLU D 218 -13.68 -15.26 18.66
CA GLU D 218 -14.35 -16.31 19.44
C GLU D 218 -15.66 -16.80 18.84
N CYS D 219 -16.22 -16.07 17.88
CA CYS D 219 -17.57 -16.37 17.40
C CYS D 219 -17.72 -16.55 15.89
N PRO D 220 -16.83 -17.34 15.25
CA PRO D 220 -16.99 -17.45 13.80
C PRO D 220 -18.33 -18.08 13.41
N ASP D 221 -18.89 -18.88 14.34
CA ASP D 221 -20.12 -19.61 14.12
C ASP D 221 -21.39 -18.76 14.26
N ILE D 222 -21.23 -17.52 14.68
CA ILE D 222 -22.38 -16.65 14.90
C ILE D 222 -22.39 -15.58 13.82
N PRO D 223 -23.46 -15.53 13.01
CA PRO D 223 -23.45 -14.66 11.83
C PRO D 223 -23.87 -13.23 12.09
N PHE D 224 -23.28 -12.58 13.08
CA PHE D 224 -23.56 -11.17 13.30
C PHE D 224 -22.73 -10.35 12.34
N VAL D 225 -23.20 -9.14 12.04
CA VAL D 225 -22.32 -8.11 11.53
C VAL D 225 -21.86 -7.29 12.75
N MET D 226 -20.63 -6.80 12.72
CA MET D 226 -20.14 -5.95 13.80
C MET D 226 -20.41 -4.51 13.42
N GLU D 227 -21.36 -3.89 14.13
CA GLU D 227 -21.74 -2.52 13.85
C GLU D 227 -20.95 -1.57 14.77
N GLN D 228 -20.25 -0.62 14.16
CA GLN D 228 -19.43 0.37 14.88
C GLN D 228 -18.85 -0.14 16.19
N PRO D 229 -18.03 -1.20 16.12
CA PRO D 229 -17.50 -1.78 17.36
C PRO D 229 -16.58 -0.83 18.07
N CYS D 230 -15.84 -0.03 17.31
CA CYS D 230 -14.77 0.79 17.90
C CYS D 230 -15.05 2.27 17.73
N ASN D 231 -14.20 3.07 18.36
CA ASN D 231 -14.52 4.48 18.55
C ASN D 231 -14.17 5.41 17.37
N SER D 232 -13.36 4.94 16.43
CA SER D 232 -12.95 5.82 15.33
C SER D 232 -12.85 5.09 14.01
N PHE D 233 -12.83 5.88 12.94
CA PHE D 233 -12.62 5.38 11.59
C PHE D 233 -11.30 4.61 11.55
N GLU D 234 -10.26 5.16 12.19
CA GLU D 234 -8.96 4.52 12.23
C GLU D 234 -8.99 3.16 12.90
N ASP D 235 -9.80 3.01 13.94
CA ASP D 235 -9.90 1.71 14.60
C ASP D 235 -10.67 0.70 13.75
N LEU D 236 -11.65 1.17 12.98
CA LEU D 236 -12.29 0.29 11.99
C LEU D 236 -11.27 -0.19 10.98
N GLU D 237 -10.43 0.73 10.50
CA GLU D 237 -9.36 0.33 9.58
C GLU D 237 -8.39 -0.66 10.21
N ALA D 238 -8.09 -0.49 11.49
CA ALA D 238 -7.21 -1.42 12.20
C ALA D 238 -7.73 -2.85 12.22
N ILE D 239 -9.02 -3.01 12.53
CA ILE D 239 -9.56 -4.35 12.74
C ILE D 239 -10.06 -5.01 11.45
N ARG D 240 -10.34 -4.20 10.43
CA ARG D 240 -10.88 -4.70 9.16
C ARG D 240 -10.13 -5.92 8.58
N PRO D 241 -8.78 -5.86 8.46
CA PRO D 241 -8.13 -7.03 7.87
C PRO D 241 -7.97 -8.19 8.84
N LEU D 242 -8.41 -8.00 10.08
CA LEU D 242 -8.18 -9.02 11.13
C LEU D 242 -9.47 -9.63 11.65
N CYS D 243 -10.60 -9.20 11.08
CA CYS D 243 -11.88 -9.76 11.50
C CYS D 243 -12.53 -10.43 10.30
N HIS D 244 -12.89 -11.69 10.46
CA HIS D 244 -13.57 -12.42 9.40
C HIS D 244 -15.10 -12.19 9.42
N HIS D 245 -15.60 -11.40 10.36
CA HIS D 245 -16.99 -10.95 10.31
C HIS D 245 -17.13 -9.63 9.57
N ALA D 246 -18.28 -9.48 8.91
CA ALA D 246 -18.66 -8.21 8.29
C ALA D 246 -18.64 -7.07 9.29
N LEU D 247 -18.25 -5.90 8.80
CA LEU D 247 -18.13 -4.69 9.60
C LEU D 247 -19.06 -3.62 9.03
N TYR D 248 -19.87 -3.01 9.89
CA TYR D 248 -20.75 -1.92 9.47
C TYR D 248 -20.32 -0.66 10.19
N MET D 249 -20.37 0.46 9.47
CA MET D 249 -20.12 1.77 10.08
C MET D 249 -21.45 2.37 10.51
N ASP D 250 -21.49 3.02 11.68
CA ASP D 250 -22.66 3.80 12.08
C ASP D 250 -22.20 5.21 12.45
N GLU D 251 -21.88 5.43 13.74
CA GLU D 251 -21.50 6.77 14.23
C GLU D 251 -20.42 7.49 13.40
N ASP D 252 -19.49 6.75 12.81
CA ASP D 252 -18.42 7.41 12.05
C ASP D 252 -18.85 7.95 10.69
N GLY D 253 -20.05 7.59 10.24
CA GLY D 253 -20.51 8.02 8.93
C GLY D 253 -21.12 9.40 9.01
N THR D 254 -20.27 10.39 9.23
CA THR D 254 -20.74 11.74 9.57
C THR D 254 -20.97 12.69 8.38
N SER D 255 -20.64 12.23 7.17
CA SER D 255 -20.87 13.02 5.96
C SER D 255 -20.83 12.12 4.73
N LEU D 256 -21.39 12.60 3.62
CA LEU D 256 -21.30 11.85 2.36
C LEU D 256 -19.85 11.61 1.98
N ASN D 257 -19.02 12.64 2.16
CA ASN D 257 -17.59 12.51 1.90
C ASN D 257 -16.98 11.32 2.65
N THR D 258 -17.26 11.24 3.95
CA THR D 258 -16.71 10.16 4.77
C THR D 258 -17.22 8.77 4.38
N VAL D 259 -18.50 8.66 4.06
CA VAL D 259 -18.98 7.35 3.59
C VAL D 259 -18.36 6.96 2.25
N ILE D 260 -18.13 7.92 1.36
CA ILE D 260 -17.45 7.62 0.11
C ILE D 260 -16.04 7.10 0.37
N THR D 261 -15.34 7.68 1.33
CA THR D 261 -14.03 7.16 1.69
C THR D 261 -14.16 5.72 2.18
N ALA D 262 -15.16 5.45 3.01
CA ALA D 262 -15.31 4.12 3.60
C ALA D 262 -15.63 3.04 2.58
N ALA D 263 -16.59 3.32 1.71
CA ALA D 263 -17.06 2.22 0.89
C ALA D 263 -16.23 2.01 -0.35
N ALA D 264 -15.65 3.07 -0.90
CA ALA D 264 -14.76 2.80 -2.01
C ALA D 264 -13.45 2.16 -1.56
N THR D 265 -13.01 2.41 -0.33
CA THR D 265 -11.85 1.64 0.18
C THR D 265 -12.29 0.24 0.70
N SER D 266 -13.59 -0.02 0.63
CA SER D 266 -14.17 -1.27 1.09
C SER D 266 -13.87 -1.56 2.56
N LEU D 267 -13.81 -0.48 3.34
CA LEU D 267 -13.61 -0.60 4.78
C LEU D 267 -14.75 -1.36 5.44
N VAL D 268 -15.97 -1.20 4.92
CA VAL D 268 -17.14 -1.77 5.57
C VAL D 268 -18.00 -2.48 4.56
N ASP D 269 -18.90 -3.31 5.08
CA ASP D 269 -19.79 -4.12 4.26
C ASP D 269 -21.19 -3.57 4.29
N GLY D 270 -21.39 -2.49 5.05
CA GLY D 270 -22.70 -1.89 5.15
C GLY D 270 -22.70 -0.76 6.15
N PHE D 271 -23.86 -0.12 6.32
CA PHE D 271 -23.97 1.06 7.18
C PHE D 271 -25.23 1.06 8.05
N GLY D 272 -25.10 1.55 9.26
CA GLY D 272 -26.25 2.05 9.98
C GLY D 272 -26.22 3.52 9.58
N MET D 273 -27.30 4.03 9.01
CA MET D 273 -27.27 5.42 8.59
C MET D 273 -28.43 6.20 9.16
N LYS D 274 -28.13 7.36 9.73
CA LYS D 274 -29.15 8.24 10.29
C LYS D 274 -29.35 9.48 9.42
N VAL D 275 -30.62 9.80 9.14
CA VAL D 275 -30.95 10.95 8.31
C VAL D 275 -30.35 12.24 8.86
N SER D 276 -30.46 12.47 10.16
CA SER D 276 -29.95 13.72 10.72
C SER D 276 -28.42 13.83 10.63
N ARG D 277 -27.72 12.72 10.86
CA ARG D 277 -26.26 12.74 10.82
C ARG D 277 -25.73 13.09 9.43
N ILE D 278 -26.43 12.64 8.40
CA ILE D 278 -25.94 12.84 7.04
C ILE D 278 -26.42 14.18 6.47
N GLY D 279 -27.36 14.81 7.16
CA GLY D 279 -27.75 16.17 6.83
C GLY D 279 -29.10 16.33 6.14
N GLY D 280 -29.90 15.28 6.11
CA GLY D 280 -31.25 15.40 5.58
C GLY D 280 -31.52 14.42 4.46
N LEU D 281 -32.74 14.49 3.92
CA LEU D 281 -33.16 13.57 2.87
C LEU D 281 -32.39 13.78 1.56
N GLN D 282 -32.01 15.01 1.24
CA GLN D 282 -31.20 15.25 0.03
C GLN D 282 -29.91 14.42 0.04
N HIS D 283 -29.22 14.40 1.18
CA HIS D 283 -27.98 13.66 1.28
C HIS D 283 -28.24 12.19 1.53
N MET D 284 -29.32 11.87 2.24
CA MET D 284 -29.68 10.47 2.43
C MET D 284 -30.00 9.79 1.09
N ARG D 285 -30.59 10.55 0.15
CA ARG D 285 -30.92 9.99 -1.15
C ARG D 285 -29.66 9.70 -1.95
N ALA D 286 -28.67 10.60 -1.85
CA ALA D 286 -27.39 10.38 -2.52
C ALA D 286 -26.69 9.18 -1.90
N PHE D 287 -26.76 9.08 -0.57
CA PHE D 287 -26.20 7.93 0.14
C PHE D 287 -26.82 6.61 -0.33
N ARG D 288 -28.14 6.60 -0.48
CA ARG D 288 -28.84 5.42 -0.99
C ARG D 288 -28.32 5.03 -2.37
N ASP D 289 -28.17 6.02 -3.24
CA ASP D 289 -27.72 5.76 -4.61
C ASP D 289 -26.29 5.22 -4.61
N PHE D 290 -25.49 5.73 -3.68
N PHE D 290 -25.46 5.72 -3.69
CA PHE D 290 -24.11 5.27 -3.52
CA PHE D 290 -24.07 5.24 -3.57
C PHE D 290 -24.07 3.80 -3.11
C PHE D 290 -24.05 3.78 -3.11
N CYS D 291 -24.88 3.45 -2.12
CA CYS D 291 -24.93 2.07 -1.63
C CYS D 291 -25.48 1.12 -2.69
N ALA D 292 -26.45 1.57 -3.47
CA ALA D 292 -27.00 0.73 -4.52
C ALA D 292 -25.93 0.43 -5.55
N ALA D 293 -25.16 1.45 -5.92
CA ALA D 293 -24.08 1.26 -6.89
C ALA D 293 -23.01 0.30 -6.38
N ARG D 294 -22.78 0.30 -5.07
CA ARG D 294 -21.73 -0.53 -4.48
C ARG D 294 -22.23 -1.85 -3.89
N ASN D 295 -23.53 -2.09 -4.00
CA ASN D 295 -24.16 -3.30 -3.42
C ASN D 295 -23.93 -3.42 -1.91
N LEU D 296 -24.08 -2.31 -1.19
CA LEU D 296 -23.85 -2.28 0.25
C LEU D 296 -25.15 -2.07 1.01
N PRO D 297 -25.53 -3.04 1.84
CA PRO D 297 -26.78 -2.88 2.60
C PRO D 297 -26.68 -1.76 3.63
N HIS D 298 -27.81 -1.14 3.95
CA HIS D 298 -27.81 -0.08 4.94
C HIS D 298 -29.17 0.02 5.61
N THR D 299 -29.19 0.63 6.79
CA THR D 299 -30.45 0.92 7.47
C THR D 299 -30.94 2.29 7.04
N CYS D 300 -32.17 2.63 7.40
CA CYS D 300 -32.71 3.97 7.17
C CYS D 300 -33.30 4.47 8.47
N ASP D 301 -32.46 5.07 9.31
CA ASP D 301 -32.80 5.38 10.69
C ASP D 301 -32.68 6.88 10.96
N ASP D 302 -33.02 7.26 12.17
CA ASP D 302 -32.54 8.51 12.69
C ASP D 302 -32.24 8.28 14.17
N ALA D 303 -31.76 9.33 14.85
CA ALA D 303 -31.35 9.18 16.24
C ALA D 303 -32.55 8.90 17.14
N TRP D 304 -33.58 9.73 17.00
CA TRP D 304 -34.79 9.62 17.80
C TRP D 304 -35.79 10.58 17.17
N GLY D 305 -37.02 10.58 17.67
CA GLY D 305 -37.99 11.56 17.24
C GLY D 305 -39.39 11.02 17.15
N GLY D 306 -40.34 11.90 16.82
CA GLY D 306 -41.73 11.52 16.67
C GLY D 306 -42.14 11.30 15.22
N ASP D 307 -43.37 11.67 14.90
CA ASP D 307 -43.97 11.34 13.60
C ASP D 307 -43.22 11.94 12.42
N ILE D 308 -42.65 13.12 12.61
CA ILE D 308 -42.00 13.80 11.49
C ILE D 308 -40.73 13.07 11.08
N VAL D 309 -39.86 12.80 12.05
CA VAL D 309 -38.64 12.02 11.82
C VAL D 309 -38.99 10.65 11.25
N SER D 310 -39.96 9.99 11.86
CA SER D 310 -40.32 8.65 11.44
C SER D 310 -40.90 8.60 10.02
N ALA D 311 -41.70 9.60 9.67
CA ALA D 311 -42.20 9.70 8.29
C ALA D 311 -41.04 9.84 7.32
N ALA D 312 -40.08 10.72 7.65
CA ALA D 312 -38.93 10.94 6.79
C ALA D 312 -38.16 9.65 6.52
N CYS D 313 -37.89 8.89 7.58
CA CYS D 313 -37.15 7.64 7.45
C CYS D 313 -37.92 6.63 6.63
N THR D 314 -39.23 6.59 6.83
CA THR D 314 -40.06 5.61 6.13
C THR D 314 -40.10 5.90 4.64
N HIS D 315 -40.22 7.18 4.31
CA HIS D 315 -40.24 7.58 2.90
C HIS D 315 -38.95 7.22 2.18
N ILE D 316 -37.80 7.55 2.79
CA ILE D 316 -36.54 7.17 2.13
C ILE D 316 -36.40 5.65 2.07
N ALA D 317 -36.82 4.95 3.12
CA ALA D 317 -36.65 3.50 3.17
C ALA D 317 -37.42 2.79 2.07
N SER D 318 -38.57 3.38 1.69
CA SER D 318 -39.43 2.77 0.67
C SER D 318 -38.81 2.80 -0.73
N THR D 319 -37.79 3.64 -0.92
CA THR D 319 -37.13 3.78 -2.23
C THR D 319 -35.86 2.91 -2.35
N VAL D 320 -35.58 2.14 -1.31
CA VAL D 320 -34.38 1.28 -1.32
C VAL D 320 -34.74 -0.12 -1.76
N LEU D 321 -33.90 -0.75 -2.60
CA LEU D 321 -34.10 -2.14 -2.95
C LEU D 321 -34.21 -2.95 -1.67
N PRO D 322 -35.32 -3.70 -1.50
CA PRO D 322 -35.57 -4.40 -0.24
C PRO D 322 -34.39 -5.27 0.22
N ARG D 323 -33.69 -5.92 -0.69
CA ARG D 323 -32.57 -6.78 -0.29
C ARG D 323 -31.39 -5.98 0.30
N LEU D 324 -31.32 -4.68 0.02
CA LEU D 324 -30.26 -3.85 0.58
C LEU D 324 -30.74 -3.06 1.79
N MET D 325 -32.05 -3.02 2.01
CA MET D 325 -32.59 -2.21 3.09
C MET D 325 -32.67 -3.05 4.36
N GLU D 326 -31.75 -2.78 5.28
CA GLU D 326 -31.59 -3.59 6.49
C GLU D 326 -32.68 -3.28 7.50
N GLY D 327 -33.46 -2.24 7.22
CA GLY D 327 -34.57 -1.89 8.10
C GLY D 327 -34.60 -0.43 8.48
N ALA D 328 -35.81 0.09 8.65
CA ALA D 328 -35.99 1.44 9.19
C ALA D 328 -36.28 1.33 10.68
N TRP D 329 -35.31 1.70 11.50
CA TRP D 329 -35.54 1.74 12.94
C TRP D 329 -36.28 3.02 13.28
N LEU D 330 -37.31 2.90 14.10
CA LEU D 330 -38.07 4.07 14.53
C LEU D 330 -38.10 4.16 16.05
N ALA D 331 -38.12 5.39 16.56
CA ALA D 331 -38.28 5.59 18.00
C ALA D 331 -39.74 5.38 18.44
N GLN D 332 -40.64 5.30 17.46
CA GLN D 332 -42.09 5.20 17.70
C GLN D 332 -42.55 4.33 18.89
N PRO D 333 -42.02 3.10 19.02
CA PRO D 333 -42.50 2.27 20.14
C PRO D 333 -42.10 2.83 21.50
N TYR D 334 -41.10 3.71 21.54
CA TYR D 334 -40.62 4.26 22.79
C TYR D 334 -41.21 5.65 23.04
N VAL D 335 -41.99 6.14 22.09
CA VAL D 335 -42.59 7.47 22.20
C VAL D 335 -44.09 7.38 22.49
N ALA D 336 -44.53 8.04 23.56
CA ALA D 336 -45.91 7.92 24.06
C ALA D 336 -46.89 8.92 23.46
N GLU D 337 -46.59 9.38 22.25
CA GLU D 337 -47.36 10.44 21.61
C GLU D 337 -47.25 10.31 20.08
N HIS D 338 -48.31 10.66 19.37
CA HIS D 338 -48.23 10.90 17.93
C HIS D 338 -48.61 12.35 17.69
N TYR D 339 -47.88 13.03 16.81
CA TYR D 339 -48.25 14.38 16.41
C TYR D 339 -49.51 14.30 15.56
N ASP D 340 -49.65 13.19 14.85
CA ASP D 340 -50.83 12.93 14.02
C ASP D 340 -51.31 11.51 14.37
N ALA D 341 -52.31 11.43 15.24
CA ALA D 341 -52.77 10.12 15.73
C ALA D 341 -53.27 9.21 14.61
N GLU D 342 -53.84 9.80 13.57
CA GLU D 342 -54.42 9.03 12.47
C GLU D 342 -53.38 8.52 11.48
N ASN D 343 -52.48 9.41 11.07
CA ASN D 343 -51.55 9.08 9.99
C ASN D 343 -50.11 8.82 10.42
N GLY D 344 -49.77 9.09 11.68
CA GLY D 344 -48.39 8.88 12.12
C GLY D 344 -47.97 7.44 11.90
N VAL D 345 -46.78 7.21 11.36
CA VAL D 345 -46.37 5.84 11.05
C VAL D 345 -46.15 5.04 12.31
N ARG D 346 -46.34 3.73 12.23
CA ARG D 346 -46.08 2.88 13.37
C ARG D 346 -45.64 1.51 12.90
N ILE D 347 -44.93 0.81 13.78
CA ILE D 347 -44.43 -0.52 13.47
C ILE D 347 -45.54 -1.53 13.73
N GLU D 348 -45.86 -2.31 12.71
CA GLU D 348 -46.90 -3.33 12.82
C GLU D 348 -46.35 -4.65 12.29
N GLY D 349 -46.31 -5.66 13.15
CA GLY D 349 -45.74 -6.94 12.78
C GLY D 349 -44.30 -6.83 12.29
N GLY D 350 -43.54 -5.93 12.91
CA GLY D 350 -42.15 -5.75 12.57
C GLY D 350 -41.91 -5.00 11.26
N ARG D 351 -42.98 -4.46 10.68
CA ARG D 351 -42.91 -3.73 9.41
C ARG D 351 -43.64 -2.39 9.50
N ILE D 352 -43.43 -1.53 8.51
CA ILE D 352 -44.00 -0.19 8.52
C ILE D 352 -44.69 0.10 7.19
N ARG D 353 -45.96 0.49 7.23
CA ARG D 353 -46.68 0.84 6.01
C ARG D 353 -46.24 2.21 5.55
N VAL D 354 -45.99 2.35 4.25
CA VAL D 354 -45.51 3.61 3.69
C VAL D 354 -46.67 4.59 3.45
N PRO D 355 -46.55 5.84 3.95
CA PRO D 355 -47.63 6.82 3.76
C PRO D 355 -47.82 7.15 2.28
N GLN D 356 -49.04 7.51 1.89
CA GLN D 356 -49.33 7.78 0.49
C GLN D 356 -49.89 9.17 0.25
N GLY D 357 -50.04 9.95 1.31
CA GLY D 357 -50.56 11.31 1.18
C GLY D 357 -49.53 12.26 0.60
N PRO D 358 -49.93 13.50 0.32
CA PRO D 358 -48.95 14.49 -0.15
C PRO D 358 -47.91 14.77 0.93
N GLY D 359 -46.68 15.08 0.52
CA GLY D 359 -45.63 15.39 1.48
C GLY D 359 -45.28 14.20 2.36
N LEU D 360 -44.99 14.46 3.63
CA LEU D 360 -44.67 13.40 4.59
C LEU D 360 -45.90 12.55 4.90
N GLY D 361 -47.08 13.07 4.61
CA GLY D 361 -48.33 12.37 4.86
C GLY D 361 -48.92 12.65 6.22
N LEU D 362 -48.57 13.81 6.78
CA LEU D 362 -49.02 14.19 8.12
C LEU D 362 -49.90 15.43 8.06
N THR D 363 -50.90 15.47 8.93
CA THR D 363 -51.65 16.69 9.14
C THR D 363 -51.52 17.04 10.61
N ILE D 364 -50.74 18.08 10.89
CA ILE D 364 -50.46 18.48 12.26
C ILE D 364 -50.95 19.91 12.43
N ASP D 365 -51.71 20.18 13.50
CA ASP D 365 -52.20 21.54 13.72
C ASP D 365 -51.00 22.49 13.79
N PRO D 366 -51.07 23.63 13.07
CA PRO D 366 -49.97 24.60 13.05
C PRO D 366 -49.54 25.11 14.43
N GLU D 367 -50.42 25.03 15.42
CA GLU D 367 -50.07 25.51 16.75
C GLU D 367 -49.83 24.37 17.75
N ARG D 368 -49.75 23.14 17.25
CA ARG D 368 -49.57 21.94 18.09
C ARG D 368 -48.48 22.09 19.14
N PHE D 369 -47.34 22.65 18.75
CA PHE D 369 -46.18 22.64 19.63
C PHE D 369 -46.02 23.91 20.46
N GLY D 370 -47.11 24.66 20.57
CA GLY D 370 -47.17 25.81 21.46
C GLY D 370 -46.68 27.05 20.75
N PRO D 371 -46.40 28.12 21.50
CA PRO D 371 -45.85 29.30 20.84
C PRO D 371 -44.42 29.02 20.39
N PRO D 372 -43.99 29.67 19.30
CA PRO D 372 -42.64 29.48 18.76
C PRO D 372 -41.57 29.95 19.75
N LEU D 373 -40.46 29.23 19.82
CA LEU D 373 -39.31 29.69 20.61
C LEU D 373 -38.59 30.78 19.84
N PHE D 374 -38.81 30.78 18.53
CA PHE D 374 -38.08 31.67 17.63
C PHE D 374 -38.77 31.72 16.28
N SER D 375 -38.78 32.90 15.67
CA SER D 375 -39.32 33.06 14.31
C SER D 375 -38.39 33.95 13.49
N ALA D 376 -38.29 33.68 12.19
CA ALA D 376 -37.53 34.55 11.29
C ALA D 376 -38.09 34.50 9.87
N LEU E 10 2.85 -34.70 -37.25
CA LEU E 10 4.21 -34.87 -37.72
C LEU E 10 5.20 -34.90 -36.56
N LYS E 11 5.94 -36.01 -36.45
CA LYS E 11 6.85 -36.17 -35.33
C LYS E 11 8.30 -35.84 -35.67
N ILE E 12 9.02 -35.37 -34.66
CA ILE E 12 10.45 -35.15 -34.77
C ILE E 12 11.16 -36.50 -34.85
N ALA E 13 12.00 -36.69 -35.86
CA ALA E 13 12.71 -37.95 -36.02
C ALA E 13 14.15 -37.86 -35.49
N GLU E 14 14.79 -36.72 -35.73
CA GLU E 14 16.17 -36.52 -35.31
C GLU E 14 16.43 -35.03 -35.05
N ILE E 15 17.34 -34.74 -34.14
CA ILE E 15 17.77 -33.37 -33.87
C ILE E 15 19.28 -33.30 -33.92
N GLN E 16 19.79 -32.35 -34.70
CA GLN E 16 21.23 -32.20 -34.86
C GLN E 16 21.66 -30.82 -34.36
N LEU E 17 22.81 -30.77 -33.69
CA LEU E 17 23.34 -29.51 -33.15
C LEU E 17 24.65 -29.18 -33.82
N PHE E 18 24.86 -27.90 -34.09
CA PHE E 18 26.09 -27.43 -34.69
C PHE E 18 26.50 -26.15 -34.00
N GLN E 19 27.79 -25.84 -34.07
CA GLN E 19 28.23 -24.51 -33.68
C GLN E 19 29.04 -23.91 -34.82
N HIS E 20 28.94 -22.59 -34.95
CA HIS E 20 29.55 -21.93 -36.08
C HIS E 20 30.09 -20.60 -35.62
N ASP E 21 31.28 -20.25 -36.07
CA ASP E 21 31.79 -18.93 -35.72
C ASP E 21 31.33 -17.87 -36.71
N LEU E 22 30.45 -17.01 -36.22
CA LEU E 22 29.87 -15.94 -37.00
C LEU E 22 30.84 -14.78 -37.01
N PRO E 23 31.47 -14.53 -38.17
CA PRO E 23 32.45 -13.45 -38.34
C PRO E 23 31.74 -12.11 -38.21
N VAL E 24 32.42 -11.13 -37.62
CA VAL E 24 31.86 -9.80 -37.47
C VAL E 24 32.31 -8.90 -38.62
N VAL E 25 31.63 -7.77 -38.78
CA VAL E 25 32.02 -6.78 -39.78
C VAL E 25 32.94 -5.74 -39.16
N SER E 38 34.74 -12.87 -34.06
CA SER E 38 33.56 -13.71 -34.31
C SER E 38 32.85 -14.05 -33.00
N LEU E 39 31.56 -14.38 -33.10
CA LEU E 39 30.82 -14.92 -31.97
C LEU E 39 30.35 -16.34 -32.29
N THR E 40 30.31 -17.20 -31.28
CA THR E 40 29.92 -18.58 -31.49
C THR E 40 28.40 -18.75 -31.44
N THR E 41 27.83 -19.01 -32.60
CA THR E 41 26.40 -19.27 -32.67
C THR E 41 26.12 -20.76 -32.56
N THR E 42 24.93 -21.09 -32.05
CA THR E 42 24.55 -22.49 -31.94
C THR E 42 23.32 -22.74 -32.80
N ILE E 43 23.47 -23.67 -33.75
CA ILE E 43 22.45 -23.99 -34.75
C ILE E 43 21.77 -25.31 -34.40
N VAL E 44 20.45 -25.33 -34.57
CA VAL E 44 19.63 -26.51 -34.35
C VAL E 44 19.00 -26.90 -35.68
N LYS E 45 19.10 -28.17 -36.06
CA LYS E 45 18.32 -28.67 -37.20
C LYS E 45 17.38 -29.75 -36.67
N ILE E 46 16.09 -29.53 -36.82
CA ILE E 46 15.11 -30.58 -36.52
C ILE E 46 14.68 -31.29 -37.79
N ILE E 47 14.80 -32.60 -37.80
CA ILE E 47 14.40 -33.37 -38.97
C ILE E 47 13.14 -34.13 -38.65
N ALA E 48 12.09 -33.86 -39.42
CA ALA E 48 10.83 -34.56 -39.24
C ALA E 48 10.90 -35.93 -39.90
N GLU E 49 9.96 -36.80 -39.54
CA GLU E 49 9.96 -38.18 -40.05
C GLU E 49 9.74 -38.27 -41.56
N ASP E 50 9.30 -37.19 -42.18
CA ASP E 50 9.12 -37.20 -43.64
C ASP E 50 10.34 -36.63 -44.35
N GLY E 51 11.33 -36.21 -43.57
CA GLY E 51 12.56 -35.67 -44.12
C GLY E 51 12.61 -34.16 -44.14
N THR E 52 11.47 -33.51 -43.89
N THR E 52 11.48 -33.52 -43.87
CA THR E 52 11.44 -32.06 -43.84
CA THR E 52 11.40 -32.06 -43.78
C THR E 52 12.26 -31.55 -42.65
C THR E 52 12.27 -31.56 -42.64
N ILE E 53 12.98 -30.46 -42.86
CA ILE E 53 13.84 -29.91 -41.81
C ILE E 53 13.44 -28.49 -41.39
N GLY E 54 13.73 -28.16 -40.14
CA GLY E 54 13.52 -26.82 -39.64
C GLY E 54 14.78 -26.32 -38.95
N TRP E 55 15.14 -25.06 -39.18
CA TRP E 55 16.35 -24.48 -38.58
C TRP E 55 16.04 -23.56 -37.40
N GLY E 56 16.84 -23.69 -36.35
CA GLY E 56 16.77 -22.80 -35.21
C GLY E 56 18.16 -22.31 -34.84
N GLU E 57 18.24 -21.28 -34.00
CA GLU E 57 19.53 -20.66 -33.69
C GLU E 57 19.46 -19.88 -32.38
N THR E 58 20.56 -19.89 -31.63
CA THR E 58 20.67 -19.02 -30.47
C THR E 58 22.11 -18.59 -30.31
N CYS E 59 22.30 -17.30 -30.04
CA CYS E 59 23.65 -16.75 -30.02
C CYS E 59 23.77 -15.64 -28.98
N PRO E 60 24.17 -16.01 -27.75
CA PRO E 60 24.41 -14.99 -26.72
C PRO E 60 25.47 -14.00 -27.18
N VAL E 61 25.37 -12.76 -26.72
CA VAL E 61 26.40 -11.76 -27.00
C VAL E 61 27.48 -11.86 -25.94
N GLY E 62 28.30 -12.90 -26.03
CA GLY E 62 29.31 -13.13 -25.02
C GLY E 62 28.67 -13.54 -23.69
N PRO E 63 29.52 -13.85 -22.71
CA PRO E 63 29.11 -14.48 -21.45
C PRO E 63 28.72 -13.53 -20.31
N THR E 64 28.80 -12.21 -20.49
CA THR E 64 28.50 -11.29 -19.38
C THR E 64 27.22 -10.45 -19.52
N TYR E 65 26.62 -10.42 -20.71
CA TYR E 65 25.44 -9.58 -20.94
C TYR E 65 24.20 -10.15 -20.25
N ALA E 66 24.07 -11.47 -20.28
CA ALA E 66 22.92 -12.15 -19.69
C ALA E 66 23.38 -13.47 -19.12
N GLU E 67 22.51 -14.17 -18.39
CA GLU E 67 22.86 -15.48 -17.86
C GLU E 67 22.76 -16.51 -18.98
N ALA E 68 23.73 -16.46 -19.89
CA ALA E 68 23.69 -17.28 -21.11
C ALA E 68 25.05 -17.24 -21.77
N HIS E 69 25.48 -18.36 -22.35
CA HIS E 69 26.72 -18.37 -23.11
C HIS E 69 26.71 -19.52 -24.13
N ALA E 70 27.56 -19.46 -25.14
CA ALA E 70 27.53 -20.44 -26.23
C ALA E 70 27.71 -21.87 -25.71
N GLY E 71 28.66 -22.05 -24.79
CA GLY E 71 28.88 -23.36 -24.19
C GLY E 71 27.66 -23.84 -23.42
N GLY E 72 26.96 -22.91 -22.78
CA GLY E 72 25.74 -23.24 -22.06
C GLY E 72 24.60 -23.59 -23.01
N ALA E 73 24.52 -22.89 -24.14
CA ALA E 73 23.48 -23.20 -25.12
C ALA E 73 23.64 -24.62 -25.62
N LEU E 74 24.88 -24.99 -25.94
CA LEU E 74 25.14 -26.33 -26.47
C LEU E 74 24.80 -27.40 -25.43
N ALA E 75 25.25 -27.19 -24.20
CA ALA E 75 25.04 -28.17 -23.14
C ALA E 75 23.57 -28.36 -22.85
N ALA E 76 22.82 -27.26 -22.82
CA ALA E 76 21.38 -27.35 -22.58
C ALA E 76 20.67 -28.00 -23.76
N LEU E 77 21.10 -27.66 -24.97
CA LEU E 77 20.51 -28.26 -26.16
C LEU E 77 20.78 -29.76 -26.27
N GLU E 78 21.93 -30.23 -25.77
CA GLU E 78 22.16 -31.67 -25.77
C GLU E 78 21.13 -32.37 -24.89
N VAL E 79 20.84 -31.78 -23.73
CA VAL E 79 19.86 -32.34 -22.81
C VAL E 79 18.48 -32.38 -23.46
N LEU E 80 18.08 -31.24 -24.03
CA LEU E 80 16.77 -31.15 -24.68
C LEU E 80 16.65 -32.10 -25.87
N ALA E 81 17.66 -32.10 -26.73
CA ALA E 81 17.63 -32.95 -27.92
C ALA E 81 17.49 -34.42 -27.53
N SER E 82 18.13 -34.81 -26.43
CA SER E 82 18.19 -36.22 -26.04
C SER E 82 16.83 -36.79 -25.64
N GLY E 83 15.86 -35.92 -25.39
CA GLY E 83 14.55 -36.37 -24.98
C GLY E 83 13.44 -35.97 -25.93
N LEU E 84 13.80 -35.45 -27.11
CA LEU E 84 12.78 -34.91 -28.02
C LEU E 84 12.36 -35.79 -29.19
N ALA E 85 13.11 -36.85 -29.49
CA ALA E 85 12.69 -37.74 -30.58
C ALA E 85 11.30 -38.27 -30.29
N GLY E 86 10.42 -38.21 -31.28
CA GLY E 86 9.07 -38.70 -31.12
C GLY E 86 8.09 -37.64 -30.65
N ALA E 87 8.59 -36.47 -30.27
CA ALA E 87 7.72 -35.36 -29.91
C ALA E 87 7.05 -34.77 -31.15
N GLU E 88 5.83 -34.25 -30.98
CA GLU E 88 5.13 -33.59 -32.07
C GLU E 88 5.80 -32.26 -32.38
N ALA E 89 6.01 -31.97 -33.66
CA ALA E 89 6.63 -30.71 -34.05
C ALA E 89 5.62 -29.57 -34.10
N LEU E 90 5.02 -29.31 -32.93
CA LEU E 90 4.13 -28.17 -32.74
C LEU E 90 4.58 -27.45 -31.47
N PRO E 91 4.30 -26.14 -31.37
CA PRO E 91 4.85 -25.33 -30.27
C PRO E 91 4.47 -25.78 -28.86
N LEU E 92 3.19 -26.04 -28.59
CA LEU E 92 2.80 -26.44 -27.24
C LEU E 92 3.31 -27.82 -26.82
N PRO E 93 3.17 -28.85 -27.68
CA PRO E 93 3.78 -30.14 -27.35
C PRO E 93 5.30 -30.02 -27.16
N LEU E 94 5.96 -29.23 -28.02
CA LEU E 94 7.41 -29.01 -27.87
C LEU E 94 7.78 -28.41 -26.51
N HIS E 95 7.13 -27.31 -26.15
CA HIS E 95 7.49 -26.65 -24.89
C HIS E 95 7.13 -27.51 -23.69
N THR E 96 6.04 -28.26 -23.80
CA THR E 96 5.65 -29.15 -22.71
C THR E 96 6.72 -30.22 -22.49
N ARG E 97 7.20 -30.82 -23.57
CA ARG E 97 8.28 -31.79 -23.48
C ARG E 97 9.59 -31.13 -23.00
N MET E 98 9.92 -29.98 -23.56
CA MET E 98 11.17 -29.30 -23.17
C MET E 98 11.19 -28.99 -21.67
N ASP E 99 10.07 -28.46 -21.15
CA ASP E 99 10.00 -28.13 -19.73
C ASP E 99 10.09 -29.37 -18.84
N SER E 100 9.77 -30.54 -19.38
CA SER E 100 9.84 -31.78 -18.60
C SER E 100 11.25 -32.35 -18.60
N LEU E 101 12.12 -31.82 -19.48
CA LEU E 101 13.49 -32.31 -19.63
C LEU E 101 14.52 -31.42 -18.95
N LEU E 102 14.24 -30.12 -18.88
CA LEU E 102 15.20 -29.16 -18.36
C LEU E 102 14.48 -27.93 -17.85
N CYS E 103 14.83 -27.51 -16.64
CA CYS E 103 14.27 -26.29 -16.04
C CYS E 103 14.97 -25.05 -16.60
N GLY E 104 14.19 -24.03 -16.96
CA GLY E 104 14.72 -22.77 -17.45
C GLY E 104 15.52 -22.89 -18.74
N HIS E 105 16.64 -22.16 -18.83
CA HIS E 105 17.46 -22.15 -20.04
C HIS E 105 16.66 -21.72 -21.26
N ASN E 106 15.92 -20.64 -21.11
CA ASN E 106 15.09 -20.13 -22.19
C ASN E 106 15.85 -19.94 -23.48
N TYR E 107 17.07 -19.41 -23.39
CA TYR E 107 17.81 -19.12 -24.61
C TYR E 107 18.10 -20.38 -25.43
N ALA E 108 18.24 -21.51 -24.76
CA ALA E 108 18.47 -22.77 -25.46
C ALA E 108 17.16 -23.26 -26.03
N LYS E 109 16.13 -23.27 -25.21
CA LYS E 109 14.80 -23.66 -25.67
C LYS E 109 14.34 -22.85 -26.88
N SER E 110 14.72 -21.58 -26.93
CA SER E 110 14.34 -20.71 -28.05
C SER E 110 14.75 -21.25 -29.40
N ALA E 111 15.95 -21.85 -29.45
CA ALA E 111 16.47 -22.34 -30.71
C ALA E 111 15.59 -23.47 -31.27
N LEU E 112 15.15 -24.37 -30.38
CA LEU E 112 14.29 -25.47 -30.80
C LEU E 112 12.91 -24.93 -31.18
N ASP E 113 12.46 -23.92 -30.43
CA ASP E 113 11.16 -23.32 -30.72
C ASP E 113 11.19 -22.73 -32.13
N ILE E 114 12.27 -22.01 -32.46
CA ILE E 114 12.35 -21.42 -33.79
C ILE E 114 12.36 -22.49 -34.88
N ALA E 115 13.13 -23.56 -34.68
CA ALA E 115 13.19 -24.64 -35.65
C ALA E 115 11.82 -25.29 -35.84
N VAL E 116 11.07 -25.44 -34.74
CA VAL E 116 9.74 -26.04 -34.84
C VAL E 116 8.82 -25.15 -35.68
N HIS E 117 8.91 -23.84 -35.47
CA HIS E 117 8.08 -22.93 -36.28
C HIS E 117 8.47 -22.96 -37.76
N ASP E 118 9.76 -23.09 -38.04
CA ASP E 118 10.23 -23.18 -39.42
C ASP E 118 9.64 -24.42 -40.06
N LEU E 119 9.78 -25.55 -39.36
CA LEU E 119 9.33 -26.85 -39.88
C LEU E 119 7.81 -26.89 -40.07
N TRP E 120 7.10 -26.26 -39.14
CA TRP E 120 5.63 -26.20 -39.18
C TRP E 120 5.17 -25.40 -40.38
N GLY E 121 5.78 -24.23 -40.61
CA GLY E 121 5.42 -23.40 -41.74
C GLY E 121 5.72 -24.08 -43.07
N LYS E 122 6.83 -24.79 -43.12
CA LYS E 122 7.20 -25.52 -44.33
C LYS E 122 6.20 -26.64 -44.60
N ARG E 123 5.80 -27.35 -43.56
CA ARG E 123 4.81 -28.42 -43.73
C ARG E 123 3.48 -27.88 -44.26
N LEU E 124 3.04 -26.73 -43.74
CA LEU E 124 1.74 -26.17 -44.14
C LEU E 124 1.83 -25.23 -45.34
N GLY E 125 3.07 -24.93 -45.75
CA GLY E 125 3.30 -24.07 -46.89
C GLY E 125 2.96 -22.62 -46.63
N VAL E 126 3.17 -22.14 -45.40
CA VAL E 126 2.90 -20.75 -45.05
C VAL E 126 4.05 -20.15 -44.25
N PRO E 127 4.24 -18.82 -44.32
CA PRO E 127 5.30 -18.18 -43.52
C PRO E 127 5.03 -18.23 -42.02
N VAL E 128 6.09 -18.15 -41.22
CA VAL E 128 5.96 -18.14 -39.77
C VAL E 128 5.02 -17.03 -39.30
N HIS E 129 5.05 -15.88 -39.96
CA HIS E 129 4.16 -14.81 -39.50
C HIS E 129 2.67 -15.18 -39.59
N GLU E 130 2.31 -16.04 -40.55
CA GLU E 130 0.94 -16.52 -40.60
C GLU E 130 0.66 -17.41 -39.38
N LEU E 131 1.57 -18.33 -39.07
CA LEU E 131 1.39 -19.21 -37.92
C LEU E 131 1.32 -18.42 -36.63
N LEU E 132 1.91 -17.23 -36.62
CA LEU E 132 1.88 -16.38 -35.43
C LEU E 132 0.65 -15.49 -35.37
N GLY E 133 -0.26 -15.66 -36.32
CA GLY E 133 -1.54 -14.97 -36.25
C GLY E 133 -1.82 -14.07 -37.44
N GLY E 134 -0.81 -13.85 -38.27
CA GLY E 134 -0.97 -13.04 -39.47
C GLY E 134 -0.20 -11.73 -39.37
N ALA E 135 0.68 -11.50 -40.35
CA ALA E 135 1.37 -10.22 -40.46
C ALA E 135 0.41 -9.05 -40.67
N LEU E 136 0.71 -7.94 -39.99
CA LEU E 136 -0.04 -6.71 -40.15
C LEU E 136 0.68 -5.74 -41.11
N THR E 137 1.90 -6.09 -41.49
CA THR E 137 2.70 -5.24 -42.39
C THR E 137 3.67 -6.07 -43.23
N ASP E 138 4.09 -5.52 -44.37
CA ASP E 138 5.08 -6.16 -45.24
C ASP E 138 6.52 -5.72 -44.94
N SER E 139 6.66 -4.67 -44.14
CA SER E 139 7.99 -4.27 -43.70
C SER E 139 7.91 -3.68 -42.31
N VAL E 140 8.94 -3.93 -41.51
CA VAL E 140 8.96 -3.48 -40.13
C VAL E 140 10.02 -2.41 -39.87
N SER E 141 9.77 -1.56 -38.89
CA SER E 141 10.75 -0.56 -38.51
C SER E 141 11.89 -1.23 -37.75
N SER E 142 13.05 -0.58 -37.75
CA SER E 142 14.15 -1.05 -36.93
C SER E 142 14.67 0.10 -36.08
N TYR E 143 15.68 -0.18 -35.26
CA TYR E 143 16.34 0.90 -34.55
C TYR E 143 17.83 0.65 -34.52
N TYR E 144 18.59 1.75 -34.43
CA TYR E 144 20.03 1.63 -34.42
C TYR E 144 20.55 1.73 -32.99
N SER E 145 21.51 0.87 -32.67
CA SER E 145 22.11 0.88 -31.33
C SER E 145 23.51 1.47 -31.37
N LEU E 146 23.66 2.63 -30.72
CA LEU E 146 24.94 3.31 -30.62
C LEU E 146 25.69 2.76 -29.42
N GLY E 147 26.87 2.21 -29.65
CA GLY E 147 27.69 1.71 -28.55
C GLY E 147 28.18 2.85 -27.67
N VAL E 148 28.62 2.52 -26.46
CA VAL E 148 29.20 3.51 -25.56
C VAL E 148 30.43 4.13 -26.21
N MET E 149 30.41 5.46 -26.37
CA MET E 149 31.48 6.17 -27.08
C MET E 149 31.53 7.62 -26.62
N GLU E 150 32.56 8.36 -27.05
CA GLU E 150 32.68 9.78 -26.68
C GLU E 150 31.45 10.55 -27.17
N PRO E 151 30.92 11.47 -26.33
CA PRO E 151 29.72 12.25 -26.66
C PRO E 151 29.67 12.88 -28.06
N ASP E 152 30.73 13.56 -28.51
CA ASP E 152 30.71 14.15 -29.84
C ASP E 152 30.56 13.11 -30.95
N GLU E 153 31.22 11.97 -30.77
CA GLU E 153 31.13 10.88 -31.73
C GLU E 153 29.71 10.31 -31.79
N ALA E 154 29.10 10.13 -30.62
CA ALA E 154 27.74 9.63 -30.56
C ALA E 154 26.79 10.56 -31.31
N ALA E 155 26.95 11.86 -31.09
CA ALA E 155 26.11 12.85 -31.75
C ALA E 155 26.28 12.79 -33.27
N ARG E 156 27.51 12.61 -33.72
CA ARG E 156 27.79 12.56 -35.16
C ARG E 156 27.15 11.32 -35.79
N GLN E 157 27.29 10.17 -35.12
CA GLN E 157 26.73 8.94 -35.63
C GLN E 157 25.21 8.95 -35.56
N ALA E 158 24.69 9.56 -34.50
CA ALA E 158 23.25 9.68 -34.30
C ALA E 158 22.61 10.34 -35.51
N LEU E 159 23.19 11.46 -35.93
CA LEU E 159 22.63 12.18 -37.07
C LEU E 159 22.81 11.36 -38.35
N GLU E 160 23.94 10.67 -38.45
CA GLU E 160 24.24 9.82 -39.59
C GLU E 160 23.19 8.72 -39.73
N LYS E 161 22.90 8.06 -38.61
CA LYS E 161 21.92 6.97 -38.62
C LYS E 161 20.48 7.46 -38.80
N GLN E 162 20.17 8.63 -38.26
CA GLN E 162 18.86 9.22 -38.52
C GLN E 162 18.66 9.43 -40.02
N ARG E 163 19.71 9.91 -40.68
CA ARG E 163 19.63 10.19 -42.11
C ARG E 163 19.60 8.93 -42.97
N GLU E 164 20.04 7.80 -42.40
CA GLU E 164 19.91 6.52 -43.09
C GLU E 164 18.47 6.01 -43.07
N GLY E 165 17.66 6.54 -42.15
CA GLY E 165 16.25 6.22 -42.14
C GLY E 165 15.73 5.53 -40.89
N TYR E 166 16.60 5.30 -39.91
CA TYR E 166 16.14 4.69 -38.67
C TYR E 166 15.10 5.55 -37.97
N SER E 167 14.03 4.93 -37.49
CA SER E 167 12.94 5.66 -36.85
C SER E 167 13.21 5.85 -35.36
N ARG E 168 14.25 5.18 -34.88
CA ARG E 168 14.54 5.16 -33.46
C ARG E 168 16.02 4.92 -33.24
N LEU E 169 16.55 5.48 -32.16
CA LEU E 169 17.97 5.43 -31.87
C LEU E 169 18.08 4.99 -30.42
N GLN E 170 18.83 3.93 -30.17
CA GLN E 170 19.12 3.55 -28.79
C GLN E 170 20.54 3.96 -28.42
N VAL E 171 20.67 4.82 -27.42
CA VAL E 171 21.99 5.29 -27.01
C VAL E 171 22.49 4.49 -25.82
N LYS E 172 23.50 3.65 -26.03
CA LYS E 172 24.03 2.86 -24.91
C LYS E 172 24.93 3.72 -24.02
N LEU E 173 24.77 3.56 -22.71
CA LEU E 173 25.42 4.42 -21.73
C LEU E 173 26.00 3.56 -20.61
N GLY E 174 26.75 4.19 -19.71
CA GLY E 174 27.27 3.49 -18.54
C GLY E 174 28.71 3.06 -18.58
N ALA E 175 29.15 2.41 -17.51
CA ALA E 175 30.54 1.97 -17.35
C ALA E 175 31.51 3.16 -17.38
N ARG E 176 31.05 4.30 -16.87
CA ARG E 176 31.82 5.54 -16.84
C ARG E 176 31.00 6.53 -16.02
N PRO E 177 31.59 7.68 -15.62
CA PRO E 177 30.83 8.64 -14.81
C PRO E 177 29.51 9.09 -15.47
N ILE E 178 28.46 9.25 -14.66
CA ILE E 178 27.14 9.61 -15.16
C ILE E 178 27.19 10.95 -15.89
N GLU E 179 28.14 11.81 -15.49
CA GLU E 179 28.36 13.11 -16.13
C GLU E 179 28.54 12.99 -17.64
N ILE E 180 29.27 11.97 -18.05
CA ILE E 180 29.57 11.76 -19.46
C ILE E 180 28.36 11.15 -20.19
N ASP E 181 27.61 10.29 -19.50
CA ASP E 181 26.37 9.76 -20.06
C ASP E 181 25.39 10.90 -20.32
N ILE E 182 25.32 11.83 -19.38
CA ILE E 182 24.45 12.99 -19.51
C ILE E 182 24.90 13.92 -20.64
N GLU E 183 26.20 14.17 -20.72
CA GLU E 183 26.75 14.96 -21.83
C GLU E 183 26.43 14.27 -23.17
N ALA E 184 26.58 12.95 -23.21
CA ALA E 184 26.30 12.20 -24.43
C ALA E 184 24.84 12.33 -24.86
N ILE E 185 23.92 12.13 -23.92
CA ILE E 185 22.51 12.18 -24.30
C ILE E 185 22.09 13.59 -24.75
N ARG E 186 22.65 14.63 -24.13
CA ARG E 186 22.34 16.00 -24.51
C ARG E 186 22.87 16.32 -25.91
N LYS E 187 24.06 15.82 -26.22
CA LYS E 187 24.65 16.12 -27.52
C LYS E 187 23.94 15.37 -28.63
N VAL E 188 23.52 14.13 -28.34
CA VAL E 188 22.78 13.35 -29.32
C VAL E 188 21.46 14.05 -29.60
N TRP E 189 20.77 14.44 -28.54
CA TRP E 189 19.48 15.11 -28.67
C TRP E 189 19.60 16.40 -29.51
N GLU E 190 20.64 17.18 -29.23
CA GLU E 190 20.84 18.42 -29.98
C GLU E 190 21.05 18.13 -31.45
N ALA E 191 21.75 17.04 -31.74
CA ALA E 191 22.02 16.66 -33.12
C ALA E 191 20.77 16.22 -33.88
N VAL E 192 19.84 15.55 -33.18
CA VAL E 192 18.70 14.94 -33.86
C VAL E 192 17.31 15.52 -33.55
N ARG E 193 17.23 16.51 -32.67
CA ARG E 193 15.93 17.09 -32.36
C ARG E 193 15.36 17.82 -33.58
N GLY E 194 14.06 17.64 -33.82
CA GLY E 194 13.43 18.19 -35.01
C GLY E 194 13.18 17.13 -36.07
N THR E 195 13.82 15.97 -35.92
CA THR E 195 13.68 14.90 -36.88
C THR E 195 12.58 13.92 -36.48
N GLY E 196 12.14 13.99 -35.24
CA GLY E 196 11.09 13.12 -34.75
C GLY E 196 11.55 11.71 -34.46
N ILE E 197 12.85 11.47 -34.59
CA ILE E 197 13.42 10.16 -34.28
C ILE E 197 13.18 9.86 -32.80
N ALA E 198 12.78 8.63 -32.51
CA ALA E 198 12.53 8.22 -31.12
C ALA E 198 13.86 7.92 -30.43
N LEU E 199 13.94 8.22 -29.14
CA LEU E 199 15.20 8.16 -28.43
C LEU E 199 15.12 7.27 -27.19
N ALA E 200 16.02 6.30 -27.09
CA ALA E 200 16.14 5.45 -25.90
C ALA E 200 17.51 5.59 -25.27
N ALA E 201 17.54 5.84 -23.96
CA ALA E 201 18.80 5.89 -23.24
C ALA E 201 18.95 4.57 -22.51
N ASP E 202 19.88 3.74 -22.97
CA ASP E 202 20.02 2.39 -22.41
C ASP E 202 21.18 2.34 -21.41
N GLY E 203 20.84 2.24 -20.12
CA GLY E 203 21.85 2.20 -19.07
C GLY E 203 22.50 0.83 -18.93
N ASN E 204 21.96 -0.16 -19.64
CA ASN E 204 22.47 -1.53 -19.57
C ASN E 204 22.73 -2.10 -18.17
N ARG E 205 21.79 -1.90 -17.24
CA ARG E 205 21.95 -2.32 -15.84
C ARG E 205 23.08 -1.60 -15.12
N GLY E 206 23.60 -0.54 -15.72
CA GLY E 206 24.88 0.03 -15.29
C GLY E 206 24.82 1.15 -14.28
N TRP E 207 23.61 1.63 -13.97
CA TRP E 207 23.48 2.76 -13.07
C TRP E 207 22.95 2.37 -11.70
N THR E 208 23.56 2.94 -10.66
CA THR E 208 22.97 2.89 -9.33
C THR E 208 21.69 3.72 -9.39
N THR E 209 20.77 3.49 -8.44
CA THR E 209 19.58 4.34 -8.38
C THR E 209 19.94 5.82 -8.22
N ARG E 210 21.00 6.10 -7.47
CA ARG E 210 21.48 7.49 -7.30
C ARG E 210 21.68 8.17 -8.65
N ASP E 211 22.35 7.49 -9.58
CA ASP E 211 22.65 8.12 -10.86
C ASP E 211 21.48 8.11 -11.83
N ALA E 212 20.63 7.09 -11.73
CA ALA E 212 19.43 7.04 -12.55
C ALA E 212 18.50 8.22 -12.20
N LEU E 213 18.36 8.51 -10.91
CA LEU E 213 17.55 9.65 -10.48
C LEU E 213 18.11 10.94 -11.07
N ARG E 214 19.43 11.09 -11.02
CA ARG E 214 20.07 12.27 -11.58
C ARG E 214 19.88 12.43 -13.09
N PHE E 215 20.02 11.33 -13.83
CA PHE E 215 19.89 11.35 -15.29
C PHE E 215 18.53 11.90 -15.71
N SER E 216 17.47 11.43 -15.08
CA SER E 216 16.13 11.93 -15.37
C SER E 216 15.96 13.37 -14.90
N ARG E 217 16.40 13.64 -13.68
CA ARG E 217 16.16 14.94 -13.04
C ARG E 217 16.79 16.09 -13.83
N GLU E 218 17.98 15.86 -14.37
CA GLU E 218 18.67 16.91 -15.12
C GLU E 218 18.14 17.12 -16.53
N CYS E 219 17.34 16.18 -17.03
CA CYS E 219 16.99 16.21 -18.45
C CYS E 219 15.50 16.16 -18.77
N PRO E 220 14.67 16.94 -18.06
CA PRO E 220 13.22 16.82 -18.36
C PRO E 220 12.90 17.21 -19.80
N ASP E 221 13.78 18.03 -20.39
CA ASP E 221 13.60 18.56 -21.73
C ASP E 221 13.99 17.59 -22.84
N ILE E 222 14.58 16.45 -22.47
CA ILE E 222 15.01 15.47 -23.47
C ILE E 222 14.08 14.26 -23.42
N PRO E 223 13.42 13.96 -24.55
CA PRO E 223 12.38 12.94 -24.53
C PRO E 223 12.87 11.51 -24.70
N PHE E 224 13.87 11.10 -23.94
CA PHE E 224 14.26 9.70 -23.97
C PHE E 224 13.33 8.85 -23.12
N VAL E 225 13.29 7.55 -23.41
CA VAL E 225 12.84 6.57 -22.43
C VAL E 225 14.09 6.04 -21.77
N MET E 226 14.01 5.68 -20.50
CA MET E 226 15.14 5.11 -19.80
C MET E 226 15.00 3.61 -19.87
N GLU E 227 15.85 2.99 -20.68
CA GLU E 227 15.79 1.55 -20.85
C GLU E 227 16.74 0.86 -19.87
N GLN E 228 16.19 -0.04 -19.06
CA GLN E 228 16.92 -0.79 -18.03
C GLN E 228 18.08 0.00 -17.42
N PRO E 229 17.78 1.13 -16.77
CA PRO E 229 18.87 1.94 -16.23
C PRO E 229 19.63 1.23 -15.11
N CYS E 230 18.92 0.42 -14.32
CA CYS E 230 19.51 -0.14 -13.12
C CYS E 230 19.60 -1.65 -13.17
N ASN E 231 20.24 -2.21 -12.15
CA ASN E 231 20.65 -3.61 -12.19
C ASN E 231 19.60 -4.66 -11.83
N SER E 232 18.49 -4.24 -11.22
CA SER E 232 17.49 -5.21 -10.81
C SER E 232 16.07 -4.67 -10.93
N PHE E 233 15.12 -5.60 -10.88
CA PHE E 233 13.71 -5.26 -10.85
C PHE E 233 13.42 -4.34 -9.67
N GLU E 234 14.02 -4.66 -8.52
CA GLU E 234 13.82 -3.87 -7.31
C GLU E 234 14.28 -2.43 -7.49
N ASP E 235 15.35 -2.23 -8.26
CA ASP E 235 15.86 -0.89 -8.48
C ASP E 235 14.98 -0.12 -9.45
N LEU E 236 14.38 -0.84 -10.39
CA LEU E 236 13.40 -0.21 -11.27
C LEU E 236 12.23 0.25 -10.43
N GLU E 237 11.77 -0.60 -9.51
CA GLU E 237 10.71 -0.23 -8.59
C GLU E 237 11.06 0.98 -7.74
N ALA E 238 12.31 1.07 -7.32
CA ALA E 238 12.79 2.20 -6.50
C ALA E 238 12.70 3.54 -7.21
N ILE E 239 13.09 3.57 -8.48
CA ILE E 239 13.18 4.84 -9.18
C ILE E 239 11.89 5.23 -9.90
N ARG E 240 11.01 4.25 -10.13
CA ARG E 240 9.76 4.48 -10.84
C ARG E 240 8.95 5.70 -10.32
N PRO E 241 8.69 5.79 -9.01
CA PRO E 241 7.90 6.96 -8.58
C PRO E 241 8.68 8.26 -8.51
N LEU E 242 9.98 8.21 -8.80
CA LEU E 242 10.84 9.39 -8.65
C LEU E 242 11.41 9.89 -9.97
N CYS E 243 11.02 9.26 -11.08
N CYS E 243 10.97 9.30 -11.07
CA CYS E 243 11.48 9.67 -12.40
CA CYS E 243 11.50 9.67 -12.38
C CYS E 243 10.28 10.04 -13.26
C CYS E 243 10.33 10.01 -13.31
N HIS E 244 10.30 11.24 -13.82
CA HIS E 244 9.20 11.69 -14.67
C HIS E 244 9.39 11.26 -16.15
N HIS E 245 10.49 10.56 -16.45
CA HIS E 245 10.69 9.93 -17.76
C HIS E 245 10.15 8.50 -17.77
N ALA E 246 9.64 8.07 -18.92
CA ALA E 246 9.25 6.68 -19.15
C ALA E 246 10.40 5.71 -18.83
N LEU E 247 10.06 4.55 -18.30
CA LEU E 247 11.02 3.50 -17.95
C LEU E 247 10.69 2.26 -18.80
N TYR E 248 11.70 1.67 -19.44
CA TYR E 248 11.49 0.41 -20.16
C TYR E 248 12.29 -0.68 -19.46
N MET E 249 11.74 -1.89 -19.45
CA MET E 249 12.47 -3.05 -18.94
C MET E 249 13.12 -3.76 -20.13
N ASP E 250 14.33 -4.29 -19.94
CA ASP E 250 15.00 -5.09 -20.96
C ASP E 250 15.53 -6.35 -20.28
N GLU E 251 16.78 -6.30 -19.80
CA GLU E 251 17.43 -7.46 -19.18
C GLU E 251 16.62 -8.17 -18.08
N ASP E 252 15.83 -7.43 -17.30
CA ASP E 252 15.07 -8.07 -16.23
C ASP E 252 13.87 -8.85 -16.73
N GLY E 253 13.52 -8.71 -18.01
CA GLY E 253 12.35 -9.40 -18.54
C GLY E 253 12.66 -10.84 -18.92
N THR E 254 12.86 -11.67 -17.91
CA THR E 254 13.45 -12.99 -18.12
C THR E 254 12.43 -14.13 -18.30
N SER E 255 11.15 -13.83 -18.13
CA SER E 255 10.09 -14.82 -18.35
C SER E 255 8.76 -14.11 -18.54
N LEU E 256 7.78 -14.81 -19.11
CA LEU E 256 6.44 -14.26 -19.24
C LEU E 256 5.89 -13.87 -17.88
N ASN E 257 6.18 -14.69 -16.88
CA ASN E 257 5.73 -14.41 -15.53
C ASN E 257 6.24 -13.06 -15.03
N THR E 258 7.53 -12.81 -15.20
CA THR E 258 8.12 -11.55 -14.73
C THR E 258 7.57 -10.34 -15.48
N VAL E 259 7.37 -10.49 -16.78
CA VAL E 259 6.76 -9.44 -17.58
C VAL E 259 5.35 -9.10 -17.11
N ILE E 260 4.55 -10.12 -16.78
CA ILE E 260 3.20 -9.89 -16.27
C ILE E 260 3.26 -9.11 -14.96
N THR E 261 4.20 -9.46 -14.10
CA THR E 261 4.35 -8.72 -12.85
C THR E 261 4.67 -7.25 -13.12
N ALA E 262 5.57 -7.01 -14.06
CA ALA E 262 6.05 -5.65 -14.34
C ALA E 262 4.94 -4.79 -14.92
N ALA E 263 4.28 -5.31 -15.92
CA ALA E 263 3.37 -4.44 -16.64
C ALA E 263 2.01 -4.29 -16.00
N ALA E 264 1.54 -5.30 -15.29
CA ALA E 264 0.29 -5.09 -14.57
C ALA E 264 0.46 -4.23 -13.34
N THR E 265 1.65 -4.19 -12.75
CA THR E 265 1.90 -3.19 -11.68
C THR E 265 2.25 -1.81 -12.28
N SER E 266 2.25 -1.74 -13.62
CA SER E 266 2.63 -0.54 -14.35
C SER E 266 4.01 -0.03 -13.91
N LEU E 267 4.91 -0.95 -13.64
CA LEU E 267 6.28 -0.61 -13.34
C LEU E 267 6.95 0.07 -14.53
N VAL E 268 6.61 -0.37 -15.73
CA VAL E 268 7.28 0.17 -16.91
C VAL E 268 6.27 0.61 -17.91
N ASP E 269 6.75 1.38 -18.89
CA ASP E 269 5.94 1.90 -19.96
C ASP E 269 6.22 1.19 -21.27
N GLY E 270 7.10 0.20 -21.23
CA GLY E 270 7.48 -0.50 -22.46
C GLY E 270 8.61 -1.47 -22.20
N PHE E 271 8.97 -2.23 -23.23
CA PHE E 271 10.01 -3.26 -23.08
C PHE E 271 10.98 -3.31 -24.26
N GLY E 272 12.23 -3.62 -23.96
CA GLY E 272 13.09 -4.20 -24.96
C GLY E 272 12.89 -5.69 -24.75
N MET E 273 12.57 -6.44 -25.79
CA MET E 273 12.37 -7.87 -25.59
C MET E 273 13.15 -8.69 -26.58
N LYS E 274 13.82 -9.71 -26.07
CA LYS E 274 14.60 -10.63 -26.89
C LYS E 274 13.94 -12.00 -26.97
N VAL E 275 13.79 -12.52 -28.18
CA VAL E 275 13.18 -13.83 -28.40
C VAL E 275 13.83 -14.92 -27.57
N SER E 276 15.16 -14.96 -27.56
N SER E 276 15.17 -14.96 -27.58
CA SER E 276 15.87 -16.01 -26.82
CA SER E 276 15.91 -15.97 -26.82
C SER E 276 15.63 -15.93 -25.32
C SER E 276 15.60 -15.92 -25.33
N ARG E 277 15.63 -14.72 -24.76
CA ARG E 277 15.45 -14.55 -23.32
C ARG E 277 14.08 -15.03 -22.84
N ILE E 278 13.05 -14.79 -23.64
CA ILE E 278 11.70 -15.16 -23.26
C ILE E 278 11.38 -16.63 -23.60
N GLY E 279 12.25 -17.26 -24.39
CA GLY E 279 12.16 -18.70 -24.60
C GLY E 279 11.61 -19.15 -25.94
N GLY E 280 11.51 -18.23 -26.90
CA GLY E 280 11.15 -18.61 -28.26
C GLY E 280 9.93 -17.86 -28.77
N LEU E 281 9.50 -18.19 -29.98
CA LEU E 281 8.38 -17.49 -30.61
C LEU E 281 7.03 -17.75 -29.95
N GLN E 282 6.82 -18.95 -29.40
CA GLN E 282 5.58 -19.24 -28.69
C GLN E 282 5.37 -18.25 -27.53
N HIS E 283 6.44 -18.01 -26.76
CA HIS E 283 6.31 -17.08 -25.62
C HIS E 283 6.34 -15.62 -26.07
N MET E 284 7.13 -15.33 -27.11
CA MET E 284 7.17 -13.98 -27.67
C MET E 284 5.79 -13.58 -28.21
N ARG E 285 5.07 -14.52 -28.81
CA ARG E 285 3.73 -14.23 -29.30
C ARG E 285 2.78 -13.90 -28.14
N ALA E 286 2.90 -14.64 -27.03
CA ALA E 286 2.08 -14.35 -25.86
C ALA E 286 2.43 -12.97 -25.29
N PHE E 287 3.73 -12.68 -25.24
CA PHE E 287 4.20 -11.38 -24.79
C PHE E 287 3.65 -10.25 -25.67
N ARG E 288 3.65 -10.46 -26.98
CA ARG E 288 3.08 -9.48 -27.90
C ARG E 288 1.62 -9.20 -27.59
N ASP E 289 0.85 -10.27 -27.40
CA ASP E 289 -0.58 -10.14 -27.08
C ASP E 289 -0.80 -9.42 -25.76
N PHE E 290 0.08 -9.68 -24.79
CA PHE E 290 0.00 -9.01 -23.50
C PHE E 290 0.25 -7.52 -23.65
N CYS E 291 1.28 -7.15 -24.41
CA CYS E 291 1.57 -5.74 -24.63
C CYS E 291 0.46 -5.03 -25.40
N ALA E 292 -0.17 -5.73 -26.34
CA ALA E 292 -1.26 -5.13 -27.10
C ALA E 292 -2.46 -4.86 -26.20
N ALA E 293 -2.73 -5.78 -25.28
CA ALA E 293 -3.83 -5.59 -24.33
C ALA E 293 -3.57 -4.42 -23.41
N ARG E 294 -2.30 -4.18 -23.10
CA ARG E 294 -1.94 -3.15 -22.11
C ARG E 294 -1.47 -1.84 -22.75
N ASN E 295 -1.50 -1.78 -24.08
CA ASN E 295 -0.99 -0.63 -24.84
C ASN E 295 0.46 -0.28 -24.51
N LEU E 296 1.32 -1.28 -24.43
CA LEU E 296 2.71 -1.07 -24.06
C LEU E 296 3.62 -1.31 -25.25
N PRO E 297 4.38 -0.29 -25.66
CA PRO E 297 5.29 -0.51 -26.80
C PRO E 297 6.42 -1.46 -26.46
N HIS E 298 6.96 -2.15 -27.47
CA HIS E 298 8.08 -3.05 -27.24
C HIS E 298 8.89 -3.22 -28.51
N THR E 299 10.14 -3.61 -28.34
CA THR E 299 10.99 -4.01 -29.46
C THR E 299 10.81 -5.51 -29.76
N CYS E 300 11.35 -5.95 -30.88
CA CYS E 300 11.38 -7.38 -31.22
C CYS E 300 12.80 -7.71 -31.62
N ASP E 301 13.63 -8.06 -30.63
CA ASP E 301 15.06 -8.23 -30.85
C ASP E 301 15.51 -9.64 -30.50
N ASP E 302 16.78 -9.89 -30.71
CA ASP E 302 17.45 -10.97 -30.01
C ASP E 302 18.83 -10.47 -29.66
N ALA E 303 19.61 -11.33 -29.02
CA ALA E 303 20.94 -10.97 -28.53
C ALA E 303 21.90 -10.78 -29.69
N TRP E 304 21.99 -11.80 -30.54
CA TRP E 304 22.88 -11.81 -31.69
C TRP E 304 22.44 -12.97 -32.57
N GLY E 305 23.06 -13.12 -33.74
CA GLY E 305 22.79 -14.28 -34.56
C GLY E 305 22.79 -13.98 -36.05
N GLY E 306 22.70 -15.04 -36.85
CA GLY E 306 22.62 -14.88 -38.29
C GLY E 306 21.20 -14.88 -38.82
N ASP E 307 21.03 -15.39 -40.04
CA ASP E 307 19.76 -15.31 -40.76
C ASP E 307 18.58 -15.97 -40.04
N ILE E 308 18.83 -17.03 -39.29
CA ILE E 308 17.75 -17.76 -38.62
C ILE E 308 17.16 -16.94 -37.50
N VAL E 309 18.02 -16.48 -36.58
CA VAL E 309 17.60 -15.55 -35.53
C VAL E 309 16.93 -14.32 -36.11
N SER E 310 17.55 -13.70 -37.11
CA SER E 310 16.98 -12.47 -37.67
C SER E 310 15.63 -12.69 -38.36
N ALA E 311 15.46 -13.81 -39.05
CA ALA E 311 14.17 -14.14 -39.65
C ALA E 311 13.12 -14.27 -38.56
N ALA E 312 13.44 -15.00 -37.50
CA ALA E 312 12.48 -15.20 -36.41
C ALA E 312 11.99 -13.87 -35.84
N CYS E 313 12.91 -12.94 -35.59
CA CYS E 313 12.54 -11.65 -35.03
C CYS E 313 11.70 -10.86 -36.00
N THR E 314 12.01 -10.97 -37.29
CA THR E 314 11.28 -10.21 -38.30
C THR E 314 9.86 -10.73 -38.43
N HIS E 315 9.70 -12.05 -38.39
CA HIS E 315 8.36 -12.63 -38.48
C HIS E 315 7.47 -12.19 -37.32
N ILE E 316 7.97 -12.25 -36.09
CA ILE E 316 7.12 -11.82 -34.97
C ILE E 316 6.87 -10.32 -35.05
N ALA E 317 7.89 -9.55 -35.45
CA ALA E 317 7.73 -8.09 -35.50
C ALA E 317 6.63 -7.67 -36.46
N SER E 318 6.47 -8.41 -37.55
CA SER E 318 5.49 -8.08 -38.57
C SER E 318 4.05 -8.23 -38.06
N THR E 319 3.87 -8.94 -36.95
CA THR E 319 2.52 -9.19 -36.41
C THR E 319 2.15 -8.20 -35.32
N VAL E 320 3.06 -7.28 -35.01
CA VAL E 320 2.82 -6.28 -33.97
C VAL E 320 2.20 -5.02 -34.59
N LEU E 321 1.24 -4.41 -33.91
CA LEU E 321 0.72 -3.13 -34.35
C LEU E 321 1.87 -2.14 -34.51
N PRO E 322 1.99 -1.51 -35.70
CA PRO E 322 3.19 -0.69 -35.92
C PRO E 322 3.38 0.43 -34.88
N ARG E 323 2.29 1.02 -34.38
CA ARG E 323 2.44 2.06 -33.36
C ARG E 323 3.04 1.51 -32.06
N LEU E 324 2.92 0.20 -31.82
CA LEU E 324 3.47 -0.38 -30.59
C LEU E 324 4.83 -1.03 -30.83
N MET E 325 5.21 -1.16 -32.09
CA MET E 325 6.47 -1.85 -32.39
C MET E 325 7.62 -0.86 -32.47
N GLU E 326 8.47 -0.86 -31.45
CA GLU E 326 9.52 0.13 -31.35
C GLU E 326 10.69 -0.16 -32.29
N GLY E 327 10.68 -1.34 -32.88
CA GLY E 327 11.69 -1.69 -33.86
C GLY E 327 12.22 -3.09 -33.63
N ALA E 328 12.58 -3.76 -34.72
CA ALA E 328 13.29 -5.03 -34.63
C ALA E 328 14.77 -4.75 -34.85
N TRP E 329 15.56 -4.94 -33.80
CA TRP E 329 17.01 -4.81 -33.94
C TRP E 329 17.56 -6.12 -34.48
N LEU E 330 18.44 -6.04 -35.47
CA LEU E 330 19.09 -7.22 -36.04
C LEU E 330 20.61 -7.10 -35.92
N ALA E 331 21.28 -8.24 -35.76
CA ALA E 331 22.74 -8.27 -35.76
C ALA E 331 23.27 -8.20 -37.19
N GLN E 332 22.38 -8.37 -38.16
CA GLN E 332 22.73 -8.48 -39.58
C GLN E 332 23.83 -7.52 -40.11
N PRO E 333 23.73 -6.22 -39.78
CA PRO E 333 24.76 -5.34 -40.36
C PRO E 333 26.15 -5.61 -39.78
N TYR E 334 26.23 -6.28 -38.64
CA TYR E 334 27.49 -6.59 -37.97
C TYR E 334 27.98 -8.00 -38.28
N VAL E 335 27.18 -8.74 -39.06
CA VAL E 335 27.51 -10.13 -39.40
C VAL E 335 27.98 -10.24 -40.85
N ALA E 336 29.17 -10.79 -41.05
CA ALA E 336 29.84 -10.74 -42.35
C ALA E 336 29.52 -11.90 -43.30
N GLU E 337 28.39 -12.56 -43.08
CA GLU E 337 27.94 -13.63 -43.97
C GLU E 337 26.43 -13.85 -43.84
N HIS E 338 25.86 -14.55 -44.82
CA HIS E 338 24.45 -14.97 -44.75
C HIS E 338 24.44 -16.48 -44.86
N TYR E 339 23.52 -17.14 -44.16
CA TYR E 339 23.30 -18.57 -44.37
C TYR E 339 22.59 -18.75 -45.70
N ASP E 340 21.71 -17.79 -46.02
CA ASP E 340 20.97 -17.78 -47.28
C ASP E 340 21.11 -16.38 -47.85
N ALA E 341 22.04 -16.19 -48.78
CA ALA E 341 22.31 -14.86 -49.31
C ALA E 341 21.13 -14.24 -50.08
N GLU E 342 20.29 -15.10 -50.64
CA GLU E 342 19.16 -14.65 -51.46
C GLU E 342 18.00 -14.17 -50.61
N ASN E 343 17.68 -14.92 -49.56
CA ASN E 343 16.47 -14.65 -48.79
C ASN E 343 16.73 -14.14 -47.37
N GLY E 344 17.98 -14.12 -46.94
CA GLY E 344 18.30 -13.63 -45.60
C GLY E 344 17.81 -12.20 -45.42
N VAL E 345 17.14 -11.91 -44.31
CA VAL E 345 16.66 -10.54 -44.10
C VAL E 345 17.82 -9.57 -43.92
N ARG E 346 17.60 -8.33 -44.32
CA ARG E 346 18.60 -7.29 -44.14
C ARG E 346 17.93 -5.94 -43.91
N ILE E 347 18.64 -5.04 -43.23
CA ILE E 347 18.10 -3.71 -43.00
C ILE E 347 18.41 -2.82 -44.20
N GLU E 348 17.37 -2.18 -44.73
CA GLU E 348 17.52 -1.26 -45.86
C GLU E 348 16.75 0.02 -45.55
N GLY E 349 17.44 1.15 -45.54
CA GLY E 349 16.79 2.42 -45.22
C GLY E 349 16.19 2.40 -43.83
N GLY E 350 16.82 1.65 -42.92
CA GLY E 350 16.36 1.57 -41.55
C GLY E 350 15.11 0.71 -41.32
N ARG E 351 14.72 -0.05 -42.34
CA ARG E 351 13.55 -0.94 -42.24
C ARG E 351 13.90 -2.34 -42.75
N ILE E 352 13.02 -3.30 -42.51
CA ILE E 352 13.26 -4.69 -42.87
C ILE E 352 12.08 -5.26 -43.64
N ARG E 353 12.33 -5.78 -44.85
CA ARG E 353 11.25 -6.43 -45.61
C ARG E 353 10.94 -7.77 -44.98
N VAL E 354 9.65 -8.07 -44.84
CA VAL E 354 9.23 -9.32 -44.20
C VAL E 354 9.22 -10.46 -45.20
N PRO E 355 9.88 -11.59 -44.85
CA PRO E 355 9.93 -12.75 -45.75
C PRO E 355 8.54 -13.34 -46.02
N GLN E 356 8.33 -13.91 -47.20
CA GLN E 356 7.00 -14.39 -47.57
C GLN E 356 6.96 -15.88 -47.97
N GLY E 357 8.10 -16.53 -48.02
CA GLY E 357 8.14 -17.95 -48.31
C GLY E 357 7.64 -18.79 -47.14
N PRO E 358 7.54 -20.11 -47.31
CA PRO E 358 7.14 -21.01 -46.23
C PRO E 358 8.14 -21.01 -45.08
N GLY E 359 7.67 -21.22 -43.85
CA GLY E 359 8.51 -21.25 -42.68
C GLY E 359 9.20 -19.92 -42.44
N LEU E 360 10.47 -19.94 -42.05
CA LEU E 360 11.21 -18.71 -41.85
C LEU E 360 11.52 -18.02 -43.16
N GLY E 361 11.39 -18.76 -44.26
CA GLY E 361 11.62 -18.21 -45.58
C GLY E 361 13.08 -18.35 -46.01
N LEU E 362 13.74 -19.39 -45.52
CA LEU E 362 15.16 -19.62 -45.78
C LEU E 362 15.41 -20.98 -46.39
N THR E 363 16.34 -21.06 -47.32
N THR E 363 16.35 -21.06 -47.31
CA THR E 363 16.82 -22.35 -47.82
CA THR E 363 16.82 -22.34 -47.82
C THR E 363 18.30 -22.48 -47.48
C THR E 363 18.30 -22.47 -47.48
N ILE E 364 18.59 -23.36 -46.54
CA ILE E 364 19.96 -23.57 -46.09
C ILE E 364 20.32 -25.03 -46.33
N ASP E 365 21.45 -25.26 -46.98
CA ASP E 365 21.89 -26.62 -47.28
C ASP E 365 21.98 -27.44 -46.00
N PRO E 366 21.46 -28.67 -46.02
CA PRO E 366 21.48 -29.49 -44.79
C PRO E 366 22.89 -29.77 -44.26
N GLU E 367 23.89 -29.65 -45.13
CA GLU E 367 25.27 -29.91 -44.75
C GLU E 367 26.07 -28.61 -44.62
N ARG E 368 25.36 -27.49 -44.64
CA ARG E 368 25.97 -26.15 -44.58
C ARG E 368 26.94 -25.98 -43.39
N PHE E 369 26.56 -26.51 -42.24
CA PHE E 369 27.35 -26.32 -41.02
C PHE E 369 28.22 -27.51 -40.68
N GLY E 370 28.28 -28.48 -41.59
CA GLY E 370 29.12 -29.63 -41.38
C GLY E 370 28.44 -30.75 -40.63
N PRO E 371 29.23 -31.67 -40.07
CA PRO E 371 28.66 -32.81 -39.36
C PRO E 371 28.15 -32.36 -38.01
N PRO E 372 27.11 -33.02 -37.49
CA PRO E 372 26.58 -32.60 -36.20
C PRO E 372 27.65 -32.69 -35.10
N LEU E 373 27.66 -31.74 -34.18
CA LEU E 373 28.47 -31.86 -32.97
C LEU E 373 27.81 -32.89 -32.09
N PHE E 374 26.49 -33.00 -32.27
CA PHE E 374 25.69 -33.86 -31.44
C PHE E 374 24.41 -34.19 -32.20
N SER E 375 23.95 -35.43 -32.06
CA SER E 375 22.72 -35.86 -32.71
C SER E 375 21.91 -36.76 -31.78
N ALA E 376 20.59 -36.61 -31.79
CA ALA E 376 19.72 -37.48 -31.00
C ALA E 376 18.36 -37.68 -31.66
N LEU F 10 48.56 -15.68 -2.25
CA LEU F 10 48.93 -16.78 -3.12
C LEU F 10 48.01 -16.82 -4.34
N LYS F 11 48.58 -17.05 -5.52
CA LYS F 11 47.81 -17.01 -6.76
C LYS F 11 47.45 -18.39 -7.32
N ILE F 12 46.34 -18.43 -8.06
CA ILE F 12 45.93 -19.65 -8.75
C ILE F 12 46.86 -19.92 -9.93
N ALA F 13 47.45 -21.11 -9.95
CA ALA F 13 48.38 -21.48 -11.02
C ALA F 13 47.67 -22.24 -12.13
N GLU F 14 46.77 -23.14 -11.74
CA GLU F 14 46.07 -24.01 -12.69
C GLU F 14 44.75 -24.47 -12.08
N ILE F 15 43.77 -24.75 -12.95
CA ILE F 15 42.47 -25.26 -12.54
C ILE F 15 42.13 -26.50 -13.36
N GLN F 16 41.69 -27.56 -12.67
CA GLN F 16 41.34 -28.81 -13.34
C GLN F 16 39.88 -29.16 -13.07
N LEU F 17 39.18 -29.66 -14.09
CA LEU F 17 37.77 -30.01 -13.93
C LEU F 17 37.58 -31.52 -14.11
N PHE F 18 36.71 -32.12 -13.29
CA PHE F 18 36.39 -33.55 -13.42
C PHE F 18 34.87 -33.77 -13.30
N GLN F 19 34.38 -34.92 -13.78
CA GLN F 19 33.01 -35.34 -13.50
C GLN F 19 32.97 -36.79 -13.03
N HIS F 20 31.93 -37.13 -12.27
CA HIS F 20 31.89 -38.40 -11.57
C HIS F 20 30.45 -38.78 -11.20
N ASP F 21 30.07 -40.04 -11.38
CA ASP F 21 28.71 -40.47 -11.09
C ASP F 21 28.46 -40.91 -9.63
N LEU F 22 27.32 -40.52 -9.10
CA LEU F 22 26.89 -40.90 -7.75
C LEU F 22 25.47 -41.46 -7.80
N PRO F 23 25.33 -42.79 -7.75
CA PRO F 23 23.98 -43.35 -7.82
C PRO F 23 23.23 -43.27 -6.49
N VAL F 24 21.96 -42.90 -6.55
CA VAL F 24 21.13 -42.80 -5.35
C VAL F 24 20.90 -44.16 -4.71
N VAL F 25 21.65 -44.43 -3.64
CA VAL F 25 21.40 -45.61 -2.81
C VAL F 25 19.99 -45.53 -2.25
N ASN F 26 19.21 -46.60 -2.45
CA ASN F 26 17.83 -46.67 -2.02
C ASN F 26 16.94 -45.59 -2.65
N GLY F 27 17.06 -45.45 -3.97
CA GLY F 27 16.30 -44.46 -4.72
C GLY F 27 15.11 -45.04 -5.46
N PRO F 28 14.39 -44.20 -6.22
CA PRO F 28 14.75 -42.81 -6.48
C PRO F 28 14.32 -41.88 -5.36
N TYR F 29 14.93 -40.70 -5.32
CA TYR F 29 14.54 -39.63 -4.41
C TYR F 29 13.46 -38.82 -5.11
N ARG F 30 12.23 -38.94 -4.62
CA ARG F 30 11.07 -38.37 -5.32
C ARG F 30 10.69 -36.93 -4.91
N ILE F 31 10.77 -36.03 -5.89
CA ILE F 31 10.46 -34.61 -5.72
C ILE F 31 9.37 -34.24 -6.72
N ALA F 32 8.52 -33.27 -6.36
CA ALA F 32 7.46 -32.81 -7.25
C ALA F 32 8.01 -32.25 -8.56
N SER F 33 9.11 -31.51 -8.48
CA SER F 33 9.73 -30.91 -9.64
C SER F 33 10.48 -31.93 -10.52
N GLY F 34 10.63 -33.15 -10.02
CA GLY F 34 11.31 -34.20 -10.77
C GLY F 34 12.06 -35.20 -9.91
N ASP F 35 11.84 -36.48 -10.17
CA ASP F 35 12.52 -37.56 -9.45
C ASP F 35 13.97 -37.74 -9.93
N VAL F 36 14.83 -38.25 -9.06
CA VAL F 36 16.22 -38.56 -9.43
C VAL F 36 16.66 -39.96 -9.02
N TRP F 37 17.34 -40.65 -9.94
CA TRP F 37 17.80 -42.02 -9.72
C TRP F 37 19.32 -42.11 -9.55
N SER F 38 20.04 -41.21 -10.21
CA SER F 38 21.50 -41.14 -10.10
C SER F 38 21.95 -39.75 -10.53
N LEU F 39 23.15 -39.35 -10.10
CA LEU F 39 23.61 -37.98 -10.32
C LEU F 39 25.07 -37.86 -10.76
N THR F 40 25.31 -36.95 -11.72
CA THR F 40 26.68 -36.60 -12.13
C THR F 40 27.18 -35.37 -11.40
N THR F 41 28.23 -35.54 -10.60
CA THR F 41 28.81 -34.41 -9.88
C THR F 41 29.99 -33.85 -10.66
N THR F 42 30.27 -32.56 -10.46
CA THR F 42 31.37 -31.89 -11.15
C THR F 42 32.36 -31.38 -10.13
N ILE F 43 33.61 -31.78 -10.27
CA ILE F 43 34.64 -31.52 -9.28
C ILE F 43 35.64 -30.49 -9.80
N VAL F 44 36.01 -29.56 -8.94
CA VAL F 44 37.04 -28.58 -9.29
C VAL F 44 38.26 -28.77 -8.39
N LYS F 45 39.45 -28.81 -9.00
CA LYS F 45 40.69 -28.76 -8.24
C LYS F 45 41.41 -27.49 -8.63
N ILE F 46 41.65 -26.62 -7.65
CA ILE F 46 42.46 -25.44 -7.88
C ILE F 46 43.86 -25.70 -7.34
N ILE F 47 44.87 -25.43 -8.16
CA ILE F 47 46.26 -25.59 -7.74
C ILE F 47 46.93 -24.22 -7.66
N ALA F 48 47.44 -23.90 -6.47
CA ALA F 48 48.12 -22.61 -6.27
C ALA F 48 49.55 -22.68 -6.77
N GLU F 49 50.19 -21.51 -6.90
CA GLU F 49 51.55 -21.46 -7.44
C GLU F 49 52.55 -22.25 -6.60
N ASP F 50 52.25 -22.45 -5.31
CA ASP F 50 53.13 -23.25 -4.46
C ASP F 50 52.82 -24.75 -4.48
N GLY F 51 51.79 -25.14 -5.22
CA GLY F 51 51.45 -26.56 -5.35
C GLY F 51 50.32 -27.02 -4.44
N THR F 52 49.94 -26.18 -3.48
CA THR F 52 48.81 -26.48 -2.60
C THR F 52 47.52 -26.55 -3.39
N ILE F 53 46.65 -27.49 -3.05
CA ILE F 53 45.40 -27.65 -3.80
C ILE F 53 44.17 -27.41 -2.94
N GLY F 54 43.08 -27.02 -3.60
CA GLY F 54 41.79 -26.89 -2.96
C GLY F 54 40.75 -27.56 -3.86
N TRP F 55 39.80 -28.24 -3.23
CA TRP F 55 38.75 -28.95 -3.94
C TRP F 55 37.40 -28.27 -3.80
N GLY F 56 36.62 -28.27 -4.88
CA GLY F 56 35.25 -27.78 -4.86
C GLY F 56 34.36 -28.75 -5.63
N GLU F 57 33.04 -28.55 -5.56
CA GLU F 57 32.12 -29.50 -6.14
C GLU F 57 30.76 -28.85 -6.29
N THR F 58 30.05 -29.22 -7.36
CA THR F 58 28.66 -28.82 -7.52
C THR F 58 27.92 -29.95 -8.20
N CYS F 59 26.76 -30.32 -7.67
CA CYS F 59 26.00 -31.45 -8.20
C CYS F 59 24.51 -31.13 -8.20
N PRO F 60 24.00 -30.60 -9.32
CA PRO F 60 22.55 -30.34 -9.39
C PRO F 60 21.76 -31.61 -9.15
N VAL F 61 20.58 -31.49 -8.54
CA VAL F 61 19.74 -32.65 -8.32
C VAL F 61 18.79 -32.87 -9.50
N GLY F 62 19.39 -33.33 -10.60
CA GLY F 62 18.65 -33.50 -11.85
C GLY F 62 18.50 -32.15 -12.56
N PRO F 63 18.11 -32.20 -13.83
CA PRO F 63 18.00 -31.00 -14.67
C PRO F 63 16.66 -30.26 -14.56
N THR F 64 15.71 -30.76 -13.79
CA THR F 64 14.40 -30.10 -13.71
C THR F 64 14.10 -29.41 -12.37
N TYR F 65 14.91 -29.69 -11.35
CA TYR F 65 14.68 -29.12 -10.02
C TYR F 65 14.88 -27.61 -10.00
N ALA F 66 15.92 -27.15 -10.68
CA ALA F 66 16.31 -25.75 -10.70
C ALA F 66 16.96 -25.45 -12.04
N GLU F 67 17.27 -24.18 -12.31
CA GLU F 67 17.94 -23.82 -13.57
C GLU F 67 19.41 -24.17 -13.47
N ALA F 68 19.68 -25.48 -13.49
CA ALA F 68 21.03 -25.99 -13.31
C ALA F 68 21.08 -27.46 -13.71
N HIS F 69 22.19 -27.89 -14.31
CA HIS F 69 22.39 -29.28 -14.65
C HIS F 69 23.88 -29.58 -14.82
N ALA F 70 24.22 -30.86 -14.78
CA ALA F 70 25.63 -31.26 -14.78
C ALA F 70 26.39 -30.73 -16.00
N GLY F 71 25.77 -30.83 -17.18
CA GLY F 71 26.42 -30.36 -18.39
C GLY F 71 26.63 -28.85 -18.35
N GLY F 72 25.70 -28.16 -17.73
CA GLY F 72 25.79 -26.71 -17.60
C GLY F 72 26.88 -26.33 -16.62
N ALA F 73 27.03 -27.10 -15.55
CA ALA F 73 28.06 -26.83 -14.56
C ALA F 73 29.42 -26.90 -15.22
N LEU F 74 29.62 -27.95 -16.01
CA LEU F 74 30.91 -28.15 -16.68
C LEU F 74 31.17 -27.04 -17.70
N ALA F 75 30.16 -26.69 -18.49
CA ALA F 75 30.36 -25.68 -19.52
C ALA F 75 30.68 -24.32 -18.89
N ALA F 76 29.97 -24.00 -17.82
CA ALA F 76 30.21 -22.74 -17.12
C ALA F 76 31.60 -22.75 -16.46
N LEU F 77 31.97 -23.87 -15.86
CA LEU F 77 33.28 -23.97 -15.21
C LEU F 77 34.43 -23.85 -16.21
N GLU F 78 34.24 -24.32 -17.44
CA GLU F 78 35.27 -24.16 -18.47
C GLU F 78 35.54 -22.70 -18.76
N VAL F 79 34.46 -21.91 -18.86
CA VAL F 79 34.55 -20.47 -19.08
C VAL F 79 35.25 -19.78 -17.91
N LEU F 80 34.82 -20.10 -16.69
CA LEU F 80 35.41 -19.51 -15.50
C LEU F 80 36.89 -19.88 -15.34
N ALA F 81 37.19 -21.15 -15.51
CA ALA F 81 38.57 -21.62 -15.32
C ALA F 81 39.51 -20.95 -16.32
N SER F 82 39.00 -20.68 -17.52
CA SER F 82 39.82 -20.16 -18.60
C SER F 82 40.33 -18.75 -18.32
N GLY F 83 39.67 -18.04 -17.42
CA GLY F 83 40.06 -16.68 -17.09
C GLY F 83 40.64 -16.51 -15.70
N LEU F 84 40.87 -17.62 -14.99
CA LEU F 84 41.20 -17.53 -13.57
C LEU F 84 42.67 -17.68 -13.20
N ALA F 85 43.50 -18.15 -14.12
CA ALA F 85 44.94 -18.22 -13.83
C ALA F 85 45.47 -16.85 -13.44
N GLY F 86 46.26 -16.79 -12.38
CA GLY F 86 46.86 -15.53 -11.97
C GLY F 86 46.02 -14.80 -10.94
N ALA F 87 44.77 -15.23 -10.78
CA ALA F 87 43.89 -14.64 -9.78
C ALA F 87 44.31 -15.01 -8.37
N GLU F 88 44.10 -14.08 -7.44
CA GLU F 88 44.40 -14.30 -6.03
C GLU F 88 43.40 -15.32 -5.47
N ALA F 89 43.88 -16.29 -4.71
CA ALA F 89 43.00 -17.30 -4.12
C ALA F 89 42.35 -16.80 -2.84
N LEU F 90 41.54 -15.76 -2.97
CA LEU F 90 40.79 -15.19 -1.86
C LEU F 90 39.37 -14.97 -2.35
N PRO F 91 38.38 -15.02 -1.44
CA PRO F 91 36.98 -15.00 -1.86
C PRO F 91 36.55 -13.77 -2.65
N LEU F 92 36.86 -12.56 -2.19
CA LEU F 92 36.40 -11.38 -2.93
C LEU F 92 37.12 -11.21 -4.28
N PRO F 93 38.47 -11.36 -4.31
CA PRO F 93 39.12 -11.32 -5.62
C PRO F 93 38.60 -12.42 -6.57
N LEU F 94 38.30 -13.59 -6.05
CA LEU F 94 37.77 -14.67 -6.88
C LEU F 94 36.42 -14.28 -7.50
N HIS F 95 35.49 -13.86 -6.65
CA HIS F 95 34.16 -13.54 -7.16
C HIS F 95 34.17 -12.36 -8.12
N THR F 96 35.05 -11.40 -7.85
CA THR F 96 35.16 -10.25 -8.73
C THR F 96 35.62 -10.69 -10.12
N ARG F 97 36.62 -11.56 -10.16
CA ARG F 97 37.10 -12.08 -11.45
C ARG F 97 36.04 -12.95 -12.12
N MET F 98 35.42 -13.84 -11.34
CA MET F 98 34.36 -14.70 -11.89
C MET F 98 33.23 -13.91 -12.52
N ASP F 99 32.77 -12.86 -11.83
CA ASP F 99 31.67 -12.05 -12.33
C ASP F 99 32.06 -11.29 -13.60
N SER F 100 33.35 -11.05 -13.78
CA SER F 100 33.82 -10.37 -14.98
C SER F 100 33.91 -11.35 -16.15
N LEU F 101 33.84 -12.65 -15.85
CA LEU F 101 34.00 -13.68 -16.88
C LEU F 101 32.68 -14.28 -17.34
N LEU F 102 31.70 -14.31 -16.43
CA LEU F 102 30.44 -14.98 -16.72
C LEU F 102 29.33 -14.45 -15.81
N CYS F 103 28.21 -14.08 -16.42
CA CYS F 103 27.05 -13.57 -15.68
C CYS F 103 26.27 -14.75 -15.10
N GLY F 104 25.86 -14.64 -13.84
CA GLY F 104 25.01 -15.65 -13.23
C GLY F 104 25.72 -16.98 -13.04
N HIS F 105 25.00 -18.08 -13.25
CA HIS F 105 25.57 -19.42 -13.10
C HIS F 105 26.16 -19.63 -11.70
N ASN F 106 25.41 -19.22 -10.69
CA ASN F 106 25.87 -19.36 -9.31
C ASN F 106 26.32 -20.77 -8.95
N TYR F 107 25.63 -21.80 -9.46
CA TYR F 107 25.96 -23.17 -9.06
C TYR F 107 27.34 -23.58 -9.54
N ALA F 108 27.78 -23.00 -10.65
CA ALA F 108 29.13 -23.25 -11.14
C ALA F 108 30.15 -22.44 -10.33
N LYS F 109 29.86 -21.16 -10.13
CA LYS F 109 30.74 -20.30 -9.32
C LYS F 109 30.94 -20.86 -7.92
N SER F 110 29.91 -21.51 -7.38
CA SER F 110 29.98 -22.10 -6.04
C SER F 110 31.13 -23.09 -5.90
N ALA F 111 31.33 -23.92 -6.93
CA ALA F 111 32.38 -24.95 -6.85
C ALA F 111 33.76 -24.32 -6.72
N LEU F 112 34.01 -23.28 -7.50
CA LEU F 112 35.28 -22.57 -7.40
C LEU F 112 35.44 -21.83 -6.06
N ASP F 113 34.34 -21.27 -5.56
CA ASP F 113 34.36 -20.61 -4.25
C ASP F 113 34.74 -21.62 -3.16
N ILE F 114 34.14 -22.81 -3.21
CA ILE F 114 34.43 -23.81 -2.19
C ILE F 114 35.89 -24.19 -2.25
N ALA F 115 36.41 -24.38 -3.46
CA ALA F 115 37.82 -24.76 -3.64
C ALA F 115 38.75 -23.67 -3.12
N VAL F 116 38.37 -22.41 -3.30
CA VAL F 116 39.19 -21.30 -2.78
C VAL F 116 39.20 -21.29 -1.26
N HIS F 117 38.05 -21.54 -0.64
CA HIS F 117 38.02 -21.61 0.82
C HIS F 117 38.85 -22.78 1.35
N ASP F 118 38.83 -23.90 0.65
CA ASP F 118 39.63 -25.06 1.03
C ASP F 118 41.12 -24.71 0.97
N LEU F 119 41.53 -24.14 -0.16
CA LEU F 119 42.92 -23.74 -0.38
C LEU F 119 43.39 -22.72 0.66
N TRP F 120 42.54 -21.72 0.88
CA TRP F 120 42.82 -20.63 1.82
C TRP F 120 43.02 -21.18 3.23
N GLY F 121 42.15 -22.08 3.66
CA GLY F 121 42.28 -22.69 4.98
C GLY F 121 43.54 -23.52 5.14
N LYS F 122 43.91 -24.25 4.09
CA LYS F 122 45.10 -25.06 4.13
C LYS F 122 46.36 -24.20 4.18
N ARG F 123 46.33 -23.08 3.45
CA ARG F 123 47.46 -22.16 3.47
C ARG F 123 47.66 -21.57 4.85
N LEU F 124 46.56 -21.18 5.49
CA LEU F 124 46.63 -20.52 6.80
C LEU F 124 46.65 -21.52 7.95
N GLY F 125 46.37 -22.79 7.64
CA GLY F 125 46.37 -23.84 8.65
C GLY F 125 45.17 -23.78 9.57
N VAL F 126 44.01 -23.34 9.05
CA VAL F 126 42.78 -23.25 9.85
C VAL F 126 41.59 -23.85 9.10
N PRO F 127 40.60 -24.36 9.84
CA PRO F 127 39.41 -24.88 9.17
C PRO F 127 38.57 -23.80 8.50
N VAL F 128 37.80 -24.19 7.49
CA VAL F 128 36.93 -23.26 6.80
C VAL F 128 36.00 -22.53 7.77
N HIS F 129 35.52 -23.22 8.81
CA HIS F 129 34.61 -22.54 9.73
C HIS F 129 35.25 -21.36 10.45
N GLU F 130 36.57 -21.42 10.66
CA GLU F 130 37.28 -20.26 11.22
C GLU F 130 37.27 -19.10 10.24
N LEU F 131 37.56 -19.40 8.98
CA LEU F 131 37.58 -18.39 7.94
C LEU F 131 36.20 -17.76 7.74
N LEU F 132 35.15 -18.49 8.10
CA LEU F 132 33.78 -17.96 7.98
C LEU F 132 33.37 -17.20 9.24
N GLY F 133 34.28 -17.04 10.19
CA GLY F 133 34.00 -16.20 11.33
C GLY F 133 34.12 -16.92 12.65
N GLY F 134 34.20 -18.25 12.60
CA GLY F 134 34.36 -19.05 13.81
C GLY F 134 33.14 -19.90 14.15
N ALA F 135 33.36 -21.19 14.34
CA ALA F 135 32.27 -22.10 14.69
C ALA F 135 31.73 -21.79 16.07
N LEU F 136 30.41 -21.90 16.21
CA LEU F 136 29.74 -21.73 17.47
C LEU F 136 29.42 -23.08 18.11
N THR F 137 29.63 -24.16 17.36
CA THR F 137 29.31 -25.50 17.85
C THR F 137 30.22 -26.55 17.23
N ASP F 138 30.39 -27.66 17.94
CA ASP F 138 31.20 -28.80 17.46
C ASP F 138 30.39 -29.84 16.71
N SER F 139 29.06 -29.76 16.80
CA SER F 139 28.19 -30.63 16.03
C SER F 139 26.95 -29.86 15.65
N VAL F 140 26.44 -30.12 14.45
CA VAL F 140 25.25 -29.39 14.00
C VAL F 140 24.06 -30.33 13.84
N SER F 141 22.86 -29.76 13.94
CA SER F 141 21.66 -30.55 13.71
C SER F 141 21.49 -30.79 12.22
N SER F 142 20.63 -31.76 11.90
CA SER F 142 20.29 -32.05 10.52
C SER F 142 18.79 -32.25 10.44
N TYR F 143 18.29 -32.40 9.22
CA TYR F 143 16.90 -32.76 9.05
C TYR F 143 16.83 -33.84 8.00
N TYR F 144 15.81 -34.70 8.10
CA TYR F 144 15.65 -35.77 7.13
C TYR F 144 14.57 -35.37 6.15
N SER F 145 14.80 -35.68 4.88
CA SER F 145 13.86 -35.32 3.81
C SER F 145 13.14 -36.56 3.30
N LEU F 146 11.82 -36.60 3.52
CA LEU F 146 11.01 -37.71 3.01
C LEU F 146 10.55 -37.39 1.60
N GLY F 147 10.95 -38.23 0.63
CA GLY F 147 10.48 -38.04 -0.73
C GLY F 147 8.98 -38.26 -0.82
N VAL F 148 8.37 -37.82 -1.92
CA VAL F 148 6.95 -38.00 -2.11
C VAL F 148 6.67 -39.50 -2.16
N MET F 149 5.72 -39.94 -1.33
CA MET F 149 5.46 -41.37 -1.16
C MET F 149 4.07 -41.54 -0.56
N GLU F 150 3.58 -42.77 -0.52
CA GLU F 150 2.27 -43.06 0.10
C GLU F 150 2.19 -42.46 1.50
N PRO F 151 1.06 -41.84 1.84
CA PRO F 151 0.89 -41.23 3.15
C PRO F 151 1.22 -42.18 4.30
N ASP F 152 0.81 -43.45 4.21
CA ASP F 152 1.12 -44.40 5.29
C ASP F 152 2.62 -44.63 5.43
N GLU F 153 3.31 -44.73 4.31
CA GLU F 153 4.76 -44.95 4.33
C GLU F 153 5.49 -43.72 4.86
N ALA F 154 4.99 -42.53 4.51
CA ALA F 154 5.60 -41.28 4.97
C ALA F 154 5.54 -41.21 6.50
N ALA F 155 4.39 -41.57 7.05
CA ALA F 155 4.23 -41.55 8.50
C ALA F 155 5.13 -42.53 9.24
N ARG F 156 5.27 -43.76 8.73
CA ARG F 156 6.16 -44.72 9.37
C ARG F 156 7.62 -44.26 9.28
N GLN F 157 8.02 -43.75 8.11
CA GLN F 157 9.39 -43.25 7.96
C GLN F 157 9.65 -42.07 8.88
N ALA F 158 8.65 -41.20 9.01
CA ALA F 158 8.75 -40.04 9.89
C ALA F 158 9.04 -40.52 11.32
N LEU F 159 8.28 -41.51 11.76
CA LEU F 159 8.45 -42.08 13.08
C LEU F 159 9.86 -42.65 13.27
N GLU F 160 10.34 -43.38 12.27
CA GLU F 160 11.66 -43.99 12.37
C GLU F 160 12.77 -42.95 12.47
N LYS F 161 12.69 -41.90 11.65
CA LYS F 161 13.71 -40.85 11.63
C LYS F 161 13.67 -40.02 12.90
N GLN F 162 12.46 -39.76 13.40
CA GLN F 162 12.34 -39.11 14.68
C GLN F 162 13.03 -39.93 15.77
N ARG F 163 12.78 -41.24 15.80
CA ARG F 163 13.38 -42.08 16.83
C ARG F 163 14.89 -42.22 16.66
N GLU F 164 15.37 -41.96 15.44
CA GLU F 164 16.80 -42.06 15.13
C GLU F 164 17.54 -40.84 15.69
N GLY F 165 16.82 -39.75 15.93
CA GLY F 165 17.41 -38.57 16.54
C GLY F 165 17.33 -37.28 15.74
N TYR F 166 16.71 -37.32 14.57
CA TYR F 166 16.57 -36.10 13.79
C TYR F 166 15.71 -35.08 14.52
N SER F 167 16.14 -33.82 14.48
CA SER F 167 15.43 -32.76 15.21
C SER F 167 14.33 -32.16 14.34
N ARG F 168 14.35 -32.49 13.07
CA ARG F 168 13.45 -31.86 12.09
C ARG F 168 13.21 -32.82 10.93
N LEU F 169 12.03 -32.76 10.35
CA LEU F 169 11.67 -33.58 9.21
C LEU F 169 11.07 -32.69 8.13
N GLN F 170 11.47 -32.91 6.89
CA GLN F 170 10.87 -32.22 5.76
C GLN F 170 10.06 -33.25 4.97
N VAL F 171 8.78 -32.97 4.78
CA VAL F 171 7.91 -33.89 4.04
C VAL F 171 7.72 -33.33 2.63
N LYS F 172 8.27 -34.02 1.63
CA LYS F 172 8.08 -33.58 0.25
C LYS F 172 6.70 -33.96 -0.25
N LEU F 173 6.06 -33.04 -0.96
CA LEU F 173 4.67 -33.19 -1.36
C LEU F 173 4.52 -32.75 -2.82
N GLY F 174 3.33 -32.97 -3.39
CA GLY F 174 3.04 -32.48 -4.73
C GLY F 174 3.05 -33.51 -5.84
N ALA F 175 2.81 -33.03 -7.06
CA ALA F 175 2.74 -33.86 -8.26
C ALA F 175 1.66 -34.94 -8.12
N ARG F 176 0.61 -34.60 -7.38
CA ARG F 176 -0.53 -35.48 -7.17
C ARG F 176 -1.64 -34.60 -6.60
N PRO F 177 -2.88 -35.13 -6.51
CA PRO F 177 -3.94 -34.29 -5.94
C PRO F 177 -3.60 -33.79 -4.53
N ILE F 178 -3.99 -32.55 -4.22
CA ILE F 178 -3.69 -31.96 -2.92
C ILE F 178 -4.29 -32.77 -1.77
N GLU F 179 -5.41 -33.47 -2.04
CA GLU F 179 -6.03 -34.36 -1.05
C GLU F 179 -5.03 -35.34 -0.44
N ILE F 180 -4.15 -35.90 -1.28
CA ILE F 180 -3.17 -36.88 -0.85
C ILE F 180 -2.06 -36.20 -0.04
N ASP F 181 -1.68 -34.99 -0.44
CA ASP F 181 -0.67 -34.26 0.31
C ASP F 181 -1.18 -33.95 1.72
N ILE F 182 -2.46 -33.62 1.82
CA ILE F 182 -3.05 -33.30 3.11
C ILE F 182 -3.16 -34.58 3.94
N GLU F 183 -3.52 -35.69 3.31
CA GLU F 183 -3.56 -36.98 4.00
C GLU F 183 -2.16 -37.31 4.56
N ALA F 184 -1.15 -37.10 3.72
CA ALA F 184 0.22 -37.39 4.12
C ALA F 184 0.68 -36.53 5.31
N ILE F 185 0.46 -35.22 5.25
CA ILE F 185 0.95 -34.39 6.36
C ILE F 185 0.17 -34.70 7.64
N ARG F 186 -1.10 -35.07 7.51
CA ARG F 186 -1.93 -35.40 8.68
C ARG F 186 -1.45 -36.68 9.34
N LYS F 187 -1.11 -37.67 8.53
CA LYS F 187 -0.64 -38.93 9.07
C LYS F 187 0.75 -38.79 9.69
N VAL F 188 1.62 -38.02 9.04
CA VAL F 188 2.93 -37.74 9.61
C VAL F 188 2.78 -37.06 10.98
N TRP F 189 1.87 -36.09 11.06
CA TRP F 189 1.64 -35.40 12.32
C TRP F 189 1.09 -36.34 13.40
N GLU F 190 0.17 -37.24 13.04
CA GLU F 190 -0.35 -38.22 14.01
C GLU F 190 0.77 -39.11 14.55
N ALA F 191 1.79 -39.33 13.72
CA ALA F 191 2.92 -40.14 14.13
C ALA F 191 3.88 -39.38 15.06
N VAL F 192 4.14 -38.11 14.77
CA VAL F 192 5.21 -37.42 15.49
C VAL F 192 4.73 -36.42 16.53
N ARG F 193 3.42 -36.13 16.53
CA ARG F 193 2.87 -35.25 17.54
C ARG F 193 3.21 -35.79 18.93
N GLY F 194 3.84 -34.96 19.74
CA GLY F 194 4.22 -35.37 21.09
C GLY F 194 5.71 -35.59 21.24
N THR F 195 6.45 -35.54 20.15
CA THR F 195 7.89 -35.77 20.19
C THR F 195 8.69 -34.48 20.06
N GLY F 196 8.00 -33.40 19.66
CA GLY F 196 8.61 -32.09 19.55
C GLY F 196 9.46 -31.87 18.31
N ILE F 197 9.52 -32.86 17.43
CA ILE F 197 10.29 -32.73 16.19
C ILE F 197 9.69 -31.62 15.32
N ALA F 198 10.56 -30.84 14.67
CA ALA F 198 10.09 -29.76 13.80
C ALA F 198 9.64 -30.34 12.46
N LEU F 199 8.64 -29.69 11.87
CA LEU F 199 8.02 -30.20 10.65
C LEU F 199 8.01 -29.16 9.53
N ALA F 200 8.51 -29.54 8.36
CA ALA F 200 8.41 -28.69 7.17
C ALA F 200 7.60 -29.43 6.11
N ALA F 201 6.64 -28.73 5.51
CA ALA F 201 5.84 -29.26 4.40
C ALA F 201 6.35 -28.62 3.10
N ASP F 202 7.06 -29.39 2.28
CA ASP F 202 7.73 -28.83 1.10
C ASP F 202 6.93 -29.13 -0.16
N GLY F 203 6.30 -28.10 -0.71
CA GLY F 203 5.49 -28.27 -1.91
C GLY F 203 6.32 -28.32 -3.19
N ASN F 204 7.62 -28.04 -3.05
CA ASN F 204 8.57 -27.97 -4.18
C ASN F 204 8.03 -27.30 -5.43
N ARG F 205 7.45 -26.12 -5.24
CA ARG F 205 6.88 -25.31 -6.33
C ARG F 205 5.66 -25.94 -6.98
N GLY F 206 5.13 -26.99 -6.36
CA GLY F 206 4.13 -27.81 -7.04
C GLY F 206 2.67 -27.44 -6.85
N TRP F 207 2.39 -26.43 -6.03
CA TRP F 207 1.01 -26.12 -5.72
C TRP F 207 0.57 -24.81 -6.34
N THR F 208 -0.61 -24.83 -6.96
CA THR F 208 -1.32 -23.59 -7.28
C THR F 208 -1.61 -22.82 -5.99
N THR F 209 -1.82 -21.51 -6.08
CA THR F 209 -2.23 -20.77 -4.89
C THR F 209 -3.54 -21.34 -4.32
N ARG F 210 -4.43 -21.78 -5.20
CA ARG F 210 -5.67 -22.45 -4.77
C ARG F 210 -5.38 -23.55 -3.75
N ASP F 211 -4.45 -24.42 -4.08
CA ASP F 211 -4.23 -25.59 -3.24
C ASP F 211 -3.40 -25.24 -2.00
N ALA F 212 -2.50 -24.28 -2.13
CA ALA F 212 -1.72 -23.81 -0.99
C ALA F 212 -2.64 -23.24 0.09
N LEU F 213 -3.61 -22.42 -0.30
CA LEU F 213 -4.55 -21.86 0.65
C LEU F 213 -5.29 -22.98 1.39
N ARG F 214 -5.68 -24.00 0.64
CA ARG F 214 -6.42 -25.14 1.19
C ARG F 214 -5.57 -25.91 2.19
N PHE F 215 -4.31 -26.15 1.83
CA PHE F 215 -3.40 -26.92 2.67
C PHE F 215 -3.29 -26.28 4.05
N SER F 216 -3.11 -24.97 4.08
CA SER F 216 -3.00 -24.24 5.34
C SER F 216 -4.34 -24.17 6.07
N ARG F 217 -5.41 -23.90 5.32
CA ARG F 217 -6.73 -23.68 5.90
C ARG F 217 -7.23 -24.92 6.64
N GLU F 218 -6.95 -26.09 6.07
CA GLU F 218 -7.44 -27.36 6.63
C GLU F 218 -6.64 -27.83 7.83
N CYS F 219 -5.45 -27.28 8.03
CA CYS F 219 -4.52 -27.83 9.03
C CYS F 219 -3.96 -26.84 10.08
N PRO F 220 -4.81 -26.00 10.69
CA PRO F 220 -4.24 -25.01 11.61
C PRO F 220 -3.60 -25.65 12.81
N ASP F 221 -4.02 -26.89 13.12
CA ASP F 221 -3.55 -27.64 14.27
C ASP F 221 -2.21 -28.36 14.03
N ILE F 222 -1.72 -28.32 12.79
CA ILE F 222 -0.46 -28.98 12.45
C ILE F 222 0.61 -27.91 12.25
N PRO F 223 1.68 -27.98 13.06
CA PRO F 223 2.68 -26.90 13.10
C PRO F 223 3.77 -27.02 12.05
N PHE F 224 3.40 -27.27 10.80
CA PHE F 224 4.39 -27.24 9.73
C PHE F 224 4.73 -25.82 9.33
N VAL F 225 5.90 -25.64 8.74
CA VAL F 225 6.11 -24.44 7.93
C VAL F 225 5.84 -24.88 6.49
N MET F 226 5.30 -23.96 5.69
CA MET F 226 5.08 -24.23 4.29
C MET F 226 6.32 -23.81 3.51
N GLU F 227 7.09 -24.80 3.07
CA GLU F 227 8.34 -24.50 2.36
C GLU F 227 8.09 -24.47 0.85
N GLN F 228 8.40 -23.34 0.23
CA GLN F 228 8.20 -23.12 -1.22
C GLN F 228 6.97 -23.84 -1.77
N PRO F 229 5.78 -23.50 -1.27
CA PRO F 229 4.59 -24.22 -1.73
C PRO F 229 4.30 -23.99 -3.20
N CYS F 230 4.60 -22.80 -3.69
CA CYS F 230 4.13 -22.35 -4.99
C CYS F 230 5.28 -22.07 -5.94
N ASN F 231 4.95 -21.79 -7.19
CA ASN F 231 5.92 -21.81 -8.26
C ASN F 231 6.75 -20.53 -8.40
N SER F 232 6.31 -19.44 -7.79
CA SER F 232 7.00 -18.17 -8.00
C SER F 232 6.98 -17.29 -6.76
N PHE F 233 7.86 -16.29 -6.76
CA PHE F 233 7.93 -15.28 -5.72
C PHE F 233 6.56 -14.61 -5.61
N GLU F 234 5.97 -14.28 -6.76
CA GLU F 234 4.65 -13.64 -6.82
C GLU F 234 3.56 -14.48 -6.16
N ASP F 235 3.62 -15.79 -6.33
CA ASP F 235 2.63 -16.65 -5.70
C ASP F 235 2.86 -16.73 -4.19
N LEU F 236 4.11 -16.65 -3.74
CA LEU F 236 4.35 -16.57 -2.30
C LEU F 236 3.74 -15.28 -1.79
N GLU F 237 3.93 -14.18 -2.50
CA GLU F 237 3.29 -12.92 -2.11
C GLU F 237 1.77 -13.04 -2.07
N ALA F 238 1.20 -13.79 -3.01
CA ALA F 238 -0.26 -13.98 -3.09
C ALA F 238 -0.84 -14.65 -1.84
N ILE F 239 -0.20 -15.72 -1.38
CA ILE F 239 -0.77 -16.51 -0.29
C ILE F 239 -0.36 -16.00 1.09
N ARG F 240 0.70 -15.20 1.17
CA ARG F 240 1.25 -14.76 2.46
C ARG F 240 0.19 -14.12 3.39
N PRO F 241 -0.62 -13.19 2.87
CA PRO F 241 -1.59 -12.59 3.80
C PRO F 241 -2.77 -13.49 4.15
N LEU F 242 -2.83 -14.65 3.53
CA LEU F 242 -3.98 -15.56 3.64
C LEU F 242 -3.66 -16.91 4.26
N CYS F 243 -2.40 -17.11 4.63
CA CYS F 243 -2.03 -18.36 5.30
C CYS F 243 -1.54 -18.04 6.69
N HIS F 244 -2.15 -18.67 7.69
CA HIS F 244 -1.74 -18.44 9.08
C HIS F 244 -0.55 -19.34 9.48
N HIS F 245 -0.10 -20.22 8.57
CA HIS F 245 1.17 -20.93 8.77
C HIS F 245 2.36 -20.14 8.26
N ALA F 246 3.49 -20.31 8.94
CA ALA F 246 4.77 -19.77 8.49
C ALA F 246 5.11 -20.24 7.08
N LEU F 247 5.76 -19.35 6.33
CA LEU F 247 6.15 -19.59 4.96
C LEU F 247 7.67 -19.51 4.84
N TYR F 248 8.28 -20.52 4.21
CA TYR F 248 9.71 -20.49 3.94
C TYR F 248 9.96 -20.46 2.45
N MET F 249 10.97 -19.70 2.05
CA MET F 249 11.40 -19.67 0.65
C MET F 249 12.53 -20.70 0.45
N ASP F 250 12.50 -21.43 -0.67
CA ASP F 250 13.62 -22.30 -0.99
C ASP F 250 14.07 -22.00 -2.43
N GLU F 251 13.46 -22.64 -3.42
CA GLU F 251 13.88 -22.47 -4.83
C GLU F 251 13.95 -21.03 -5.33
N ASP F 252 13.07 -20.17 -4.82
CA ASP F 252 13.05 -18.80 -5.28
C ASP F 252 14.20 -17.95 -4.77
N GLY F 253 14.98 -18.50 -3.83
CA GLY F 253 16.05 -17.74 -3.22
C GLY F 253 17.30 -17.85 -4.07
N THR F 254 17.31 -17.17 -5.22
CA THR F 254 18.34 -17.38 -6.24
C THR F 254 19.54 -16.43 -6.18
N SER F 255 19.47 -15.44 -5.29
CA SER F 255 20.58 -14.49 -5.13
C SER F 255 20.42 -13.80 -3.79
N LEU F 256 21.50 -13.21 -3.29
CA LEU F 256 21.41 -12.42 -2.06
C LEU F 256 20.41 -11.30 -2.29
N ASN F 257 20.43 -10.70 -3.47
CA ASN F 257 19.50 -9.63 -3.77
C ASN F 257 18.06 -10.07 -3.53
N THR F 258 17.70 -11.23 -4.06
CA THR F 258 16.33 -11.71 -3.95
C THR F 258 15.95 -12.07 -2.50
N VAL F 259 16.86 -12.66 -1.73
CA VAL F 259 16.52 -12.92 -0.33
C VAL F 259 16.39 -11.63 0.50
N ILE F 260 17.17 -10.60 0.16
CA ILE F 260 16.99 -9.31 0.82
C ILE F 260 15.58 -8.73 0.56
N THR F 261 15.12 -8.84 -0.68
CA THR F 261 13.77 -8.42 -1.01
C THR F 261 12.74 -9.20 -0.20
N ALA F 262 12.98 -10.49 -0.05
CA ALA F 262 11.99 -11.37 0.57
C ALA F 262 11.88 -11.12 2.05
N ALA F 263 13.02 -11.12 2.71
CA ALA F 263 12.98 -11.13 4.15
C ALA F 263 12.83 -9.75 4.77
N ALA F 264 13.16 -8.70 4.03
CA ALA F 264 12.85 -7.39 4.58
C ALA F 264 11.44 -6.90 4.25
N THR F 265 10.79 -7.49 3.26
CA THR F 265 9.34 -7.24 3.09
C THR F 265 8.57 -8.20 4.01
N SER F 266 9.32 -9.01 4.76
CA SER F 266 8.76 -10.01 5.66
C SER F 266 7.83 -10.97 4.92
N LEU F 267 8.17 -11.28 3.68
CA LEU F 267 7.39 -12.23 2.90
C LEU F 267 7.48 -13.62 3.51
N VAL F 268 8.63 -13.94 4.09
CA VAL F 268 8.83 -15.28 4.59
C VAL F 268 9.32 -15.24 6.02
N ASP F 269 9.19 -16.39 6.70
CA ASP F 269 9.62 -16.55 8.08
C ASP F 269 10.91 -17.36 8.17
N GLY F 270 11.46 -17.74 7.03
CA GLY F 270 12.67 -18.55 7.06
C GLY F 270 13.02 -19.02 5.68
N PHE F 271 14.15 -19.72 5.56
CA PHE F 271 14.61 -20.18 4.26
C PHE F 271 15.14 -21.60 4.29
N GLY F 272 14.95 -22.28 3.17
CA GLY F 272 15.80 -23.41 2.86
C GLY F 272 16.87 -22.76 1.98
N MET F 273 18.15 -22.93 2.32
CA MET F 273 19.18 -22.30 1.49
C MET F 273 20.23 -23.31 1.08
N LYS F 274 20.58 -23.25 -0.21
CA LYS F 274 21.56 -24.14 -0.81
C LYS F 274 22.78 -23.33 -1.21
N VAL F 275 23.96 -23.80 -0.81
CA VAL F 275 25.22 -23.11 -1.07
C VAL F 275 25.41 -22.86 -2.57
N SER F 276 25.13 -23.86 -3.40
CA SER F 276 25.32 -23.69 -4.85
C SER F 276 24.41 -22.63 -5.46
N ARG F 277 23.15 -22.63 -5.04
CA ARG F 277 22.18 -21.69 -5.58
C ARG F 277 22.56 -20.23 -5.32
N ILE F 278 23.14 -19.97 -4.16
CA ILE F 278 23.47 -18.60 -3.74
C ILE F 278 24.86 -18.19 -4.22
N GLY F 279 25.62 -19.16 -4.73
CA GLY F 279 26.89 -18.85 -5.38
C GLY F 279 28.14 -19.14 -4.57
N GLY F 280 28.01 -19.92 -3.49
CA GLY F 280 29.17 -20.30 -2.71
C GLY F 280 29.17 -19.84 -1.26
N LEU F 281 30.23 -20.18 -0.53
CA LEU F 281 30.32 -19.86 0.89
C LEU F 281 30.44 -18.37 1.17
N GLN F 282 31.04 -17.62 0.25
CA GLN F 282 31.12 -16.18 0.43
C GLN F 282 29.74 -15.55 0.53
N HIS F 283 28.83 -15.98 -0.35
CA HIS F 283 27.48 -15.42 -0.33
C HIS F 283 26.64 -16.07 0.75
N MET F 284 26.93 -17.33 1.02
CA MET F 284 26.20 -18.05 2.06
C MET F 284 26.48 -17.42 3.44
N ARG F 285 27.70 -16.93 3.64
CA ARG F 285 27.99 -16.38 4.95
C ARG F 285 27.34 -15.01 5.09
N ALA F 286 27.24 -14.26 3.99
CA ALA F 286 26.48 -13.02 3.99
C ALA F 286 25.00 -13.31 4.28
N PHE F 287 24.46 -14.34 3.63
CA PHE F 287 23.09 -14.77 3.88
C PHE F 287 22.87 -15.13 5.35
N ARG F 288 23.80 -15.90 5.92
CA ARG F 288 23.77 -16.21 7.34
C ARG F 288 23.67 -14.96 8.21
N ASP F 289 24.50 -13.96 7.91
CA ASP F 289 24.54 -12.74 8.71
C ASP F 289 23.23 -11.96 8.57
N PHE F 290 22.67 -12.01 7.37
N PHE F 290 22.63 -12.01 7.37
CA PHE F 290 21.39 -11.40 7.09
CA PHE F 290 21.35 -11.35 7.13
C PHE F 290 20.30 -12.02 7.96
C PHE F 290 20.24 -12.02 7.96
N CYS F 291 20.24 -13.35 7.95
CA CYS F 291 19.24 -14.07 8.74
C CYS F 291 19.42 -13.83 10.24
N ALA F 292 20.66 -13.72 10.69
CA ALA F 292 20.91 -13.49 12.11
C ALA F 292 20.37 -12.12 12.51
N ALA F 293 20.59 -11.13 11.64
CA ALA F 293 20.12 -9.78 11.93
C ALA F 293 18.60 -9.73 11.97
N ARG F 294 17.96 -10.57 11.17
CA ARG F 294 16.50 -10.55 11.04
C ARG F 294 15.80 -11.61 11.90
N ASN F 295 16.57 -12.40 12.64
CA ASN F 295 16.02 -13.50 13.46
C ASN F 295 15.20 -14.47 12.60
N LEU F 296 15.75 -14.84 11.44
CA LEU F 296 15.08 -15.75 10.51
C LEU F 296 15.80 -17.09 10.42
N PRO F 297 15.11 -18.16 10.82
CA PRO F 297 15.72 -19.48 10.77
C PRO F 297 16.00 -19.93 9.33
N HIS F 298 17.04 -20.75 9.15
CA HIS F 298 17.37 -21.22 7.82
C HIS F 298 18.10 -22.53 7.88
N THR F 299 18.04 -23.29 6.80
CA THR F 299 18.85 -24.49 6.68
C THR F 299 20.20 -24.16 6.06
N CYS F 300 21.10 -25.13 6.08
CA CYS F 300 22.40 -25.00 5.43
C CYS F 300 22.60 -26.23 4.55
N ASP F 301 22.09 -26.17 3.33
CA ASP F 301 22.00 -27.35 2.47
C ASP F 301 22.77 -27.13 1.17
N ASP F 302 22.77 -28.17 0.34
CA ASP F 302 23.05 -27.98 -1.07
C ASP F 302 22.16 -28.95 -1.83
N ALA F 303 22.23 -28.91 -3.15
CA ALA F 303 21.35 -29.74 -3.96
C ALA F 303 21.64 -31.22 -3.77
N TRP F 304 22.92 -31.59 -3.90
CA TRP F 304 23.38 -32.96 -3.79
C TRP F 304 24.90 -32.91 -3.83
N GLY F 305 25.56 -34.06 -3.68
CA GLY F 305 27.01 -34.11 -3.81
C GLY F 305 27.67 -35.02 -2.80
N GLY F 306 28.99 -35.20 -2.94
CA GLY F 306 29.75 -36.01 -2.01
C GLY F 306 30.42 -35.21 -0.92
N ASP F 307 31.59 -35.69 -0.48
CA ASP F 307 32.29 -35.17 0.71
C ASP F 307 32.59 -33.66 0.62
N ILE F 308 32.86 -33.17 -0.58
CA ILE F 308 33.29 -31.77 -0.73
C ILE F 308 32.14 -30.83 -0.46
N VAL F 309 31.03 -31.01 -1.17
CA VAL F 309 29.79 -30.30 -0.89
C VAL F 309 29.38 -30.44 0.58
N SER F 310 29.40 -31.66 1.08
CA SER F 310 28.93 -31.89 2.44
C SER F 310 29.79 -31.21 3.50
N ALA F 311 31.11 -31.21 3.28
CA ALA F 311 32.01 -30.48 4.17
C ALA F 311 31.68 -28.98 4.15
N ALA F 312 31.52 -28.42 2.96
CA ALA F 312 31.20 -26.98 2.86
C ALA F 312 29.93 -26.64 3.63
N CYS F 313 28.89 -27.44 3.50
CA CYS F 313 27.64 -27.16 4.23
C CYS F 313 27.81 -27.28 5.73
N THR F 314 28.58 -28.27 6.16
CA THR F 314 28.78 -28.49 7.59
C THR F 314 29.58 -27.35 8.19
N HIS F 315 30.59 -26.88 7.47
CA HIS F 315 31.40 -25.76 7.94
C HIS F 315 30.56 -24.51 8.16
N ILE F 316 29.75 -24.13 7.18
CA ILE F 316 28.93 -22.93 7.35
C ILE F 316 27.87 -23.17 8.44
N ALA F 317 27.29 -24.37 8.50
CA ALA F 317 26.26 -24.61 9.51
C ALA F 317 26.79 -24.44 10.92
N SER F 318 28.06 -24.76 11.13
CA SER F 318 28.65 -24.67 12.45
C SER F 318 28.77 -23.24 12.96
N THR F 319 28.65 -22.27 12.06
CA THR F 319 28.81 -20.85 12.44
C THR F 319 27.45 -20.19 12.66
N VAL F 320 26.38 -20.96 12.57
CA VAL F 320 25.03 -20.40 12.74
C VAL F 320 24.55 -20.62 14.18
N LEU F 321 23.89 -19.62 14.77
CA LEU F 321 23.28 -19.82 16.10
C LEU F 321 22.36 -21.04 16.04
N PRO F 322 22.58 -22.03 16.93
CA PRO F 322 21.76 -23.25 16.85
C PRO F 322 20.24 -22.98 16.80
N ARG F 323 19.74 -22.00 17.54
CA ARG F 323 18.31 -21.70 17.52
C ARG F 323 17.79 -21.30 16.14
N LEU F 324 18.67 -20.78 15.28
CA LEU F 324 18.25 -20.38 13.94
C LEU F 324 18.61 -21.42 12.88
N MET F 325 19.44 -22.41 13.24
CA MET F 325 19.90 -23.35 12.23
C MET F 325 18.95 -24.54 12.18
N GLU F 326 18.15 -24.59 11.12
CA GLU F 326 17.10 -25.59 10.96
C GLU F 326 17.65 -26.94 10.57
N GLY F 327 18.95 -26.98 10.30
CA GLY F 327 19.60 -28.25 10.02
C GLY F 327 20.40 -28.19 8.73
N ALA F 328 21.48 -28.94 8.68
CA ALA F 328 22.24 -29.09 7.46
C ALA F 328 21.86 -30.41 6.80
N TRP F 329 21.11 -30.36 5.70
CA TRP F 329 20.80 -31.58 4.96
C TRP F 329 22.01 -32.01 4.17
N LEU F 330 22.34 -33.31 4.23
CA LEU F 330 23.46 -33.83 3.44
C LEU F 330 22.96 -34.94 2.52
N ALA F 331 23.58 -35.05 1.35
CA ALA F 331 23.27 -36.17 0.45
C ALA F 331 23.95 -37.46 0.92
N GLN F 332 24.84 -37.34 1.90
CA GLN F 332 25.69 -38.44 2.36
C GLN F 332 25.03 -39.82 2.55
N PRO F 333 23.87 -39.89 3.23
CA PRO F 333 23.24 -41.19 3.41
C PRO F 333 22.84 -41.85 2.09
N TYR F 334 22.70 -41.05 1.04
CA TYR F 334 22.31 -41.57 -0.28
C TYR F 334 23.51 -41.82 -1.19
N VAL F 335 24.71 -41.52 -0.69
CA VAL F 335 25.91 -41.59 -1.51
C VAL F 335 26.77 -42.79 -1.09
N ALA F 336 26.95 -43.73 -2.00
CA ALA F 336 27.59 -45.01 -1.69
C ALA F 336 29.07 -44.90 -1.32
N GLU F 337 29.74 -43.87 -1.81
CA GLU F 337 31.19 -43.77 -1.65
C GLU F 337 31.63 -42.46 -1.02
N HIS F 338 32.74 -42.49 -0.29
CA HIS F 338 33.35 -41.28 0.25
C HIS F 338 34.61 -40.98 -0.56
N TYR F 339 34.86 -39.71 -0.85
CA TYR F 339 36.11 -39.31 -1.49
C TYR F 339 37.24 -39.47 -0.49
N ASP F 340 36.93 -39.19 0.76
CA ASP F 340 37.86 -39.35 1.89
C ASP F 340 37.09 -40.09 2.98
N ALA F 341 37.31 -41.40 3.08
CA ALA F 341 36.53 -42.23 4.01
C ALA F 341 36.80 -41.91 5.48
N GLU F 342 38.01 -41.43 5.79
CA GLU F 342 38.35 -41.10 7.17
C GLU F 342 37.68 -39.81 7.63
N ASN F 343 37.78 -38.75 6.83
CA ASN F 343 37.39 -37.42 7.28
C ASN F 343 36.09 -36.91 6.68
N GLY F 344 35.50 -37.65 5.75
CA GLY F 344 34.24 -37.24 5.14
C GLY F 344 33.13 -37.18 6.17
N VAL F 345 32.35 -36.09 6.16
CA VAL F 345 31.31 -35.94 7.17
C VAL F 345 30.20 -36.96 6.98
N ARG F 346 29.55 -37.33 8.08
CA ARG F 346 28.41 -38.22 7.99
C ARG F 346 27.39 -37.90 9.07
N ILE F 347 26.14 -38.27 8.83
CA ILE F 347 25.09 -38.05 9.80
C ILE F 347 25.03 -39.21 10.77
N GLU F 348 25.12 -38.91 12.06
CA GLU F 348 25.06 -39.94 13.09
C GLU F 348 24.09 -39.48 14.19
N GLY F 349 23.07 -40.29 14.45
CA GLY F 349 22.04 -39.90 15.40
C GLY F 349 21.37 -38.59 15.02
N GLY F 350 21.20 -38.35 13.72
CA GLY F 350 20.55 -37.14 13.26
C GLY F 350 21.38 -35.87 13.36
N ARG F 351 22.66 -36.01 13.68
CA ARG F 351 23.56 -34.85 13.81
C ARG F 351 24.86 -35.06 13.04
N ILE F 352 25.62 -33.98 12.85
CA ILE F 352 26.88 -34.04 12.10
C ILE F 352 28.03 -33.43 12.89
N ARG F 353 29.09 -34.19 13.11
CA ARG F 353 30.29 -33.67 13.78
C ARG F 353 31.04 -32.72 12.84
N VAL F 354 31.43 -31.56 13.35
CA VAL F 354 32.11 -30.54 12.53
C VAL F 354 33.58 -30.88 12.37
N PRO F 355 34.09 -30.87 11.12
CA PRO F 355 35.52 -31.18 10.90
C PRO F 355 36.42 -30.15 11.59
N GLN F 356 37.63 -30.54 12.00
CA GLN F 356 38.53 -29.60 12.67
C GLN F 356 39.89 -29.44 11.99
N GLY F 357 40.14 -30.16 10.92
CA GLY F 357 41.40 -30.01 10.21
C GLY F 357 41.45 -28.73 9.41
N PRO F 358 42.61 -28.42 8.81
CA PRO F 358 42.73 -27.24 7.95
C PRO F 358 41.83 -27.33 6.70
N GLY F 359 41.33 -26.19 6.23
CA GLY F 359 40.47 -26.17 5.06
C GLY F 359 39.16 -26.91 5.31
N LEU F 360 38.67 -27.61 4.29
CA LEU F 360 37.41 -28.36 4.43
C LEU F 360 37.57 -29.56 5.36
N GLY F 361 38.81 -29.97 5.58
CA GLY F 361 39.10 -31.07 6.49
C GLY F 361 39.23 -32.39 5.78
N LEU F 362 39.44 -32.32 4.46
CA LEU F 362 39.51 -33.50 3.60
C LEU F 362 40.88 -33.63 3.00
N THR F 363 41.31 -34.87 2.81
CA THR F 363 42.51 -35.16 2.04
C THR F 363 42.10 -36.13 0.95
N ILE F 364 42.16 -35.65 -0.30
CA ILE F 364 41.72 -36.43 -1.44
C ILE F 364 42.90 -36.59 -2.37
N ASP F 365 43.18 -37.82 -2.79
CA ASP F 365 44.24 -38.06 -3.76
C ASP F 365 43.98 -37.25 -5.02
N PRO F 366 45.00 -36.51 -5.48
CA PRO F 366 44.81 -35.63 -6.65
C PRO F 366 44.43 -36.40 -7.91
N GLU F 367 44.61 -37.71 -7.92
CA GLU F 367 44.22 -38.53 -9.07
C GLU F 367 42.92 -39.31 -8.82
N ARG F 368 42.24 -39.03 -7.72
CA ARG F 368 41.02 -39.75 -7.33
C ARG F 368 39.96 -39.77 -8.43
N PHE F 369 39.86 -38.67 -9.19
CA PHE F 369 38.81 -38.57 -10.19
C PHE F 369 39.31 -38.82 -11.61
N GLY F 370 40.53 -39.35 -11.72
CA GLY F 370 41.12 -39.67 -13.01
C GLY F 370 41.71 -38.45 -13.66
N PRO F 371 42.03 -38.55 -14.96
CA PRO F 371 42.62 -37.38 -15.62
C PRO F 371 41.58 -36.27 -15.77
N PRO F 372 42.05 -35.01 -15.83
CA PRO F 372 41.11 -33.88 -15.96
C PRO F 372 40.33 -33.93 -17.27
N LEU F 373 39.07 -33.52 -17.24
CA LEU F 373 38.28 -33.34 -18.46
C LEU F 373 38.74 -32.07 -19.14
N PHE F 374 39.20 -31.13 -18.32
CA PHE F 374 39.58 -29.80 -18.79
C PHE F 374 40.60 -29.19 -17.81
N SER F 375 41.60 -28.49 -18.35
CA SER F 375 42.57 -27.76 -17.53
C SER F 375 42.80 -26.37 -18.13
N ALA F 376 43.00 -25.39 -17.27
CA ALA F 376 43.40 -24.05 -17.71
C ALA F 376 44.23 -23.37 -16.63
N LEU G 10 12.63 28.57 40.64
CA LEU G 10 13.51 27.88 41.57
C LEU G 10 14.55 27.04 40.82
N LYS G 11 15.83 27.18 41.21
CA LYS G 11 16.92 26.59 40.44
C LYS G 11 17.64 25.42 41.10
N ILE G 12 18.20 24.55 40.27
CA ILE G 12 19.00 23.42 40.74
C ILE G 12 20.36 23.92 41.22
N ALA G 13 20.70 23.60 42.48
CA ALA G 13 21.98 24.00 43.05
C ALA G 13 23.01 22.88 43.01
N GLU G 14 22.59 21.68 43.40
CA GLU G 14 23.50 20.53 43.44
C GLU G 14 22.79 19.24 43.04
N ILE G 15 23.54 18.35 42.39
CA ILE G 15 23.03 17.03 42.06
C ILE G 15 23.95 15.95 42.64
N GLN G 16 23.37 14.96 43.31
CA GLN G 16 24.15 13.84 43.87
C GLN G 16 23.68 12.52 43.26
N LEU G 17 24.65 11.64 42.99
CA LEU G 17 24.37 10.33 42.41
C LEU G 17 24.77 9.23 43.39
N PHE G 18 23.93 8.22 43.55
CA PHE G 18 24.24 7.07 44.41
C PHE G 18 23.87 5.78 43.69
N GLN G 19 24.47 4.67 44.11
CA GLN G 19 24.00 3.36 43.66
C GLN G 19 23.68 2.46 44.86
N HIS G 20 22.88 1.43 44.62
CA HIS G 20 22.29 0.65 45.71
C HIS G 20 21.83 -0.70 45.17
N ASP G 21 22.12 -1.77 45.89
CA ASP G 21 21.79 -3.12 45.42
C ASP G 21 20.42 -3.61 45.87
N LEU G 22 19.71 -4.27 44.95
CA LEU G 22 18.39 -4.82 45.23
C LEU G 22 18.36 -6.31 44.87
N PRO G 23 18.62 -7.18 45.86
CA PRO G 23 18.52 -8.63 45.59
C PRO G 23 17.07 -8.99 45.29
N VAL G 24 16.86 -9.88 44.33
CA VAL G 24 15.49 -10.29 43.99
C VAL G 24 14.98 -11.26 45.05
N VAL G 25 14.03 -10.79 45.86
CA VAL G 25 13.44 -11.64 46.89
C VAL G 25 12.81 -12.85 46.22
N ASN G 26 13.19 -14.03 46.73
CA ASN G 26 12.96 -15.31 46.06
C ASN G 26 13.13 -15.27 44.54
N GLY G 27 14.32 -14.83 44.11
CA GLY G 27 14.68 -14.86 42.71
C GLY G 27 15.04 -16.26 42.27
N PRO G 28 15.45 -16.43 41.01
CA PRO G 28 15.56 -15.30 40.09
C PRO G 28 14.23 -15.01 39.41
N TYR G 29 14.10 -13.81 38.86
CA TYR G 29 12.97 -13.45 38.03
C TYR G 29 13.40 -13.77 36.60
N ARG G 30 12.80 -14.81 36.02
CA ARG G 30 13.23 -15.30 34.70
C ARG G 30 12.50 -14.66 33.52
N ILE G 31 13.29 -14.23 32.52
CA ILE G 31 12.81 -13.51 31.34
C ILE G 31 13.50 -14.11 30.12
N ALA G 32 12.82 -14.16 28.98
CA ALA G 32 13.41 -14.78 27.79
C ALA G 32 14.73 -14.11 27.38
N SER G 33 14.82 -12.80 27.61
CA SER G 33 16.02 -12.06 27.21
C SER G 33 17.13 -12.08 28.26
N GLY G 34 16.91 -12.81 29.36
CA GLY G 34 17.91 -12.96 30.41
C GLY G 34 17.35 -12.86 31.82
N ASP G 35 17.74 -13.79 32.70
CA ASP G 35 17.25 -13.82 34.08
C ASP G 35 17.94 -12.78 34.97
N VAL G 36 17.27 -12.35 36.03
CA VAL G 36 17.87 -11.45 37.01
C VAL G 36 17.81 -12.02 38.43
N TRP G 37 18.96 -11.98 39.12
CA TRP G 37 19.08 -12.49 40.48
C TRP G 37 19.25 -11.33 41.46
N SER G 38 19.84 -10.25 40.96
CA SER G 38 20.07 -9.05 41.77
C SER G 38 20.22 -7.86 40.83
N LEU G 39 19.77 -6.69 41.29
CA LEU G 39 19.80 -5.47 40.47
C LEU G 39 20.59 -4.37 41.19
N THR G 40 21.23 -3.51 40.42
CA THR G 40 21.85 -2.30 40.96
C THR G 40 21.05 -1.09 40.50
N THR G 41 20.46 -0.36 41.45
CA THR G 41 19.71 0.83 41.11
C THR G 41 20.58 2.07 41.24
N THR G 42 20.27 3.09 40.45
CA THR G 42 20.98 4.36 40.51
C THR G 42 20.03 5.46 40.97
N ILE G 43 20.42 6.15 42.04
CA ILE G 43 19.57 7.13 42.71
C ILE G 43 20.09 8.55 42.44
N VAL G 44 19.16 9.45 42.16
CA VAL G 44 19.48 10.87 41.97
C VAL G 44 18.86 11.69 43.08
N LYS G 45 19.66 12.56 43.70
CA LYS G 45 19.13 13.59 44.59
C LYS G 45 19.43 14.97 43.99
N ILE G 46 18.39 15.75 43.71
CA ILE G 46 18.57 17.12 43.25
C ILE G 46 18.32 18.08 44.41
N ILE G 47 19.25 18.99 44.64
CA ILE G 47 19.08 19.99 45.69
C ILE G 47 18.87 21.37 45.06
N ALA G 48 17.77 22.03 45.41
CA ALA G 48 17.47 23.35 44.88
C ALA G 48 18.18 24.40 45.72
N GLU G 49 18.17 25.64 45.23
CA GLU G 49 18.81 26.76 45.93
C GLU G 49 18.34 26.93 47.37
N ASP G 50 17.11 26.52 47.65
CA ASP G 50 16.56 26.69 49.00
C ASP G 50 16.79 25.49 49.92
N GLY G 51 17.46 24.46 49.40
CA GLY G 51 17.78 23.30 50.20
C GLY G 51 16.77 22.18 50.14
N THR G 52 15.64 22.41 49.47
CA THR G 52 14.65 21.37 49.26
C THR G 52 15.24 20.36 48.29
N ILE G 53 14.91 19.09 48.49
CA ILE G 53 15.46 18.04 47.65
C ILE G 53 14.40 17.25 46.91
N GLY G 54 14.79 16.70 45.76
CA GLY G 54 13.91 15.83 44.99
C GLY G 54 14.65 14.55 44.70
N TRP G 55 13.95 13.42 44.75
CA TRP G 55 14.59 12.13 44.50
C TRP G 55 14.19 11.54 43.17
N GLY G 56 15.14 10.87 42.50
CA GLY G 56 14.87 10.18 41.26
C GLY G 56 15.57 8.83 41.27
N GLU G 57 15.20 7.96 40.34
CA GLU G 57 15.74 6.60 40.35
C GLU G 57 15.62 5.96 38.97
N THR G 58 16.59 5.12 38.62
CA THR G 58 16.49 4.31 37.41
C THR G 58 17.22 2.99 37.62
N CYS G 59 16.61 1.89 37.20
CA CYS G 59 17.16 0.58 37.48
C CYS G 59 16.84 -0.39 36.35
N PRO G 60 17.76 -0.53 35.39
CA PRO G 60 17.57 -1.50 34.31
C PRO G 60 17.39 -2.91 34.87
N VAL G 61 16.56 -3.72 34.22
CA VAL G 61 16.35 -5.09 34.71
C VAL G 61 17.42 -6.00 34.09
N GLY G 62 18.63 -5.85 34.60
CA GLY G 62 19.76 -6.57 34.03
C GLY G 62 20.28 -5.90 32.78
N PRO G 63 21.44 -6.35 32.28
CA PRO G 63 22.14 -5.74 31.15
C PRO G 63 21.71 -6.23 29.77
N THR G 64 20.87 -7.26 29.71
CA THR G 64 20.47 -7.83 28.42
C THR G 64 19.01 -7.62 28.05
N TYR G 65 18.20 -7.12 28.98
CA TYR G 65 16.79 -6.90 28.68
C TYR G 65 16.61 -5.83 27.61
N ALA G 66 17.33 -4.71 27.75
CA ALA G 66 17.28 -3.61 26.79
C ALA G 66 18.63 -2.90 26.69
N GLU G 67 18.72 -1.90 25.83
CA GLU G 67 19.97 -1.16 25.67
C GLU G 67 20.16 -0.20 26.83
N ALA G 68 20.49 -0.79 27.99
CA ALA G 68 20.62 -0.04 29.23
C ALA G 68 21.25 -0.93 30.28
N HIS G 69 22.07 -0.33 31.14
CA HIS G 69 22.69 -1.06 32.24
C HIS G 69 23.07 -0.10 33.36
N ALA G 70 23.29 -0.63 34.56
CA ALA G 70 23.53 0.20 35.74
C ALA G 70 24.76 1.09 35.58
N GLY G 71 25.84 0.54 35.02
CA GLY G 71 27.03 1.32 34.79
C GLY G 71 26.78 2.43 33.77
N GLY G 72 25.88 2.15 32.81
CA GLY G 72 25.54 3.12 31.80
C GLY G 72 24.68 4.22 32.37
N ALA G 73 23.83 3.87 33.32
CA ALA G 73 22.98 4.85 33.99
C ALA G 73 23.86 5.87 34.70
N LEU G 74 24.87 5.38 35.40
CA LEU G 74 25.74 6.26 36.18
C LEU G 74 26.57 7.15 35.27
N ALA G 75 27.13 6.57 34.21
CA ALA G 75 27.98 7.35 33.31
C ALA G 75 27.19 8.46 32.60
N ALA G 76 25.96 8.14 32.18
CA ALA G 76 25.13 9.15 31.54
C ALA G 76 24.72 10.22 32.54
N LEU G 77 24.38 9.79 33.75
CA LEU G 77 23.96 10.74 34.78
C LEU G 77 25.07 11.68 35.20
N GLU G 78 26.33 11.22 35.10
CA GLU G 78 27.46 12.10 35.38
C GLU G 78 27.57 13.21 34.34
N VAL G 79 27.40 12.87 33.07
CA VAL G 79 27.38 13.86 32.01
C VAL G 79 26.23 14.87 32.20
N LEU G 80 25.04 14.34 32.47
CA LEU G 80 23.85 15.17 32.63
C LEU G 80 23.98 16.10 33.84
N ALA G 81 24.39 15.56 34.98
CA ALA G 81 24.57 16.35 36.20
C ALA G 81 25.58 17.47 36.02
N SER G 82 26.63 17.21 35.26
CA SER G 82 27.72 18.17 35.07
C SER G 82 27.30 19.44 34.34
N GLY G 83 26.14 19.38 33.68
CA GLY G 83 25.66 20.55 32.96
C GLY G 83 24.34 21.09 33.47
N LEU G 84 23.92 20.64 34.65
CA LEU G 84 22.59 21.01 35.15
C LEU G 84 22.54 22.07 36.26
N ALA G 85 23.66 22.37 36.90
CA ALA G 85 23.66 23.42 37.92
C ALA G 85 23.22 24.74 37.30
N GLY G 86 22.21 25.38 37.92
CA GLY G 86 21.71 26.64 37.41
C GLY G 86 20.50 26.50 36.49
N ALA G 87 20.13 25.27 36.16
CA ALA G 87 18.94 25.05 35.34
C ALA G 87 17.69 25.14 36.21
N GLU G 88 16.58 25.53 35.60
CA GLU G 88 15.31 25.65 36.32
C GLU G 88 14.73 24.25 36.58
N ALA G 89 14.21 24.05 37.78
CA ALA G 89 13.63 22.77 38.15
C ALA G 89 12.18 22.61 37.65
N LEU G 90 12.02 22.62 36.33
CA LEU G 90 10.72 22.37 35.70
C LEU G 90 10.97 21.39 34.54
N PRO G 91 9.96 20.57 34.19
CA PRO G 91 10.14 19.49 33.20
C PRO G 91 10.66 19.94 31.83
N LEU G 92 10.03 20.92 31.20
CA LEU G 92 10.47 21.33 29.86
C LEU G 92 11.89 21.96 29.84
N PRO G 93 12.16 22.93 30.73
CA PRO G 93 13.54 23.43 30.79
C PRO G 93 14.56 22.31 31.06
N LEU G 94 14.24 21.39 31.97
CA LEU G 94 15.14 20.29 32.27
C LEU G 94 15.44 19.44 31.04
N HIS G 95 14.40 19.00 30.34
CA HIS G 95 14.60 18.11 29.20
C HIS G 95 15.33 18.80 28.05
N THR G 96 15.03 20.08 27.87
CA THR G 96 15.70 20.86 26.85
C THR G 96 17.19 20.92 27.18
N ARG G 97 17.50 21.16 28.45
CA ARG G 97 18.91 21.22 28.85
C ARG G 97 19.58 19.85 28.75
N MET G 98 18.90 18.81 29.22
CA MET G 98 19.47 17.46 29.15
C MET G 98 19.77 17.04 27.71
N ASP G 99 18.85 17.33 26.80
CA ASP G 99 19.03 16.98 25.38
C ASP G 99 20.18 17.76 24.75
N SER G 100 20.52 18.93 25.30
CA SER G 100 21.64 19.70 24.78
C SER G 100 22.95 19.11 25.29
N LEU G 101 22.86 18.26 26.31
CA LEU G 101 24.05 17.68 26.94
C LEU G 101 24.36 16.25 26.48
N LEU G 102 23.33 15.50 26.12
CA LEU G 102 23.51 14.08 25.79
C LEU G 102 22.35 13.62 24.94
N CYS G 103 22.67 12.93 23.84
CA CYS G 103 21.66 12.42 22.94
C CYS G 103 21.16 11.06 23.45
N GLY G 104 19.85 10.86 23.44
CA GLY G 104 19.27 9.60 23.88
C GLY G 104 19.51 9.34 25.36
N HIS G 105 19.76 8.08 25.71
CA HIS G 105 19.89 7.67 27.11
C HIS G 105 18.66 8.04 27.94
N ASN G 106 17.48 7.73 27.39
CA ASN G 106 16.23 8.02 28.09
C ASN G 106 16.20 7.48 29.51
N TYR G 107 16.70 6.27 29.70
CA TYR G 107 16.65 5.67 31.04
C TYR G 107 17.44 6.44 32.08
N ALA G 108 18.47 7.16 31.66
CA ALA G 108 19.22 8.00 32.58
C ALA G 108 18.46 9.29 32.84
N LYS G 109 18.04 9.93 31.75
CA LYS G 109 17.28 11.18 31.83
C LYS G 109 16.02 11.03 32.68
N SER G 110 15.42 9.84 32.64
CA SER G 110 14.24 9.56 33.45
C SER G 110 14.45 9.82 34.94
N ALA G 111 15.63 9.46 35.45
CA ALA G 111 15.92 9.67 36.86
C ALA G 111 15.91 11.14 37.26
N LEU G 112 16.49 11.99 36.42
CA LEU G 112 16.48 13.43 36.70
C LEU G 112 15.07 14.01 36.58
N ASP G 113 14.32 13.50 35.60
CA ASP G 113 12.94 13.95 35.39
C ASP G 113 12.10 13.65 36.63
N ILE G 114 12.26 12.44 37.19
CA ILE G 114 11.46 12.06 38.35
C ILE G 114 11.82 12.96 39.53
N ALA G 115 13.12 13.21 39.70
CA ALA G 115 13.59 14.08 40.78
C ALA G 115 13.01 15.49 40.65
N VAL G 116 12.98 16.02 39.43
CA VAL G 116 12.41 17.36 39.20
C VAL G 116 10.93 17.40 39.55
N HIS G 117 10.20 16.35 39.18
CA HIS G 117 8.78 16.29 39.54
C HIS G 117 8.56 16.25 41.06
N ASP G 118 9.38 15.47 41.77
CA ASP G 118 9.33 15.41 43.24
C ASP G 118 9.55 16.79 43.85
N LEU G 119 10.63 17.44 43.42
CA LEU G 119 10.97 18.80 43.86
C LEU G 119 9.87 19.82 43.56
N TRP G 120 9.33 19.76 42.35
CA TRP G 120 8.32 20.70 41.89
C TRP G 120 7.05 20.59 42.74
N GLY G 121 6.65 19.35 43.02
CA GLY G 121 5.48 19.11 43.85
C GLY G 121 5.69 19.57 45.28
N LYS G 122 6.90 19.37 45.80
CA LYS G 122 7.20 19.82 47.16
C LYS G 122 7.18 21.34 47.24
N ARG G 123 7.69 22.01 46.21
CA ARG G 123 7.66 23.47 46.18
C ARG G 123 6.23 24.01 46.19
N LEU G 124 5.37 23.42 45.37
CA LEU G 124 4.01 23.92 45.23
C LEU G 124 3.07 23.32 46.28
N GLY G 125 3.53 22.29 46.97
CA GLY G 125 2.75 21.64 48.00
C GLY G 125 1.65 20.75 47.45
N VAL G 126 1.93 20.09 46.32
CA VAL G 126 0.93 19.23 45.70
C VAL G 126 1.56 17.89 45.29
N PRO G 127 0.75 16.83 45.19
CA PRO G 127 1.30 15.55 44.74
C PRO G 127 1.66 15.56 43.26
N VAL G 128 2.60 14.71 42.87
CA VAL G 128 2.97 14.62 41.46
C VAL G 128 1.76 14.36 40.55
N HIS G 129 0.79 13.57 41.01
CA HIS G 129 -0.36 13.30 40.13
C HIS G 129 -1.14 14.57 39.78
N GLU G 130 -1.12 15.56 40.67
CA GLU G 130 -1.72 16.85 40.36
C GLU G 130 -0.92 17.55 39.25
N LEU G 131 0.41 17.54 39.38
CA LEU G 131 1.27 18.16 38.37
C LEU G 131 1.13 17.46 37.03
N LEU G 132 0.67 16.22 37.05
CA LEU G 132 0.50 15.47 35.81
C LEU G 132 -0.91 15.63 35.23
N GLY G 133 -1.70 16.52 35.81
CA GLY G 133 -3.02 16.79 35.26
C GLY G 133 -4.17 16.48 36.18
N GLY G 134 -3.92 15.68 37.21
CA GLY G 134 -4.93 15.38 38.20
C GLY G 134 -5.33 13.90 38.23
N ALA G 135 -5.21 13.28 39.39
CA ALA G 135 -5.59 11.87 39.55
C ALA G 135 -7.08 11.67 39.27
N LEU G 136 -7.41 10.56 38.61
CA LEU G 136 -8.81 10.21 38.36
C LEU G 136 -9.30 9.18 39.36
N THR G 137 -8.39 8.69 40.19
CA THR G 137 -8.72 7.60 41.11
C THR G 137 -7.79 7.65 42.32
N ASP G 138 -8.24 7.10 43.45
CA ASP G 138 -7.44 7.06 44.68
C ASP G 138 -6.65 5.75 44.81
N SER G 139 -6.95 4.80 43.94
CA SER G 139 -6.18 3.56 43.88
C SER G 139 -6.17 3.02 42.47
N VAL G 140 -5.10 2.34 42.11
CA VAL G 140 -4.94 1.85 40.75
C VAL G 140 -4.77 0.35 40.74
N SER G 141 -5.12 -0.27 39.60
CA SER G 141 -4.95 -1.70 39.47
C SER G 141 -3.50 -2.02 39.16
N SER G 142 -3.14 -3.29 39.32
CA SER G 142 -1.80 -3.73 39.01
C SER G 142 -1.91 -5.05 38.26
N TYR G 143 -0.79 -5.54 37.75
CA TYR G 143 -0.77 -6.89 37.22
C TYR G 143 0.44 -7.60 37.76
N TYR G 144 0.36 -8.92 37.85
CA TYR G 144 1.49 -9.71 38.30
C TYR G 144 2.18 -10.36 37.12
N SER G 145 3.50 -10.44 37.18
CA SER G 145 4.28 -11.03 36.09
C SER G 145 4.88 -12.34 36.55
N LEU G 146 4.47 -13.42 35.89
CA LEU G 146 5.03 -14.74 36.17
C LEU G 146 6.28 -14.93 35.33
N GLY G 147 7.41 -15.18 35.99
CA GLY G 147 8.64 -15.46 35.25
C GLY G 147 8.52 -16.73 34.44
N VAL G 148 9.42 -16.94 33.49
CA VAL G 148 9.46 -18.20 32.76
C VAL G 148 9.64 -19.36 33.74
N MET G 149 8.71 -20.31 33.71
CA MET G 149 8.71 -21.42 34.65
C MET G 149 7.96 -22.61 34.04
N GLU G 150 8.06 -23.78 34.67
CA GLU G 150 7.32 -24.95 34.20
C GLU G 150 5.83 -24.64 34.10
N PRO G 151 5.19 -25.13 33.02
CA PRO G 151 3.77 -24.93 32.78
C PRO G 151 2.87 -25.23 34.00
N ASP G 152 3.05 -26.38 34.63
CA ASP G 152 2.25 -26.73 35.80
C ASP G 152 2.41 -25.71 36.93
N GLU G 153 3.63 -25.23 37.12
CA GLU G 153 3.90 -24.25 38.17
C GLU G 153 3.32 -22.88 37.83
N ALA G 154 3.34 -22.52 36.55
CA ALA G 154 2.75 -21.26 36.12
C ALA G 154 1.26 -21.24 36.39
N ALA G 155 0.60 -22.37 36.14
CA ALA G 155 -0.83 -22.49 36.45
C ALA G 155 -1.14 -22.35 37.94
N ARG G 156 -0.36 -23.03 38.79
CA ARG G 156 -0.52 -22.93 40.25
C ARG G 156 -0.43 -21.48 40.67
N GLN G 157 0.60 -20.80 40.19
CA GLN G 157 0.88 -19.43 40.62
C GLN G 157 -0.09 -18.43 40.05
N ALA G 158 -0.57 -18.70 38.83
CA ALA G 158 -1.59 -17.86 38.23
C ALA G 158 -2.81 -17.83 39.15
N LEU G 159 -3.17 -19.01 39.66
CA LEU G 159 -4.30 -19.13 40.57
C LEU G 159 -4.10 -18.31 41.84
N GLU G 160 -2.91 -18.43 42.44
CA GLU G 160 -2.55 -17.68 43.63
C GLU G 160 -2.75 -16.18 43.45
N LYS G 161 -2.24 -15.66 42.33
CA LYS G 161 -2.29 -14.23 42.07
C LYS G 161 -3.71 -13.74 41.81
N GLN G 162 -4.50 -14.58 41.15
CA GLN G 162 -5.90 -14.23 40.92
C GLN G 162 -6.65 -14.18 42.23
N ARG G 163 -6.41 -15.17 43.09
CA ARG G 163 -7.05 -15.21 44.41
C ARG G 163 -6.65 -13.99 45.23
N GLU G 164 -5.43 -13.52 45.01
CA GLU G 164 -4.85 -12.41 45.78
C GLU G 164 -5.46 -11.05 45.41
N GLY G 165 -6.06 -10.97 44.22
CA GLY G 165 -6.77 -9.76 43.83
C GLY G 165 -6.33 -9.12 42.53
N TYR G 166 -5.25 -9.61 41.94
CA TYR G 166 -4.76 -9.06 40.68
C TYR G 166 -5.80 -9.15 39.58
N SER G 167 -6.00 -8.06 38.86
CA SER G 167 -7.00 -7.98 37.81
C SER G 167 -6.41 -8.46 36.48
N ARG G 168 -5.10 -8.69 36.47
CA ARG G 168 -4.42 -9.04 35.23
C ARG G 168 -3.16 -9.84 35.53
N LEU G 169 -2.83 -10.75 34.62
CA LEU G 169 -1.69 -11.64 34.77
C LEU G 169 -0.87 -11.59 33.50
N GLN G 170 0.43 -11.37 33.62
CA GLN G 170 1.33 -11.48 32.48
C GLN G 170 2.15 -12.76 32.65
N VAL G 171 2.10 -13.61 31.63
CA VAL G 171 2.86 -14.87 31.66
C VAL G 171 4.10 -14.70 30.80
N LYS G 172 5.28 -14.70 31.41
CA LYS G 172 6.51 -14.61 30.63
C LYS G 172 6.82 -15.94 29.96
N LEU G 173 7.24 -15.87 28.70
CA LEU G 173 7.47 -17.07 27.89
C LEU G 173 8.79 -16.95 27.12
N GLY G 174 9.22 -18.04 26.48
CA GLY G 174 10.38 -17.99 25.61
C GLY G 174 11.66 -18.61 26.13
N ALA G 175 12.69 -18.60 25.28
CA ALA G 175 13.99 -19.20 25.60
C ALA G 175 13.87 -20.71 25.85
N ARG G 176 12.95 -21.32 25.11
CA ARG G 176 12.69 -22.76 25.17
C ARG G 176 11.77 -23.05 24.00
N PRO G 177 11.52 -24.34 23.70
CA PRO G 177 10.64 -24.63 22.56
C PRO G 177 9.24 -24.01 22.71
N ILE G 178 8.68 -23.54 21.60
CA ILE G 178 7.37 -22.90 21.62
C ILE G 178 6.28 -23.86 22.11
N GLU G 179 6.48 -25.18 21.92
CA GLU G 179 5.52 -26.16 22.42
C GLU G 179 5.26 -25.99 23.91
N ILE G 180 6.33 -25.67 24.64
CA ILE G 180 6.25 -25.54 26.08
C ILE G 180 5.55 -24.23 26.45
N ASP G 181 5.83 -23.18 25.70
CA ASP G 181 5.13 -21.91 25.90
C ASP G 181 3.63 -22.04 25.69
N ILE G 182 3.25 -22.80 24.66
CA ILE G 182 1.85 -23.05 24.35
C ILE G 182 1.21 -23.90 25.45
N GLU G 183 1.95 -24.91 25.91
CA GLU G 183 1.48 -25.72 27.04
C GLU G 183 1.24 -24.81 28.26
N ALA G 184 2.18 -23.91 28.52
CA ALA G 184 2.06 -23.00 29.67
C ALA G 184 0.82 -22.12 29.60
N ILE G 185 0.59 -21.48 28.45
CA ILE G 185 -0.53 -20.56 28.34
C ILE G 185 -1.89 -21.29 28.44
N ARG G 186 -1.94 -22.51 27.92
CA ARG G 186 -3.17 -23.30 28.01
C ARG G 186 -3.45 -23.71 29.46
N LYS G 187 -2.42 -24.16 30.16
CA LYS G 187 -2.57 -24.54 31.58
C LYS G 187 -2.94 -23.36 32.48
N VAL G 188 -2.31 -22.20 32.25
CA VAL G 188 -2.66 -21.00 33.00
C VAL G 188 -4.12 -20.63 32.75
N TRP G 189 -4.52 -20.67 31.48
CA TRP G 189 -5.88 -20.34 31.10
C TRP G 189 -6.89 -21.31 31.74
N GLU G 190 -6.56 -22.59 31.74
CA GLU G 190 -7.42 -23.59 32.40
C GLU G 190 -7.60 -23.25 33.88
N ALA G 191 -6.52 -22.78 34.51
CA ALA G 191 -6.55 -22.46 35.92
C ALA G 191 -7.45 -21.27 36.22
N VAL G 192 -7.38 -20.23 35.40
CA VAL G 192 -8.06 -18.97 35.74
C VAL G 192 -9.29 -18.60 34.91
N ARG G 193 -9.64 -19.39 33.90
CA ARG G 193 -10.78 -19.04 33.05
C ARG G 193 -12.08 -18.97 33.85
N GLY G 194 -12.98 -18.08 33.44
CA GLY G 194 -14.25 -17.90 34.11
C GLY G 194 -14.12 -16.92 35.26
N THR G 195 -12.91 -16.50 35.53
CA THR G 195 -12.62 -15.62 36.64
C THR G 195 -12.56 -14.17 36.14
N GLY G 196 -12.36 -14.01 34.84
CA GLY G 196 -12.40 -12.68 34.23
C GLY G 196 -11.09 -11.94 34.27
N ILE G 197 -10.07 -12.56 34.86
N ILE G 197 -10.07 -12.56 34.86
CA ILE G 197 -8.76 -11.93 34.94
CA ILE G 197 -8.75 -11.93 34.94
C ILE G 197 -8.16 -11.75 33.54
C ILE G 197 -8.18 -11.74 33.54
N ALA G 198 -7.54 -10.60 33.31
CA ALA G 198 -6.94 -10.30 32.01
C ALA G 198 -5.62 -11.06 31.86
N LEU G 199 -5.31 -11.45 30.62
CA LEU G 199 -4.16 -12.31 30.36
C LEU G 199 -3.25 -11.70 29.30
N ALA G 200 -1.97 -11.55 29.62
CA ALA G 200 -0.97 -11.16 28.63
C ALA G 200 0.05 -12.27 28.50
N ALA G 201 0.41 -12.60 27.26
CA ALA G 201 1.46 -13.57 26.97
C ALA G 201 2.69 -12.83 26.47
N ASP G 202 3.76 -12.79 27.28
CA ASP G 202 4.91 -11.95 27.00
C ASP G 202 6.09 -12.78 26.48
N GLY G 203 6.40 -12.63 25.20
CA GLY G 203 7.47 -13.39 24.58
C GLY G 203 8.83 -12.75 24.82
N ASN G 204 8.81 -11.55 25.38
CA ASN G 204 10.04 -10.77 25.62
C ASN G 204 11.07 -10.85 24.51
N ARG G 205 10.62 -10.62 23.28
CA ARG G 205 11.45 -10.63 22.07
C ARG G 205 11.95 -12.02 21.69
N GLY G 206 11.43 -13.05 22.35
CA GLY G 206 12.02 -14.38 22.25
C GLY G 206 11.55 -15.25 21.11
N TRP G 207 10.52 -14.81 20.37
CA TRP G 207 9.95 -15.65 19.32
C TRP G 207 10.30 -15.18 17.91
N THR G 208 10.71 -16.13 17.08
CA THR G 208 10.75 -15.91 15.64
C THR G 208 9.32 -15.64 15.16
N THR G 209 9.17 -15.02 14.01
CA THR G 209 7.82 -14.86 13.46
C THR G 209 7.13 -16.21 13.22
N ARG G 210 7.93 -17.22 12.86
CA ARG G 210 7.43 -18.59 12.70
C ARG G 210 6.63 -19.02 13.93
N ASP G 211 7.22 -18.84 15.11
CA ASP G 211 6.61 -19.33 16.34
C ASP G 211 5.51 -18.41 16.85
N ALA G 212 5.61 -17.12 16.57
CA ALA G 212 4.56 -16.19 16.97
C ALA G 212 3.27 -16.53 16.23
N LEU G 213 3.39 -16.81 14.93
CA LEU G 213 2.20 -17.17 14.14
C LEU G 213 1.55 -18.42 14.71
N ARG G 214 2.37 -19.39 15.08
CA ARG G 214 1.89 -20.66 15.64
C ARG G 214 1.15 -20.45 16.96
N PHE G 215 1.73 -19.63 17.82
CA PHE G 215 1.20 -19.39 19.16
C PHE G 215 -0.22 -18.84 19.06
N SER G 216 -0.42 -17.87 18.17
CA SER G 216 -1.76 -17.32 17.97
C SER G 216 -2.69 -18.32 17.27
N ARG G 217 -2.19 -18.96 16.21
CA ARG G 217 -3.02 -19.85 15.39
C ARG G 217 -3.61 -20.98 16.21
N GLU G 218 -2.83 -21.51 17.15
CA GLU G 218 -3.25 -22.67 17.93
C GLU G 218 -4.22 -22.33 19.05
N CYS G 219 -4.29 -21.07 19.44
CA CYS G 219 -5.04 -20.68 20.63
C CYS G 219 -6.11 -19.60 20.46
N PRO G 220 -6.98 -19.73 19.43
CA PRO G 220 -7.98 -18.65 19.27
C PRO G 220 -8.94 -18.56 20.46
N ASP G 221 -9.10 -19.68 21.16
CA ASP G 221 -9.99 -19.85 22.30
C ASP G 221 -9.46 -19.20 23.59
N ILE G 222 -8.17 -18.83 23.58
CA ILE G 222 -7.56 -18.21 24.76
C ILE G 222 -7.37 -16.72 24.53
N PRO G 223 -7.96 -15.89 25.41
CA PRO G 223 -7.97 -14.44 25.17
C PRO G 223 -6.76 -13.68 25.71
N PHE G 224 -5.55 -14.13 25.40
CA PHE G 224 -4.36 -13.37 25.75
C PHE G 224 -4.18 -12.21 24.76
N VAL G 225 -3.46 -11.18 25.18
CA VAL G 225 -2.82 -10.31 24.21
C VAL G 225 -1.39 -10.82 24.04
N MET G 226 -0.85 -10.71 22.82
CA MET G 226 0.54 -11.08 22.57
C MET G 226 1.43 -9.86 22.81
N GLU G 227 2.20 -9.90 23.89
CA GLU G 227 3.03 -8.77 24.26
C GLU G 227 4.45 -8.99 23.77
N GLN G 228 4.95 -8.04 22.96
CA GLN G 228 6.29 -8.08 22.36
C GLN G 228 6.77 -9.50 22.04
N PRO G 229 6.04 -10.22 21.19
CA PRO G 229 6.43 -11.61 20.92
C PRO G 229 7.77 -11.73 20.22
N CYS G 230 8.05 -10.79 19.33
CA CYS G 230 9.20 -10.88 18.43
C CYS G 230 10.24 -9.81 18.70
N ASN G 231 11.38 -9.90 18.03
CA ASN G 231 12.56 -9.14 18.42
C ASN G 231 12.64 -7.73 17.85
N SER G 232 11.81 -7.39 16.87
CA SER G 232 11.92 -6.07 16.27
C SER G 232 10.56 -5.50 15.85
N PHE G 233 10.56 -4.19 15.59
CA PHE G 233 9.37 -3.50 15.08
C PHE G 233 8.93 -4.17 13.78
N GLU G 234 9.89 -4.51 12.93
CA GLU G 234 9.61 -5.15 11.64
C GLU G 234 8.92 -6.50 11.79
N ASP G 235 9.32 -7.26 12.79
CA ASP G 235 8.69 -8.56 13.01
C ASP G 235 7.27 -8.38 13.55
N LEU G 236 7.03 -7.35 14.34
CA LEU G 236 5.65 -7.05 14.75
C LEU G 236 4.82 -6.74 13.52
N GLU G 237 5.38 -5.95 12.60
CA GLU G 237 4.69 -5.63 11.36
C GLU G 237 4.40 -6.86 10.53
N ALA G 238 5.34 -7.80 10.54
CA ALA G 238 5.20 -9.05 9.78
C ALA G 238 4.03 -9.88 10.26
N ILE G 239 3.88 -10.02 11.58
CA ILE G 239 2.86 -10.91 12.12
C ILE G 239 1.50 -10.26 12.29
N ARG G 240 1.47 -8.92 12.38
CA ARG G 240 0.24 -8.17 12.63
C ARG G 240 -0.95 -8.61 11.74
N PRO G 241 -0.76 -8.68 10.41
CA PRO G 241 -1.95 -9.02 9.61
C PRO G 241 -2.29 -10.51 9.61
N LEU G 242 -1.46 -11.30 10.29
CA LEU G 242 -1.60 -12.75 10.28
C LEU G 242 -1.95 -13.34 11.65
N CYS G 243 -2.17 -12.47 12.64
CA CYS G 243 -2.54 -12.96 13.97
C CYS G 243 -3.88 -12.35 14.38
N HIS G 244 -4.83 -13.21 14.74
CA HIS G 244 -6.16 -12.73 15.12
C HIS G 244 -6.26 -12.35 16.62
N HIS G 245 -5.16 -12.53 17.36
CA HIS G 245 -5.06 -11.98 18.72
C HIS G 245 -4.48 -10.57 18.73
N ALA G 246 -4.91 -9.79 19.71
CA ALA G 246 -4.35 -8.46 19.94
C ALA G 246 -2.83 -8.51 20.16
N LEU G 247 -2.15 -7.48 19.67
CA LEU G 247 -0.70 -7.38 19.77
C LEU G 247 -0.32 -6.16 20.60
N TYR G 248 0.55 -6.32 21.59
CA TYR G 248 1.04 -5.18 22.38
C TYR G 248 2.53 -4.98 22.16
N MET G 249 2.96 -3.72 22.09
CA MET G 249 4.39 -3.40 22.02
C MET G 249 4.92 -3.16 23.43
N ASP G 250 6.13 -3.63 23.73
CA ASP G 250 6.79 -3.27 25.01
C ASP G 250 8.20 -2.78 24.69
N GLU G 251 9.17 -3.70 24.64
CA GLU G 251 10.56 -3.34 24.40
C GLU G 251 10.80 -2.41 23.20
N ASP G 252 10.03 -2.57 22.11
CA ASP G 252 10.24 -1.75 20.92
C ASP G 252 9.81 -0.29 21.06
N GLY G 253 9.07 0.03 22.12
CA GLY G 253 8.55 1.37 22.33
C GLY G 253 9.61 2.27 22.94
N THR G 254 10.64 2.60 22.15
CA THR G 254 11.83 3.24 22.73
C THR G 254 11.82 4.77 22.73
N SER G 255 10.80 5.36 22.13
CA SER G 255 10.67 6.83 22.15
C SER G 255 9.23 7.21 21.85
N LEU G 256 8.85 8.45 22.14
CA LEU G 256 7.53 8.92 21.78
C LEU G 256 7.36 8.84 20.28
N ASN G 257 8.43 9.14 19.56
CA ASN G 257 8.37 9.08 18.10
C ASN G 257 7.97 7.69 17.60
N THR G 258 8.63 6.66 18.13
CA THR G 258 8.36 5.29 17.74
C THR G 258 6.96 4.83 18.12
N VAL G 259 6.49 5.25 19.30
CA VAL G 259 5.14 4.91 19.74
C VAL G 259 4.10 5.51 18.79
N ILE G 260 4.31 6.75 18.39
CA ILE G 260 3.40 7.42 17.44
C ILE G 260 3.37 6.66 16.11
N THR G 261 4.53 6.16 15.67
CA THR G 261 4.54 5.39 14.43
C THR G 261 3.70 4.13 14.59
N ALA G 262 3.83 3.48 15.72
CA ALA G 262 3.15 2.19 15.95
C ALA G 262 1.65 2.36 16.08
N ALA G 263 1.22 3.35 16.84
CA ALA G 263 -0.19 3.37 17.11
C ALA G 263 -1.02 4.07 16.03
N ALA G 264 -0.40 4.98 15.31
CA ALA G 264 -1.13 5.58 14.20
C ALA G 264 -1.19 4.69 12.97
N THR G 265 -0.21 3.78 12.84
CA THR G 265 -0.32 2.75 11.78
C THR G 265 -1.17 1.56 12.27
N SER G 266 -1.67 1.67 13.50
CA SER G 266 -2.45 0.64 14.15
C SER G 266 -1.72 -0.70 14.19
N LEU G 267 -0.40 -0.62 14.36
CA LEU G 267 0.40 -1.84 14.47
C LEU G 267 0.00 -2.63 15.70
N VAL G 268 -0.33 -1.91 16.77
CA VAL G 268 -0.60 -2.57 18.02
C VAL G 268 -1.93 -2.14 18.60
N ASP G 269 -2.41 -2.95 19.53
CA ASP G 269 -3.66 -2.67 20.23
C ASP G 269 -3.43 -2.13 21.62
N GLY G 270 -2.17 -1.95 22.01
CA GLY G 270 -1.86 -1.47 23.35
C GLY G 270 -0.36 -1.55 23.60
N PHE G 271 0.06 -1.09 24.78
CA PHE G 271 1.48 -1.06 25.13
C PHE G 271 1.75 -1.50 26.55
N GLY G 272 2.84 -2.23 26.73
CA GLY G 272 3.49 -2.23 28.02
C GLY G 272 4.41 -1.02 27.95
N MET G 273 4.31 -0.10 28.90
CA MET G 273 5.17 1.09 28.82
C MET G 273 5.94 1.32 30.10
N LYS G 274 7.24 1.59 29.95
CA LYS G 274 8.12 1.84 31.07
C LYS G 274 8.57 3.30 31.10
N VAL G 275 8.45 3.94 32.28
CA VAL G 275 8.80 5.35 32.45
C VAL G 275 10.23 5.65 32.02
N SER G 276 11.17 4.78 32.40
CA SER G 276 12.57 5.00 32.08
C SER G 276 12.85 4.90 30.58
N ARG G 277 12.23 3.93 29.90
CA ARG G 277 12.45 3.76 28.48
C ARG G 277 11.99 4.98 27.68
N ILE G 278 10.89 5.58 28.09
CA ILE G 278 10.31 6.72 27.36
C ILE G 278 10.95 8.05 27.79
N GLY G 279 11.75 8.02 28.85
CA GLY G 279 12.55 9.17 29.24
C GLY G 279 12.05 9.99 30.41
N GLY G 280 11.12 9.47 31.19
CA GLY G 280 10.64 10.17 32.36
C GLY G 280 9.16 10.51 32.33
N LEU G 281 8.67 11.13 33.39
CA LEU G 281 7.25 11.43 33.54
C LEU G 281 6.73 12.42 32.52
N GLN G 282 7.58 13.36 32.09
CA GLN G 282 7.17 14.34 31.09
C GLN G 282 6.74 13.64 29.81
N HIS G 283 7.53 12.65 29.39
CA HIS G 283 7.21 11.94 28.17
C HIS G 283 6.15 10.87 28.40
N MET G 284 6.16 10.26 29.59
CA MET G 284 5.11 9.32 29.97
C MET G 284 3.71 9.95 29.95
N ARG G 285 3.58 11.20 30.39
CA ARG G 285 2.25 11.83 30.38
C ARG G 285 1.79 12.15 28.96
N ALA G 286 2.72 12.55 28.10
CA ALA G 286 2.40 12.72 26.68
C ALA G 286 1.95 11.39 26.06
N PHE G 287 2.66 10.31 26.37
CA PHE G 287 2.26 8.98 25.95
C PHE G 287 0.86 8.61 26.42
N ARG G 288 0.58 8.90 27.70
CA ARG G 288 -0.74 8.69 28.26
C ARG G 288 -1.80 9.39 27.42
N ASP G 289 -1.55 10.65 27.07
CA ASP G 289 -2.51 11.46 26.33
C ASP G 289 -2.72 10.93 24.92
N PHE G 290 -1.64 10.43 24.35
N PHE G 290 -1.63 10.42 24.31
CA PHE G 290 -1.65 9.81 23.05
CA PHE G 290 -1.72 9.81 22.98
C PHE G 290 -2.59 8.59 23.07
C PHE G 290 -2.59 8.55 23.04
N CYS G 291 -2.40 7.74 24.07
CA CYS G 291 -3.17 6.50 24.19
C CYS G 291 -4.63 6.81 24.45
N ALA G 292 -4.89 7.86 25.23
CA ALA G 292 -6.26 8.27 25.53
C ALA G 292 -6.97 8.69 24.24
N ALA G 293 -6.28 9.47 23.42
CA ALA G 293 -6.82 9.89 22.13
C ALA G 293 -7.11 8.72 21.20
N ARG G 294 -6.27 7.68 21.25
CA ARG G 294 -6.41 6.54 20.33
C ARG G 294 -7.20 5.36 20.91
N ASN G 295 -7.66 5.51 22.15
CA ASN G 295 -8.35 4.43 22.87
C ASN G 295 -7.51 3.15 22.96
N LEU G 296 -6.23 3.30 23.30
CA LEU G 296 -5.31 2.16 23.40
C LEU G 296 -4.92 1.92 24.85
N PRO G 297 -5.25 0.73 25.37
CA PRO G 297 -4.87 0.43 26.76
C PRO G 297 -3.36 0.33 26.93
N HIS G 298 -2.87 0.66 28.13
CA HIS G 298 -1.44 0.59 28.37
C HIS G 298 -1.16 0.37 29.84
N THR G 299 0.01 -0.20 30.13
CA THR G 299 0.45 -0.32 31.51
C THR G 299 1.19 0.94 31.91
N CYS G 300 1.49 1.05 33.20
CA CYS G 300 2.28 2.16 33.74
C CYS G 300 3.37 1.55 34.60
N ASP G 301 4.45 1.12 33.95
CA ASP G 301 5.50 0.37 34.63
C ASP G 301 6.84 1.08 34.59
N ASP G 302 7.85 0.41 35.14
CA ASP G 302 9.23 0.71 34.84
C ASP G 302 9.96 -0.62 34.86
N ALA G 303 11.24 -0.61 34.52
CA ALA G 303 12.00 -1.85 34.44
C ALA G 303 12.16 -2.53 35.80
N TRP G 304 12.52 -1.73 36.80
CA TRP G 304 12.72 -2.20 38.16
C TRP G 304 12.90 -0.99 39.05
N GLY G 305 13.00 -1.21 40.35
CA GLY G 305 13.33 -0.12 41.26
C GLY G 305 12.65 -0.22 42.60
N GLY G 306 13.01 0.70 43.49
CA GLY G 306 12.42 0.78 44.81
C GLY G 306 11.31 1.82 44.89
N ASP G 307 11.18 2.45 46.06
CA ASP G 307 10.08 3.37 46.37
C ASP G 307 9.93 4.52 45.40
N ILE G 308 11.05 5.02 44.88
CA ILE G 308 11.04 6.22 44.06
C ILE G 308 10.44 5.93 42.70
N VAL G 309 10.98 4.91 42.03
CA VAL G 309 10.39 4.40 40.79
C VAL G 309 8.93 4.05 40.99
N SER G 310 8.64 3.33 42.07
CA SER G 310 7.27 2.89 42.31
C SER G 310 6.33 4.06 42.53
N ALA G 311 6.81 5.10 43.20
CA ALA G 311 6.01 6.31 43.37
C ALA G 311 5.71 6.95 42.02
N ALA G 312 6.72 7.06 41.16
CA ALA G 312 6.53 7.69 39.87
C ALA G 312 5.46 6.95 39.07
N CYS G 313 5.57 5.63 39.03
CA CYS G 313 4.62 4.82 38.28
C CYS G 313 3.20 4.96 38.81
N THR G 314 3.05 4.97 40.12
CA THR G 314 1.71 5.06 40.72
C THR G 314 1.07 6.41 40.45
N HIS G 315 1.85 7.47 40.60
CA HIS G 315 1.36 8.82 40.31
C HIS G 315 0.82 8.95 38.89
N ILE G 316 1.61 8.53 37.90
CA ILE G 316 1.11 8.61 36.52
C ILE G 316 -0.07 7.66 36.31
N ALA G 317 -0.02 6.47 36.91
CA ALA G 317 -1.09 5.49 36.71
C ALA G 317 -2.43 6.04 37.18
N SER G 318 -2.40 6.86 38.24
CA SER G 318 -3.62 7.39 38.82
C SER G 318 -4.34 8.36 37.90
N THR G 319 -3.62 8.89 36.90
CA THR G 319 -4.19 9.88 35.99
C THR G 319 -4.76 9.25 34.72
N VAL G 320 -4.68 7.93 34.63
CA VAL G 320 -5.18 7.23 33.44
C VAL G 320 -6.61 6.73 33.68
N LEU G 321 -7.46 6.86 32.66
CA LEU G 321 -8.80 6.28 32.69
C LEU G 321 -8.67 4.79 33.07
N PRO G 322 -9.35 4.37 34.15
CA PRO G 322 -9.18 2.98 34.60
C PRO G 322 -9.46 1.94 33.51
N ARG G 323 -10.36 2.22 32.57
CA ARG G 323 -10.66 1.25 31.52
C ARG G 323 -9.45 1.05 30.60
N LEU G 324 -8.59 2.06 30.50
CA LEU G 324 -7.41 1.98 29.64
C LEU G 324 -6.13 1.62 30.40
N MET G 325 -6.19 1.65 31.72
CA MET G 325 -4.99 1.36 32.52
C MET G 325 -4.88 -0.14 32.84
N GLU G 326 -3.97 -0.81 32.14
CA GLU G 326 -3.81 -2.26 32.25
C GLU G 326 -3.15 -2.69 33.55
N GLY G 327 -2.62 -1.72 34.27
CA GLY G 327 -2.06 -1.98 35.58
C GLY G 327 -0.69 -1.35 35.74
N ALA G 328 -0.35 -1.00 36.98
CA ALA G 328 0.98 -0.52 37.29
C ALA G 328 1.77 -1.66 37.90
N TRP G 329 2.66 -2.25 37.12
CA TRP G 329 3.52 -3.30 37.65
C TRP G 329 4.62 -2.66 38.49
N LEU G 330 4.85 -3.21 39.69
CA LEU G 330 5.93 -2.71 40.55
C LEU G 330 6.92 -3.83 40.90
N ALA G 331 8.18 -3.45 41.09
CA ALA G 331 9.18 -4.40 41.57
C ALA G 331 9.07 -4.64 43.07
N GLN G 332 8.16 -3.91 43.73
CA GLN G 332 7.96 -3.97 45.18
C GLN G 332 7.94 -5.38 45.80
N PRO G 333 7.16 -6.32 45.22
CA PRO G 333 7.15 -7.65 45.84
C PRO G 333 8.52 -8.34 45.85
N TYR G 334 9.43 -7.90 44.99
CA TYR G 334 10.74 -8.53 44.86
C TYR G 334 11.83 -7.73 45.59
N VAL G 335 11.44 -6.63 46.22
CA VAL G 335 12.37 -5.75 46.89
C VAL G 335 12.23 -5.84 48.41
N ALA G 336 13.30 -6.21 49.08
CA ALA G 336 13.26 -6.42 50.53
C ALA G 336 13.00 -5.14 51.32
N GLU G 337 13.77 -4.08 51.04
CA GLU G 337 13.71 -2.87 51.87
C GLU G 337 13.06 -1.68 51.19
N HIS G 338 12.23 -0.95 51.93
CA HIS G 338 11.71 0.34 51.48
C HIS G 338 12.75 1.42 51.78
N TYR G 339 12.80 2.43 50.92
CA TYR G 339 13.61 3.61 51.16
C TYR G 339 12.89 4.45 52.23
N ASP G 340 11.56 4.45 52.17
CA ASP G 340 10.69 5.11 53.13
C ASP G 340 9.74 4.05 53.68
N ALA G 341 10.06 3.49 54.84
CA ALA G 341 9.25 2.42 55.42
C ALA G 341 7.80 2.85 55.67
N GLU G 342 7.61 4.11 56.05
CA GLU G 342 6.26 4.57 56.39
C GLU G 342 5.35 4.83 55.19
N ASN G 343 5.88 5.43 54.13
CA ASN G 343 5.05 5.86 53.01
C ASN G 343 5.34 5.19 51.67
N GLY G 344 6.36 4.33 51.61
CA GLY G 344 6.69 3.64 50.38
C GLY G 344 5.48 2.90 49.86
N VAL G 345 5.18 3.03 48.57
CA VAL G 345 4.01 2.36 48.02
C VAL G 345 4.20 0.86 48.04
N ARG G 346 3.09 0.14 48.20
CA ARG G 346 3.11 -1.30 48.17
C ARG G 346 1.82 -1.84 47.57
N ILE G 347 1.87 -3.07 47.06
CA ILE G 347 0.70 -3.70 46.46
C ILE G 347 -0.10 -4.44 47.52
N GLU G 348 -1.39 -4.13 47.63
CA GLU G 348 -2.28 -4.84 48.56
C GLU G 348 -3.55 -5.26 47.85
N GLY G 349 -3.88 -6.55 47.94
CA GLY G 349 -5.04 -7.07 47.23
C GLY G 349 -4.93 -6.83 45.73
N GLY G 350 -3.71 -6.83 45.21
CA GLY G 350 -3.50 -6.62 43.79
C GLY G 350 -3.71 -5.20 43.32
N ARG G 351 -3.83 -4.27 44.27
CA ARG G 351 -4.01 -2.86 43.93
C ARG G 351 -3.00 -2.01 44.69
N ILE G 352 -2.88 -0.75 44.28
CA ILE G 352 -1.94 0.19 44.90
C ILE G 352 -2.65 1.47 45.31
N ARG G 353 -2.47 1.88 46.55
CA ARG G 353 -3.05 3.13 47.02
C ARG G 353 -2.20 4.28 46.47
N VAL G 354 -2.86 5.31 45.94
CA VAL G 354 -2.18 6.48 45.40
C VAL G 354 -1.73 7.43 46.52
N PRO G 355 -0.45 7.83 46.51
CA PRO G 355 0.06 8.73 47.55
C PRO G 355 -0.57 10.12 47.46
N GLN G 356 -0.73 10.82 48.58
CA GLN G 356 -1.45 12.09 48.59
C GLN G 356 -0.66 13.29 49.13
N GLY G 357 0.56 13.06 49.58
CA GLY G 357 1.39 14.16 50.06
C GLY G 357 2.07 14.92 48.93
N PRO G 358 2.84 15.96 49.27
CA PRO G 358 3.57 16.74 48.26
C PRO G 358 4.65 15.94 47.55
N GLY G 359 4.85 16.24 46.26
CA GLY G 359 5.85 15.53 45.47
C GLY G 359 5.48 14.07 45.27
N LEU G 360 6.48 13.21 45.28
CA LEU G 360 6.26 11.77 45.13
C LEU G 360 5.59 11.17 46.36
N GLY G 361 5.63 11.90 47.48
CA GLY G 361 5.01 11.44 48.70
C GLY G 361 5.97 10.65 49.58
N LEU G 362 7.26 10.88 49.39
CA LEU G 362 8.29 10.14 50.13
C LEU G 362 9.11 11.04 51.05
N THR G 363 9.48 10.51 52.20
CA THR G 363 10.53 11.13 53.00
C THR G 363 11.70 10.16 53.08
N ILE G 364 12.79 10.53 52.44
CA ILE G 364 13.99 9.70 52.43
C ILE G 364 15.14 10.46 53.06
N ASP G 365 15.83 9.82 54.00
CA ASP G 365 16.98 10.42 54.68
C ASP G 365 18.02 10.83 53.64
N PRO G 366 18.55 12.06 53.75
CA PRO G 366 19.47 12.60 52.73
C PRO G 366 20.69 11.72 52.46
N GLU G 367 21.08 10.87 53.42
CA GLU G 367 22.16 9.92 53.16
C GLU G 367 21.77 8.46 53.48
N ARG G 368 20.51 8.14 53.18
CA ARG G 368 19.97 6.77 53.20
C ARG G 368 20.78 5.84 52.31
N PHE G 369 21.44 6.42 51.31
CA PHE G 369 22.16 5.63 50.31
C PHE G 369 23.68 5.75 50.46
N GLY G 370 24.11 6.41 51.54
CA GLY G 370 25.52 6.59 51.80
C GLY G 370 26.05 7.86 51.16
N PRO G 371 27.38 8.06 51.19
CA PRO G 371 27.95 9.23 50.52
C PRO G 371 27.78 9.15 49.02
N PRO G 372 27.65 10.30 48.36
CA PRO G 372 27.48 10.37 46.90
C PRO G 372 28.66 9.71 46.17
N LEU G 373 28.40 9.05 45.05
CA LEU G 373 29.47 8.52 44.20
C LEU G 373 30.01 9.66 43.36
N PHE G 374 29.18 10.69 43.21
CA PHE G 374 29.48 11.80 42.31
C PHE G 374 28.60 12.99 42.70
N SER G 375 29.15 14.19 42.58
CA SER G 375 28.41 15.42 42.83
C SER G 375 28.80 16.47 41.81
N ALA G 376 27.81 17.26 41.37
CA ALA G 376 28.05 18.42 40.51
C ALA G 376 27.01 19.48 40.83
N LEU H 10 42.71 -19.95 19.82
CA LEU H 10 43.47 -19.09 20.71
C LEU H 10 42.53 -18.26 21.59
N LYS H 11 42.85 -18.20 22.88
CA LYS H 11 41.94 -17.60 23.86
C LYS H 11 42.38 -16.25 24.40
N ILE H 12 41.39 -15.44 24.77
CA ILE H 12 41.62 -14.17 25.43
C ILE H 12 41.99 -14.39 26.89
N ALA H 13 43.18 -13.91 27.27
CA ALA H 13 43.67 -14.07 28.63
C ALA H 13 43.32 -12.87 29.49
N GLU H 14 43.48 -11.68 28.93
CA GLU H 14 43.29 -10.43 29.68
C GLU H 14 42.81 -9.33 28.74
N ILE H 15 42.05 -8.38 29.29
CA ILE H 15 41.61 -7.22 28.51
C ILE H 15 41.87 -5.93 29.30
N GLN H 16 42.51 -4.96 28.65
CA GLN H 16 42.84 -3.69 29.30
C GLN H 16 42.17 -2.51 28.61
N LEU H 17 41.71 -1.55 29.40
CA LEU H 17 40.98 -0.41 28.86
C LEU H 17 41.72 0.89 29.16
N PHE H 18 41.73 1.81 28.19
CA PHE H 18 42.39 3.09 28.36
C PHE H 18 41.55 4.20 27.74
N GLN H 19 41.73 5.43 28.23
CA GLN H 19 41.17 6.60 27.56
C GLN H 19 42.27 7.61 27.25
N HIS H 20 42.02 8.45 26.24
CA HIS H 20 43.06 9.31 25.68
C HIS H 20 42.41 10.48 24.94
N ASP H 21 42.97 11.69 25.11
CA ASP H 21 42.34 12.89 24.58
C ASP H 21 42.81 13.30 23.18
N LEU H 22 41.85 13.68 22.33
CA LEU H 22 42.14 14.08 20.96
C LEU H 22 41.60 15.48 20.67
N PRO H 23 42.39 16.52 20.96
CA PRO H 23 42.00 17.87 20.56
C PRO H 23 41.80 17.97 19.04
N VAL H 24 40.71 18.62 18.64
CA VAL H 24 40.43 18.82 17.21
C VAL H 24 41.37 19.88 16.66
N VAL H 25 42.27 19.47 15.76
CA VAL H 25 43.20 20.41 15.15
C VAL H 25 42.45 21.42 14.27
N ASN H 26 42.67 22.70 14.53
CA ASN H 26 41.92 23.78 13.91
C ASN H 26 40.42 23.64 14.14
N GLY H 27 40.07 23.20 15.34
CA GLY H 27 38.67 23.11 15.74
C GLY H 27 38.02 24.48 15.84
N PRO H 28 36.69 24.50 16.01
CA PRO H 28 35.91 23.27 16.18
C PRO H 28 35.47 22.67 14.84
N TYR H 29 35.03 21.42 14.90
CA TYR H 29 34.40 20.75 13.78
C TYR H 29 32.89 20.89 13.98
N ARG H 30 32.25 21.71 13.15
CA ARG H 30 30.83 22.06 13.33
C ARG H 30 29.81 21.10 12.68
N ILE H 31 28.88 20.63 13.50
CA ILE H 31 27.83 19.69 13.10
C ILE H 31 26.49 20.21 13.61
N ALA H 32 25.41 19.98 12.86
CA ALA H 32 24.10 20.52 13.25
C ALA H 32 23.62 19.97 14.59
N SER H 33 24.05 18.76 14.93
CA SER H 33 23.62 18.11 16.17
C SER H 33 24.55 18.39 17.36
N GLY H 34 25.57 19.22 17.15
CA GLY H 34 26.51 19.58 18.20
C GLY H 34 27.95 19.63 17.71
N ASP H 35 28.61 20.76 17.96
CA ASP H 35 30.00 20.95 17.53
C ASP H 35 30.97 20.20 18.44
N VAL H 36 32.18 19.94 17.94
CA VAL H 36 33.18 19.28 18.78
C VAL H 36 34.52 20.02 18.80
N TRP H 37 35.08 20.15 20.00
CA TRP H 37 36.32 20.86 20.23
C TRP H 37 37.42 19.90 20.63
N SER H 38 37.04 18.85 21.37
CA SER H 38 37.96 17.79 21.74
C SER H 38 37.21 16.49 22.01
N LEU H 39 37.83 15.37 21.66
CA LEU H 39 37.21 14.05 21.78
C LEU H 39 38.01 13.18 22.72
N THR H 40 37.32 12.36 23.51
CA THR H 40 37.99 11.38 24.37
C THR H 40 37.80 9.99 23.76
N THR H 41 38.90 9.40 23.31
CA THR H 41 38.82 8.08 22.70
C THR H 41 39.01 7.02 23.77
N THR H 42 38.44 5.83 23.53
CA THR H 42 38.61 4.71 24.45
C THR H 42 39.32 3.57 23.74
N ILE H 43 40.41 3.11 24.33
CA ILE H 43 41.27 2.09 23.73
C ILE H 43 41.08 0.73 24.41
N VAL H 44 41.05 -0.32 23.61
CA VAL H 44 41.00 -1.69 24.12
C VAL H 44 42.27 -2.42 23.73
N LYS H 45 42.92 -3.04 24.71
CA LYS H 45 44.00 -3.98 24.42
C LYS H 45 43.57 -5.37 24.87
N ILE H 46 43.51 -6.30 23.93
CA ILE H 46 43.23 -7.69 24.25
C ILE H 46 44.54 -8.46 24.23
N ILE H 47 44.82 -9.17 25.31
CA ILE H 47 46.00 -10.02 25.39
C ILE H 47 45.59 -11.49 25.32
N ALA H 48 46.15 -12.20 24.35
CA ALA H 48 45.88 -13.62 24.18
C ALA H 48 46.71 -14.42 25.19
N GLU H 49 46.28 -15.64 25.47
CA GLU H 49 46.98 -16.49 26.44
C GLU H 49 48.42 -16.77 26.02
N ASP H 50 48.75 -16.50 24.76
CA ASP H 50 50.11 -16.67 24.26
C ASP H 50 50.94 -15.38 24.27
N GLY H 51 50.33 -14.29 24.73
CA GLY H 51 51.03 -13.02 24.84
C GLY H 51 50.82 -12.05 23.69
N THR H 52 50.18 -12.51 22.63
CA THR H 52 49.87 -11.65 21.49
C THR H 52 48.87 -10.58 21.92
N ILE H 53 49.02 -9.36 21.41
CA ILE H 53 48.04 -8.31 21.69
C ILE H 53 47.30 -7.85 20.44
N GLY H 54 46.05 -7.42 20.64
CA GLY H 54 45.27 -6.83 19.59
C GLY H 54 44.71 -5.51 20.10
N TRP H 55 44.69 -4.49 19.24
CA TRP H 55 44.21 -3.17 19.64
C TRP H 55 42.84 -2.83 19.06
N GLY H 56 41.99 -2.21 19.88
CA GLY H 56 40.69 -1.73 19.41
C GLY H 56 40.47 -0.31 19.90
N GLU H 57 39.46 0.35 19.35
CA GLU H 57 39.23 1.77 19.66
C GLU H 57 37.82 2.21 19.29
N THR H 58 37.24 3.07 20.12
CA THR H 58 35.96 3.70 19.80
C THR H 58 35.93 5.11 20.35
N CYS H 59 35.44 6.05 19.55
CA CYS H 59 35.49 7.46 19.89
C CYS H 59 34.26 8.18 19.35
N PRO H 60 33.19 8.25 20.16
CA PRO H 60 32.00 9.00 19.74
C PRO H 60 32.37 10.45 19.42
N VAL H 61 31.70 11.03 18.44
CA VAL H 61 31.98 12.41 18.06
C VAL H 61 31.15 13.36 18.94
N GLY H 62 31.54 13.43 20.21
CA GLY H 62 30.79 14.20 21.18
C GLY H 62 29.56 13.45 21.66
N PRO H 63 28.92 13.93 22.74
CA PRO H 63 27.81 13.23 23.36
C PRO H 63 26.44 13.51 22.73
N THR H 64 26.36 14.42 21.76
CA THR H 64 25.05 14.74 21.18
C THR H 64 24.85 14.31 19.73
N TYR H 65 25.89 13.78 19.09
CA TYR H 65 25.77 13.38 17.69
C TYR H 65 24.88 12.14 17.58
N ALA H 66 25.15 11.17 18.46
CA ALA H 66 24.43 9.91 18.47
C ALA H 66 24.24 9.44 19.90
N GLU H 67 23.53 8.32 20.08
CA GLU H 67 23.34 7.75 21.42
C GLU H 67 24.61 7.01 21.84
N ALA H 68 25.63 7.79 22.17
CA ALA H 68 26.95 7.26 22.51
C ALA H 68 27.79 8.38 23.10
N HIS H 69 28.64 8.05 24.06
CA HIS H 69 29.54 9.04 24.61
C HIS H 69 30.74 8.34 25.23
N ALA H 70 31.81 9.08 25.47
CA ALA H 70 33.05 8.48 25.96
C ALA H 70 32.85 7.73 27.27
N GLY H 71 32.10 8.32 28.20
CA GLY H 71 31.83 7.69 29.47
C GLY H 71 31.03 6.41 29.32
N GLY H 72 30.11 6.40 28.35
CA GLY H 72 29.33 5.23 28.06
C GLY H 72 30.16 4.11 27.42
N ALA H 73 31.14 4.50 26.61
CA ALA H 73 32.01 3.51 26.00
C ALA H 73 32.77 2.75 27.05
N LEU H 74 33.35 3.48 28.01
CA LEU H 74 34.13 2.87 29.07
C LEU H 74 33.24 1.96 29.95
N ALA H 75 32.08 2.47 30.35
CA ALA H 75 31.17 1.70 31.19
C ALA H 75 30.69 0.40 30.52
N ALA H 76 30.33 0.47 29.25
CA ALA H 76 29.92 -0.72 28.52
C ALA H 76 31.07 -1.70 28.36
N LEU H 77 32.26 -1.17 28.09
CA LEU H 77 33.43 -2.02 27.89
C LEU H 77 33.87 -2.72 29.19
N GLU H 78 33.62 -2.08 30.33
CA GLU H 78 33.92 -2.73 31.62
C GLU H 78 33.03 -3.97 31.78
N VAL H 79 31.75 -3.82 31.47
CA VAL H 79 30.82 -4.95 31.50
C VAL H 79 31.24 -6.06 30.53
N LEU H 80 31.56 -5.69 29.30
CA LEU H 80 31.94 -6.67 28.28
C LEU H 80 33.24 -7.38 28.65
N ALA H 81 34.26 -6.60 29.00
CA ALA H 81 35.56 -7.17 29.35
C ALA H 81 35.46 -8.12 30.53
N SER H 82 34.55 -7.84 31.46
CA SER H 82 34.43 -8.65 32.67
C SER H 82 33.95 -10.08 32.41
N GLY H 83 33.35 -10.30 31.25
CA GLY H 83 32.86 -11.63 30.92
C GLY H 83 33.55 -12.29 29.75
N LEU H 84 34.69 -11.73 29.33
CA LEU H 84 35.35 -12.21 28.11
C LEU H 84 36.61 -13.07 28.34
N ALA H 85 37.12 -13.12 29.56
CA ALA H 85 38.27 -13.99 29.83
C ALA H 85 37.97 -15.42 29.41
N GLY H 86 38.89 -16.03 28.65
CA GLY H 86 38.71 -17.40 28.21
C GLY H 86 37.88 -17.57 26.94
N ALA H 87 37.37 -16.47 26.40
CA ALA H 87 36.62 -16.55 25.15
C ALA H 87 37.55 -16.69 23.95
N GLU H 88 37.06 -17.35 22.90
CA GLU H 88 37.88 -17.56 21.70
C GLU H 88 38.01 -16.24 20.93
N ALA H 89 39.23 -15.90 20.52
CA ALA H 89 39.45 -14.65 19.80
C ALA H 89 39.10 -14.78 18.31
N LEU H 90 37.83 -15.08 18.05
CA LEU H 90 37.28 -15.08 16.69
C LEU H 90 35.99 -14.24 16.71
N PRO H 91 35.64 -13.64 15.56
CA PRO H 91 34.53 -12.66 15.54
C PRO H 91 33.17 -13.21 15.96
N LEU H 92 32.76 -14.36 15.44
CA LEU H 92 31.45 -14.89 15.80
C LEU H 92 31.34 -15.34 17.27
N PRO H 93 32.33 -16.12 17.74
CA PRO H 93 32.31 -16.44 19.19
C PRO H 93 32.34 -15.19 20.04
N LEU H 94 33.12 -14.19 19.65
CA LEU H 94 33.20 -12.94 20.40
C LEU H 94 31.84 -12.25 20.47
N HIS H 95 31.23 -12.02 19.30
CA HIS H 95 29.94 -11.33 19.27
C HIS H 95 28.85 -12.10 20.01
N THR H 96 28.88 -13.42 19.93
CA THR H 96 27.91 -14.24 20.65
C THR H 96 28.05 -14.02 22.15
N ARG H 97 29.29 -14.04 22.64
CA ARG H 97 29.55 -13.83 24.07
C ARG H 97 29.18 -12.41 24.49
N MET H 98 29.57 -11.42 23.69
CA MET H 98 29.26 -10.03 24.01
C MET H 98 27.76 -9.80 24.11
N ASP H 99 27.01 -10.36 23.17
CA ASP H 99 25.56 -10.18 23.17
C ASP H 99 24.92 -10.82 24.40
N SER H 100 25.57 -11.84 24.95
CA SER H 100 25.07 -12.53 26.13
C SER H 100 25.37 -11.73 27.39
N LEU H 101 26.23 -10.73 27.26
CA LEU H 101 26.67 -9.93 28.41
C LEU H 101 26.00 -8.55 28.47
N LEU H 102 25.65 -8.01 27.30
CA LEU H 102 25.11 -6.66 27.23
C LEU H 102 24.30 -6.49 25.96
N CYS H 103 23.09 -5.97 26.10
CA CYS H 103 22.24 -5.71 24.93
C CYS H 103 22.64 -4.38 24.31
N GLY H 104 22.75 -4.34 22.98
CA GLY H 104 23.07 -3.11 22.27
C GLY H 104 24.47 -2.60 22.55
N HIS H 105 24.60 -1.28 22.63
CA HIS H 105 25.92 -0.64 22.80
C HIS H 105 26.89 -1.06 21.71
N ASN H 106 26.46 -1.02 20.46
CA ASN H 106 27.33 -1.38 19.34
C ASN H 106 28.65 -0.64 19.34
N TYR H 107 28.61 0.66 19.68
CA TYR H 107 29.84 1.44 19.64
C TYR H 107 30.92 0.92 20.59
N ALA H 108 30.51 0.32 21.70
CA ALA H 108 31.49 -0.28 22.62
C ALA H 108 31.93 -1.63 22.12
N LYS H 109 30.98 -2.43 21.65
CA LYS H 109 31.31 -3.75 21.13
C LYS H 109 32.29 -3.68 19.96
N SER H 110 32.16 -2.62 19.16
CA SER H 110 33.03 -2.40 18.01
C SER H 110 34.51 -2.39 18.38
N ALA H 111 34.83 -1.78 19.52
CA ALA H 111 36.23 -1.70 19.94
C ALA H 111 36.85 -3.09 20.18
N LEU H 112 36.09 -3.98 20.80
CA LEU H 112 36.57 -5.34 21.05
C LEU H 112 36.64 -6.14 19.75
N ASP H 113 35.66 -5.90 18.88
CA ASP H 113 35.65 -6.54 17.56
C ASP H 113 36.92 -6.20 16.78
N ILE H 114 37.27 -4.92 16.76
CA ILE H 114 38.46 -4.49 16.02
C ILE H 114 39.71 -5.13 16.59
N ALA H 115 39.81 -5.16 17.92
CA ALA H 115 40.95 -5.78 18.61
C ALA H 115 41.06 -7.26 18.30
N VAL H 116 39.91 -7.94 18.25
CA VAL H 116 39.88 -9.36 17.87
C VAL H 116 40.39 -9.55 16.45
N HIS H 117 39.99 -8.69 15.53
CA HIS H 117 40.51 -8.83 14.16
C HIS H 117 42.01 -8.59 14.07
N ASP H 118 42.51 -7.62 14.85
CA ASP H 118 43.94 -7.33 14.90
C ASP H 118 44.68 -8.57 15.38
N LEU H 119 44.19 -9.15 16.48
CA LEU H 119 44.82 -10.31 17.10
C LEU H 119 44.77 -11.51 16.15
N TRP H 120 43.64 -11.67 15.49
CA TRP H 120 43.41 -12.78 14.56
C TRP H 120 44.41 -12.72 13.40
N GLY H 121 44.54 -11.53 12.81
CA GLY H 121 45.44 -11.34 11.68
C GLY H 121 46.89 -11.53 12.07
N LYS H 122 47.23 -11.08 13.27
CA LYS H 122 48.61 -11.26 13.75
C LYS H 122 48.90 -12.73 13.99
N ARG H 123 47.93 -13.49 14.50
CA ARG H 123 48.12 -14.93 14.71
C ARG H 123 48.33 -15.67 13.40
N LEU H 124 47.56 -15.32 12.39
CA LEU H 124 47.63 -16.00 11.10
C LEU H 124 48.68 -15.38 10.16
N GLY H 125 49.20 -14.22 10.53
CA GLY H 125 50.22 -13.57 9.72
C GLY H 125 49.67 -12.89 8.47
N VAL H 126 48.42 -12.45 8.53
CA VAL H 126 47.77 -11.81 7.39
C VAL H 126 47.10 -10.49 7.79
N PRO H 127 46.96 -9.56 6.83
CA PRO H 127 46.26 -8.31 7.13
C PRO H 127 44.77 -8.52 7.36
N VAL H 128 44.18 -7.58 8.09
CA VAL H 128 42.76 -7.68 8.33
C VAL H 128 41.94 -7.73 7.04
N HIS H 129 42.38 -7.01 6.00
CA HIS H 129 41.61 -7.04 4.75
C HIS H 129 41.54 -8.43 4.13
N GLU H 130 42.54 -9.26 4.41
CA GLU H 130 42.49 -10.65 3.96
C GLU H 130 41.40 -11.38 4.73
N LEU H 131 41.37 -11.20 6.05
CA LEU H 131 40.38 -11.88 6.90
C LEU H 131 38.97 -11.41 6.59
N LEU H 132 38.86 -10.25 5.97
CA LEU H 132 37.56 -9.73 5.61
C LEU H 132 37.17 -10.15 4.20
N GLY H 133 37.96 -11.03 3.58
CA GLY H 133 37.58 -11.59 2.29
C GLY H 133 38.55 -11.30 1.16
N GLY H 134 39.45 -10.34 1.40
CA GLY H 134 40.48 -10.01 0.43
C GLY H 134 40.31 -8.61 -0.15
N ALA H 135 41.35 -7.80 -0.04
CA ALA H 135 41.35 -6.46 -0.64
C ALA H 135 41.20 -6.53 -2.17
N LEU H 136 40.46 -5.57 -2.72
CA LEU H 136 40.32 -5.44 -4.17
C LEU H 136 41.22 -4.31 -4.71
N THR H 137 41.84 -3.56 -3.80
CA THR H 137 42.66 -2.42 -4.21
C THR H 137 43.76 -2.16 -3.19
N ASP H 138 44.84 -1.49 -3.62
CA ASP H 138 45.97 -1.18 -2.75
C ASP H 138 45.84 0.22 -2.15
N SER H 139 44.86 0.97 -2.64
CA SER H 139 44.61 2.30 -2.08
C SER H 139 43.15 2.61 -2.29
N VAL H 140 42.57 3.38 -1.39
CA VAL H 140 41.15 3.65 -1.46
C VAL H 140 40.88 5.15 -1.55
N SER H 141 39.70 5.52 -2.03
CA SER H 141 39.35 6.92 -2.11
C SER H 141 38.88 7.40 -0.75
N SER H 142 38.87 8.72 -0.56
CA SER H 142 38.39 9.31 0.67
C SER H 142 37.47 10.47 0.31
N TYR H 143 36.81 11.04 1.31
CA TYR H 143 36.06 12.27 1.08
C TYR H 143 36.32 13.24 2.21
N TYR H 144 36.24 14.54 1.90
CA TYR H 144 36.48 15.55 2.91
C TYR H 144 35.16 16.09 3.40
N SER H 145 35.09 16.36 4.70
CA SER H 145 33.87 16.86 5.32
C SER H 145 34.07 18.30 5.74
N LEU H 146 33.32 19.20 5.12
CA LEU H 146 33.36 20.60 5.50
C LEU H 146 32.38 20.81 6.65
N GLY H 147 32.87 21.32 7.78
CA GLY H 147 31.98 21.63 8.89
C GLY H 147 31.03 22.75 8.50
N VAL H 148 29.94 22.91 9.26
CA VAL H 148 29.04 24.04 9.01
C VAL H 148 29.82 25.34 9.12
N MET H 149 29.79 26.15 8.06
CA MET H 149 30.53 27.41 8.01
C MET H 149 29.86 28.39 7.05
N GLU H 150 30.33 29.64 7.03
CA GLU H 150 29.78 30.63 6.10
C GLU H 150 29.87 30.11 4.66
N PRO H 151 28.81 30.33 3.86
CA PRO H 151 28.77 29.85 2.46
C PRO H 151 30.01 30.20 1.64
N ASP H 152 30.45 31.46 1.67
CA ASP H 152 31.64 31.85 0.93
C ASP H 152 32.87 31.04 1.35
N GLU H 153 33.00 30.75 2.64
CA GLU H 153 34.15 29.99 3.14
C GLU H 153 34.02 28.53 2.75
N ALA H 154 32.80 28.01 2.77
CA ALA H 154 32.54 26.64 2.36
C ALA H 154 33.01 26.44 0.92
N ALA H 155 32.67 27.41 0.07
CA ALA H 155 33.08 27.39 -1.32
C ALA H 155 34.61 27.45 -1.48
N ARG H 156 35.25 28.32 -0.70
CA ARG H 156 36.72 28.45 -0.73
C ARG H 156 37.38 27.11 -0.46
N GLN H 157 36.93 26.45 0.60
CA GLN H 157 37.53 25.19 1.02
C GLN H 157 37.20 24.04 0.07
N ALA H 158 36.01 24.10 -0.51
CA ALA H 158 35.57 23.07 -1.45
C ALA H 158 36.57 22.97 -2.60
N LEU H 159 36.89 24.11 -3.20
CA LEU H 159 37.84 24.14 -4.31
C LEU H 159 39.22 23.66 -3.85
N GLU H 160 39.58 24.05 -2.63
CA GLU H 160 40.85 23.68 -2.02
C GLU H 160 40.98 22.17 -1.88
N LYS H 161 39.95 21.53 -1.31
CA LYS H 161 39.96 20.08 -1.13
C LYS H 161 39.92 19.36 -2.47
N GLN H 162 39.23 19.95 -3.45
CA GLN H 162 39.14 19.35 -4.77
C GLN H 162 40.51 19.33 -5.44
N ARG H 163 41.22 20.46 -5.43
CA ARG H 163 42.54 20.55 -6.02
C ARG H 163 43.52 19.62 -5.31
N GLU H 164 43.21 19.32 -4.05
CA GLU H 164 44.07 18.48 -3.22
C GLU H 164 43.95 17.00 -3.62
N GLY H 165 42.85 16.64 -4.28
CA GLY H 165 42.71 15.30 -4.82
C GLY H 165 41.52 14.49 -4.35
N TYR H 166 40.71 15.05 -3.46
CA TYR H 166 39.54 14.32 -2.99
C TYR H 166 38.55 14.06 -4.13
N SER H 167 38.00 12.85 -4.17
CA SER H 167 37.07 12.47 -5.22
C SER H 167 35.65 12.85 -4.85
N ARG H 168 35.46 13.25 -3.59
CA ARG H 168 34.12 13.52 -3.06
C ARG H 168 34.21 14.53 -1.93
N LEU H 169 33.16 15.35 -1.79
CA LEU H 169 33.11 16.34 -0.73
C LEU H 169 31.78 16.25 -0.03
N GLN H 170 31.81 16.29 1.29
CA GLN H 170 30.58 16.35 2.06
C GLN H 170 30.45 17.74 2.66
N VAL H 171 29.31 18.38 2.44
CA VAL H 171 29.07 19.71 2.98
C VAL H 171 28.12 19.60 4.17
N LYS H 172 28.61 19.84 5.37
CA LYS H 172 27.73 19.79 6.54
C LYS H 172 26.84 21.02 6.59
N LEU H 173 25.58 20.82 6.97
CA LEU H 173 24.59 21.90 6.94
C LEU H 173 23.70 21.86 8.18
N GLY H 174 22.89 22.91 8.37
CA GLY H 174 21.89 22.90 9.43
C GLY H 174 22.19 23.79 10.62
N ALA H 175 21.32 23.74 11.62
CA ALA H 175 21.43 24.57 12.82
C ALA H 175 21.44 26.07 12.52
N ARG H 176 20.71 26.44 11.47
CA ARG H 176 20.60 27.82 11.00
C ARG H 176 19.50 27.80 9.93
N PRO H 177 19.07 28.98 9.44
CA PRO H 177 17.99 28.94 8.45
C PRO H 177 18.37 28.17 7.19
N ILE H 178 17.40 27.49 6.60
CA ILE H 178 17.61 26.69 5.40
C ILE H 178 18.08 27.57 4.23
N GLU H 179 17.72 28.86 4.25
CA GLU H 179 18.18 29.79 3.22
C GLU H 179 19.69 29.79 3.08
N ILE H 180 20.37 29.73 4.23
CA ILE H 180 21.82 29.77 4.24
C ILE H 180 22.41 28.45 3.76
N ASP H 181 21.76 27.33 4.12
CA ASP H 181 22.20 26.03 3.64
C ASP H 181 22.13 25.94 2.11
N ILE H 182 21.06 26.46 1.55
CA ILE H 182 20.87 26.47 0.11
C ILE H 182 21.91 27.37 -0.57
N GLU H 183 22.16 28.54 0.02
CA GLU H 183 23.20 29.43 -0.47
C GLU H 183 24.56 28.73 -0.44
N ALA H 184 24.84 28.04 0.66
CA ALA H 184 26.09 27.31 0.78
C ALA H 184 26.26 26.22 -0.27
N ILE H 185 25.21 25.42 -0.50
CA ILE H 185 25.37 24.33 -1.46
C ILE H 185 25.53 24.86 -2.89
N ARG H 186 24.84 25.96 -3.20
CA ARG H 186 24.97 26.58 -4.52
C ARG H 186 26.36 27.17 -4.74
N LYS H 187 26.90 27.83 -3.71
CA LYS H 187 28.23 28.43 -3.85
C LYS H 187 29.33 27.36 -3.95
N VAL H 188 29.19 26.27 -3.22
CA VAL H 188 30.13 25.16 -3.31
C VAL H 188 30.05 24.57 -4.72
N TRP H 189 28.83 24.37 -5.20
CA TRP H 189 28.64 23.82 -6.54
C TRP H 189 29.21 24.73 -7.64
N GLU H 190 29.01 26.03 -7.53
CA GLU H 190 29.61 26.97 -8.49
C GLU H 190 31.13 26.86 -8.50
N ALA H 191 31.71 26.58 -7.33
CA ALA H 191 33.15 26.50 -7.18
C ALA H 191 33.75 25.24 -7.79
N VAL H 192 33.02 24.12 -7.73
CA VAL H 192 33.60 22.84 -8.14
C VAL H 192 32.93 22.17 -9.35
N ARG H 193 31.86 22.78 -9.87
CA ARG H 193 31.17 22.22 -11.04
C ARG H 193 32.15 22.04 -12.20
N GLY H 194 32.06 20.90 -12.87
CA GLY H 194 32.91 20.61 -14.02
C GLY H 194 34.16 19.82 -13.70
N THR H 195 34.47 19.67 -12.42
CA THR H 195 35.64 18.88 -11.99
C THR H 195 35.27 17.41 -11.79
N GLY H 196 33.98 17.13 -11.75
CA GLY H 196 33.49 15.77 -11.58
C GLY H 196 33.52 15.26 -10.15
N ILE H 197 33.85 16.14 -9.21
CA ILE H 197 33.89 15.76 -7.80
C ILE H 197 32.48 15.47 -7.29
N ALA H 198 32.33 14.35 -6.57
CA ALA H 198 31.03 13.96 -6.03
C ALA H 198 30.66 14.85 -4.84
N LEU H 199 29.37 15.05 -4.65
CA LEU H 199 28.88 16.02 -3.67
C LEU H 199 27.82 15.39 -2.76
N ALA H 200 28.02 15.49 -1.46
CA ALA H 200 27.00 15.13 -0.48
C ALA H 200 26.62 16.33 0.38
N ALA H 201 25.33 16.52 0.56
CA ALA H 201 24.81 17.58 1.42
C ALA H 201 24.29 16.91 2.69
N ASP H 202 24.98 17.12 3.81
CA ASP H 202 24.67 16.39 5.04
C ASP H 202 23.94 17.29 6.03
N GLY H 203 22.65 17.05 6.21
CA GLY H 203 21.85 17.85 7.11
C GLY H 203 21.99 17.45 8.58
N ASN H 204 22.69 16.34 8.82
CA ASN H 204 22.92 15.80 10.16
C ASN H 204 21.70 15.83 11.09
N ARG H 205 20.58 15.31 10.60
CA ARG H 205 19.30 15.26 11.31
C ARG H 205 18.70 16.64 11.57
N GLY H 206 19.27 17.68 10.97
CA GLY H 206 18.95 19.04 11.35
C GLY H 206 17.74 19.66 10.67
N TRP H 207 17.21 18.98 9.65
CA TRP H 207 16.13 19.57 8.87
C TRP H 207 14.75 18.98 9.17
N THR H 208 13.77 19.86 9.33
CA THR H 208 12.38 19.43 9.29
C THR H 208 12.08 18.89 7.89
N THR H 209 11.04 18.07 7.75
CA THR H 209 10.68 17.64 6.41
C THR H 209 10.34 18.83 5.51
N ARG H 210 9.72 19.87 6.08
CA ARG H 210 9.45 21.11 5.34
C ARG H 210 10.70 21.61 4.63
N ASP H 211 11.82 21.68 5.35
CA ASP H 211 13.01 22.30 4.76
C ASP H 211 13.78 21.34 3.85
N ALA H 212 13.70 20.05 4.14
CA ALA H 212 14.32 19.07 3.24
C ALA H 212 13.64 19.08 1.87
N LEU H 213 12.32 19.20 1.85
CA LEU H 213 11.61 19.28 0.57
C LEU H 213 12.07 20.49 -0.22
N ARG H 214 12.19 21.62 0.48
CA ARG H 214 12.63 22.86 -0.14
C ARG H 214 14.04 22.74 -0.73
N PHE H 215 14.95 22.15 0.05
CA PHE H 215 16.35 22.03 -0.35
C PHE H 215 16.46 21.29 -1.69
N SER H 216 15.75 20.19 -1.81
CA SER H 216 15.78 19.41 -3.04
C SER H 216 15.05 20.16 -4.17
N ARG H 217 13.89 20.72 -3.85
CA ARG H 217 13.03 21.35 -4.85
C ARG H 217 13.72 22.51 -5.53
N GLU H 218 14.50 23.27 -4.78
CA GLU H 218 15.13 24.46 -5.32
C GLU H 218 16.38 24.16 -6.13
N CYS H 219 16.91 22.96 -5.97
CA CYS H 219 18.24 22.64 -6.53
C CYS H 219 18.32 21.42 -7.46
N PRO H 220 17.37 21.25 -8.41
CA PRO H 220 17.47 20.06 -9.26
C PRO H 220 18.75 20.05 -10.09
N ASP H 221 19.32 21.23 -10.33
CA ASP H 221 20.53 21.38 -11.14
C ASP H 221 21.83 21.04 -10.40
N ILE H 222 21.73 20.81 -9.09
CA ILE H 222 22.92 20.48 -8.31
C ILE H 222 22.91 19.01 -7.92
N PRO H 223 23.95 18.27 -8.33
CA PRO H 223 23.92 16.81 -8.18
C PRO H 223 24.40 16.32 -6.81
N PHE H 224 23.85 16.87 -5.74
CA PHE H 224 24.16 16.34 -4.43
C PHE H 224 23.34 15.10 -4.13
N VAL H 225 23.84 14.24 -3.25
CA VAL H 225 22.96 13.32 -2.54
C VAL H 225 22.58 14.00 -1.23
N MET H 226 21.35 13.80 -0.78
CA MET H 226 20.92 14.31 0.51
C MET H 226 21.20 13.27 1.57
N GLU H 227 22.18 13.57 2.42
CA GLU H 227 22.61 12.63 3.46
C GLU H 227 21.95 12.98 4.79
N GLN H 228 21.24 12.00 5.36
CA GLN H 228 20.53 12.13 6.63
C GLN H 228 19.96 13.54 6.85
N PRO H 229 19.12 14.01 5.93
CA PRO H 229 18.60 15.39 6.09
C PRO H 229 17.75 15.57 7.34
N CYS H 230 17.00 14.54 7.72
CA CYS H 230 15.96 14.67 8.74
C CYS H 230 16.25 13.82 9.97
N ASN H 231 15.44 13.99 11.01
CA ASN H 231 15.77 13.46 12.34
C ASN H 231 15.40 11.99 12.58
N SER H 232 14.63 11.38 11.69
CA SER H 232 14.21 10.01 11.95
C SER H 232 14.00 9.21 10.67
N PHE H 233 14.00 7.89 10.82
CA PHE H 233 13.68 6.98 9.73
C PHE H 233 12.34 7.37 9.11
N GLU H 234 11.35 7.67 9.96
CA GLU H 234 10.03 8.07 9.50
C GLU H 234 10.06 9.33 8.62
N ASP H 235 10.91 10.28 8.97
CA ASP H 235 11.02 11.49 8.18
C ASP H 235 11.71 11.22 6.85
N LEU H 236 12.64 10.28 6.82
CA LEU H 236 13.23 9.90 5.55
C LEU H 236 12.13 9.30 4.67
N GLU H 237 11.28 8.46 5.27
CA GLU H 237 10.17 7.87 4.52
C GLU H 237 9.20 8.93 4.00
N ALA H 238 9.01 9.98 4.78
CA ALA H 238 8.10 11.05 4.38
C ALA H 238 8.59 11.79 3.13
N ILE H 239 9.88 12.07 3.08
CA ILE H 239 10.40 12.91 2.01
C ILE H 239 10.78 12.11 0.77
N ARG H 240 11.07 10.82 0.96
CA ARG H 240 11.56 9.98 -0.14
C ARG H 240 10.73 10.10 -1.45
N PRO H 241 9.41 9.96 -1.38
CA PRO H 241 8.69 10.03 -2.66
C PRO H 241 8.52 11.45 -3.21
N LEU H 242 9.02 12.44 -2.48
CA LEU H 242 8.82 13.84 -2.84
C LEU H 242 10.12 14.55 -3.17
N CYS H 243 11.23 13.81 -3.18
CA CYS H 243 12.51 14.43 -3.52
C CYS H 243 13.10 13.70 -4.71
N HIS H 244 13.47 14.46 -5.74
CA HIS H 244 14.07 13.87 -6.94
C HIS H 244 15.59 13.72 -6.80
N HIS H 245 16.16 14.13 -5.68
CA HIS H 245 17.57 13.86 -5.36
C HIS H 245 17.71 12.55 -4.62
N ALA H 246 18.82 11.85 -4.88
CA ALA H 246 19.17 10.65 -4.12
C ALA H 246 19.22 10.94 -2.62
N LEU H 247 18.83 9.96 -1.82
CA LEU H 247 18.79 10.10 -0.38
C LEU H 247 19.74 9.05 0.25
N TYR H 248 20.61 9.48 1.16
CA TYR H 248 21.47 8.54 1.89
C TYR H 248 21.16 8.52 3.38
N MET H 249 21.23 7.33 3.98
CA MET H 249 21.06 7.20 5.41
C MET H 249 22.42 7.25 6.10
N ASP H 250 22.52 7.95 7.23
CA ASP H 250 23.75 7.91 8.04
C ASP H 250 23.33 7.56 9.47
N GLU H 251 23.09 8.56 10.31
CA GLU H 251 22.72 8.33 11.73
C GLU H 251 21.62 7.29 12.01
N ASP H 252 20.63 7.17 11.13
CA ASP H 252 19.54 6.22 11.39
C ASP H 252 19.93 4.78 11.17
N GLY H 253 21.10 4.56 10.57
CA GLY H 253 21.57 3.21 10.28
C GLY H 253 22.18 2.54 11.50
N THR H 254 21.34 2.20 12.48
CA THR H 254 21.85 1.82 13.81
C THR H 254 22.07 0.33 14.03
N SER H 255 21.62 -0.49 13.08
CA SER H 255 21.89 -1.94 13.14
C SER H 255 21.79 -2.50 11.74
N LEU H 256 22.33 -3.70 11.53
CA LEU H 256 22.16 -4.40 10.27
C LEU H 256 20.67 -4.58 9.99
N ASN H 257 19.90 -4.85 11.04
CA ASN H 257 18.46 -5.02 10.88
C ASN H 257 17.83 -3.80 10.23
N THR H 258 18.15 -2.63 10.77
CA THR H 258 17.58 -1.37 10.26
C THR H 258 18.03 -1.07 8.84
N VAL H 259 19.29 -1.34 8.55
CA VAL H 259 19.82 -1.13 7.19
C VAL H 259 19.08 -2.02 6.19
N ILE H 260 18.87 -3.27 6.55
CA ILE H 260 18.08 -4.16 5.71
C ILE H 260 16.66 -3.64 5.47
N THR H 261 16.04 -3.07 6.49
CA THR H 261 14.72 -2.49 6.28
C THR H 261 14.79 -1.35 5.26
N ALA H 262 15.82 -0.52 5.36
CA ALA H 262 15.93 0.67 4.52
C ALA H 262 16.20 0.33 3.07
N ALA H 263 17.16 -0.56 2.84
CA ALA H 263 17.55 -0.76 1.47
C ALA H 263 16.68 -1.76 0.73
N ALA H 264 16.02 -2.66 1.46
CA ALA H 264 15.09 -3.54 0.79
C ALA H 264 13.79 -2.83 0.45
N THR H 265 13.42 -1.81 1.22
CA THR H 265 12.25 -0.98 0.85
C THR H 265 12.65 0.14 -0.13
N SER H 266 13.93 0.11 -0.50
CA SER H 266 14.52 1.13 -1.37
C SER H 266 14.27 2.55 -0.85
N LEU H 267 14.30 2.71 0.47
CA LEU H 267 14.17 4.03 1.08
C LEU H 267 15.33 4.94 0.71
N VAL H 268 16.51 4.36 0.59
CA VAL H 268 17.70 5.14 0.31
C VAL H 268 18.44 4.62 -0.90
N ASP H 269 19.31 5.47 -1.42
CA ASP H 269 20.16 5.11 -2.55
C ASP H 269 21.60 4.86 -2.12
N GLY H 270 21.86 4.93 -0.82
CA GLY H 270 23.20 4.67 -0.33
C GLY H 270 23.31 5.00 1.15
N PHE H 271 24.51 4.82 1.70
CA PHE H 271 24.71 4.98 3.14
C PHE H 271 26.00 5.69 3.47
N GLY H 272 25.96 6.50 4.51
CA GLY H 272 27.17 6.85 5.23
C GLY H 272 27.17 5.79 6.32
N MET H 273 28.24 5.01 6.43
CA MET H 273 28.23 3.98 7.47
C MET H 273 29.46 4.04 8.35
N LYS H 274 29.22 3.96 9.65
CA LYS H 274 30.28 4.02 10.64
C LYS H 274 30.47 2.68 11.31
N VAL H 275 31.71 2.22 11.39
CA VAL H 275 32.04 0.91 11.95
C VAL H 275 31.48 0.76 13.37
N SER H 276 31.67 1.77 14.22
CA SER H 276 31.21 1.67 15.60
C SER H 276 29.69 1.57 15.70
N ARG H 277 28.97 2.35 14.89
CA ARG H 277 27.52 2.33 14.95
C ARG H 277 26.94 0.96 14.63
N ILE H 278 27.55 0.26 13.68
CA ILE H 278 27.02 -1.02 13.25
C ILE H 278 27.56 -2.16 14.12
N GLY H 279 28.58 -1.88 14.93
CA GLY H 279 29.02 -2.83 15.94
C GLY H 279 30.32 -3.54 15.64
N GLY H 280 31.08 -3.06 14.66
CA GLY H 280 32.39 -3.59 14.40
C GLY H 280 32.57 -4.13 12.99
N LEU H 281 33.76 -4.67 12.72
CA LEU H 281 34.10 -5.14 11.39
C LEU H 281 33.27 -6.34 10.94
N GLN H 282 32.90 -7.19 11.90
CA GLN H 282 32.08 -8.35 11.59
C GLN H 282 30.78 -7.93 10.95
N HIS H 283 30.13 -6.92 11.53
CA HIS H 283 28.86 -6.45 11.02
C HIS H 283 29.06 -5.53 9.83
N MET H 284 30.15 -4.78 9.83
CA MET H 284 30.50 -3.93 8.70
C MET H 284 30.73 -4.74 7.41
N ARG H 285 31.36 -5.91 7.52
CA ARG H 285 31.55 -6.72 6.33
C ARG H 285 30.22 -7.28 5.81
N ALA H 286 29.30 -7.63 6.72
CA ALA H 286 27.99 -8.12 6.29
C ALA H 286 27.26 -6.98 5.58
N PHE H 287 27.34 -5.79 6.15
CA PHE H 287 26.79 -4.58 5.53
C PHE H 287 27.35 -4.35 4.13
N ARG H 288 28.67 -4.48 3.99
CA ARG H 288 29.32 -4.36 2.68
C ARG H 288 28.73 -5.34 1.67
N ASP H 289 28.56 -6.60 2.09
CA ASP H 289 28.01 -7.63 1.21
C ASP H 289 26.55 -7.34 0.84
N PHE H 290 25.79 -6.75 1.77
N PHE H 290 25.81 -6.76 1.78
CA PHE H 290 24.39 -6.39 1.49
CA PHE H 290 24.43 -6.36 1.55
C PHE H 290 24.36 -5.28 0.44
C PHE H 290 24.39 -5.29 0.46
N CYS H 291 25.23 -4.28 0.61
CA CYS H 291 25.28 -3.18 -0.37
C CYS H 291 25.74 -3.65 -1.74
N ALA H 292 26.68 -4.59 -1.78
CA ALA H 292 27.15 -5.12 -3.05
C ALA H 292 26.02 -5.85 -3.78
N ALA H 293 25.24 -6.64 -3.04
CA ALA H 293 24.12 -7.36 -3.62
C ALA H 293 23.05 -6.41 -4.17
N ARG H 294 22.88 -5.28 -3.49
CA ARG H 294 21.83 -4.30 -3.84
C ARG H 294 22.32 -3.16 -4.74
N ASN H 295 23.61 -3.17 -5.08
CA ASN H 295 24.23 -2.10 -5.86
C ASN H 295 24.09 -0.72 -5.23
N LEU H 296 24.29 -0.64 -3.91
CA LEU H 296 24.14 0.62 -3.18
C LEU H 296 25.49 1.15 -2.71
N PRO H 297 25.84 2.36 -3.15
CA PRO H 297 27.13 2.92 -2.73
C PRO H 297 27.13 3.24 -1.24
N HIS H 298 28.30 3.20 -0.61
CA HIS H 298 28.39 3.51 0.81
C HIS H 298 29.77 4.00 1.17
N THR H 299 29.87 4.77 2.24
CA THR H 299 31.15 5.16 2.77
C THR H 299 31.65 4.06 3.71
N CYS H 300 32.91 4.17 4.13
CA CYS H 300 33.50 3.30 5.14
C CYS H 300 34.18 4.16 6.21
N ASP H 301 33.37 4.63 7.15
CA ASP H 301 33.81 5.64 8.12
C ASP H 301 33.75 5.14 9.56
N ASP H 302 34.14 6.01 10.48
CA ASP H 302 33.70 5.87 11.86
C ASP H 302 33.45 7.28 12.38
N ALA H 303 32.97 7.37 13.61
CA ALA H 303 32.64 8.68 14.20
C ALA H 303 33.87 9.58 14.32
N TRP H 304 34.95 9.00 14.85
CA TRP H 304 36.18 9.72 15.10
C TRP H 304 37.18 8.67 15.55
N GLY H 305 38.43 9.06 15.76
CA GLY H 305 39.42 8.17 16.32
C GLY H 305 40.80 8.35 15.74
N GLY H 306 41.77 7.64 16.31
CA GLY H 306 43.15 7.68 15.86
C GLY H 306 43.49 6.51 14.96
N ASP H 307 44.75 6.09 14.98
CA ASP H 307 45.27 5.07 14.06
C ASP H 307 44.51 3.75 14.03
N ILE H 308 43.97 3.34 15.18
CA ILE H 308 43.29 2.05 15.26
C ILE H 308 41.97 2.07 14.50
N VAL H 309 41.14 3.07 14.78
CA VAL H 309 39.89 3.28 14.04
C VAL H 309 40.18 3.45 12.55
N SER H 310 41.16 4.29 12.24
CA SER H 310 41.48 4.57 10.85
C SER H 310 41.95 3.33 10.09
N ALA H 311 42.76 2.51 10.75
CA ALA H 311 43.18 1.24 10.16
C ALA H 311 41.98 0.35 9.85
N ALA H 312 41.10 0.17 10.83
CA ALA H 312 39.91 -0.64 10.64
C ALA H 312 39.08 -0.18 9.45
N CYS H 313 38.85 1.12 9.34
CA CYS H 313 38.07 1.67 8.23
C CYS H 313 38.76 1.41 6.89
N THR H 314 40.07 1.58 6.87
CA THR H 314 40.85 1.42 5.65
C THR H 314 40.84 -0.03 5.19
N HIS H 315 41.00 -0.95 6.14
CA HIS H 315 40.94 -2.38 5.82
C HIS H 315 39.61 -2.78 5.21
N ILE H 316 38.49 -2.40 5.81
CA ILE H 316 37.21 -2.75 5.21
C ILE H 316 37.02 -2.03 3.86
N ALA H 317 37.43 -0.76 3.78
CA ALA H 317 37.25 0.01 2.54
C ALA H 317 37.93 -0.66 1.34
N SER H 318 39.07 -1.29 1.60
CA SER H 318 39.86 -1.91 0.53
C SER H 318 39.17 -3.13 -0.09
N THR H 319 38.13 -3.64 0.56
CA THR H 319 37.43 -4.85 0.10
C THR H 319 36.15 -4.50 -0.65
N VAL H 320 35.86 -3.21 -0.78
CA VAL H 320 34.66 -2.76 -1.48
C VAL H 320 34.98 -2.45 -2.94
N LEU H 321 34.07 -2.81 -3.86
CA LEU H 321 34.21 -2.41 -5.26
C LEU H 321 34.37 -0.90 -5.31
N PRO H 322 35.46 -0.40 -5.93
CA PRO H 322 35.72 1.04 -5.94
C PRO H 322 34.52 1.86 -6.40
N ARG H 323 33.76 1.36 -7.37
CA ARG H 323 32.60 2.10 -7.85
C ARG H 323 31.52 2.26 -6.79
N LEU H 324 31.50 1.38 -5.79
CA LEU H 324 30.48 1.49 -4.73
C LEU H 324 31.04 2.15 -3.46
N MET H 325 32.34 2.36 -3.42
CA MET H 325 32.95 2.90 -2.20
C MET H 325 33.03 4.41 -2.32
N GLU H 326 32.17 5.11 -1.59
CA GLU H 326 32.10 6.58 -1.66
C GLU H 326 33.22 7.25 -0.90
N GLY H 327 34.06 6.46 -0.24
CA GLY H 327 35.20 7.02 0.44
C GLY H 327 35.29 6.59 1.90
N ALA H 328 36.52 6.47 2.38
CA ALA H 328 36.77 6.23 3.79
C ALA H 328 37.12 7.56 4.44
N TRP H 329 36.18 8.14 5.17
CA TRP H 329 36.47 9.36 5.92
C TRP H 329 37.31 9.01 7.15
N LEU H 330 38.41 9.73 7.36
CA LEU H 330 39.23 9.54 8.55
C LEU H 330 39.29 10.83 9.37
N ALA H 331 39.39 10.69 10.67
CA ALA H 331 39.60 11.87 11.53
C ALA H 331 41.05 12.32 11.47
N GLN H 332 41.90 11.53 10.82
CA GLN H 332 43.36 11.76 10.76
C GLN H 332 43.82 13.23 10.62
N PRO H 333 43.25 13.97 9.65
CA PRO H 333 43.71 15.36 9.49
C PRO H 333 43.37 16.25 10.67
N TYR H 334 42.48 15.81 11.57
CA TYR H 334 42.11 16.59 12.75
C TYR H 334 42.79 16.05 14.01
N VAL H 335 43.65 15.05 13.82
CA VAL H 335 44.27 14.37 14.94
C VAL H 335 45.77 14.65 14.96
N ALA H 336 46.23 15.29 16.03
CA ALA H 336 47.61 15.78 16.15
C ALA H 336 48.71 14.74 15.94
N GLU H 337 48.63 13.61 16.63
CA GLU H 337 49.65 12.58 16.41
C GLU H 337 49.14 11.14 16.36
N HIS H 338 49.86 10.33 15.61
CA HIS H 338 49.62 8.92 15.46
C HIS H 338 50.00 8.13 16.71
N TYR H 339 49.37 6.98 16.90
CA TYR H 339 49.75 6.06 17.96
C TYR H 339 50.95 5.27 17.43
N ASP H 340 51.02 5.21 16.10
CA ASP H 340 52.12 4.56 15.38
C ASP H 340 52.55 5.54 14.30
N ALA H 341 53.57 6.34 14.59
CA ALA H 341 54.01 7.39 13.67
C ALA H 341 54.45 6.87 12.31
N GLU H 342 54.98 5.64 12.26
CA GLU H 342 55.52 5.10 11.01
C GLU H 342 54.46 4.45 10.14
N ASN H 343 53.51 3.74 10.76
CA ASN H 343 52.58 2.91 10.01
C ASN H 343 51.13 3.38 10.01
N GLY H 344 50.82 4.36 10.86
CA GLY H 344 49.47 4.89 10.93
C GLY H 344 49.02 5.39 9.58
N VAL H 345 47.80 5.07 9.17
CA VAL H 345 47.32 5.48 7.86
C VAL H 345 47.12 6.99 7.82
N ARG H 346 47.28 7.56 6.63
CA ARG H 346 47.06 8.98 6.48
C ARG H 346 46.56 9.29 5.07
N ILE H 347 45.86 10.41 4.95
CA ILE H 347 45.31 10.82 3.68
C ILE H 347 46.34 11.62 2.90
N GLU H 348 46.66 11.15 1.70
CA GLU H 348 47.62 11.83 0.86
C GLU H 348 47.06 11.95 -0.56
N GLY H 349 46.96 13.18 -1.06
CA GLY H 349 46.34 13.41 -2.34
C GLY H 349 44.89 12.95 -2.38
N GLY H 350 44.20 13.03 -1.26
CA GLY H 350 42.80 12.67 -1.22
C GLY H 350 42.53 11.17 -1.19
N ARG H 351 43.60 10.38 -1.10
CA ARG H 351 43.48 8.92 -1.08
C ARG H 351 44.24 8.30 0.10
N ILE H 352 44.01 7.01 0.35
CA ILE H 352 44.62 6.33 1.49
C ILE H 352 45.26 5.01 1.07
N ARG H 353 46.57 4.85 1.31
CA ARG H 353 47.24 3.59 1.04
C ARG H 353 46.81 2.51 2.04
N VAL H 354 46.55 1.32 1.55
CA VAL H 354 46.08 0.21 2.38
C VAL H 354 47.24 -0.51 3.06
N PRO H 355 47.18 -0.67 4.39
CA PRO H 355 48.20 -1.39 5.17
C PRO H 355 48.37 -2.83 4.69
N GLN H 356 49.59 -3.37 4.75
CA GLN H 356 49.84 -4.72 4.24
C GLN H 356 50.46 -5.69 5.26
N GLY H 357 50.77 -5.21 6.46
CA GLY H 357 51.30 -6.08 7.49
C GLY H 357 50.23 -6.92 8.16
N PRO H 358 50.63 -7.83 9.05
CA PRO H 358 49.66 -8.66 9.77
C PRO H 358 48.72 -7.84 10.64
N GLY H 359 47.46 -8.27 10.74
CA GLY H 359 46.49 -7.57 11.54
C GLY H 359 46.15 -6.20 10.97
N LEU H 360 46.03 -5.20 11.84
CA LEU H 360 45.68 -3.85 11.41
C LEU H 360 46.86 -3.17 10.76
N GLY H 361 48.05 -3.72 10.97
CA GLY H 361 49.27 -3.17 10.41
C GLY H 361 49.92 -2.14 11.31
N LEU H 362 49.70 -2.28 12.62
CA LEU H 362 50.12 -1.27 13.59
C LEU H 362 51.07 -1.82 14.63
N THR H 363 52.11 -1.06 14.93
CA THR H 363 52.96 -1.33 16.09
C THR H 363 52.74 -0.22 17.11
N ILE H 364 52.01 -0.53 18.17
CA ILE H 364 51.76 0.43 19.24
C ILE H 364 52.35 -0.10 20.55
N ASP H 365 53.15 0.74 21.22
CA ASP H 365 53.74 0.38 22.50
C ASP H 365 52.65 -0.01 23.48
N PRO H 366 52.87 -1.11 24.24
CA PRO H 366 51.84 -1.54 25.19
C PRO H 366 51.54 -0.52 26.28
N GLU H 367 52.49 0.38 26.57
CA GLU H 367 52.31 1.40 27.60
C GLU H 367 51.96 2.76 27.01
N ARG H 368 51.74 2.81 25.70
N ARG H 368 51.74 2.79 25.70
CA ARG H 368 51.47 4.06 24.98
CA ARG H 368 51.44 4.01 24.95
C ARG H 368 50.33 4.88 25.61
C ARG H 368 50.34 4.86 25.59
N PHE H 369 49.37 4.20 26.22
CA PHE H 369 48.23 4.89 26.81
C PHE H 369 48.24 4.93 28.34
N GLY H 370 49.40 4.68 28.92
CA GLY H 370 49.55 4.69 30.37
C GLY H 370 49.00 3.42 30.98
N PRO H 371 48.85 3.41 32.31
CA PRO H 371 48.33 2.22 33.00
C PRO H 371 46.86 2.00 32.68
N PRO H 372 46.42 0.74 32.66
CA PRO H 372 45.01 0.47 32.36
C PRO H 372 44.09 1.17 33.33
N LEU H 373 42.99 1.72 32.83
CA LEU H 373 41.94 2.26 33.69
C LEU H 373 41.21 1.09 34.33
N PHE H 374 41.22 -0.03 33.61
CA PHE H 374 40.46 -1.20 34.01
C PHE H 374 41.11 -2.43 33.39
N SER H 375 41.12 -3.53 34.14
CA SER H 375 41.59 -4.80 33.60
C SER H 375 40.64 -5.92 34.03
N ALA H 376 40.53 -6.94 33.17
CA ALA H 376 39.73 -8.13 33.47
C ALA H 376 40.29 -9.31 32.70
MG MG I . -13.27 13.78 -23.40
NI NI J . 8.08 15.51 -9.34
C01 0XW K . -16.48 16.81 -26.32
N02 0XW K . -17.31 15.60 -26.24
C03 0XW K . -18.32 15.83 -25.22
C04 0XW K . -18.03 15.41 -27.47
C05 0XW K . -17.70 14.02 -27.91
O06 0XW K . -18.77 13.18 -27.60
C07 0XW K . -16.35 13.81 -27.43
C08 0XW K . -16.59 14.38 -25.96
C09 0XW K . -15.34 14.45 -25.11
O10 0XW K . -15.23 15.24 -24.13
O11 0XW K . -14.38 13.68 -25.38
I IOD L . -4.70 33.27 -17.52
I IOD M . -22.97 1.31 -10.93
I IOD N . -20.26 28.98 -6.98
I IOD O . -21.23 4.66 -23.53
I IOD P . -39.74 -4.42 -11.51
I IOD Q . -48.43 10.25 -30.03
I IOD R . -34.10 24.88 -36.85
I IOD S . -39.94 31.04 -32.58
MG MG T . -19.59 -18.79 -13.22
NI NI U . -7.70 -15.51 9.24
C01 0XW V . -21.73 -22.67 -16.14
N02 0XW V . -21.71 -21.60 -17.14
C03 0XW V . -20.53 -21.81 -17.97
C04 0XW V . -22.85 -21.73 -18.02
C05 0XW V . -23.54 -20.40 -17.98
O06 0XW V . -23.28 -19.72 -19.16
C07 0XW V . -23.25 -19.89 -16.65
C08 0XW V . -21.68 -20.24 -16.64
C09 0XW V . -20.97 -19.93 -15.33
O10 0XW V . -21.37 -18.96 -14.62
O11 0XW V . -19.96 -20.58 -14.93
I IOD W . -12.06 -35.81 -1.44
I IOD X . -0.72 -32.30 -16.48
I IOD Y . -23.80 -40.38 -38.23
I IOD Z . -7.58 -2.87 -40.99
I IOD AA . -20.03 -10.94 -22.52
I IOD BA . -29.35 -34.50 -32.99
MG MG CA . -5.13 28.56 8.37
C01 0XW DA . -4.87 33.04 10.95
N02 0XW DA . -5.99 32.47 11.69
C03 0XW DA . -5.48 31.99 12.95
C04 0XW DA . -6.96 33.50 12.00
C05 0XW DA . -8.29 32.98 11.60
O06 0XW DA . -9.00 32.60 12.73
C07 0XW DA . -8.01 32.13 10.45
C08 0XW DA . -6.70 31.38 11.01
C09 0XW DA . -5.96 30.55 9.98
O10 0XW DA . -6.60 30.09 8.99
O11 0XW DA . -4.74 30.26 10.10
C1 MPD EA . 6.10 43.03 -5.41
C2 MPD EA . 6.94 44.27 -5.66
O2 MPD EA . 8.34 43.90 -5.69
CM MPD EA . 6.58 44.76 -7.05
C3 MPD EA . 6.74 45.34 -4.59
C4 MPD EA . 5.30 45.85 -4.43
O4 MPD EA . 5.04 46.12 -3.08
C5 MPD EA . 5.11 47.15 -5.21
I IOD FA . -9.06 40.07 -6.03
I IOD GA . -13.61 24.26 15.90
I IOD HA . 15.51 26.48 19.24
I IOD IA . 7.37 50.57 5.66
I IOD JA . 1.30 35.62 -12.16
I IOD KA . -1.94 50.57 32.92
I IOD LA . 14.72 35.01 1.38
I IOD MA . -16.66 11.84 35.97
I IOD NA . -8.11 44.87 -1.75
I IOD OA . -8.54 49.17 26.07
MG MG PA . -25.70 1.64 15.72
C01 0XW QA . -30.65 1.83 17.25
N02 0XW QA . -30.45 3.23 16.89
C03 0XW QA . -30.85 3.40 15.51
C04 0XW QA . -31.30 4.07 17.69
C05 0XW QA . -30.42 4.85 18.59
O06 0XW QA . -30.53 6.20 18.32
C07 0XW QA . -29.16 4.11 18.63
C08 0XW QA . -29.10 3.72 17.07
C09 0XW QA . -27.97 2.81 16.65
O10 0XW QA . -26.83 2.94 17.18
O11 0XW QA . -28.12 1.94 15.74
C1 MPD RA . -10.94 8.75 7.15
C2 MPD RA . -9.52 9.29 7.18
O2 MPD RA . -8.62 8.29 7.70
CM MPD RA . -9.13 9.60 5.74
C3 MPD RA . -9.39 10.55 8.03
C4 MPD RA . -10.68 11.03 8.71
O4 MPD RA . -10.98 10.24 9.82
C5 MPD RA . -10.52 12.47 9.18
I IOD SA . -24.93 -6.91 32.59
I IOD TA . -30.73 -19.11 10.79
I IOD UA . -25.11 13.70 14.33
I IOD VA . -35.09 -7.06 -3.83
I IOD WA . -27.46 31.06 -1.71
I IOD XA . -32.41 -0.65 27.24
I IOD YA . -42.47 4.18 31.07
I IOD ZA . -50.46 23.07 4.55
MG MG AB . 18.66 -2.77 -23.86
C01 0XW BB . 20.62 -3.48 -28.84
N02 0XW BB . 20.54 -4.85 -28.37
C03 0XW BB . 19.28 -5.41 -28.82
C04 0XW BB . 21.57 -5.64 -28.98
C05 0XW BB . 22.56 -5.97 -27.91
O06 0XW BB . 22.65 -7.36 -27.76
C07 0XW BB . 22.29 -5.03 -26.83
C08 0XW BB . 20.69 -5.04 -26.94
C09 0XW BB . 19.98 -4.09 -25.98
O10 0XW BB . 18.94 -3.45 -26.30
O11 0XW BB . 20.43 -3.95 -24.80
C1 MPD CB . 9.64 -8.73 -8.76
C2 MPD CB . 9.67 -8.90 -7.23
O2 MPD CB . 10.43 -7.81 -6.62
CM MPD CB . 8.24 -8.83 -6.73
C3 MPD CB . 10.28 -10.23 -6.82
C4 MPD CB . 11.17 -10.86 -7.89
O4 MPD CB . 12.31 -11.41 -7.28
C5 MPD CB . 10.45 -11.99 -8.59
I IOD DB . 34.03 8.31 -23.07
I IOD EB . -0.74 1.45 -36.25
I IOD FB . 18.84 -14.81 -21.76
I IOD GB . 5.65 -34.44 -22.50
I IOD HB . 28.51 -0.76 -25.63
I IOD IB . 12.80 -29.14 -46.00
I IOD JB . 11.57 16.02 -32.45
MG MG KB . 12.90 -27.40 -0.31
C01 0XW LB . 16.12 -31.53 0.86
N02 0XW LB . 16.89 -30.95 -0.23
C03 0XW LB . 17.97 -30.17 0.37
C04 0XW LB . 17.53 -31.98 -1.01
C05 0XW LB . 17.15 -31.75 -2.42
O06 0XW LB . 18.21 -31.17 -3.10
C07 0XW LB . 15.82 -31.15 -2.32
C08 0XW LB . 16.14 -30.10 -1.15
C09 0XW LB . 14.92 -29.33 -0.66
O10 0XW LB . 14.88 -28.75 0.47
O11 0XW LB . 13.93 -29.22 -1.42
I IOD MB . 20.63 -23.23 -8.72
I IOD NB . 0.71 -41.39 -3.63
I IOD OB . -7.08 -36.48 5.43
I IOD PB . 4.92 -31.98 19.69
I IOD QB . 21.20 -20.93 20.63
I IOD RB . 39.87 -44.56 8.52
I IOD SB . 12.09 -47.57 15.17
I IOD TB . 5.37 -45.19 -1.51
MG MG UB . 6.78 -6.99 28.73
C01 0XW VB . 6.72 -6.73 33.73
N02 0XW VB . 7.88 -5.89 33.49
C03 0XW VB . 7.44 -4.50 33.59
C04 0XW VB . 8.86 -6.06 34.53
C05 0XW VB . 10.18 -6.33 33.88
O06 0XW VB . 11.00 -5.23 34.03
C07 0XW VB . 9.83 -6.96 32.60
C08 0XW VB . 8.56 -6.06 32.21
C09 0XW VB . 7.79 -6.63 31.03
O10 0XW VB . 6.53 -6.49 30.91
O11 0XW VB . 8.44 -7.21 30.12
I IOD WB . -13.35 4.03 33.32
I IOD XB . 15.51 1.38 28.17
I IOD YB . 10.43 -25.34 31.33
I IOD ZB . 10.93 -1.92 55.12
I IOD AC . 12.96 18.59 51.29
I IOD BC . 19.46 24.85 26.98
I IOD CC . -13.35 -15.30 31.89
I IOD DC . 9.88 -23.87 37.56
MG MG EC . 26.85 12.13 7.79
C01 0XW FC . 31.81 12.83 8.32
N02 0XW FC . 31.58 12.05 9.53
C03 0XW FC . 31.97 10.67 9.24
C04 0XW FC . 32.47 12.49 10.57
C05 0XW FC . 31.67 12.89 11.76
O06 0XW FC . 32.04 12.12 12.86
C07 0XW FC . 30.30 13.10 11.29
C08 0XW FC . 30.23 12.05 10.07
C09 0XW FC . 29.07 12.31 9.14
O10 0XW FC . 27.99 12.77 9.62
O11 0XW FC . 29.12 12.05 7.90
I IOD GC . 35.02 -0.79 -10.02
I IOD HC . 26.49 4.97 17.62
I IOD IC . 26.60 30.93 8.86
I IOD JC . 32.99 30.28 8.97
I IOD KC . 28.69 -17.68 24.87
I IOD LC . 30.92 17.95 -12.90
#